data_1EUB
#
_entry.id   1EUB
#
_cell.length_a   1.000
_cell.length_b   1.000
_cell.length_c   1.000
_cell.angle_alpha   90.00
_cell.angle_beta   90.00
_cell.angle_gamma   90.00
#
_symmetry.space_group_name_H-M   'P 1'
#
loop_
_entity.id
_entity.type
_entity.pdbx_description
1 polymer 'COLLAGENASE 3'
2 non-polymer 'ZINC ION'
3 non-polymer 'CALCIUM ION'
4 non-polymer HYDROXYAMINOVALINE
5 non-polymer 3-METHYLPYRIDINE
6 non-polymer 1-METHYLOXY-4-SULFONE-BENZENE
#
_entity_poly.entity_id   1
_entity_poly.type   'polypeptide(L)'
_entity_poly.pdbx_seq_one_letter_code
;YNVFPRTLKWSKMNLTYRIVNYTPDMTHSEVEKAFKKAFKVWSDVTPLNFTRLHDGIADIMISFGIKEHGDFYPFDGPSG
LLAHAFPPGPNYGGDAHFDDDETWTSSSKGYNLFLVAAHEFGHSLGLDHSKDPGALMFPIYTYTGKSHFMLPDDDVQGIQ
SLYGPGDEDPN
;
_entity_poly.pdbx_strand_id   A
#
# COMPACT_ATOMS: atom_id res chain seq x y z
N TYR A 1 -1.11 2.60 -28.35
CA TYR A 1 -0.84 1.62 -27.26
C TYR A 1 -1.66 1.98 -26.02
N ASN A 2 -2.92 1.65 -26.02
CA ASN A 2 -3.78 1.97 -24.84
C ASN A 2 -4.90 0.94 -24.70
N VAL A 3 -5.15 0.49 -23.51
CA VAL A 3 -6.24 -0.52 -23.30
C VAL A 3 -6.73 -0.46 -21.86
N PHE A 4 -6.15 -1.25 -20.98
CA PHE A 4 -6.59 -1.23 -19.56
C PHE A 4 -5.75 -0.23 -18.76
N PRO A 5 -6.40 0.80 -18.30
CA PRO A 5 -5.70 1.85 -17.51
C PRO A 5 -5.34 1.33 -16.12
N ARG A 6 -4.43 0.39 -16.05
CA ARG A 6 -4.03 -0.15 -14.72
C ARG A 6 -2.57 -0.59 -14.74
N THR A 7 -1.68 0.27 -14.33
CA THR A 7 -0.23 -0.08 -14.32
C THR A 7 0.57 1.00 -13.60
N LEU A 8 0.52 2.21 -14.09
CA LEU A 8 1.26 3.33 -13.44
C LEU A 8 2.63 2.87 -12.94
N LYS A 9 3.22 1.92 -13.59
CA LYS A 9 4.57 1.44 -13.14
C LYS A 9 5.60 1.68 -14.25
N TRP A 10 6.21 2.83 -14.26
CA TRP A 10 7.22 3.12 -15.32
C TRP A 10 8.25 4.14 -14.84
N SER A 11 7.82 5.35 -14.58
CA SER A 11 8.79 6.39 -14.13
C SER A 11 8.64 6.68 -12.63
N LYS A 12 8.83 5.68 -11.81
CA LYS A 12 8.70 5.91 -10.34
C LYS A 12 9.54 4.88 -9.56
N MET A 13 10.79 4.77 -9.89
CA MET A 13 11.66 3.79 -9.17
C MET A 13 11.96 4.28 -7.75
N ASN A 14 11.72 5.53 -7.48
CA ASN A 14 12.00 6.06 -6.11
C ASN A 14 10.93 7.07 -5.70
N LEU A 15 10.51 7.04 -4.47
CA LEU A 15 9.49 8.01 -4.00
C LEU A 15 9.55 8.15 -2.49
N THR A 16 8.91 9.15 -1.94
CA THR A 16 8.95 9.34 -0.46
C THR A 16 7.58 8.96 0.13
N TYR A 17 7.55 8.74 1.42
CA TYR A 17 6.24 8.38 2.06
C TYR A 17 6.26 8.69 3.56
N ARG A 18 5.10 8.73 4.17
CA ARG A 18 5.04 9.03 5.62
C ARG A 18 4.41 7.85 6.39
N ILE A 19 4.85 7.62 7.58
CA ILE A 19 4.30 6.50 8.39
C ILE A 19 3.38 7.03 9.49
N VAL A 20 2.13 6.67 9.45
CA VAL A 20 1.18 7.13 10.50
C VAL A 20 -0.08 6.28 10.49
N ASN A 21 0.06 4.98 10.34
CA ASN A 21 -1.14 4.10 10.33
C ASN A 21 -2.13 4.58 11.38
N TYR A 22 -1.92 4.20 12.62
CA TYR A 22 -2.84 4.65 13.69
C TYR A 22 -2.35 4.09 15.04
N THR A 23 -3.04 4.42 16.10
CA THR A 23 -2.62 3.90 17.44
C THR A 23 -3.82 3.30 18.18
N PRO A 24 -4.52 2.44 17.49
CA PRO A 24 -5.71 1.77 18.06
C PRO A 24 -5.29 0.68 19.05
N ASP A 25 -5.04 -0.51 18.57
CA ASP A 25 -4.64 -1.61 19.48
C ASP A 25 -3.11 -1.80 19.43
N MET A 26 -2.45 -1.03 18.61
CA MET A 26 -0.97 -1.15 18.50
C MET A 26 -0.30 0.09 19.10
N THR A 27 0.99 0.04 19.29
CA THR A 27 1.69 1.22 19.87
C THR A 27 2.69 1.78 18.86
N HIS A 28 3.24 2.94 19.13
CA HIS A 28 4.23 3.53 18.19
C HIS A 28 5.21 2.46 17.72
N SER A 29 5.51 1.51 18.57
CA SER A 29 6.46 0.43 18.18
C SER A 29 5.81 -0.44 17.09
N GLU A 30 4.60 -0.86 17.30
CA GLU A 30 3.93 -1.72 16.28
C GLU A 30 3.78 -0.95 14.98
N VAL A 31 3.11 0.17 15.02
CA VAL A 31 2.96 0.97 13.78
C VAL A 31 4.34 1.06 13.11
N GLU A 32 5.36 1.17 13.92
CA GLU A 32 6.74 1.22 13.36
C GLU A 32 6.96 -0.03 12.54
N LYS A 33 6.53 -1.16 13.04
CA LYS A 33 6.69 -2.42 12.26
C LYS A 33 5.72 -2.40 11.09
N ALA A 34 4.48 -2.13 11.36
CA ALA A 34 3.48 -2.10 10.28
C ALA A 34 4.03 -1.31 9.09
N PHE A 35 4.36 -0.06 9.28
CA PHE A 35 4.88 0.75 8.16
C PHE A 35 6.26 0.25 7.70
N LYS A 36 7.20 0.12 8.60
CA LYS A 36 8.55 -0.37 8.19
C LYS A 36 8.48 -1.80 7.70
N LYS A 37 8.27 -2.71 8.60
CA LYS A 37 8.15 -4.13 8.22
C LYS A 37 7.36 -4.29 6.92
N ALA A 38 6.12 -3.87 6.89
CA ALA A 38 5.34 -3.98 5.62
C ALA A 38 6.22 -3.45 4.49
N PHE A 39 6.97 -2.41 4.75
CA PHE A 39 7.87 -1.86 3.69
C PHE A 39 9.01 -2.85 3.45
N LYS A 40 9.48 -3.51 4.49
CA LYS A 40 10.57 -4.50 4.32
C LYS A 40 10.11 -5.57 3.33
N VAL A 41 8.88 -6.00 3.45
CA VAL A 41 8.34 -7.02 2.52
C VAL A 41 8.18 -6.41 1.13
N TRP A 42 7.57 -5.26 1.04
CA TRP A 42 7.40 -4.59 -0.28
C TRP A 42 8.76 -4.45 -0.95
N SER A 43 9.78 -4.15 -0.18
CA SER A 43 11.14 -4.02 -0.78
C SER A 43 11.67 -5.41 -1.12
N ASP A 44 11.31 -6.39 -0.33
CA ASP A 44 11.77 -7.78 -0.61
C ASP A 44 11.29 -8.19 -2.01
N VAL A 45 10.06 -7.90 -2.31
CA VAL A 45 9.53 -8.27 -3.65
C VAL A 45 10.13 -7.35 -4.71
N THR A 46 10.41 -6.12 -4.37
CA THR A 46 11.00 -5.19 -5.38
C THR A 46 11.85 -4.13 -4.68
N PRO A 47 13.02 -3.91 -5.22
CA PRO A 47 13.95 -2.90 -4.65
C PRO A 47 13.42 -1.49 -4.90
N LEU A 48 12.25 -1.19 -4.41
CA LEU A 48 11.68 0.17 -4.62
C LEU A 48 12.36 1.19 -3.69
N ASN A 49 12.70 2.34 -4.21
CA ASN A 49 13.35 3.37 -3.34
C ASN A 49 12.29 4.14 -2.56
N PHE A 50 12.36 4.12 -1.26
CA PHE A 50 11.35 4.85 -0.44
C PHE A 50 12.04 5.69 0.64
N THR A 51 11.63 6.92 0.79
CA THR A 51 12.25 7.80 1.83
C THR A 51 11.19 8.64 2.51
N ARG A 52 11.17 8.63 3.81
CA ARG A 52 10.15 9.44 4.56
C ARG A 52 10.75 10.78 4.98
N LEU A 53 10.78 11.74 4.10
CA LEU A 53 11.36 13.06 4.46
C LEU A 53 10.31 13.90 5.19
N HIS A 54 10.24 13.79 6.50
CA HIS A 54 9.24 14.58 7.25
C HIS A 54 9.29 16.04 6.81
N ASP A 55 10.40 16.47 6.30
CA ASP A 55 10.51 17.88 5.83
C ASP A 55 9.24 18.28 5.08
N GLY A 56 8.57 17.33 4.48
CA GLY A 56 7.32 17.65 3.74
C GLY A 56 7.43 17.14 2.30
N ILE A 57 8.23 16.13 2.07
CA ILE A 57 8.37 15.59 0.70
C ILE A 57 7.94 14.13 0.66
N ALA A 58 6.67 13.88 0.81
CA ALA A 58 6.17 12.49 0.80
C ALA A 58 5.10 12.30 -0.27
N ASP A 59 5.08 11.17 -0.91
CA ASP A 59 4.05 10.91 -1.97
C ASP A 59 3.01 9.91 -1.46
N ILE A 60 3.45 8.86 -0.82
CA ILE A 60 2.48 7.84 -0.30
C ILE A 60 2.61 7.74 1.21
N MET A 61 1.59 7.29 1.90
CA MET A 61 1.71 7.19 3.38
C MET A 61 0.73 6.16 3.96
N ILE A 62 1.06 5.59 5.09
CA ILE A 62 0.14 4.59 5.72
C ILE A 62 -0.63 5.26 6.86
N SER A 63 -1.92 5.36 6.77
CA SER A 63 -2.67 6.03 7.88
C SER A 63 -4.17 5.68 7.81
N PHE A 64 -4.81 5.63 8.96
CA PHE A 64 -6.26 5.32 8.98
C PHE A 64 -7.05 6.46 8.34
N GLY A 65 -7.72 6.20 7.26
CA GLY A 65 -8.50 7.27 6.55
C GLY A 65 -9.78 7.61 7.32
N ILE A 66 -10.13 8.86 7.32
CA ILE A 66 -11.37 9.30 8.01
C ILE A 66 -12.14 10.27 7.11
N LYS A 67 -13.13 9.76 6.41
CA LYS A 67 -13.95 10.60 5.46
C LYS A 67 -13.48 12.05 5.40
N GLU A 68 -12.62 12.37 4.46
CA GLU A 68 -12.12 13.76 4.34
C GLU A 68 -11.88 14.11 2.87
N HIS A 69 -12.55 13.44 1.98
CA HIS A 69 -12.35 13.74 0.53
C HIS A 69 -13.46 14.68 0.03
N GLY A 70 -14.68 14.22 -0.01
CA GLY A 70 -15.79 15.10 -0.48
C GLY A 70 -16.53 14.42 -1.63
N ASP A 71 -16.19 13.19 -1.92
CA ASP A 71 -16.87 12.48 -3.04
C ASP A 71 -17.53 11.19 -2.52
N PHE A 72 -16.78 10.13 -2.40
CA PHE A 72 -17.35 8.86 -1.90
C PHE A 72 -16.96 8.65 -0.43
N TYR A 73 -17.74 7.90 0.30
CA TYR A 73 -17.41 7.65 1.73
C TYR A 73 -16.67 6.32 1.88
N PRO A 74 -15.39 6.41 2.10
CA PRO A 74 -14.56 5.19 2.27
C PRO A 74 -14.83 4.52 3.62
N PHE A 75 -14.49 5.18 4.70
CA PHE A 75 -14.72 4.57 6.05
C PHE A 75 -16.16 4.07 6.16
N ASP A 76 -16.34 2.88 6.69
CA ASP A 76 -17.72 2.35 6.85
C ASP A 76 -17.68 0.95 7.48
N GLY A 77 -17.60 0.90 8.77
CA GLY A 77 -17.56 -0.42 9.47
C GLY A 77 -16.68 -1.38 8.70
N PRO A 78 -16.93 -2.64 8.90
CA PRO A 78 -16.14 -3.70 8.22
C PRO A 78 -16.60 -3.83 6.76
N SER A 79 -17.46 -2.96 6.32
CA SER A 79 -17.94 -3.04 4.90
C SER A 79 -16.78 -3.37 3.96
N GLY A 80 -17.11 -3.75 2.74
CA GLY A 80 -16.06 -4.09 1.76
C GLY A 80 -15.18 -2.89 1.46
N LEU A 81 -14.30 -2.56 2.35
CA LEU A 81 -13.41 -1.39 2.11
C LEU A 81 -12.47 -1.18 3.28
N LEU A 82 -11.32 -1.80 3.27
CA LEU A 82 -10.39 -1.62 4.43
C LEU A 82 -9.20 -0.71 4.05
N ALA A 83 -8.88 -0.56 2.79
CA ALA A 83 -7.72 0.31 2.44
C ALA A 83 -7.84 0.91 1.04
N HIS A 84 -8.10 2.20 0.98
CA HIS A 84 -8.22 2.87 -0.36
C HIS A 84 -6.96 3.73 -0.62
N ALA A 85 -6.31 3.53 -1.72
CA ALA A 85 -5.08 4.33 -2.02
C ALA A 85 -5.30 5.21 -3.26
N PHE A 86 -4.64 6.34 -3.32
CA PHE A 86 -4.80 7.23 -4.50
C PHE A 86 -3.55 7.19 -5.39
N PRO A 87 -3.69 7.70 -6.58
CA PRO A 87 -2.56 7.72 -7.54
C PRO A 87 -1.52 8.76 -7.09
N PRO A 88 -0.28 8.37 -7.20
CA PRO A 88 0.82 9.27 -6.78
C PRO A 88 0.91 10.49 -7.71
N GLY A 89 0.00 11.42 -7.57
CA GLY A 89 0.04 12.64 -8.42
C GLY A 89 0.33 13.85 -7.54
N PRO A 90 -0.72 14.47 -7.09
CA PRO A 90 -0.58 15.66 -6.21
C PRO A 90 -0.15 15.23 -4.80
N ASN A 91 -0.37 16.06 -3.82
CA ASN A 91 0.03 15.70 -2.43
C ASN A 91 -0.97 14.70 -1.84
N TYR A 92 -1.93 14.30 -2.61
CA TYR A 92 -2.94 13.33 -2.08
C TYR A 92 -2.81 12.00 -2.81
N GLY A 93 -1.72 11.79 -3.49
CA GLY A 93 -1.51 10.51 -4.22
C GLY A 93 -0.91 9.48 -3.28
N GLY A 94 -0.91 8.23 -3.68
CA GLY A 94 -0.34 7.17 -2.80
C GLY A 94 -0.87 7.36 -1.38
N ASP A 95 -1.99 8.00 -1.22
CA ASP A 95 -2.54 8.22 0.15
C ASP A 95 -3.17 6.93 0.67
N ALA A 96 -2.42 6.15 1.41
CA ALA A 96 -3.00 4.88 1.94
C ALA A 96 -3.93 5.19 3.13
N HIS A 97 -5.21 5.10 2.91
CA HIS A 97 -6.17 5.39 4.01
C HIS A 97 -7.03 4.16 4.30
N PHE A 98 -7.00 3.68 5.52
CA PHE A 98 -7.81 2.49 5.86
C PHE A 98 -9.18 2.90 6.40
N ASP A 99 -10.23 2.22 6.01
CA ASP A 99 -11.57 2.58 6.52
C ASP A 99 -11.50 2.71 8.04
N ASP A 100 -11.27 3.89 8.54
CA ASP A 100 -11.16 4.06 10.02
C ASP A 100 -12.12 3.14 10.78
N ASP A 101 -13.23 2.78 10.18
CA ASP A 101 -14.19 1.90 10.90
C ASP A 101 -13.71 0.43 10.87
N GLU A 102 -12.56 0.17 10.29
CA GLU A 102 -12.06 -1.23 10.23
C GLU A 102 -11.06 -1.49 11.36
N THR A 103 -10.39 -2.62 11.33
CA THR A 103 -9.41 -2.94 12.40
C THR A 103 -8.02 -3.16 11.80
N TRP A 104 -6.98 -2.79 12.52
CA TRP A 104 -5.60 -2.98 11.98
C TRP A 104 -4.65 -3.33 13.12
N THR A 105 -3.66 -4.16 12.89
CA THR A 105 -2.72 -4.51 14.00
C THR A 105 -1.45 -5.14 13.46
N SER A 106 -0.57 -5.52 14.34
CA SER A 106 0.68 -6.17 13.90
C SER A 106 0.82 -7.51 14.64
N SER A 107 -0.29 -8.12 14.95
CA SER A 107 -0.25 -9.41 15.68
C SER A 107 -1.09 -10.47 14.94
N SER A 108 -1.21 -11.64 15.50
CA SER A 108 -2.02 -12.70 14.83
C SER A 108 -3.50 -12.50 15.12
N LYS A 109 -4.06 -11.39 14.72
CA LYS A 109 -5.51 -11.14 14.97
C LYS A 109 -5.97 -9.90 14.19
N GLY A 110 -6.72 -10.09 13.14
CA GLY A 110 -7.20 -8.93 12.35
C GLY A 110 -6.26 -8.71 11.16
N TYR A 111 -6.30 -7.54 10.56
CA TYR A 111 -5.41 -7.26 9.41
C TYR A 111 -4.03 -6.86 9.91
N ASN A 112 -3.00 -7.52 9.42
CA ASN A 112 -1.63 -7.15 9.86
C ASN A 112 -1.08 -6.07 8.93
N LEU A 113 -0.76 -4.92 9.46
CA LEU A 113 -0.24 -3.83 8.59
C LEU A 113 0.74 -4.40 7.58
N PHE A 114 1.50 -5.36 7.96
CA PHE A 114 2.45 -5.95 7.00
C PHE A 114 1.66 -6.34 5.76
N LEU A 115 0.56 -6.98 5.98
CA LEU A 115 -0.32 -7.41 4.86
C LEU A 115 -1.17 -6.25 4.35
N VAL A 116 -2.15 -5.81 5.11
CA VAL A 116 -3.00 -4.68 4.64
C VAL A 116 -2.11 -3.55 4.10
N ALA A 117 -1.27 -3.00 4.93
CA ALA A 117 -0.39 -1.89 4.47
C ALA A 117 0.41 -2.30 3.23
N ALA A 118 1.12 -3.40 3.25
CA ALA A 118 1.90 -3.78 2.04
C ALA A 118 0.96 -3.83 0.84
N HIS A 119 -0.28 -4.14 1.10
CA HIS A 119 -1.29 -4.22 0.00
C HIS A 119 -1.72 -2.80 -0.40
N GLU A 120 -2.12 -2.01 0.56
CA GLU A 120 -2.53 -0.61 0.24
C GLU A 120 -1.37 0.11 -0.44
N PHE A 121 -0.22 0.11 0.18
CA PHE A 121 0.96 0.77 -0.45
C PHE A 121 1.15 0.19 -1.85
N GLY A 122 1.10 -1.10 -1.97
CA GLY A 122 1.26 -1.72 -3.31
C GLY A 122 0.32 -1.02 -4.28
N HIS A 123 -0.81 -0.57 -3.79
CA HIS A 123 -1.78 0.14 -4.69
C HIS A 123 -1.43 1.64 -4.77
N SER A 124 -1.60 2.34 -3.69
CA SER A 124 -1.31 3.81 -3.67
C SER A 124 -0.04 4.11 -4.49
N LEU A 125 0.96 3.29 -4.40
CA LEU A 125 2.22 3.55 -5.17
C LEU A 125 2.22 2.74 -6.46
N GLY A 126 1.67 1.56 -6.43
CA GLY A 126 1.65 0.70 -7.66
C GLY A 126 0.60 1.21 -8.64
N LEU A 127 -0.61 0.75 -8.51
CA LEU A 127 -1.67 1.21 -9.47
C LEU A 127 -3.02 0.58 -9.11
N ASP A 128 -4.00 0.75 -9.97
CA ASP A 128 -5.35 0.18 -9.68
C ASP A 128 -5.24 -1.20 -9.03
N HIS A 129 -4.72 -2.16 -9.75
CA HIS A 129 -4.58 -3.53 -9.18
C HIS A 129 -3.65 -4.38 -10.06
N SER A 130 -3.48 -5.62 -9.71
CA SER A 130 -2.61 -6.52 -10.53
C SER A 130 -2.57 -7.91 -9.90
N LYS A 131 -3.71 -8.55 -9.80
CA LYS A 131 -3.72 -9.91 -9.17
C LYS A 131 -4.80 -10.79 -9.79
N ASP A 132 -5.18 -10.53 -11.01
CA ASP A 132 -6.24 -11.35 -11.66
C ASP A 132 -6.17 -12.81 -11.20
N PRO A 133 -5.00 -13.37 -11.29
CA PRO A 133 -4.81 -14.78 -10.88
C PRO A 133 -4.59 -14.90 -9.36
N GLY A 134 -3.69 -14.13 -8.81
CA GLY A 134 -3.44 -14.25 -7.33
C GLY A 134 -2.31 -13.32 -6.87
N ALA A 135 -2.64 -12.21 -6.26
CA ALA A 135 -1.60 -11.26 -5.77
C ALA A 135 -2.10 -10.51 -4.52
N LEU A 136 -1.23 -9.84 -3.84
CA LEU A 136 -1.65 -9.06 -2.63
C LEU A 136 -2.42 -7.82 -3.09
N MET A 137 -3.48 -8.04 -3.83
CA MET A 137 -4.28 -6.89 -4.35
C MET A 137 -5.78 -7.19 -4.28
N PHE A 138 -6.17 -8.42 -4.46
CA PHE A 138 -7.62 -8.76 -4.39
C PHE A 138 -8.20 -8.36 -3.04
N PRO A 139 -9.51 -8.43 -2.94
CA PRO A 139 -10.18 -8.07 -1.66
C PRO A 139 -9.86 -9.10 -0.59
N ILE A 140 -9.21 -10.17 -0.96
CA ILE A 140 -8.84 -11.21 0.04
C ILE A 140 -7.39 -11.02 0.47
N TYR A 141 -7.10 -11.25 1.73
CA TYR A 141 -5.70 -11.07 2.22
C TYR A 141 -5.23 -12.26 3.04
N THR A 142 -6.18 -13.00 3.55
CA THR A 142 -5.88 -14.21 4.41
C THR A 142 -4.38 -14.39 4.69
N TYR A 143 -3.60 -14.81 3.72
CA TYR A 143 -2.14 -14.99 3.99
C TYR A 143 -1.49 -13.63 4.28
N THR A 144 -1.00 -13.45 5.47
CA THR A 144 -0.35 -12.15 5.81
C THR A 144 0.86 -11.90 4.90
N GLY A 145 1.46 -10.74 5.02
CA GLY A 145 2.64 -10.43 4.17
C GLY A 145 3.61 -11.61 4.16
N LYS A 146 3.73 -12.31 5.26
CA LYS A 146 4.66 -13.47 5.31
C LYS A 146 4.13 -14.55 6.26
N SER A 147 2.91 -14.96 6.09
CA SER A 147 2.35 -16.02 6.97
C SER A 147 2.35 -17.36 6.24
N HIS A 148 3.04 -17.44 5.14
CA HIS A 148 3.09 -18.73 4.38
C HIS A 148 4.09 -18.61 3.22
N PHE A 149 3.82 -17.74 2.28
CA PHE A 149 4.75 -17.58 1.13
C PHE A 149 4.22 -16.52 0.17
N MET A 150 4.96 -16.21 -0.86
CA MET A 150 4.50 -15.19 -1.85
C MET A 150 3.41 -15.77 -2.74
N LEU A 151 2.40 -16.38 -2.16
CA LEU A 151 1.29 -16.91 -2.99
C LEU A 151 0.90 -15.84 -4.00
N PRO A 152 0.75 -14.64 -3.51
CA PRO A 152 0.43 -13.50 -4.40
C PRO A 152 1.64 -13.10 -5.24
N ASP A 153 2.26 -14.04 -5.91
CA ASP A 153 3.43 -13.70 -6.73
C ASP A 153 3.06 -12.57 -7.70
N ASP A 154 1.83 -12.52 -8.10
CA ASP A 154 1.41 -11.45 -9.05
C ASP A 154 1.87 -10.10 -8.54
N ASP A 155 1.73 -9.86 -7.27
CA ASP A 155 2.18 -8.56 -6.73
C ASP A 155 3.68 -8.64 -6.48
N VAL A 156 4.16 -9.80 -6.12
CA VAL A 156 5.61 -9.96 -5.88
C VAL A 156 6.38 -9.68 -7.17
N GLN A 157 6.37 -10.61 -8.09
CA GLN A 157 7.08 -10.40 -9.37
C GLN A 157 6.44 -9.24 -10.13
N GLY A 158 5.13 -9.15 -10.10
CA GLY A 158 4.43 -8.06 -10.83
C GLY A 158 5.18 -6.75 -10.62
N ILE A 159 5.23 -6.25 -9.41
CA ILE A 159 5.95 -4.95 -9.19
C ILE A 159 7.46 -5.18 -9.16
N GLN A 160 7.89 -6.37 -8.91
CA GLN A 160 9.36 -6.60 -8.89
C GLN A 160 9.90 -6.40 -10.30
N SER A 161 9.04 -6.49 -11.27
CA SER A 161 9.47 -6.31 -12.68
C SER A 161 9.04 -4.94 -13.21
N LEU A 162 7.84 -4.54 -12.91
CA LEU A 162 7.34 -3.22 -13.41
C LEU A 162 7.89 -2.06 -12.57
N TYR A 163 7.80 -2.16 -11.28
CA TYR A 163 8.31 -1.05 -10.43
C TYR A 163 9.82 -1.20 -10.19
N GLY A 164 10.39 -2.28 -10.61
CA GLY A 164 11.86 -2.48 -10.41
C GLY A 164 12.60 -1.24 -10.93
N PRO A 165 13.09 -1.35 -12.13
CA PRO A 165 13.82 -0.22 -12.76
C PRO A 165 12.82 0.82 -13.27
N GLY A 166 13.05 2.07 -13.01
CA GLY A 166 12.12 3.13 -13.49
C GLY A 166 12.61 3.69 -14.81
N ASP A 167 11.76 4.33 -15.56
CA ASP A 167 12.19 4.90 -16.87
C ASP A 167 12.17 6.43 -16.81
N GLU A 168 11.01 7.01 -16.60
CA GLU A 168 10.94 8.50 -16.53
C GLU A 168 11.71 9.12 -17.69
N ASP A 169 11.80 8.44 -18.79
CA ASP A 169 12.55 9.00 -19.95
C ASP A 169 11.75 8.79 -21.25
N PRO A 170 11.33 9.87 -21.83
CA PRO A 170 10.55 9.81 -23.09
C PRO A 170 11.45 9.41 -24.26
N ASN A 171 11.82 8.16 -24.33
CA ASN A 171 12.70 7.70 -25.45
C ASN A 171 13.97 8.56 -25.49
N TYR A 1 -4.89 5.61 -28.27
CA TYR A 1 -4.68 4.16 -27.95
C TYR A 1 -5.03 3.90 -26.48
N ASN A 2 -6.22 3.45 -26.22
CA ASN A 2 -6.63 3.16 -24.82
C ASN A 2 -7.32 1.80 -24.74
N VAL A 3 -6.80 0.90 -23.95
CA VAL A 3 -7.43 -0.46 -23.84
C VAL A 3 -7.49 -0.89 -22.37
N PHE A 4 -6.47 -1.55 -21.89
CA PHE A 4 -6.48 -2.01 -20.47
C PHE A 4 -5.61 -1.08 -19.62
N PRO A 5 -6.27 -0.20 -18.91
CA PRO A 5 -5.56 0.77 -18.03
C PRO A 5 -5.05 0.08 -16.76
N ARG A 6 -4.80 0.84 -15.73
CA ARG A 6 -4.31 0.24 -14.45
C ARG A 6 -2.87 -0.25 -14.61
N THR A 7 -1.93 0.65 -14.48
CA THR A 7 -0.49 0.26 -14.60
C THR A 7 0.36 1.17 -13.71
N LEU A 8 0.39 2.44 -14.02
CA LEU A 8 1.18 3.40 -13.19
C LEU A 8 2.48 2.78 -12.68
N LYS A 9 3.14 2.01 -13.49
CA LYS A 9 4.42 1.39 -13.04
C LYS A 9 5.53 1.70 -14.05
N TRP A 10 6.11 2.86 -13.97
CA TRP A 10 7.19 3.22 -14.94
C TRP A 10 8.19 4.20 -14.33
N SER A 11 7.79 5.42 -14.10
CA SER A 11 8.72 6.43 -13.52
C SER A 11 8.45 6.63 -12.03
N LYS A 12 8.90 5.73 -11.19
CA LYS A 12 8.68 5.89 -9.73
C LYS A 12 9.50 4.86 -8.95
N MET A 13 10.78 4.78 -9.23
CA MET A 13 11.62 3.80 -8.49
C MET A 13 12.12 4.40 -7.18
N ASN A 14 11.99 5.69 -7.01
CA ASN A 14 12.45 6.33 -5.74
C ASN A 14 11.50 7.47 -5.35
N LEU A 15 10.74 7.28 -4.31
CA LEU A 15 9.80 8.36 -3.88
C LEU A 15 9.80 8.51 -2.36
N THR A 16 8.85 9.24 -1.83
CA THR A 16 8.80 9.44 -0.35
C THR A 16 7.38 9.16 0.16
N TYR A 17 7.19 9.22 1.46
CA TYR A 17 5.84 8.96 2.02
C TYR A 17 5.81 9.23 3.53
N ARG A 18 4.76 8.84 4.18
CA ARG A 18 4.65 9.08 5.65
C ARG A 18 4.31 7.76 6.37
N ILE A 19 4.64 7.65 7.63
CA ILE A 19 4.34 6.39 8.37
C ILE A 19 3.48 6.70 9.59
N VAL A 20 2.18 6.57 9.47
CA VAL A 20 1.30 6.84 10.64
C VAL A 20 0.03 5.99 10.58
N ASN A 21 0.18 4.69 10.52
CA ASN A 21 -1.02 3.81 10.48
C ASN A 21 -2.04 4.30 11.50
N TYR A 22 -1.87 3.92 12.74
CA TYR A 22 -2.81 4.35 13.80
C TYR A 22 -2.36 3.80 15.16
N THR A 23 -3.14 3.99 16.19
CA THR A 23 -2.73 3.46 17.53
C THR A 23 -3.92 2.79 18.23
N PRO A 24 -4.53 1.86 17.54
CA PRO A 24 -5.69 1.13 18.11
C PRO A 24 -5.20 0.06 19.09
N ASP A 25 -4.88 -1.10 18.60
CA ASP A 25 -4.37 -2.19 19.49
C ASP A 25 -2.85 -2.26 19.42
N MET A 26 -2.25 -1.40 18.63
CA MET A 26 -0.75 -1.40 18.52
C MET A 26 -0.19 -0.04 18.90
N THR A 27 0.98 0.00 19.47
CA THR A 27 1.58 1.30 19.86
C THR A 27 2.47 1.83 18.73
N HIS A 28 2.89 3.06 18.84
CA HIS A 28 3.77 3.65 17.78
C HIS A 28 4.83 2.62 17.38
N SER A 29 5.27 1.82 18.30
CA SER A 29 6.30 0.79 17.96
C SER A 29 5.75 -0.12 16.86
N GLU A 30 4.60 -0.70 17.08
CA GLU A 30 4.01 -1.58 16.03
C GLU A 30 3.84 -0.78 14.76
N VAL A 31 3.15 0.32 14.85
CA VAL A 31 2.98 1.18 13.65
C VAL A 31 4.33 1.29 12.94
N GLU A 32 5.40 1.32 13.71
CA GLU A 32 6.75 1.40 13.12
C GLU A 32 6.99 0.13 12.31
N LYS A 33 6.58 -1.00 12.83
CA LYS A 33 6.78 -2.27 12.08
C LYS A 33 5.81 -2.28 10.89
N ALA A 34 4.58 -2.00 11.14
CA ALA A 34 3.60 -1.98 10.03
C ALA A 34 4.17 -1.24 8.82
N PHE A 35 4.53 0.00 8.98
CA PHE A 35 5.09 0.76 7.83
C PHE A 35 6.45 0.20 7.41
N LYS A 36 7.38 0.08 8.31
CA LYS A 36 8.72 -0.47 7.94
C LYS A 36 8.60 -1.91 7.51
N LYS A 37 8.38 -2.78 8.45
CA LYS A 37 8.22 -4.22 8.15
C LYS A 37 7.42 -4.40 6.85
N ALA A 38 6.19 -3.96 6.79
CA ALA A 38 5.43 -4.11 5.51
C ALA A 38 6.33 -3.65 4.36
N PHE A 39 7.09 -2.61 4.57
CA PHE A 39 8.00 -2.13 3.50
C PHE A 39 9.13 -3.14 3.33
N LYS A 40 9.52 -3.81 4.38
CA LYS A 40 10.61 -4.81 4.25
C LYS A 40 10.15 -5.91 3.29
N VAL A 41 8.93 -6.34 3.43
CA VAL A 41 8.40 -7.39 2.50
C VAL A 41 8.23 -6.77 1.11
N TRP A 42 7.64 -5.61 1.04
CA TRP A 42 7.46 -4.94 -0.27
C TRP A 42 8.81 -4.82 -0.97
N SER A 43 9.85 -4.57 -0.21
CA SER A 43 11.20 -4.46 -0.83
C SER A 43 11.69 -5.86 -1.16
N ASP A 44 11.31 -6.83 -0.37
CA ASP A 44 11.73 -8.23 -0.65
C ASP A 44 11.25 -8.63 -2.04
N VAL A 45 10.03 -8.28 -2.38
CA VAL A 45 9.51 -8.62 -3.72
C VAL A 45 10.14 -7.71 -4.78
N THR A 46 10.42 -6.48 -4.44
CA THR A 46 11.03 -5.56 -5.42
C THR A 46 11.93 -4.55 -4.71
N PRO A 47 13.14 -4.43 -5.20
CA PRO A 47 14.12 -3.49 -4.60
C PRO A 47 13.73 -2.04 -4.90
N LEU A 48 12.56 -1.63 -4.49
CA LEU A 48 12.13 -0.22 -4.75
C LEU A 48 12.76 0.73 -3.74
N ASN A 49 12.63 2.01 -3.94
CA ASN A 49 13.23 2.98 -2.98
C ASN A 49 12.15 3.91 -2.41
N PHE A 50 12.19 4.16 -1.13
CA PHE A 50 11.17 5.06 -0.52
C PHE A 50 11.73 5.69 0.77
N THR A 51 11.36 6.92 1.04
CA THR A 51 11.86 7.59 2.28
C THR A 51 10.78 8.49 2.87
N ARG A 52 10.69 8.56 4.17
CA ARG A 52 9.65 9.42 4.80
C ARG A 52 10.22 10.80 5.12
N LEU A 53 10.18 11.69 4.18
CA LEU A 53 10.73 13.06 4.42
C LEU A 53 9.62 13.99 4.91
N HIS A 54 9.35 14.00 6.19
CA HIS A 54 8.29 14.89 6.72
C HIS A 54 8.59 16.34 6.35
N ASP A 55 9.82 16.62 6.01
CA ASP A 55 10.19 18.00 5.62
C ASP A 55 9.12 18.58 4.68
N GLY A 56 8.42 17.73 3.99
CA GLY A 56 7.36 18.22 3.06
C GLY A 56 7.52 17.57 1.69
N ILE A 57 8.18 16.44 1.61
CA ILE A 57 8.35 15.77 0.30
C ILE A 57 7.86 14.34 0.41
N ALA A 58 6.59 14.18 0.63
CA ALA A 58 6.01 12.82 0.76
C ALA A 58 5.01 12.55 -0.37
N ASP A 59 5.06 11.38 -0.94
CA ASP A 59 4.12 11.05 -2.04
C ASP A 59 2.97 10.17 -1.51
N ILE A 60 3.29 9.10 -0.84
CA ILE A 60 2.22 8.21 -0.30
C ILE A 60 2.35 8.14 1.23
N MET A 61 1.54 7.38 1.90
CA MET A 61 1.67 7.31 3.39
C MET A 61 0.72 6.27 3.99
N ILE A 62 1.20 5.54 4.97
CA ILE A 62 0.35 4.51 5.63
C ILE A 62 -0.38 5.14 6.83
N SER A 63 -1.69 5.16 6.81
CA SER A 63 -2.42 5.77 7.96
C SER A 63 -3.91 5.48 7.89
N PHE A 64 -4.59 5.66 8.99
CA PHE A 64 -6.05 5.40 9.00
C PHE A 64 -6.78 6.56 8.30
N GLY A 65 -7.91 6.30 7.69
CA GLY A 65 -8.62 7.39 6.96
C GLY A 65 -9.92 7.75 7.66
N ILE A 66 -10.15 9.02 7.86
CA ILE A 66 -11.40 9.47 8.51
C ILE A 66 -12.10 10.51 7.61
N LYS A 67 -13.11 10.08 6.89
CA LYS A 67 -13.86 11.00 5.96
C LYS A 67 -13.27 12.41 5.93
N GLU A 68 -12.19 12.59 5.22
CA GLU A 68 -11.55 13.93 5.15
C GLU A 68 -11.53 14.42 3.70
N HIS A 69 -11.96 13.61 2.78
CA HIS A 69 -11.97 14.04 1.34
C HIS A 69 -13.24 14.84 1.04
N GLY A 70 -13.67 14.84 -0.19
CA GLY A 70 -14.89 15.59 -0.56
C GLY A 70 -15.69 14.79 -1.58
N ASP A 71 -15.71 13.49 -1.44
CA ASP A 71 -16.46 12.64 -2.40
C ASP A 71 -17.16 11.48 -1.66
N PHE A 72 -17.28 10.35 -2.28
CA PHE A 72 -17.94 9.19 -1.61
C PHE A 72 -17.42 9.05 -0.18
N TYR A 73 -18.04 8.23 0.61
CA TYR A 73 -17.59 8.06 2.02
C TYR A 73 -16.49 6.99 2.10
N PRO A 74 -15.39 7.36 2.70
CA PRO A 74 -14.25 6.44 2.85
C PRO A 74 -14.50 5.45 3.99
N PHE A 75 -14.28 5.88 5.22
CA PHE A 75 -14.51 4.96 6.37
C PHE A 75 -15.96 4.48 6.39
N ASP A 76 -16.20 3.30 6.88
CA ASP A 76 -17.59 2.80 6.95
C ASP A 76 -17.63 1.38 7.54
N GLY A 77 -17.53 1.30 8.83
CA GLY A 77 -17.56 -0.03 9.50
C GLY A 77 -16.69 -1.01 8.71
N PRO A 78 -16.93 -2.27 8.95
CA PRO A 78 -16.16 -3.34 8.25
C PRO A 78 -16.68 -3.53 6.83
N SER A 79 -17.55 -2.66 6.37
CA SER A 79 -18.10 -2.80 4.99
C SER A 79 -16.97 -3.07 3.99
N GLY A 80 -17.32 -3.31 2.77
CA GLY A 80 -16.30 -3.61 1.73
C GLY A 80 -15.37 -2.42 1.50
N LEU A 81 -14.48 -2.16 2.41
CA LEU A 81 -13.55 -1.02 2.23
C LEU A 81 -12.61 -0.90 3.42
N LEU A 82 -11.46 -1.54 3.37
CA LEU A 82 -10.52 -1.43 4.53
C LEU A 82 -9.30 -0.58 4.17
N ALA A 83 -8.98 -0.44 2.90
CA ALA A 83 -7.77 0.37 2.54
C ALA A 83 -7.92 1.04 1.18
N HIS A 84 -8.16 2.32 1.16
CA HIS A 84 -8.29 3.04 -0.14
C HIS A 84 -7.04 3.90 -0.39
N ALA A 85 -6.36 3.69 -1.48
CA ALA A 85 -5.14 4.48 -1.76
C ALA A 85 -5.35 5.35 -3.00
N PHE A 86 -4.97 6.61 -2.93
CA PHE A 86 -5.16 7.51 -4.11
C PHE A 86 -4.05 7.28 -5.13
N PRO A 87 -4.17 7.95 -6.25
CA PRO A 87 -3.16 7.84 -7.32
C PRO A 87 -1.88 8.58 -6.90
N PRO A 88 -0.78 7.91 -7.04
CA PRO A 88 0.52 8.51 -6.65
C PRO A 88 0.92 9.61 -7.64
N GLY A 89 0.32 10.77 -7.53
CA GLY A 89 0.66 11.87 -8.47
C GLY A 89 0.93 13.16 -7.70
N PRO A 90 -0.11 13.92 -7.50
CA PRO A 90 0.00 15.21 -6.77
C PRO A 90 0.26 14.98 -5.28
N ASN A 91 0.37 16.04 -4.52
CA ASN A 91 0.62 15.89 -3.06
C ASN A 91 -0.51 15.10 -2.41
N TYR A 92 -1.60 14.95 -3.11
CA TYR A 92 -2.75 14.20 -2.55
C TYR A 92 -2.86 12.84 -3.25
N GLY A 93 -1.80 12.09 -3.26
CA GLY A 93 -1.83 10.76 -3.92
C GLY A 93 -1.17 9.72 -3.00
N GLY A 94 -1.09 8.50 -3.44
CA GLY A 94 -0.46 7.45 -2.59
C GLY A 94 -0.95 7.59 -1.15
N ASP A 95 -2.11 8.14 -0.96
CA ASP A 95 -2.64 8.31 0.43
C ASP A 95 -3.23 6.99 0.94
N ALA A 96 -2.41 6.15 1.53
CA ALA A 96 -2.92 4.85 2.05
C ALA A 96 -3.80 5.08 3.29
N HIS A 97 -5.10 5.13 3.10
CA HIS A 97 -6.00 5.37 4.25
C HIS A 97 -6.85 4.12 4.54
N PHE A 98 -6.96 3.73 5.78
CA PHE A 98 -7.78 2.53 6.11
C PHE A 98 -9.14 2.96 6.65
N ASP A 99 -10.20 2.32 6.21
CA ASP A 99 -11.55 2.70 6.73
C ASP A 99 -11.46 2.78 8.26
N ASP A 100 -11.23 3.96 8.78
CA ASP A 100 -11.08 4.10 10.26
C ASP A 100 -12.04 3.17 11.01
N ASP A 101 -13.16 2.80 10.43
CA ASP A 101 -14.08 1.90 11.15
C ASP A 101 -13.59 0.45 11.09
N GLU A 102 -12.45 0.22 10.52
CA GLU A 102 -11.92 -1.18 10.44
C GLU A 102 -10.88 -1.41 11.52
N THR A 103 -10.25 -2.55 11.52
CA THR A 103 -9.21 -2.83 12.56
C THR A 103 -7.85 -3.09 11.90
N TRP A 104 -6.79 -2.67 12.52
CA TRP A 104 -5.43 -2.89 11.94
C TRP A 104 -4.44 -3.23 13.05
N THR A 105 -3.63 -4.23 12.87
CA THR A 105 -2.65 -4.58 13.94
C THR A 105 -1.32 -5.02 13.33
N SER A 106 -0.33 -5.18 14.16
CA SER A 106 0.99 -5.64 13.66
C SER A 106 1.45 -6.82 14.50
N SER A 107 0.51 -7.52 15.07
CA SER A 107 0.85 -8.69 15.94
C SER A 107 0.78 -9.98 15.12
N SER A 108 -0.40 -10.37 14.74
CA SER A 108 -0.56 -11.62 13.94
C SER A 108 -2.04 -11.85 13.64
N LYS A 109 -2.90 -11.41 14.52
CA LYS A 109 -4.37 -11.60 14.29
C LYS A 109 -4.96 -10.32 13.64
N GLY A 110 -6.08 -10.45 12.98
CA GLY A 110 -6.69 -9.25 12.34
C GLY A 110 -5.82 -8.83 11.15
N TYR A 111 -6.15 -7.73 10.51
CA TYR A 111 -5.34 -7.28 9.36
C TYR A 111 -3.93 -6.86 9.83
N ASN A 112 -2.92 -7.56 9.41
CA ASN A 112 -1.56 -7.19 9.84
C ASN A 112 -1.03 -6.10 8.91
N LEU A 113 -0.70 -4.95 9.43
CA LEU A 113 -0.19 -3.86 8.56
C LEU A 113 0.77 -4.41 7.52
N PHE A 114 1.54 -5.38 7.87
CA PHE A 114 2.46 -5.93 6.86
C PHE A 114 1.63 -6.29 5.64
N LEU A 115 0.54 -6.96 5.86
CA LEU A 115 -0.38 -7.35 4.76
C LEU A 115 -1.20 -6.13 4.30
N VAL A 116 -2.15 -5.72 5.09
CA VAL A 116 -2.99 -4.54 4.68
C VAL A 116 -2.11 -3.39 4.21
N ALA A 117 -1.29 -2.86 5.06
CA ALA A 117 -0.40 -1.73 4.66
C ALA A 117 0.38 -2.06 3.38
N ALA A 118 1.05 -3.19 3.31
CA ALA A 118 1.80 -3.51 2.05
C ALA A 118 0.82 -3.52 0.88
N HIS A 119 -0.36 -4.02 1.13
CA HIS A 119 -1.40 -4.08 0.08
C HIS A 119 -1.79 -2.65 -0.34
N GLU A 120 -2.26 -1.86 0.58
CA GLU A 120 -2.62 -0.46 0.24
C GLU A 120 -1.40 0.19 -0.42
N PHE A 121 -0.24 -0.09 0.08
CA PHE A 121 1.00 0.47 -0.53
C PHE A 121 1.05 0.08 -2.00
N GLY A 122 1.10 -1.18 -2.28
CA GLY A 122 1.14 -1.63 -3.70
C GLY A 122 0.11 -0.84 -4.49
N HIS A 123 -0.96 -0.43 -3.86
CA HIS A 123 -2.00 0.35 -4.59
C HIS A 123 -1.59 1.83 -4.68
N SER A 124 -1.78 2.56 -3.62
CA SER A 124 -1.46 4.03 -3.62
C SER A 124 -0.19 4.34 -4.42
N LEU A 125 0.81 3.50 -4.36
CA LEU A 125 2.06 3.81 -5.11
C LEU A 125 2.14 3.02 -6.42
N GLY A 126 1.66 1.81 -6.42
CA GLY A 126 1.70 0.99 -7.67
C GLY A 126 0.62 1.45 -8.65
N LEU A 127 -0.56 0.92 -8.52
CA LEU A 127 -1.65 1.33 -9.46
C LEU A 127 -3.00 0.73 -9.02
N ASP A 128 -4.00 0.84 -9.85
CA ASP A 128 -5.34 0.29 -9.49
C ASP A 128 -5.20 -1.09 -8.84
N HIS A 129 -4.65 -2.04 -9.55
CA HIS A 129 -4.50 -3.41 -8.97
C HIS A 129 -3.57 -4.24 -9.85
N SER A 130 -3.40 -5.50 -9.52
CA SER A 130 -2.52 -6.37 -10.32
C SER A 130 -2.50 -7.78 -9.71
N LYS A 131 -3.63 -8.43 -9.66
CA LYS A 131 -3.66 -9.80 -9.07
C LYS A 131 -4.74 -10.66 -9.72
N ASP A 132 -5.13 -10.34 -10.92
CA ASP A 132 -6.19 -11.14 -11.60
C ASP A 132 -6.09 -12.62 -11.21
N PRO A 133 -4.90 -13.15 -11.27
CA PRO A 133 -4.67 -14.55 -10.93
C PRO A 133 -4.32 -14.74 -9.44
N GLY A 134 -3.46 -13.93 -8.89
CA GLY A 134 -3.12 -14.13 -7.44
C GLY A 134 -2.03 -13.14 -6.97
N ALA A 135 -2.41 -12.10 -6.28
CA ALA A 135 -1.42 -11.11 -5.75
C ALA A 135 -1.95 -10.46 -4.46
N LEU A 136 -1.09 -9.78 -3.73
CA LEU A 136 -1.55 -9.11 -2.48
C LEU A 136 -2.32 -7.83 -2.84
N MET A 137 -3.32 -7.96 -3.66
CA MET A 137 -4.12 -6.76 -4.08
C MET A 137 -5.61 -7.11 -4.09
N PHE A 138 -5.95 -8.34 -4.37
CA PHE A 138 -7.39 -8.74 -4.39
C PHE A 138 -8.13 -8.22 -3.15
N PRO A 139 -9.43 -8.36 -3.15
CA PRO A 139 -10.24 -7.90 -2.00
C PRO A 139 -10.01 -8.82 -0.78
N ILE A 140 -9.21 -9.84 -0.94
CA ILE A 140 -8.94 -10.75 0.21
C ILE A 140 -7.49 -10.59 0.67
N TYR A 141 -7.20 -10.88 1.92
CA TYR A 141 -5.81 -10.72 2.42
C TYR A 141 -5.33 -12.00 3.10
N THR A 142 -6.26 -12.81 3.53
CA THR A 142 -5.98 -14.11 4.23
C THR A 142 -4.48 -14.35 4.49
N TYR A 143 -3.68 -14.57 3.48
CA TYR A 143 -2.23 -14.82 3.72
C TYR A 143 -1.54 -13.52 4.15
N THR A 144 -0.98 -13.49 5.33
CA THR A 144 -0.29 -12.26 5.80
C THR A 144 0.90 -11.92 4.91
N GLY A 145 1.97 -11.43 5.48
CA GLY A 145 3.16 -11.09 4.65
C GLY A 145 4.02 -12.34 4.44
N LYS A 146 3.87 -13.33 5.28
CA LYS A 146 4.69 -14.56 5.11
C LYS A 146 4.01 -15.75 5.80
N SER A 147 2.72 -15.86 5.68
CA SER A 147 2.01 -17.01 6.32
C SER A 147 2.49 -18.32 5.69
N HIS A 148 3.17 -18.25 4.59
CA HIS A 148 3.67 -19.50 3.92
C HIS A 148 4.62 -19.15 2.78
N PHE A 149 4.24 -18.23 1.92
CA PHE A 149 5.13 -17.88 0.79
C PHE A 149 4.50 -16.78 -0.08
N MET A 150 5.19 -16.33 -1.08
CA MET A 150 4.64 -15.27 -1.98
C MET A 150 3.47 -15.81 -2.79
N LEU A 151 2.47 -16.33 -2.12
CA LEU A 151 1.27 -16.83 -2.85
C LEU A 151 0.91 -15.79 -3.91
N PRO A 152 0.86 -14.55 -3.48
CA PRO A 152 0.56 -13.45 -4.41
C PRO A 152 1.76 -13.15 -5.31
N ASP A 153 2.31 -14.15 -5.94
CA ASP A 153 3.48 -13.92 -6.82
C ASP A 153 3.17 -12.79 -7.80
N ASP A 154 1.93 -12.66 -8.19
CA ASP A 154 1.59 -11.59 -9.15
C ASP A 154 2.07 -10.26 -8.60
N ASP A 155 1.80 -10.01 -7.36
CA ASP A 155 2.25 -8.75 -6.74
C ASP A 155 3.76 -8.83 -6.52
N VAL A 156 4.25 -9.99 -6.19
CA VAL A 156 5.72 -10.14 -5.97
C VAL A 156 6.48 -9.88 -7.26
N GLN A 157 6.57 -10.86 -8.11
CA GLN A 157 7.29 -10.67 -9.38
C GLN A 157 6.67 -9.50 -10.15
N GLY A 158 5.36 -9.44 -10.17
CA GLY A 158 4.66 -8.33 -10.90
C GLY A 158 5.39 -7.01 -10.68
N ILE A 159 5.34 -6.47 -9.48
CA ILE A 159 6.03 -5.16 -9.27
C ILE A 159 7.54 -5.37 -9.24
N GLN A 160 7.99 -6.55 -8.95
CA GLN A 160 9.45 -6.78 -8.93
C GLN A 160 9.99 -6.48 -10.33
N SER A 161 9.14 -6.55 -11.31
CA SER A 161 9.58 -6.26 -12.70
C SER A 161 9.11 -4.87 -13.14
N LEU A 162 7.90 -4.52 -12.84
CA LEU A 162 7.37 -3.19 -13.26
C LEU A 162 7.94 -2.07 -12.41
N TYR A 163 7.84 -2.19 -11.11
CA TYR A 163 8.37 -1.11 -10.23
C TYR A 163 9.88 -1.30 -10.03
N GLY A 164 10.43 -2.33 -10.61
CA GLY A 164 11.90 -2.57 -10.45
C GLY A 164 12.67 -1.34 -10.93
N PRO A 165 13.32 -1.47 -12.07
CA PRO A 165 14.09 -0.34 -12.63
C PRO A 165 13.14 0.69 -13.26
N GLY A 166 12.60 1.57 -12.47
CA GLY A 166 11.67 2.60 -13.04
C GLY A 166 12.37 3.36 -14.17
N ASP A 167 11.65 4.21 -14.85
CA ASP A 167 12.27 4.98 -15.97
C ASP A 167 12.28 6.47 -15.63
N GLU A 168 11.13 7.09 -15.61
CA GLU A 168 11.07 8.55 -15.29
C GLU A 168 12.21 9.29 -16.00
N ASP A 169 12.51 8.91 -17.21
CA ASP A 169 13.61 9.59 -17.95
C ASP A 169 13.15 9.97 -19.36
N PRO A 170 12.69 11.17 -19.50
CA PRO A 170 12.21 11.67 -20.81
C PRO A 170 13.40 11.95 -21.73
N ASN A 171 14.24 10.98 -21.95
CA ASN A 171 15.43 11.19 -22.82
C ASN A 171 15.66 9.97 -23.71
N TYR A 1 1.98 1.20 -26.21
CA TYR A 1 1.80 -0.20 -25.72
C TYR A 1 0.87 -0.22 -24.51
N ASN A 2 -0.41 -0.06 -24.72
CA ASN A 2 -1.35 -0.07 -23.57
C ASN A 2 -2.68 -0.72 -23.99
N VAL A 3 -3.27 -1.50 -23.13
CA VAL A 3 -4.56 -2.16 -23.48
C VAL A 3 -5.54 -2.08 -22.30
N PHE A 4 -5.04 -2.20 -21.10
CA PHE A 4 -5.93 -2.13 -19.91
C PHE A 4 -5.36 -1.16 -18.88
N PRO A 5 -6.24 -0.49 -18.18
CA PRO A 5 -5.83 0.48 -17.14
C PRO A 5 -5.30 -0.25 -15.90
N ARG A 6 -5.27 0.41 -14.78
CA ARG A 6 -4.77 -0.25 -13.54
C ARG A 6 -3.33 -0.73 -13.73
N THR A 7 -2.40 0.19 -13.88
CA THR A 7 -0.98 -0.22 -14.08
C THR A 7 -0.04 0.75 -13.34
N LEU A 8 -0.07 2.00 -13.70
CA LEU A 8 0.81 3.00 -13.02
C LEU A 8 2.19 2.40 -12.73
N LYS A 9 2.61 1.46 -13.52
CA LYS A 9 3.96 0.85 -13.28
C LYS A 9 4.89 1.16 -14.45
N TRP A 10 5.33 2.38 -14.56
CA TRP A 10 6.23 2.76 -15.69
C TRP A 10 7.27 3.77 -15.22
N SER A 11 6.84 4.95 -14.85
CA SER A 11 7.82 5.99 -14.39
C SER A 11 7.80 6.10 -12.86
N LYS A 12 8.11 5.05 -12.17
CA LYS A 12 8.12 5.10 -10.68
C LYS A 12 9.22 4.20 -10.12
N MET A 13 10.42 4.70 -10.01
CA MET A 13 11.53 3.87 -9.46
C MET A 13 12.00 4.43 -8.12
N ASN A 14 11.72 5.67 -7.85
CA ASN A 14 12.14 6.27 -6.55
C ASN A 14 11.09 7.27 -6.05
N LEU A 15 10.66 7.15 -4.83
CA LEU A 15 9.63 8.09 -4.31
C LEU A 15 9.76 8.26 -2.79
N THR A 16 8.87 8.99 -2.19
CA THR A 16 8.93 9.19 -0.71
C THR A 16 7.58 8.81 -0.07
N TYR A 17 7.58 8.44 1.18
CA TYR A 17 6.30 8.05 1.84
C TYR A 17 6.32 8.42 3.32
N ARG A 18 5.18 8.52 3.93
CA ARG A 18 5.12 8.86 5.38
C ARG A 18 4.48 7.71 6.16
N ILE A 19 4.85 7.55 7.41
CA ILE A 19 4.27 6.43 8.21
C ILE A 19 3.38 6.97 9.34
N VAL A 20 2.11 6.69 9.29
CA VAL A 20 1.19 7.17 10.37
C VAL A 20 -0.09 6.34 10.37
N ASN A 21 0.01 5.05 10.19
CA ASN A 21 -1.22 4.21 10.19
C ASN A 21 -2.17 4.69 11.28
N TYR A 22 -1.91 4.33 12.50
CA TYR A 22 -2.79 4.77 13.62
C TYR A 22 -2.24 4.23 14.94
N THR A 23 -3.04 4.23 15.97
CA THR A 23 -2.56 3.70 17.28
C THR A 23 -3.73 3.17 18.11
N PRO A 24 -4.56 2.39 17.48
CA PRO A 24 -5.73 1.80 18.17
C PRO A 24 -5.28 0.68 19.11
N ASP A 25 -5.17 -0.51 18.62
CA ASP A 25 -4.73 -1.65 19.47
C ASP A 25 -3.20 -1.76 19.46
N MET A 26 -2.56 -0.97 18.64
CA MET A 26 -1.07 -1.01 18.57
C MET A 26 -0.48 0.31 19.04
N THR A 27 0.82 0.37 19.19
CA THR A 27 1.46 1.64 19.64
C THR A 27 2.52 2.07 18.62
N HIS A 28 3.14 3.20 18.85
CA HIS A 28 4.18 3.68 17.89
C HIS A 28 5.12 2.53 17.51
N SER A 29 5.42 1.67 18.45
CA SER A 29 6.32 0.52 18.13
C SER A 29 5.65 -0.39 17.08
N GLU A 30 4.43 -0.77 17.31
CA GLU A 30 3.73 -1.63 16.34
C GLU A 30 3.64 -0.92 15.00
N VAL A 31 2.96 0.19 14.97
CA VAL A 31 2.89 0.96 13.70
C VAL A 31 4.27 1.00 13.06
N GLU A 32 5.28 1.13 13.88
CA GLU A 32 6.68 1.15 13.35
C GLU A 32 6.90 -0.13 12.56
N LYS A 33 6.43 -1.24 13.07
CA LYS A 33 6.59 -2.53 12.33
C LYS A 33 5.60 -2.53 11.17
N ALA A 34 4.39 -2.19 11.44
CA ALA A 34 3.36 -2.17 10.38
C ALA A 34 3.91 -1.44 9.15
N PHE A 35 4.25 -0.19 9.31
CA PHE A 35 4.77 0.59 8.15
C PHE A 35 6.15 0.08 7.72
N LYS A 36 7.08 -0.04 8.62
CA LYS A 36 8.43 -0.53 8.24
C LYS A 36 8.37 -1.97 7.78
N LYS A 37 8.18 -2.87 8.68
CA LYS A 37 8.07 -4.30 8.34
C LYS A 37 7.26 -4.48 7.04
N ALA A 38 6.02 -4.05 7.01
CA ALA A 38 5.25 -4.20 5.75
C ALA A 38 6.11 -3.70 4.60
N PHE A 39 6.87 -2.66 4.85
CA PHE A 39 7.77 -2.14 3.77
C PHE A 39 8.90 -3.14 3.54
N LYS A 40 9.43 -3.71 4.59
CA LYS A 40 10.52 -4.71 4.40
C LYS A 40 10.04 -5.76 3.41
N VAL A 41 8.79 -6.11 3.49
CA VAL A 41 8.23 -7.13 2.55
C VAL A 41 8.09 -6.50 1.15
N TRP A 42 7.57 -5.31 1.08
CA TRP A 42 7.41 -4.65 -0.25
C TRP A 42 8.78 -4.53 -0.92
N SER A 43 9.78 -4.12 -0.18
CA SER A 43 11.14 -4.01 -0.77
C SER A 43 11.66 -5.42 -1.07
N ASP A 44 11.29 -6.37 -0.25
CA ASP A 44 11.74 -7.77 -0.48
C ASP A 44 11.31 -8.21 -1.88
N VAL A 45 10.10 -7.92 -2.26
CA VAL A 45 9.63 -8.31 -3.62
C VAL A 45 10.23 -7.36 -4.66
N THR A 46 10.46 -6.12 -4.30
CA THR A 46 11.05 -5.15 -5.26
C THR A 46 11.86 -4.08 -4.51
N PRO A 47 13.13 -4.09 -4.74
CA PRO A 47 14.04 -3.11 -4.07
C PRO A 47 13.82 -1.71 -4.64
N LEU A 48 12.63 -1.19 -4.55
CA LEU A 48 12.35 0.17 -5.09
C LEU A 48 12.92 1.24 -4.17
N ASN A 49 13.01 2.46 -4.63
CA ASN A 49 13.56 3.56 -3.78
C ASN A 49 12.42 4.25 -3.02
N PHE A 50 12.54 4.37 -1.73
CA PHE A 50 11.46 5.05 -0.95
C PHE A 50 12.08 5.78 0.25
N THR A 51 11.79 7.05 0.38
CA THR A 51 12.35 7.83 1.53
C THR A 51 11.24 8.59 2.26
N ARG A 52 11.29 8.62 3.56
CA ARG A 52 10.24 9.34 4.33
C ARG A 52 10.80 10.65 4.89
N LEU A 53 10.74 11.70 4.13
CA LEU A 53 11.27 13.00 4.62
C LEU A 53 10.14 13.83 5.22
N HIS A 54 9.89 13.69 6.49
CA HIS A 54 8.79 14.47 7.13
C HIS A 54 8.92 15.95 6.75
N ASP A 55 10.12 16.36 6.41
CA ASP A 55 10.33 17.78 6.02
C ASP A 55 9.19 18.23 5.11
N GLY A 56 8.66 17.34 4.32
CA GLY A 56 7.55 17.71 3.40
C GLY A 56 7.82 17.15 2.00
N ILE A 57 8.47 16.02 1.91
CA ILE A 57 8.74 15.44 0.57
C ILE A 57 8.24 14.00 0.53
N ALA A 58 6.95 13.83 0.59
CA ALA A 58 6.37 12.46 0.59
C ALA A 58 5.33 12.32 -0.52
N ASP A 59 5.19 11.13 -1.05
CA ASP A 59 4.19 10.91 -2.13
C ASP A 59 3.08 9.98 -1.62
N ILE A 60 3.44 9.01 -0.84
CA ILE A 60 2.41 8.07 -0.28
C ILE A 60 2.52 8.03 1.24
N MET A 61 1.61 7.38 1.91
CA MET A 61 1.69 7.35 3.40
C MET A 61 0.66 6.39 3.99
N ILE A 62 1.03 5.66 5.01
CA ILE A 62 0.06 4.71 5.65
C ILE A 62 -0.65 5.41 6.83
N SER A 63 -1.93 5.56 6.74
CA SER A 63 -2.66 6.24 7.85
C SER A 63 -4.14 5.87 7.83
N PHE A 64 -4.82 6.03 8.94
CA PHE A 64 -6.26 5.69 8.99
C PHE A 64 -7.08 6.78 8.30
N GLY A 65 -7.89 6.42 7.35
CA GLY A 65 -8.71 7.42 6.62
C GLY A 65 -10.02 7.66 7.35
N ILE A 66 -10.22 8.86 7.81
CA ILE A 66 -11.49 9.20 8.51
C ILE A 66 -12.32 10.13 7.65
N LYS A 67 -13.35 9.60 7.01
CA LYS A 67 -14.24 10.39 6.10
C LYS A 67 -13.81 11.86 5.99
N GLU A 68 -12.83 12.13 5.16
CA GLU A 68 -12.37 13.54 5.00
C GLU A 68 -12.42 13.94 3.52
N HIS A 69 -12.72 13.01 2.66
CA HIS A 69 -12.79 13.33 1.21
C HIS A 69 -14.13 14.00 0.86
N GLY A 70 -15.14 13.23 0.59
CA GLY A 70 -16.46 13.82 0.24
C GLY A 70 -16.95 13.25 -1.09
N ASP A 71 -16.23 12.32 -1.65
CA ASP A 71 -16.64 11.72 -2.95
C ASP A 71 -17.02 10.25 -2.76
N PHE A 72 -16.07 9.43 -2.39
CA PHE A 72 -16.38 7.98 -2.19
C PHE A 72 -16.23 7.62 -0.71
N TYR A 73 -17.29 7.18 -0.08
CA TYR A 73 -17.21 6.80 1.36
C TYR A 73 -15.97 5.94 1.61
N PRO A 74 -14.98 6.56 2.20
CA PRO A 74 -13.71 5.84 2.51
C PRO A 74 -13.91 4.90 3.71
N PHE A 75 -14.29 5.43 4.83
CA PHE A 75 -14.50 4.57 6.03
C PHE A 75 -15.96 4.08 6.07
N ASP A 76 -16.23 3.04 6.80
CA ASP A 76 -17.64 2.55 6.87
C ASP A 76 -17.78 1.42 7.89
N GLY A 77 -16.81 0.56 8.00
CA GLY A 77 -16.91 -0.56 8.99
C GLY A 77 -16.56 -1.85 8.28
N PRO A 78 -17.34 -2.85 8.58
CA PRO A 78 -17.11 -4.18 7.97
C PRO A 78 -17.50 -4.14 6.49
N SER A 79 -18.04 -3.02 6.04
CA SER A 79 -18.44 -2.90 4.62
C SER A 79 -17.30 -3.34 3.70
N GLY A 80 -17.52 -3.27 2.43
CA GLY A 80 -16.46 -3.69 1.46
C GLY A 80 -15.46 -2.57 1.25
N LEU A 81 -14.62 -2.31 2.21
CA LEU A 81 -13.62 -1.22 2.02
C LEU A 81 -12.74 -1.09 3.26
N LEU A 82 -11.61 -1.73 3.29
CA LEU A 82 -10.73 -1.60 4.49
C LEU A 82 -9.47 -0.78 4.15
N ALA A 83 -9.17 -0.60 2.89
CA ALA A 83 -7.93 0.18 2.54
C ALA A 83 -8.05 0.85 1.17
N HIS A 84 -8.31 2.13 1.15
CA HIS A 84 -8.42 2.85 -0.15
C HIS A 84 -7.25 3.83 -0.31
N ALA A 85 -6.44 3.65 -1.31
CA ALA A 85 -5.28 4.57 -1.51
C ALA A 85 -5.49 5.46 -2.74
N PHE A 86 -4.93 6.64 -2.74
CA PHE A 86 -5.11 7.55 -3.91
C PHE A 86 -4.00 7.33 -4.94
N PRO A 87 -4.22 7.86 -6.11
CA PRO A 87 -3.22 7.74 -7.21
C PRO A 87 -2.04 8.65 -6.93
N PRO A 88 -0.86 8.18 -7.28
CA PRO A 88 0.37 8.97 -7.04
C PRO A 88 0.43 10.17 -8.00
N GLY A 89 -0.38 11.16 -7.76
CA GLY A 89 -0.37 12.36 -8.65
C GLY A 89 0.19 13.56 -7.88
N PRO A 90 -0.70 14.40 -7.43
CA PRO A 90 -0.30 15.61 -6.67
C PRO A 90 0.13 15.22 -5.25
N ASN A 91 0.13 16.15 -4.34
CA ASN A 91 0.53 15.83 -2.94
C ASN A 91 -0.51 14.91 -2.29
N TYR A 92 -1.60 14.69 -2.96
CA TYR A 92 -2.66 13.82 -2.40
C TYR A 92 -2.71 12.50 -3.18
N GLY A 93 -1.59 11.85 -3.33
CA GLY A 93 -1.57 10.57 -4.08
C GLY A 93 -0.90 9.49 -3.22
N GLY A 94 -0.94 8.27 -3.66
CA GLY A 94 -0.31 7.17 -2.87
C GLY A 94 -0.71 7.32 -1.40
N ASP A 95 -1.83 7.95 -1.14
CA ASP A 95 -2.28 8.12 0.26
C ASP A 95 -2.97 6.85 0.76
N ALA A 96 -2.24 5.96 1.38
CA ALA A 96 -2.86 4.70 1.88
C ALA A 96 -3.80 5.00 3.05
N HIS A 97 -5.08 5.10 2.80
CA HIS A 97 -6.05 5.39 3.89
C HIS A 97 -6.77 4.12 4.30
N PHE A 98 -6.96 3.92 5.58
CA PHE A 98 -7.67 2.69 6.05
C PHE A 98 -9.07 3.01 6.56
N ASP A 99 -10.05 2.26 6.14
CA ASP A 99 -11.45 2.48 6.61
C ASP A 99 -11.44 2.70 8.11
N ASP A 100 -11.28 3.89 8.57
CA ASP A 100 -11.22 4.12 10.04
C ASP A 100 -12.24 3.25 10.79
N ASP A 101 -13.39 3.02 10.21
CA ASP A 101 -14.41 2.18 10.91
C ASP A 101 -14.00 0.71 10.89
N GLU A 102 -12.86 0.39 10.32
CA GLU A 102 -12.41 -1.04 10.28
C GLU A 102 -11.41 -1.29 11.41
N THR A 103 -10.65 -2.35 11.34
CA THR A 103 -9.67 -2.63 12.43
C THR A 103 -8.28 -2.98 11.85
N TRP A 104 -7.25 -2.75 12.60
CA TRP A 104 -5.87 -3.06 12.09
C TRP A 104 -4.96 -3.46 13.27
N THR A 105 -3.82 -4.04 13.00
CA THR A 105 -2.89 -4.42 14.11
C THR A 105 -1.62 -5.04 13.56
N SER A 106 -0.69 -5.32 14.42
CA SER A 106 0.56 -5.95 13.97
C SER A 106 0.99 -7.03 14.96
N SER A 107 0.04 -7.59 15.66
CA SER A 107 0.36 -8.67 16.65
C SER A 107 0.28 -10.04 15.97
N SER A 108 -0.87 -10.64 15.96
CA SER A 108 -1.03 -11.97 15.32
C SER A 108 -2.50 -12.22 14.98
N LYS A 109 -3.28 -11.18 14.92
CA LYS A 109 -4.73 -11.35 14.60
C LYS A 109 -5.23 -10.16 13.78
N GLY A 110 -6.51 -10.11 13.52
CA GLY A 110 -7.06 -8.96 12.74
C GLY A 110 -6.15 -8.68 11.54
N TYR A 111 -6.37 -7.58 10.87
CA TYR A 111 -5.52 -7.24 9.69
C TYR A 111 -4.10 -6.87 10.15
N ASN A 112 -3.11 -7.57 9.68
CA ASN A 112 -1.73 -7.25 10.09
C ASN A 112 -1.16 -6.18 9.15
N LEU A 113 -0.84 -5.03 9.65
CA LEU A 113 -0.30 -3.96 8.77
C LEU A 113 0.67 -4.54 7.78
N PHE A 114 1.41 -5.51 8.16
CA PHE A 114 2.37 -6.10 7.20
C PHE A 114 1.57 -6.48 5.96
N LEU A 115 0.46 -7.09 6.17
CA LEU A 115 -0.43 -7.51 5.06
C LEU A 115 -1.29 -6.33 4.57
N VAL A 116 -2.27 -5.94 5.34
CA VAL A 116 -3.14 -4.82 4.90
C VAL A 116 -2.28 -3.67 4.36
N ALA A 117 -1.37 -3.18 5.16
CA ALA A 117 -0.50 -2.06 4.70
C ALA A 117 0.32 -2.47 3.46
N ALA A 118 0.97 -3.60 3.46
CA ALA A 118 1.74 -3.97 2.24
C ALA A 118 0.79 -3.97 1.04
N HIS A 119 -0.46 -4.16 1.33
CA HIS A 119 -1.50 -4.19 0.26
C HIS A 119 -1.94 -2.75 -0.08
N GLU A 120 -2.27 -1.96 0.91
CA GLU A 120 -2.67 -0.55 0.62
C GLU A 120 -1.50 0.18 -0.04
N PHE A 121 -0.32 -0.01 0.50
CA PHE A 121 0.88 0.64 -0.10
C PHE A 121 1.04 0.16 -1.54
N GLY A 122 1.25 -1.12 -1.73
CA GLY A 122 1.39 -1.66 -3.11
C GLY A 122 0.35 -1.00 -4.01
N HIS A 123 -0.77 -0.63 -3.45
CA HIS A 123 -1.84 0.01 -4.28
C HIS A 123 -1.54 1.50 -4.49
N SER A 124 -1.62 2.28 -3.44
CA SER A 124 -1.38 3.75 -3.56
C SER A 124 -0.11 4.07 -4.38
N LEU A 125 0.93 3.30 -4.24
CA LEU A 125 2.17 3.62 -5.01
C LEU A 125 2.30 2.72 -6.24
N GLY A 126 1.91 1.49 -6.15
CA GLY A 126 2.01 0.57 -7.32
C GLY A 126 0.92 0.91 -8.33
N LEU A 127 -0.24 0.33 -8.19
CA LEU A 127 -1.33 0.61 -9.16
C LEU A 127 -2.69 0.22 -8.58
N ASP A 128 -3.73 0.34 -9.36
CA ASP A 128 -5.09 -0.04 -8.86
C ASP A 128 -5.08 -1.47 -8.34
N HIS A 129 -4.75 -2.41 -9.19
CA HIS A 129 -4.73 -3.83 -8.73
C HIS A 129 -3.89 -4.69 -9.69
N SER A 130 -3.73 -5.94 -9.37
CA SER A 130 -2.94 -6.85 -10.23
C SER A 130 -2.92 -8.25 -9.59
N LYS A 131 -4.07 -8.74 -9.23
CA LYS A 131 -4.13 -10.09 -8.59
C LYS A 131 -5.08 -11.01 -9.35
N ASP A 132 -5.35 -10.70 -10.59
CA ASP A 132 -6.26 -11.57 -11.37
C ASP A 132 -5.92 -13.04 -11.13
N PRO A 133 -4.67 -13.39 -11.32
CA PRO A 133 -4.23 -14.76 -11.09
C PRO A 133 -3.86 -14.98 -9.62
N GLY A 134 -3.08 -14.10 -9.04
CA GLY A 134 -2.70 -14.28 -7.61
C GLY A 134 -1.76 -13.17 -7.12
N ALA A 135 -2.29 -12.13 -6.53
CA ALA A 135 -1.44 -11.02 -6.00
C ALA A 135 -2.03 -10.46 -4.70
N LEU A 136 -1.24 -9.75 -3.93
CA LEU A 136 -1.76 -9.17 -2.66
C LEU A 136 -2.59 -7.93 -2.99
N MET A 137 -3.61 -8.09 -3.80
CA MET A 137 -4.46 -6.94 -4.18
C MET A 137 -5.95 -7.30 -4.05
N PHE A 138 -6.30 -8.52 -4.35
CA PHE A 138 -7.73 -8.94 -4.23
C PHE A 138 -8.35 -8.41 -2.93
N PRO A 139 -9.64 -8.54 -2.83
CA PRO A 139 -10.35 -8.08 -1.61
C PRO A 139 -10.05 -9.03 -0.45
N ILE A 140 -9.39 -10.12 -0.72
CA ILE A 140 -9.03 -11.09 0.36
C ILE A 140 -7.60 -10.86 0.81
N TYR A 141 -7.30 -11.08 2.06
CA TYR A 141 -5.92 -10.86 2.54
C TYR A 141 -5.40 -12.08 3.32
N THR A 142 -6.32 -12.84 3.88
CA THR A 142 -6.00 -14.07 4.69
C THR A 142 -4.49 -14.32 4.84
N TYR A 143 -3.78 -14.65 3.78
CA TYR A 143 -2.32 -14.90 3.93
C TYR A 143 -1.59 -13.58 4.22
N THR A 144 -1.14 -13.40 5.43
CA THR A 144 -0.43 -12.14 5.76
C THR A 144 0.88 -12.04 4.99
N GLY A 145 1.86 -11.36 5.54
CA GLY A 145 3.16 -11.23 4.82
C GLY A 145 4.03 -12.46 5.13
N LYS A 146 3.56 -13.33 5.99
CA LYS A 146 4.36 -14.55 6.32
C LYS A 146 3.44 -15.73 6.62
N SER A 147 2.28 -15.77 6.01
CA SER A 147 1.34 -16.90 6.26
C SER A 147 1.83 -18.16 5.56
N HIS A 148 2.54 -18.02 4.47
CA HIS A 148 3.05 -19.22 3.75
C HIS A 148 4.14 -18.83 2.76
N PHE A 149 3.83 -18.01 1.79
CA PHE A 149 4.85 -17.59 0.80
C PHE A 149 4.28 -16.52 -0.14
N MET A 150 5.04 -16.15 -1.14
CA MET A 150 4.56 -15.12 -2.11
C MET A 150 3.40 -15.66 -2.94
N LEU A 151 2.38 -16.16 -2.31
CA LEU A 151 1.21 -16.65 -3.08
C LEU A 151 0.87 -15.59 -4.13
N PRO A 152 0.81 -14.36 -3.67
CA PRO A 152 0.53 -13.23 -4.58
C PRO A 152 1.73 -12.91 -5.47
N ASP A 153 2.28 -13.90 -6.11
CA ASP A 153 3.46 -13.63 -6.98
C ASP A 153 3.18 -12.47 -7.93
N ASP A 154 1.95 -12.30 -8.35
CA ASP A 154 1.66 -11.19 -9.29
C ASP A 154 2.16 -9.88 -8.68
N ASP A 155 1.75 -9.58 -7.48
CA ASP A 155 2.25 -8.32 -6.86
C ASP A 155 3.75 -8.46 -6.61
N VAL A 156 4.21 -9.64 -6.28
CA VAL A 156 5.67 -9.84 -6.03
C VAL A 156 6.47 -9.59 -7.31
N GLN A 157 6.62 -10.59 -8.13
CA GLN A 157 7.39 -10.40 -9.38
C GLN A 157 6.80 -9.24 -10.18
N GLY A 158 5.50 -9.19 -10.26
CA GLY A 158 4.82 -8.09 -11.01
C GLY A 158 5.54 -6.76 -10.78
N ILE A 159 5.43 -6.20 -9.60
CA ILE A 159 6.12 -4.89 -9.39
C ILE A 159 7.62 -5.08 -9.30
N GLN A 160 8.07 -6.26 -9.01
CA GLN A 160 9.53 -6.48 -8.94
C GLN A 160 10.12 -6.28 -10.33
N SER A 161 9.29 -6.38 -11.34
CA SER A 161 9.78 -6.20 -12.73
C SER A 161 9.39 -4.83 -13.29
N LEU A 162 8.19 -4.40 -13.02
CA LEU A 162 7.74 -3.07 -13.56
C LEU A 162 8.18 -1.93 -12.66
N TYR A 163 7.98 -2.06 -11.38
CA TYR A 163 8.39 -0.97 -10.45
C TYR A 163 9.91 -0.87 -10.38
N GLY A 164 10.60 -1.91 -10.74
CA GLY A 164 12.09 -1.88 -10.69
C GLY A 164 12.58 -0.67 -11.49
N PRO A 165 13.05 -0.93 -12.68
CA PRO A 165 13.56 0.15 -13.56
C PRO A 165 12.39 0.97 -14.12
N GLY A 166 12.18 2.16 -13.62
CA GLY A 166 11.07 3.00 -14.13
C GLY A 166 11.52 3.73 -15.39
N ASP A 167 10.60 4.12 -16.24
CA ASP A 167 10.99 4.84 -17.48
C ASP A 167 10.95 6.35 -17.26
N GLU A 168 9.79 6.88 -16.94
CA GLU A 168 9.69 8.35 -16.72
C GLU A 168 10.33 9.11 -17.90
N ASP A 169 10.19 8.58 -19.09
CA ASP A 169 10.79 9.26 -20.27
C ASP A 169 9.91 9.05 -21.50
N PRO A 170 9.66 10.12 -22.21
CA PRO A 170 8.83 10.07 -23.42
C PRO A 170 9.59 9.38 -24.57
N ASN A 171 9.56 8.08 -24.64
CA ASN A 171 10.27 7.37 -25.72
C ASN A 171 9.56 7.56 -27.06
N TYR A 1 -5.73 3.23 -28.25
CA TYR A 1 -6.81 2.45 -27.58
C TYR A 1 -6.84 2.74 -26.08
N ASN A 2 -7.86 2.31 -25.39
CA ASN A 2 -7.93 2.57 -23.92
C ASN A 2 -9.02 1.69 -23.29
N VAL A 3 -8.74 0.43 -23.12
CA VAL A 3 -9.76 -0.48 -22.51
C VAL A 3 -9.18 -1.23 -21.32
N PHE A 4 -7.88 -1.40 -21.28
CA PHE A 4 -7.25 -2.12 -20.13
C PHE A 4 -6.24 -1.24 -19.41
N PRO A 5 -6.76 -0.19 -18.82
CA PRO A 5 -5.89 0.76 -18.07
C PRO A 5 -5.40 0.11 -16.76
N ARG A 6 -5.11 0.90 -15.76
CA ARG A 6 -4.63 0.33 -14.46
C ARG A 6 -3.21 -0.24 -14.62
N THR A 7 -2.23 0.62 -14.54
CA THR A 7 -0.82 0.16 -14.67
C THR A 7 0.08 1.05 -13.80
N LEU A 8 0.18 2.31 -14.15
CA LEU A 8 1.01 3.25 -13.35
C LEU A 8 2.27 2.58 -12.80
N LYS A 9 3.07 1.99 -13.64
CA LYS A 9 4.31 1.34 -13.15
C LYS A 9 5.45 1.59 -14.15
N TRP A 10 6.01 2.77 -14.13
CA TRP A 10 7.11 3.08 -15.09
C TRP A 10 8.10 4.09 -14.50
N SER A 11 7.68 5.31 -14.33
CA SER A 11 8.61 6.33 -13.79
C SER A 11 8.36 6.58 -12.30
N LYS A 12 8.82 5.69 -11.46
CA LYS A 12 8.61 5.88 -9.99
C LYS A 12 9.43 4.85 -9.21
N MET A 13 10.70 4.72 -9.52
CA MET A 13 11.54 3.74 -8.79
C MET A 13 11.88 4.27 -7.40
N ASN A 14 11.95 5.56 -7.24
CA ASN A 14 12.28 6.16 -5.91
C ASN A 14 11.25 7.22 -5.55
N LEU A 15 10.59 7.09 -4.43
CA LEU A 15 9.59 8.09 -4.02
C LEU A 15 9.65 8.35 -2.51
N THR A 16 8.81 9.19 -2.01
CA THR A 16 8.81 9.47 -0.54
C THR A 16 7.43 9.17 0.05
N TYR A 17 7.39 8.79 1.29
CA TYR A 17 6.07 8.48 1.91
C TYR A 17 6.05 8.90 3.39
N ARG A 18 5.10 8.41 4.14
CA ARG A 18 5.03 8.78 5.59
C ARG A 18 4.48 7.63 6.42
N ILE A 19 4.83 7.59 7.68
CA ILE A 19 4.33 6.49 8.57
C ILE A 19 3.40 7.07 9.63
N VAL A 20 2.13 6.77 9.55
CA VAL A 20 1.18 7.28 10.58
C VAL A 20 -0.10 6.44 10.57
N ASN A 21 0.04 5.14 10.45
CA ASN A 21 -1.18 4.27 10.44
C ASN A 21 -2.15 4.78 11.52
N TYR A 22 -1.90 4.44 12.75
CA TYR A 22 -2.79 4.92 13.84
C TYR A 22 -2.27 4.39 15.19
N THR A 23 -2.98 4.65 16.26
CA THR A 23 -2.52 4.14 17.59
C THR A 23 -3.67 3.47 18.34
N PRO A 24 -4.34 2.58 17.67
CA PRO A 24 -5.47 1.86 18.29
C PRO A 24 -4.95 0.75 19.22
N ASP A 25 -4.66 -0.41 18.69
CA ASP A 25 -4.14 -1.51 19.55
C ASP A 25 -2.63 -1.61 19.39
N MET A 26 -2.05 -0.76 18.58
CA MET A 26 -0.57 -0.80 18.38
C MET A 26 0.02 0.56 18.70
N THR A 27 1.10 0.59 19.44
CA THR A 27 1.73 1.89 19.80
C THR A 27 2.71 2.32 18.70
N HIS A 28 3.32 3.46 18.86
CA HIS A 28 4.29 3.94 17.83
C HIS A 28 5.23 2.80 17.43
N SER A 29 5.56 1.94 18.34
CA SER A 29 6.47 0.80 18.01
C SER A 29 5.80 -0.10 16.96
N GLU A 30 4.65 -0.63 17.27
CA GLU A 30 3.95 -1.50 16.28
C GLU A 30 3.79 -0.77 14.97
N VAL A 31 3.15 0.37 15.01
CA VAL A 31 3.00 1.14 13.76
C VAL A 31 4.35 1.19 13.05
N GLU A 32 5.41 1.27 13.81
CA GLU A 32 6.76 1.28 13.20
C GLU A 32 6.94 -0.02 12.42
N LYS A 33 6.47 -1.12 12.95
CA LYS A 33 6.59 -2.41 12.22
C LYS A 33 5.60 -2.40 11.06
N ALA A 34 4.39 -2.08 11.33
CA ALA A 34 3.38 -2.04 10.24
C ALA A 34 3.93 -1.33 9.01
N PHE A 35 4.29 -0.09 9.15
CA PHE A 35 4.82 0.67 7.98
C PHE A 35 6.18 0.14 7.53
N LYS A 36 7.11 0.01 8.45
CA LYS A 36 8.46 -0.50 8.06
C LYS A 36 8.37 -1.95 7.63
N LYS A 37 8.14 -2.83 8.55
CA LYS A 37 8.01 -4.27 8.22
C LYS A 37 7.21 -4.44 6.92
N ALA A 38 5.99 -3.96 6.87
CA ALA A 38 5.23 -4.09 5.59
C ALA A 38 6.12 -3.65 4.44
N PHE A 39 6.91 -2.62 4.65
CA PHE A 39 7.83 -2.16 3.58
C PHE A 39 8.95 -3.18 3.42
N LYS A 40 9.38 -3.79 4.49
CA LYS A 40 10.46 -4.81 4.38
C LYS A 40 10.00 -5.88 3.39
N VAL A 41 8.78 -6.32 3.53
CA VAL A 41 8.25 -7.34 2.59
C VAL A 41 8.18 -6.74 1.18
N TRP A 42 7.70 -5.53 1.08
CA TRP A 42 7.63 -4.87 -0.26
C TRP A 42 9.01 -4.87 -0.88
N SER A 43 10.03 -4.70 -0.07
CA SER A 43 11.41 -4.73 -0.61
C SER A 43 11.79 -6.16 -0.93
N ASP A 44 11.37 -7.09 -0.11
CA ASP A 44 11.67 -8.51 -0.37
C ASP A 44 11.23 -8.88 -1.78
N VAL A 45 10.12 -8.32 -2.21
CA VAL A 45 9.64 -8.62 -3.58
C VAL A 45 10.30 -7.68 -4.60
N THR A 46 10.54 -6.46 -4.22
CA THR A 46 11.19 -5.49 -5.17
C THR A 46 11.93 -4.41 -4.38
N PRO A 47 13.19 -4.25 -4.71
CA PRO A 47 14.02 -3.22 -4.03
C PRO A 47 13.59 -1.81 -4.43
N LEU A 48 12.36 -1.46 -4.16
CA LEU A 48 11.88 -0.09 -4.52
C LEU A 48 12.49 0.94 -3.57
N ASN A 49 12.76 2.12 -4.06
CA ASN A 49 13.37 3.17 -3.18
C ASN A 49 12.27 4.03 -2.55
N PHE A 50 12.37 4.27 -1.27
CA PHE A 50 11.33 5.11 -0.59
C PHE A 50 11.95 5.88 0.58
N THR A 51 11.46 7.05 0.86
CA THR A 51 12.02 7.85 1.99
C THR A 51 10.95 8.78 2.57
N ARG A 52 10.82 8.82 3.86
CA ARG A 52 9.79 9.72 4.47
C ARG A 52 10.40 11.08 4.80
N LEU A 53 9.89 12.12 4.21
CA LEU A 53 10.45 13.49 4.48
C LEU A 53 9.39 14.37 5.13
N HIS A 54 9.54 14.67 6.38
CA HIS A 54 8.53 15.54 7.07
C HIS A 54 8.67 16.98 6.58
N ASP A 55 9.65 17.23 5.76
CA ASP A 55 9.84 18.61 5.24
C ASP A 55 8.67 18.98 4.32
N GLY A 56 8.10 18.00 3.66
CA GLY A 56 6.96 18.29 2.74
C GLY A 56 7.20 17.63 1.39
N ILE A 57 7.91 16.52 1.37
CA ILE A 57 8.17 15.84 0.07
C ILE A 57 7.74 14.38 0.17
N ALA A 58 6.46 14.17 0.30
CA ALA A 58 5.96 12.79 0.43
C ALA A 58 4.95 12.48 -0.68
N ASP A 59 4.83 11.24 -1.06
CA ASP A 59 3.86 10.88 -2.14
C ASP A 59 2.85 9.87 -1.60
N ILE A 60 3.30 8.93 -0.80
CA ILE A 60 2.36 7.91 -0.24
C ILE A 60 2.53 7.83 1.29
N MET A 61 1.66 7.10 1.95
CA MET A 61 1.82 7.01 3.44
C MET A 61 0.77 6.08 4.05
N ILE A 62 1.07 5.50 5.17
CA ILE A 62 0.10 4.58 5.84
C ILE A 62 -0.63 5.34 6.95
N SER A 63 -1.93 5.46 6.86
CA SER A 63 -2.65 6.21 7.93
C SER A 63 -4.15 5.90 7.89
N PHE A 64 -4.77 5.85 9.04
CA PHE A 64 -6.24 5.55 9.09
C PHE A 64 -7.02 6.71 8.46
N GLY A 65 -7.81 6.42 7.46
CA GLY A 65 -8.60 7.49 6.79
C GLY A 65 -9.85 7.81 7.60
N ILE A 66 -10.06 9.06 7.89
CA ILE A 66 -11.27 9.46 8.67
C ILE A 66 -12.16 10.35 7.81
N LYS A 67 -13.22 9.79 7.29
CA LYS A 67 -14.18 10.55 6.41
C LYS A 67 -13.73 12.00 6.19
N GLU A 68 -12.84 12.21 5.26
CA GLU A 68 -12.36 13.60 4.99
C GLU A 68 -12.51 13.93 3.51
N HIS A 69 -12.93 12.98 2.72
CA HIS A 69 -13.10 13.24 1.26
C HIS A 69 -14.51 13.78 0.99
N GLY A 70 -15.12 13.37 -0.08
CA GLY A 70 -16.49 13.85 -0.40
C GLY A 70 -17.07 13.03 -1.55
N ASP A 71 -16.26 12.66 -2.49
CA ASP A 71 -16.76 11.85 -3.64
C ASP A 71 -17.33 10.52 -3.14
N PHE A 72 -16.52 9.71 -2.52
CA PHE A 72 -17.01 8.40 -2.01
C PHE A 72 -16.59 8.20 -0.56
N TYR A 73 -17.53 8.14 0.35
CA TYR A 73 -17.18 7.94 1.78
C TYR A 73 -16.31 6.70 1.95
N PRO A 74 -15.09 6.91 2.36
CA PRO A 74 -14.14 5.79 2.56
C PRO A 74 -14.50 5.00 3.82
N PHE A 75 -14.14 5.49 4.97
CA PHE A 75 -14.45 4.76 6.23
C PHE A 75 -15.91 4.28 6.23
N ASP A 76 -16.17 3.12 6.76
CA ASP A 76 -17.57 2.62 6.81
C ASP A 76 -17.63 1.24 7.46
N GLY A 77 -17.58 1.21 8.76
CA GLY A 77 -17.65 -0.10 9.47
C GLY A 77 -16.70 -1.10 8.81
N PRO A 78 -16.85 -2.33 9.18
CA PRO A 78 -16.00 -3.41 8.61
C PRO A 78 -16.45 -3.74 7.19
N SER A 79 -17.40 -3.01 6.66
CA SER A 79 -17.89 -3.29 5.28
C SER A 79 -16.72 -3.54 4.33
N GLY A 80 -17.02 -3.92 3.12
CA GLY A 80 -15.95 -4.19 2.13
C GLY A 80 -15.12 -2.95 1.86
N LEU A 81 -14.24 -2.60 2.75
CA LEU A 81 -13.40 -1.40 2.51
C LEU A 81 -12.46 -1.17 3.68
N LEU A 82 -11.29 -1.75 3.65
CA LEU A 82 -10.35 -1.55 4.79
C LEU A 82 -9.16 -0.65 4.40
N ALA A 83 -8.85 -0.54 3.12
CA ALA A 83 -7.68 0.31 2.75
C ALA A 83 -7.86 0.95 1.36
N HIS A 84 -8.25 2.19 1.32
CA HIS A 84 -8.41 2.89 0.01
C HIS A 84 -7.19 3.78 -0.25
N ALA A 85 -6.52 3.60 -1.35
CA ALA A 85 -5.32 4.44 -1.64
C ALA A 85 -5.61 5.42 -2.77
N PHE A 86 -5.17 6.65 -2.63
CA PHE A 86 -5.42 7.66 -3.71
C PHE A 86 -4.40 7.49 -4.84
N PRO A 87 -4.63 8.24 -5.89
CA PRO A 87 -3.71 8.18 -7.06
C PRO A 87 -2.40 8.89 -6.73
N PRO A 88 -1.31 8.25 -7.05
CA PRO A 88 0.02 8.83 -6.77
C PRO A 88 0.29 10.04 -7.67
N GLY A 89 -0.24 11.19 -7.32
CA GLY A 89 -0.02 12.40 -8.15
C GLY A 89 0.60 13.49 -7.28
N PRO A 90 -0.19 14.48 -6.96
CA PRO A 90 0.30 15.60 -6.12
C PRO A 90 0.45 15.15 -4.66
N ASN A 91 0.48 16.08 -3.74
CA ASN A 91 0.62 15.70 -2.31
C ASN A 91 -0.57 14.85 -1.85
N TYR A 92 -1.58 14.79 -2.65
CA TYR A 92 -2.78 13.99 -2.27
C TYR A 92 -2.83 12.70 -3.09
N GLY A 93 -1.79 11.92 -3.02
CA GLY A 93 -1.76 10.64 -3.78
C GLY A 93 -1.13 9.55 -2.92
N GLY A 94 -1.13 8.33 -3.38
CA GLY A 94 -0.53 7.22 -2.59
C GLY A 94 -0.93 7.36 -1.12
N ASP A 95 -2.04 7.98 -0.85
CA ASP A 95 -2.48 8.15 0.57
C ASP A 95 -3.12 6.85 1.06
N ALA A 96 -2.34 5.93 1.54
CA ALA A 96 -2.93 4.65 2.04
C ALA A 96 -3.85 4.92 3.23
N HIS A 97 -5.12 5.12 2.96
CA HIS A 97 -6.08 5.39 4.06
C HIS A 97 -6.84 4.13 4.46
N PHE A 98 -6.95 3.86 5.73
CA PHE A 98 -7.68 2.64 6.18
C PHE A 98 -9.08 3.04 6.68
N ASP A 99 -10.10 2.37 6.23
CA ASP A 99 -11.47 2.70 6.72
C ASP A 99 -11.42 2.84 8.24
N ASP A 100 -11.19 4.02 8.74
CA ASP A 100 -11.09 4.18 10.22
C ASP A 100 -12.09 3.29 10.96
N ASP A 101 -13.20 2.96 10.35
CA ASP A 101 -14.18 2.09 11.05
C ASP A 101 -13.73 0.62 11.03
N GLU A 102 -12.56 0.34 10.50
CA GLU A 102 -12.07 -1.07 10.46
C GLU A 102 -11.07 -1.32 11.59
N THR A 103 -10.37 -2.43 11.54
CA THR A 103 -9.38 -2.72 12.62
C THR A 103 -8.00 -2.98 12.01
N TRP A 104 -6.95 -2.66 12.73
CA TRP A 104 -5.58 -2.89 12.19
C TRP A 104 -4.62 -3.25 13.34
N THR A 105 -3.70 -4.12 13.11
CA THR A 105 -2.76 -4.49 14.21
C THR A 105 -1.47 -5.07 13.66
N SER A 106 -0.52 -5.32 14.53
CA SER A 106 0.76 -5.91 14.08
C SER A 106 1.11 -7.10 14.98
N SER A 107 0.13 -7.90 15.31
CA SER A 107 0.38 -9.08 16.19
C SER A 107 0.24 -10.37 15.38
N SER A 108 -0.89 -11.04 15.48
CA SER A 108 -1.07 -12.30 14.72
C SER A 108 -2.55 -12.50 14.38
N LYS A 109 -3.35 -11.47 14.53
CA LYS A 109 -4.80 -11.60 14.20
C LYS A 109 -5.31 -10.29 13.59
N GLY A 110 -6.36 -10.34 12.82
CA GLY A 110 -6.89 -9.11 12.20
C GLY A 110 -6.00 -8.72 11.02
N TYR A 111 -6.27 -7.60 10.41
CA TYR A 111 -5.43 -7.17 9.25
C TYR A 111 -4.04 -6.75 9.75
N ASN A 112 -3.04 -7.55 9.52
CA ASN A 112 -1.68 -7.17 9.96
C ASN A 112 -1.15 -6.09 9.03
N LEU A 113 -0.86 -4.93 9.54
CA LEU A 113 -0.35 -3.84 8.67
C LEU A 113 0.61 -4.39 7.64
N PHE A 114 1.39 -5.35 8.01
CA PHE A 114 2.33 -5.93 7.04
C PHE A 114 1.53 -6.31 5.80
N LEU A 115 0.46 -7.01 6.01
CA LEU A 115 -0.42 -7.42 4.89
C LEU A 115 -1.22 -6.23 4.37
N VAL A 116 -2.16 -5.75 5.14
CA VAL A 116 -2.96 -4.58 4.66
C VAL A 116 -2.02 -3.47 4.17
N ALA A 117 -1.33 -2.82 5.05
CA ALA A 117 -0.39 -1.74 4.63
C ALA A 117 0.38 -2.13 3.37
N ALA A 118 1.04 -3.27 3.36
CA ALA A 118 1.80 -3.65 2.12
C ALA A 118 0.83 -3.72 0.94
N HIS A 119 -0.35 -4.20 1.20
CA HIS A 119 -1.38 -4.29 0.12
C HIS A 119 -1.75 -2.88 -0.35
N GLU A 120 -2.14 -2.03 0.57
CA GLU A 120 -2.50 -0.64 0.20
C GLU A 120 -1.31 0.02 -0.51
N PHE A 121 -0.13 -0.11 0.03
CA PHE A 121 1.07 0.49 -0.63
C PHE A 121 1.12 0.03 -2.09
N GLY A 122 1.27 -1.25 -2.31
CA GLY A 122 1.32 -1.77 -3.70
C GLY A 122 0.22 -1.09 -4.52
N HIS A 123 -0.89 -0.80 -3.91
CA HIS A 123 -2.00 -0.13 -4.65
C HIS A 123 -1.70 1.36 -4.87
N SER A 124 -1.92 2.14 -3.84
CA SER A 124 -1.67 3.62 -3.94
C SER A 124 -0.47 3.94 -4.83
N LEU A 125 0.66 3.37 -4.56
CA LEU A 125 1.87 3.67 -5.39
C LEU A 125 1.85 2.87 -6.69
N GLY A 126 1.54 1.60 -6.61
CA GLY A 126 1.51 0.75 -7.83
C GLY A 126 0.41 1.27 -8.78
N LEU A 127 -0.80 0.87 -8.56
CA LEU A 127 -1.91 1.33 -9.46
C LEU A 127 -3.25 0.79 -8.96
N ASP A 128 -4.30 0.94 -9.74
CA ASP A 128 -5.64 0.45 -9.30
C ASP A 128 -5.50 -0.93 -8.65
N HIS A 129 -5.04 -1.90 -9.38
CA HIS A 129 -4.89 -3.28 -8.82
C HIS A 129 -3.89 -4.08 -9.65
N SER A 130 -3.71 -5.33 -9.33
CA SER A 130 -2.77 -6.17 -10.11
C SER A 130 -2.72 -7.58 -9.51
N LYS A 131 -3.83 -8.27 -9.50
CA LYS A 131 -3.82 -9.63 -8.90
C LYS A 131 -4.86 -10.54 -9.58
N ASP A 132 -5.21 -10.25 -10.79
CA ASP A 132 -6.22 -11.09 -11.51
C ASP A 132 -6.05 -12.57 -11.13
N PRO A 133 -4.86 -13.06 -11.26
CA PRO A 133 -4.58 -14.47 -10.93
C PRO A 133 -4.30 -14.65 -9.43
N GLY A 134 -3.41 -13.87 -8.87
CA GLY A 134 -3.11 -14.02 -7.41
C GLY A 134 -2.00 -13.05 -6.96
N ALA A 135 -2.37 -11.98 -6.32
CA ALA A 135 -1.36 -11.00 -5.82
C ALA A 135 -1.80 -10.42 -4.46
N LEU A 136 -1.07 -9.46 -3.96
CA LEU A 136 -1.41 -8.84 -2.65
C LEU A 136 -2.36 -7.66 -2.90
N MET A 137 -3.12 -7.72 -3.97
CA MET A 137 -4.06 -6.62 -4.29
C MET A 137 -5.51 -7.13 -4.32
N PHE A 138 -5.69 -8.42 -4.19
CA PHE A 138 -7.08 -8.99 -4.24
C PHE A 138 -7.95 -8.43 -3.10
N PRO A 139 -9.23 -8.72 -3.18
CA PRO A 139 -10.17 -8.24 -2.14
C PRO A 139 -10.04 -9.09 -0.86
N ILE A 140 -9.08 -9.97 -0.82
CA ILE A 140 -8.89 -10.81 0.39
C ILE A 140 -7.44 -10.70 0.87
N TYR A 141 -7.15 -11.12 2.07
CA TYR A 141 -5.75 -11.00 2.58
C TYR A 141 -5.33 -12.25 3.37
N THR A 142 -6.28 -12.90 3.98
CA THR A 142 -6.04 -14.13 4.81
C THR A 142 -4.55 -14.52 4.94
N TYR A 143 -3.90 -14.93 3.88
CA TYR A 143 -2.47 -15.32 4.02
C TYR A 143 -1.65 -14.12 4.52
N THR A 144 -1.33 -14.11 5.79
CA THR A 144 -0.54 -12.98 6.34
C THR A 144 0.70 -12.73 5.49
N GLY A 145 1.51 -11.78 5.87
CA GLY A 145 2.74 -11.49 5.07
C GLY A 145 3.59 -12.77 4.97
N LYS A 146 3.46 -13.65 5.91
CA LYS A 146 4.26 -14.91 5.86
C LYS A 146 3.38 -16.10 6.22
N SER A 147 2.10 -16.02 5.94
CA SER A 147 1.19 -17.15 6.27
C SER A 147 1.60 -18.39 5.47
N HIS A 148 2.47 -18.24 4.52
CA HIS A 148 2.92 -19.42 3.71
C HIS A 148 4.05 -19.01 2.75
N PHE A 149 3.77 -18.09 1.86
CA PHE A 149 4.82 -17.65 0.90
C PHE A 149 4.26 -16.59 -0.05
N MET A 150 5.02 -16.21 -1.03
CA MET A 150 4.56 -15.18 -2.01
C MET A 150 3.39 -15.70 -2.84
N LEU A 151 2.36 -16.19 -2.20
CA LEU A 151 1.19 -16.67 -2.97
C LEU A 151 0.83 -15.58 -3.99
N PRO A 152 0.80 -14.36 -3.51
CA PRO A 152 0.50 -13.21 -4.40
C PRO A 152 1.70 -12.88 -5.29
N ASP A 153 2.21 -13.85 -5.99
CA ASP A 153 3.38 -13.59 -6.87
C ASP A 153 3.07 -12.47 -7.85
N ASP A 154 1.83 -12.34 -8.26
CA ASP A 154 1.51 -11.26 -9.23
C ASP A 154 2.05 -9.95 -8.70
N ASP A 155 1.83 -9.70 -7.45
CA ASP A 155 2.35 -8.46 -6.83
C ASP A 155 3.86 -8.62 -6.64
N VAL A 156 4.29 -9.79 -6.24
CA VAL A 156 5.75 -10.02 -6.03
C VAL A 156 6.54 -9.69 -7.30
N GLN A 157 6.51 -10.56 -8.27
CA GLN A 157 7.27 -10.31 -9.52
C GLN A 157 6.63 -9.19 -10.32
N GLY A 158 5.33 -9.11 -10.29
CA GLY A 158 4.64 -8.04 -11.06
C GLY A 158 5.37 -6.71 -10.86
N ILE A 159 5.49 -6.27 -9.64
CA ILE A 159 6.21 -4.98 -9.42
C ILE A 159 7.72 -5.18 -9.39
N GLN A 160 8.20 -6.35 -9.09
CA GLN A 160 9.66 -6.53 -9.08
C GLN A 160 10.18 -6.27 -10.50
N SER A 161 9.31 -6.37 -11.46
CA SER A 161 9.72 -6.14 -12.87
C SER A 161 9.28 -4.75 -13.36
N LEU A 162 8.12 -4.30 -12.95
CA LEU A 162 7.64 -2.97 -13.41
C LEU A 162 8.14 -1.84 -12.50
N TYR A 163 8.03 -2.02 -11.22
CA TYR A 163 8.48 -0.95 -10.28
C TYR A 163 9.99 -1.05 -10.06
N GLY A 164 10.63 -2.05 -10.63
CA GLY A 164 12.10 -2.20 -10.47
C GLY A 164 12.79 -0.95 -11.02
N PRO A 165 13.51 -1.14 -12.09
CA PRO A 165 14.23 0.00 -12.72
C PRO A 165 13.25 0.92 -13.45
N GLY A 166 12.67 1.85 -12.75
CA GLY A 166 11.68 2.78 -13.40
C GLY A 166 12.34 3.45 -14.61
N ASP A 167 11.56 4.13 -15.41
CA ASP A 167 12.14 4.81 -16.60
C ASP A 167 12.15 6.33 -16.39
N GLU A 168 11.00 6.92 -16.23
CA GLU A 168 10.94 8.40 -16.02
C GLU A 168 11.67 9.12 -17.15
N ASP A 169 11.67 8.55 -18.32
CA ASP A 169 12.37 9.21 -19.47
C ASP A 169 12.09 8.46 -20.78
N PRO A 170 11.20 9.00 -21.56
CA PRO A 170 10.84 8.38 -22.85
C PRO A 170 11.96 8.59 -23.87
N ASN A 171 12.96 9.36 -23.52
CA ASN A 171 14.09 9.59 -24.48
C ASN A 171 13.56 9.80 -25.90
N TYR A 1 -6.02 2.01 -28.82
CA TYR A 1 -5.86 0.67 -28.20
C TYR A 1 -5.67 0.81 -26.69
N ASN A 2 -6.72 1.04 -25.96
CA ASN A 2 -6.59 1.18 -24.48
C ASN A 2 -6.83 -0.16 -23.79
N VAL A 3 -5.80 -0.75 -23.25
CA VAL A 3 -5.97 -2.07 -22.57
C VAL A 3 -6.54 -1.85 -21.16
N PHE A 4 -5.82 -2.25 -20.14
CA PHE A 4 -6.34 -2.06 -18.76
C PHE A 4 -5.55 -0.96 -18.04
N PRO A 5 -6.26 0.04 -17.60
CA PRO A 5 -5.63 1.17 -16.88
C PRO A 5 -5.22 0.75 -15.46
N ARG A 6 -4.43 -0.27 -15.34
CA ARG A 6 -4.00 -0.72 -13.98
C ARG A 6 -2.53 -1.16 -14.00
N THR A 7 -1.63 -0.22 -13.83
CA THR A 7 -0.18 -0.57 -13.84
C THR A 7 0.60 0.56 -13.18
N LEU A 8 0.38 1.78 -13.62
CA LEU A 8 1.08 2.96 -13.03
C LEU A 8 2.48 2.59 -12.54
N LYS A 9 3.15 1.72 -13.23
CA LYS A 9 4.53 1.33 -12.80
C LYS A 9 5.53 1.55 -13.94
N TRP A 10 5.73 2.78 -14.33
CA TRP A 10 6.69 3.05 -15.43
C TRP A 10 7.76 4.04 -14.95
N SER A 11 7.38 5.26 -14.71
CA SER A 11 8.37 6.27 -14.23
C SER A 11 8.28 6.43 -12.72
N LYS A 12 8.39 5.35 -11.98
CA LYS A 12 8.30 5.46 -10.50
C LYS A 12 9.23 4.43 -9.85
N MET A 13 10.47 4.80 -9.64
CA MET A 13 11.44 3.86 -9.00
C MET A 13 12.00 4.48 -7.72
N ASN A 14 11.65 5.71 -7.44
CA ASN A 14 12.16 6.37 -6.21
C ASN A 14 11.19 7.46 -5.75
N LEU A 15 10.62 7.32 -4.59
CA LEU A 15 9.66 8.36 -4.10
C LEU A 15 9.74 8.47 -2.58
N THR A 16 8.80 9.14 -1.97
CA THR A 16 8.82 9.28 -0.48
C THR A 16 7.44 8.99 0.11
N TYR A 17 7.39 8.61 1.35
CA TYR A 17 6.07 8.32 1.98
C TYR A 17 6.09 8.66 3.47
N ARG A 18 4.96 8.52 4.13
CA ARG A 18 4.89 8.85 5.58
C ARG A 18 4.36 7.64 6.36
N ILE A 19 4.75 7.50 7.60
CA ILE A 19 4.27 6.35 8.41
C ILE A 19 3.36 6.80 9.56
N VAL A 20 2.07 6.74 9.38
CA VAL A 20 1.15 7.16 10.47
C VAL A 20 -0.14 6.32 10.44
N ASN A 21 -0.02 5.03 10.27
CA ASN A 21 -1.25 4.20 10.24
C ASN A 21 -2.19 4.63 11.35
N TYR A 22 -1.88 4.27 12.56
CA TYR A 22 -2.73 4.67 13.72
C TYR A 22 -2.14 4.12 15.02
N THR A 23 -2.89 4.14 16.09
CA THR A 23 -2.35 3.61 17.39
C THR A 23 -3.48 3.03 18.24
N PRO A 24 -4.28 2.21 17.62
CA PRO A 24 -5.41 1.56 18.33
C PRO A 24 -4.89 0.45 19.25
N ASP A 25 -4.74 -0.74 18.73
CA ASP A 25 -4.22 -1.86 19.57
C ASP A 25 -2.69 -1.94 19.45
N MET A 26 -2.12 -1.07 18.66
CA MET A 26 -0.63 -1.08 18.49
C MET A 26 -0.05 0.26 18.93
N THR A 27 1.21 0.30 19.25
CA THR A 27 1.83 1.58 19.70
C THR A 27 2.83 2.07 18.66
N HIS A 28 3.42 3.23 18.89
CA HIS A 28 4.42 3.75 17.91
C HIS A 28 5.35 2.61 17.45
N SER A 29 5.74 1.76 18.36
CA SER A 29 6.62 0.64 17.98
C SER A 29 5.92 -0.26 16.96
N GLU A 30 4.68 -0.57 17.20
CA GLU A 30 3.92 -1.42 16.25
C GLU A 30 3.83 -0.72 14.91
N VAL A 31 3.22 0.43 14.87
CA VAL A 31 3.14 1.18 13.61
C VAL A 31 4.52 1.15 12.96
N GLU A 32 5.55 1.23 13.75
CA GLU A 32 6.93 1.18 13.21
C GLU A 32 7.09 -0.12 12.46
N LYS A 33 6.55 -1.20 12.98
CA LYS A 33 6.64 -2.50 12.28
C LYS A 33 5.69 -2.46 11.08
N ALA A 34 4.47 -2.18 11.31
CA ALA A 34 3.49 -2.12 10.19
C ALA A 34 4.10 -1.34 9.02
N PHE A 35 4.38 -0.09 9.22
CA PHE A 35 4.96 0.72 8.11
C PHE A 35 6.32 0.16 7.67
N LYS A 36 7.25 0.03 8.58
CA LYS A 36 8.59 -0.50 8.17
C LYS A 36 8.47 -1.95 7.70
N LYS A 37 8.27 -2.84 8.60
CA LYS A 37 8.11 -4.27 8.23
C LYS A 37 7.31 -4.41 6.93
N ALA A 38 6.07 -4.00 6.91
CA ALA A 38 5.30 -4.11 5.63
C ALA A 38 6.18 -3.59 4.49
N PHE A 39 6.95 -2.56 4.75
CA PHE A 39 7.84 -2.03 3.68
C PHE A 39 9.00 -3.01 3.47
N LYS A 40 9.43 -3.68 4.51
CA LYS A 40 10.53 -4.65 4.36
C LYS A 40 10.09 -5.75 3.40
N VAL A 41 8.86 -6.17 3.52
CA VAL A 41 8.34 -7.23 2.61
C VAL A 41 8.13 -6.64 1.21
N TRP A 42 7.49 -5.50 1.14
CA TRP A 42 7.27 -4.87 -0.19
C TRP A 42 8.62 -4.65 -0.87
N SER A 43 9.61 -4.25 -0.12
CA SER A 43 10.95 -4.06 -0.71
C SER A 43 11.57 -5.42 -1.00
N ASP A 44 11.22 -6.40 -0.20
CA ASP A 44 11.75 -7.76 -0.43
C ASP A 44 11.38 -8.23 -1.83
N VAL A 45 10.16 -7.98 -2.22
CA VAL A 45 9.72 -8.39 -3.58
C VAL A 45 10.30 -7.43 -4.62
N THR A 46 10.45 -6.18 -4.27
CA THR A 46 11.01 -5.20 -5.24
C THR A 46 11.86 -4.16 -4.51
N PRO A 47 13.11 -4.09 -4.88
CA PRO A 47 14.04 -3.13 -4.24
C PRO A 47 13.71 -1.69 -4.67
N LEU A 48 12.51 -1.25 -4.41
CA LEU A 48 12.15 0.15 -4.79
C LEU A 48 12.84 1.15 -3.87
N ASN A 49 12.93 2.39 -4.29
CA ASN A 49 13.60 3.41 -3.43
C ASN A 49 12.56 4.32 -2.78
N PHE A 50 12.27 4.10 -1.53
CA PHE A 50 11.25 4.95 -0.83
C PHE A 50 11.87 5.59 0.41
N THR A 51 11.51 6.82 0.70
CA THR A 51 12.09 7.49 1.91
C THR A 51 11.01 8.34 2.60
N ARG A 52 11.01 8.37 3.90
CA ARG A 52 9.99 9.18 4.62
C ARG A 52 10.61 10.50 5.08
N LEU A 53 10.51 11.53 4.27
CA LEU A 53 11.10 12.84 4.67
C LEU A 53 10.03 13.72 5.34
N HIS A 54 10.12 13.88 6.63
CA HIS A 54 9.11 14.72 7.35
C HIS A 54 9.19 16.17 6.87
N ASP A 55 10.35 16.58 6.46
CA ASP A 55 10.51 17.98 5.97
C ASP A 55 9.31 18.36 5.08
N GLY A 56 8.73 17.42 4.41
CA GLY A 56 7.56 17.73 3.54
C GLY A 56 7.82 17.19 2.13
N ILE A 57 8.53 16.11 2.01
CA ILE A 57 8.80 15.54 0.67
C ILE A 57 8.27 14.11 0.60
N ALA A 58 6.97 13.97 0.57
CA ALA A 58 6.39 12.61 0.52
C ALA A 58 5.20 12.56 -0.45
N ASP A 59 4.89 11.40 -0.96
CA ASP A 59 3.74 11.27 -1.91
C ASP A 59 2.75 10.23 -1.40
N ILE A 60 3.23 9.23 -0.70
CA ILE A 60 2.29 8.18 -0.19
C ILE A 60 2.41 8.08 1.33
N MET A 61 1.44 7.52 2.01
CA MET A 61 1.56 7.43 3.49
C MET A 61 0.54 6.45 4.08
N ILE A 62 0.94 5.69 5.06
CA ILE A 62 0.01 4.72 5.71
C ILE A 62 -0.73 5.41 6.88
N SER A 63 -2.02 5.54 6.79
CA SER A 63 -2.76 6.20 7.90
C SER A 63 -4.22 5.74 7.91
N PHE A 64 -4.89 5.91 9.03
CA PHE A 64 -6.31 5.48 9.09
C PHE A 64 -7.20 6.52 8.38
N GLY A 65 -7.85 6.10 7.33
CA GLY A 65 -8.71 7.05 6.56
C GLY A 65 -9.88 7.53 7.43
N ILE A 66 -9.96 8.81 7.64
CA ILE A 66 -11.07 9.37 8.46
C ILE A 66 -11.93 10.30 7.59
N LYS A 67 -13.02 9.80 7.08
CA LYS A 67 -13.96 10.60 6.21
C LYS A 67 -13.45 12.03 5.97
N GLU A 68 -12.73 12.24 4.90
CA GLU A 68 -12.21 13.61 4.61
C GLU A 68 -11.92 13.77 3.11
N HIS A 69 -12.45 12.90 2.30
CA HIS A 69 -12.21 13.02 0.82
C HIS A 69 -13.15 14.04 0.21
N GLY A 70 -14.30 13.60 -0.24
CA GLY A 70 -15.27 14.55 -0.85
C GLY A 70 -16.56 13.80 -1.23
N ASP A 71 -16.42 12.58 -1.68
CA ASP A 71 -17.64 11.80 -2.06
C ASP A 71 -17.41 10.31 -1.79
N PHE A 72 -16.50 9.71 -2.51
CA PHE A 72 -16.22 8.25 -2.31
C PHE A 72 -16.20 7.92 -0.81
N TYR A 73 -17.32 7.50 -0.27
CA TYR A 73 -17.37 7.17 1.18
C TYR A 73 -16.20 6.25 1.55
N PRO A 74 -15.23 6.83 2.20
CA PRO A 74 -14.03 6.07 2.62
C PRO A 74 -14.31 5.26 3.88
N PHE A 75 -14.58 5.92 4.97
CA PHE A 75 -14.86 5.18 6.25
C PHE A 75 -16.23 4.50 6.21
N ASP A 76 -16.33 3.28 6.68
CA ASP A 76 -17.66 2.61 6.68
C ASP A 76 -17.58 1.20 7.24
N GLY A 77 -17.52 1.09 8.54
CA GLY A 77 -17.47 -0.25 9.21
C GLY A 77 -16.65 -1.22 8.38
N PRO A 78 -16.96 -2.48 8.56
CA PRO A 78 -16.26 -3.56 7.83
C PRO A 78 -16.72 -3.61 6.37
N SER A 79 -17.57 -2.70 5.97
CA SER A 79 -18.05 -2.67 4.57
C SER A 79 -16.91 -3.01 3.61
N GLY A 80 -17.23 -3.37 2.40
CA GLY A 80 -16.17 -3.73 1.41
C GLY A 80 -15.24 -2.54 1.18
N LEU A 81 -14.36 -2.28 2.09
CA LEU A 81 -13.42 -1.14 1.92
C LEU A 81 -12.48 -1.04 3.12
N LEU A 82 -11.41 -1.78 3.13
CA LEU A 82 -10.48 -1.69 4.30
C LEU A 82 -9.27 -0.80 3.99
N ALA A 83 -8.91 -0.66 2.74
CA ALA A 83 -7.71 0.19 2.41
C ALA A 83 -7.82 0.84 1.04
N HIS A 84 -8.11 2.11 0.98
CA HIS A 84 -8.21 2.80 -0.33
C HIS A 84 -7.03 3.78 -0.47
N ALA A 85 -6.24 3.63 -1.50
CA ALA A 85 -5.08 4.54 -1.68
C ALA A 85 -5.24 5.36 -2.97
N PHE A 86 -5.05 6.66 -2.88
CA PHE A 86 -5.19 7.52 -4.08
C PHE A 86 -4.00 7.33 -5.03
N PRO A 87 -4.15 7.87 -6.21
CA PRO A 87 -3.07 7.77 -7.23
C PRO A 87 -1.92 8.71 -6.84
N PRO A 88 -0.73 8.27 -7.13
CA PRO A 88 0.47 9.07 -6.79
C PRO A 88 0.57 10.30 -7.70
N GLY A 89 -0.15 11.34 -7.38
CA GLY A 89 -0.11 12.57 -8.22
C GLY A 89 0.34 13.76 -7.35
N PRO A 90 -0.60 14.63 -7.06
CA PRO A 90 -0.31 15.82 -6.24
C PRO A 90 -0.17 15.45 -4.77
N ASN A 91 -0.25 16.41 -3.89
CA ASN A 91 -0.12 16.12 -2.43
C ASN A 91 -1.18 15.10 -2.01
N TYR A 92 -2.18 14.90 -2.81
CA TYR A 92 -3.25 13.94 -2.46
C TYR A 92 -3.09 12.66 -3.28
N GLY A 93 -1.94 12.04 -3.22
CA GLY A 93 -1.72 10.78 -3.99
C GLY A 93 -1.13 9.72 -3.07
N GLY A 94 -1.06 8.50 -3.52
CA GLY A 94 -0.50 7.41 -2.67
C GLY A 94 -1.02 7.56 -1.24
N ASP A 95 -2.18 8.15 -1.07
CA ASP A 95 -2.74 8.31 0.30
C ASP A 95 -3.30 6.98 0.81
N ALA A 96 -2.50 6.21 1.49
CA ALA A 96 -2.99 4.90 2.01
C ALA A 96 -3.91 5.14 3.22
N HIS A 97 -5.19 5.12 3.02
CA HIS A 97 -6.13 5.34 4.15
C HIS A 97 -7.00 4.12 4.39
N PHE A 98 -7.02 3.61 5.60
CA PHE A 98 -7.86 2.41 5.88
C PHE A 98 -9.23 2.83 6.41
N ASP A 99 -10.27 2.14 6.02
CA ASP A 99 -11.63 2.49 6.54
C ASP A 99 -11.53 2.63 8.06
N ASP A 100 -11.29 3.81 8.56
CA ASP A 100 -11.15 3.98 10.03
C ASP A 100 -12.12 3.06 10.79
N ASP A 101 -13.24 2.72 10.23
CA ASP A 101 -14.19 1.84 10.97
C ASP A 101 -13.70 0.39 10.98
N GLU A 102 -12.59 0.11 10.33
CA GLU A 102 -12.09 -1.30 10.32
C GLU A 102 -11.07 -1.51 11.44
N THR A 103 -10.30 -2.56 11.37
CA THR A 103 -9.30 -2.82 12.44
C THR A 103 -7.89 -2.99 11.85
N TRP A 104 -6.88 -2.64 12.59
CA TRP A 104 -5.48 -2.78 12.09
C TRP A 104 -4.57 -3.20 13.24
N THR A 105 -3.62 -4.07 12.99
CA THR A 105 -2.71 -4.51 14.09
C THR A 105 -1.41 -5.06 13.53
N SER A 106 -0.53 -5.43 14.41
CA SER A 106 0.76 -6.01 13.96
C SER A 106 1.05 -7.29 14.74
N SER A 107 0.07 -8.14 14.85
CA SER A 107 0.27 -9.42 15.59
C SER A 107 0.20 -10.61 14.64
N SER A 108 -0.88 -11.36 14.66
CA SER A 108 -1.00 -12.52 13.74
C SER A 108 -2.47 -12.89 13.52
N LYS A 109 -3.36 -11.99 13.83
CA LYS A 109 -4.81 -12.30 13.64
C LYS A 109 -5.47 -11.21 12.78
N GLY A 110 -5.92 -10.15 13.38
CA GLY A 110 -6.57 -9.06 12.61
C GLY A 110 -5.71 -8.70 11.40
N TYR A 111 -6.12 -7.73 10.63
CA TYR A 111 -5.32 -7.32 9.44
C TYR A 111 -3.92 -6.93 9.88
N ASN A 112 -2.92 -7.65 9.46
CA ASN A 112 -1.53 -7.29 9.84
C ASN A 112 -1.03 -6.21 8.91
N LEU A 113 -0.75 -5.05 9.42
CA LEU A 113 -0.24 -3.95 8.54
C LEU A 113 0.76 -4.48 7.55
N PHE A 114 1.51 -5.45 7.94
CA PHE A 114 2.48 -5.99 6.96
C PHE A 114 1.71 -6.35 5.70
N LEU A 115 0.60 -6.99 5.89
CA LEU A 115 -0.28 -7.41 4.76
C LEU A 115 -1.17 -6.25 4.30
N VAL A 116 -2.15 -5.88 5.08
CA VAL A 116 -3.03 -4.75 4.66
C VAL A 116 -2.20 -3.57 4.19
N ALA A 117 -1.32 -3.08 5.00
CA ALA A 117 -0.46 -1.93 4.59
C ALA A 117 0.38 -2.28 3.34
N ALA A 118 1.03 -3.42 3.29
CA ALA A 118 1.83 -3.72 2.07
C ALA A 118 0.87 -3.76 0.87
N HIS A 119 -0.38 -4.00 1.14
CA HIS A 119 -1.40 -4.04 0.08
C HIS A 119 -1.82 -2.60 -0.28
N GLU A 120 -2.15 -1.80 0.69
CA GLU A 120 -2.53 -0.40 0.39
C GLU A 120 -1.32 0.31 -0.23
N PHE A 121 -0.13 -0.07 0.18
CA PHE A 121 1.09 0.53 -0.40
C PHE A 121 1.18 0.16 -1.88
N GLY A 122 1.38 -1.11 -2.16
CA GLY A 122 1.47 -1.57 -3.57
C GLY A 122 0.39 -0.86 -4.38
N HIS A 123 -0.70 -0.49 -3.75
CA HIS A 123 -1.78 0.20 -4.50
C HIS A 123 -1.46 1.70 -4.66
N SER A 124 -1.49 2.42 -3.57
CA SER A 124 -1.21 3.88 -3.62
C SER A 124 -0.08 4.22 -4.58
N LEU A 125 0.99 3.47 -4.57
CA LEU A 125 2.11 3.79 -5.50
C LEU A 125 2.11 2.89 -6.74
N GLY A 126 1.77 1.66 -6.57
CA GLY A 126 1.76 0.70 -7.72
C GLY A 126 0.71 1.11 -8.75
N LEU A 127 -0.53 0.75 -8.52
CA LEU A 127 -1.59 1.09 -9.50
C LEU A 127 -2.98 0.80 -8.92
N ASP A 128 -3.91 0.42 -9.75
CA ASP A 128 -5.28 0.13 -9.25
C ASP A 128 -5.38 -1.33 -8.81
N HIS A 129 -4.85 -2.25 -9.59
CA HIS A 129 -4.92 -3.69 -9.20
C HIS A 129 -4.24 -4.55 -10.27
N SER A 130 -3.89 -5.76 -9.93
CA SER A 130 -3.22 -6.66 -10.92
C SER A 130 -3.18 -8.09 -10.37
N LYS A 131 -4.13 -8.44 -9.55
CA LYS A 131 -4.15 -9.82 -8.96
C LYS A 131 -5.21 -10.69 -9.65
N ASP A 132 -5.59 -10.34 -10.84
CA ASP A 132 -6.64 -11.15 -11.55
C ASP A 132 -6.49 -12.64 -11.22
N PRO A 133 -5.29 -13.14 -11.36
CA PRO A 133 -5.03 -14.56 -11.05
C PRO A 133 -4.71 -14.76 -9.55
N GLY A 134 -3.82 -13.98 -9.00
CA GLY A 134 -3.48 -14.15 -7.55
C GLY A 134 -2.36 -13.20 -7.10
N ALA A 135 -2.70 -12.12 -6.45
CA ALA A 135 -1.67 -11.16 -5.95
C ALA A 135 -2.13 -10.55 -4.62
N LEU A 136 -1.29 -9.78 -3.96
CA LEU A 136 -1.70 -9.17 -2.67
C LEU A 136 -2.55 -7.91 -2.92
N MET A 137 -3.40 -7.95 -3.91
CA MET A 137 -4.27 -6.78 -4.22
C MET A 137 -5.75 -7.20 -4.18
N PHE A 138 -6.01 -8.48 -4.26
CA PHE A 138 -7.42 -8.98 -4.24
C PHE A 138 -8.15 -8.47 -2.98
N PRO A 139 -9.44 -8.68 -2.97
CA PRO A 139 -10.27 -8.25 -1.81
C PRO A 139 -10.03 -9.19 -0.63
N ILE A 140 -9.36 -10.29 -0.86
CA ILE A 140 -9.08 -11.24 0.25
C ILE A 140 -7.61 -11.14 0.68
N TYR A 141 -7.33 -11.34 1.93
CA TYR A 141 -5.92 -11.21 2.41
C TYR A 141 -5.52 -12.43 3.26
N THR A 142 -6.50 -13.07 3.84
CA THR A 142 -6.27 -14.28 4.72
C THR A 142 -4.79 -14.62 4.92
N TYR A 143 -4.09 -15.08 3.91
CA TYR A 143 -2.66 -15.42 4.11
C TYR A 143 -1.87 -14.16 4.49
N THR A 144 -1.49 -14.05 5.74
CA THR A 144 -0.72 -12.84 6.18
C THR A 144 0.50 -12.63 5.28
N GLY A 145 1.30 -11.65 5.58
CA GLY A 145 2.51 -11.39 4.76
C GLY A 145 3.48 -12.56 4.91
N LYS A 146 3.23 -13.44 5.84
CA LYS A 146 4.14 -14.60 6.03
C LYS A 146 3.37 -15.82 6.54
N SER A 147 2.12 -15.95 6.19
CA SER A 147 1.32 -17.11 6.66
C SER A 147 1.75 -18.37 5.91
N HIS A 148 2.16 -18.22 4.67
CA HIS A 148 2.59 -19.41 3.88
C HIS A 148 3.71 -19.02 2.91
N PHE A 149 3.44 -18.10 2.03
CA PHE A 149 4.49 -17.66 1.06
C PHE A 149 3.94 -16.60 0.12
N MET A 150 4.72 -16.18 -0.84
CA MET A 150 4.24 -15.14 -1.81
C MET A 150 3.15 -15.71 -2.70
N LEU A 151 2.12 -16.29 -2.11
CA LEU A 151 1.01 -16.81 -2.95
C LEU A 151 0.65 -15.74 -3.97
N PRO A 152 0.52 -14.52 -3.49
CA PRO A 152 0.22 -13.37 -4.38
C PRO A 152 1.45 -13.00 -5.21
N ASP A 153 2.02 -13.95 -5.87
CA ASP A 153 3.22 -13.65 -6.71
C ASP A 153 2.90 -12.57 -7.74
N ASP A 154 1.66 -12.49 -8.17
CA ASP A 154 1.31 -11.47 -9.17
C ASP A 154 1.82 -10.10 -8.71
N ASP A 155 1.59 -9.78 -7.47
CA ASP A 155 2.09 -8.49 -6.96
C ASP A 155 3.58 -8.63 -6.67
N VAL A 156 4.01 -9.79 -6.25
CA VAL A 156 5.46 -10.00 -5.96
C VAL A 156 6.30 -9.72 -7.21
N GLN A 157 6.27 -10.62 -8.16
CA GLN A 157 7.06 -10.41 -9.39
C GLN A 157 6.46 -9.27 -10.21
N GLY A 158 5.15 -9.20 -10.23
CA GLY A 158 4.47 -8.11 -11.00
C GLY A 158 5.24 -6.80 -10.81
N ILE A 159 5.47 -6.40 -9.59
CA ILE A 159 6.20 -5.12 -9.38
C ILE A 159 7.71 -5.37 -9.23
N GLN A 160 8.11 -6.55 -8.84
CA GLN A 160 9.57 -6.78 -8.72
C GLN A 160 10.21 -6.42 -10.06
N SER A 161 9.44 -6.54 -11.11
CA SER A 161 9.96 -6.23 -12.46
C SER A 161 9.46 -4.86 -12.95
N LEU A 162 8.20 -4.57 -12.72
CA LEU A 162 7.65 -3.27 -13.20
C LEU A 162 8.14 -2.10 -12.34
N TYR A 163 8.00 -2.19 -11.05
CA TYR A 163 8.46 -1.06 -10.18
C TYR A 163 10.00 -1.07 -10.05
N GLY A 164 10.63 -2.11 -10.52
CA GLY A 164 12.12 -2.16 -10.42
C GLY A 164 12.72 -0.98 -11.18
N PRO A 165 13.37 -1.28 -12.27
CA PRO A 165 14.01 -0.21 -13.09
C PRO A 165 12.93 0.58 -13.85
N GLY A 166 12.42 1.62 -13.24
CA GLY A 166 11.37 2.43 -13.92
C GLY A 166 11.99 3.23 -15.07
N ASP A 167 11.18 3.82 -15.90
CA ASP A 167 11.73 4.60 -17.04
C ASP A 167 11.77 6.09 -16.67
N GLU A 168 10.64 6.74 -16.63
CA GLU A 168 10.61 8.18 -16.28
C GLU A 168 11.47 8.98 -17.27
N ASP A 169 11.72 8.42 -18.42
CA ASP A 169 12.54 9.15 -19.43
C ASP A 169 12.65 8.32 -20.72
N PRO A 170 12.63 9.01 -21.82
CA PRO A 170 12.71 8.34 -23.15
C PRO A 170 14.12 7.77 -23.36
N ASN A 171 15.06 8.16 -22.55
CA ASN A 171 16.45 7.64 -22.70
C ASN A 171 16.45 6.12 -22.56
N TYR A 1 -1.44 0.88 -29.00
CA TYR A 1 -2.33 -0.28 -28.66
C TYR A 1 -3.04 -0.02 -27.32
N ASN A 2 -4.32 -0.20 -27.29
CA ASN A 2 -5.07 0.02 -26.01
C ASN A 2 -5.06 -1.24 -25.16
N VAL A 3 -3.99 -1.49 -24.46
CA VAL A 3 -3.92 -2.72 -23.61
C VAL A 3 -4.60 -2.46 -22.27
N PHE A 4 -4.73 -3.47 -21.45
CA PHE A 4 -5.39 -3.28 -20.12
C PHE A 4 -4.69 -2.16 -19.33
N PRO A 5 -5.48 -1.30 -18.77
CA PRO A 5 -4.93 -0.17 -17.97
C PRO A 5 -4.43 -0.69 -16.62
N ARG A 6 -4.33 0.18 -15.64
CA ARG A 6 -3.85 -0.27 -14.29
C ARG A 6 -2.36 -0.62 -14.35
N THR A 7 -1.51 0.36 -14.40
CA THR A 7 -0.05 0.09 -14.46
C THR A 7 0.67 1.05 -13.52
N LEU A 8 0.63 2.33 -13.83
CA LEU A 8 1.30 3.35 -12.97
C LEU A 8 2.54 2.79 -12.29
N LYS A 9 3.29 1.96 -12.98
CA LYS A 9 4.52 1.39 -12.36
C LYS A 9 5.67 1.44 -13.37
N TRP A 10 6.04 2.63 -13.78
CA TRP A 10 7.14 2.76 -14.78
C TRP A 10 8.16 3.80 -14.31
N SER A 11 7.71 4.97 -13.94
CA SER A 11 8.64 6.03 -13.50
C SER A 11 8.49 6.32 -12.00
N LYS A 12 8.74 5.36 -11.17
CA LYS A 12 8.59 5.60 -9.69
C LYS A 12 9.60 4.74 -8.91
N MET A 13 10.80 4.65 -9.38
CA MET A 13 11.82 3.83 -8.66
C MET A 13 12.28 4.52 -7.39
N ASN A 14 12.07 5.80 -7.27
CA ASN A 14 12.50 6.53 -6.04
C ASN A 14 11.43 7.53 -5.60
N LEU A 15 10.82 7.31 -4.48
CA LEU A 15 9.77 8.26 -3.98
C LEU A 15 9.83 8.38 -2.46
N THR A 16 8.97 9.18 -1.88
CA THR A 16 8.97 9.33 -0.40
C THR A 16 7.60 9.00 0.17
N TYR A 17 7.47 8.97 1.46
CA TYR A 17 6.15 8.64 2.07
C TYR A 17 6.14 8.95 3.57
N ARG A 18 5.02 8.73 4.22
CA ARG A 18 4.94 9.01 5.68
C ARG A 18 4.45 7.76 6.41
N ILE A 19 4.89 7.55 7.63
CA ILE A 19 4.47 6.35 8.39
C ILE A 19 3.54 6.75 9.55
N VAL A 20 2.30 7.02 9.27
CA VAL A 20 1.36 7.41 10.36
C VAL A 20 0.13 6.51 10.33
N ASN A 21 0.30 5.23 10.12
CA ASN A 21 -0.87 4.31 10.08
C ASN A 21 -1.87 4.72 11.16
N TYR A 22 -1.64 4.32 12.38
CA TYR A 22 -2.57 4.70 13.47
C TYR A 22 -2.08 4.15 14.81
N THR A 23 -2.67 4.57 15.90
CA THR A 23 -2.23 4.06 17.24
C THR A 23 -3.42 3.48 17.99
N PRO A 24 -4.15 2.63 17.33
CA PRO A 24 -5.33 1.99 17.94
C PRO A 24 -4.90 0.91 18.94
N ASP A 25 -4.69 -0.29 18.48
CA ASP A 25 -4.26 -1.38 19.39
C ASP A 25 -2.73 -1.54 19.32
N MET A 26 -2.08 -0.72 18.55
CA MET A 26 -0.60 -0.81 18.43
C MET A 26 0.05 0.48 18.94
N THR A 27 1.29 0.44 19.29
CA THR A 27 1.97 1.68 19.79
C THR A 27 2.99 2.15 18.76
N HIS A 28 3.62 3.28 19.01
CA HIS A 28 4.63 3.80 18.05
C HIS A 28 5.52 2.65 17.57
N SER A 29 5.76 1.68 18.42
CA SER A 29 6.61 0.53 18.01
C SER A 29 5.89 -0.31 16.95
N GLU A 30 4.73 -0.82 17.28
CA GLU A 30 3.98 -1.63 16.30
C GLU A 30 3.86 -0.87 14.99
N VAL A 31 3.24 0.28 15.03
CA VAL A 31 3.13 1.08 13.79
C VAL A 31 4.50 1.10 13.10
N GLU A 32 5.55 1.17 13.87
CA GLU A 32 6.90 1.16 13.28
C GLU A 32 7.06 -0.12 12.46
N LYS A 33 6.53 -1.20 12.96
CA LYS A 33 6.63 -2.47 12.20
C LYS A 33 5.65 -2.42 11.03
N ALA A 34 4.43 -2.12 11.30
CA ALA A 34 3.43 -2.04 10.22
C ALA A 34 4.00 -1.26 9.03
N PHE A 35 4.28 -0.01 9.21
CA PHE A 35 4.80 0.81 8.07
C PHE A 35 6.16 0.28 7.59
N LYS A 36 7.12 0.14 8.48
CA LYS A 36 8.46 -0.35 8.04
C LYS A 36 8.37 -1.78 7.56
N LYS A 37 8.19 -2.70 8.47
CA LYS A 37 8.06 -4.12 8.10
C LYS A 37 7.24 -4.28 6.81
N ALA A 38 5.99 -3.86 6.81
CA ALA A 38 5.19 -3.98 5.56
C ALA A 38 6.05 -3.48 4.40
N PHE A 39 6.82 -2.43 4.63
CA PHE A 39 7.71 -1.91 3.56
C PHE A 39 8.85 -2.91 3.32
N LYS A 40 9.34 -3.52 4.37
CA LYS A 40 10.43 -4.51 4.19
C LYS A 40 9.99 -5.58 3.20
N VAL A 41 8.75 -5.98 3.30
CA VAL A 41 8.21 -7.00 2.36
C VAL A 41 8.11 -6.40 0.96
N TRP A 42 7.60 -5.20 0.86
CA TRP A 42 7.49 -4.55 -0.47
C TRP A 42 8.88 -4.49 -1.11
N SER A 43 9.89 -4.18 -0.34
CA SER A 43 11.26 -4.13 -0.91
C SER A 43 11.71 -5.55 -1.21
N ASP A 44 11.30 -6.49 -0.39
CA ASP A 44 11.69 -7.90 -0.61
C ASP A 44 11.24 -8.35 -2.01
N VAL A 45 10.06 -7.97 -2.40
CA VAL A 45 9.56 -8.36 -3.75
C VAL A 45 10.20 -7.48 -4.82
N THR A 46 10.53 -6.26 -4.50
CA THR A 46 11.16 -5.37 -5.52
C THR A 46 12.06 -4.32 -4.85
N PRO A 47 13.16 -4.04 -5.48
CA PRO A 47 14.12 -3.05 -4.95
C PRO A 47 13.56 -1.63 -5.08
N LEU A 48 12.41 -1.40 -4.49
CA LEU A 48 11.80 -0.03 -4.58
C LEU A 48 12.50 0.93 -3.63
N ASN A 49 12.75 2.13 -4.05
CA ASN A 49 13.44 3.11 -3.16
C ASN A 49 12.41 4.06 -2.54
N PHE A 50 12.32 4.09 -1.24
CA PHE A 50 11.33 5.00 -0.59
C PHE A 50 11.97 5.68 0.62
N THR A 51 11.66 6.93 0.84
CA THR A 51 12.23 7.67 2.00
C THR A 51 11.17 8.57 2.64
N ARG A 52 11.06 8.55 3.94
CA ARG A 52 10.05 9.40 4.60
C ARG A 52 10.65 10.76 4.98
N LEU A 53 10.59 11.71 4.10
CA LEU A 53 11.18 13.05 4.41
C LEU A 53 10.15 13.94 5.11
N HIS A 54 10.33 14.17 6.38
CA HIS A 54 9.36 15.04 7.12
C HIS A 54 9.45 16.47 6.58
N ASP A 55 10.46 16.75 5.82
CA ASP A 55 10.61 18.12 5.25
C ASP A 55 9.33 18.51 4.51
N GLY A 56 8.56 17.54 4.10
CA GLY A 56 7.31 17.83 3.36
C GLY A 56 7.34 17.15 2.00
N ILE A 57 8.24 16.22 1.81
CA ILE A 57 8.30 15.52 0.50
C ILE A 57 7.73 14.12 0.66
N ALA A 58 6.43 14.00 0.67
CA ALA A 58 5.81 12.67 0.85
C ALA A 58 4.91 12.32 -0.35
N ASP A 59 5.15 11.20 -0.97
CA ASP A 59 4.31 10.79 -2.13
C ASP A 59 3.19 9.88 -1.64
N ILE A 60 3.52 8.92 -0.83
CA ILE A 60 2.48 7.99 -0.29
C ILE A 60 2.59 7.93 1.24
N MET A 61 1.72 7.20 1.90
CA MET A 61 1.84 7.13 3.39
C MET A 61 0.79 6.17 3.96
N ILE A 62 1.07 5.62 5.12
CA ILE A 62 0.09 4.69 5.76
C ILE A 62 -0.65 5.43 6.89
N SER A 63 -1.95 5.54 6.80
CA SER A 63 -2.68 6.25 7.88
C SER A 63 -4.16 5.88 7.88
N PHE A 64 -4.77 5.87 9.03
CA PHE A 64 -6.22 5.53 9.13
C PHE A 64 -7.05 6.65 8.48
N GLY A 65 -7.75 6.33 7.43
CA GLY A 65 -8.56 7.38 6.73
C GLY A 65 -9.81 7.69 7.55
N ILE A 66 -9.90 8.89 8.06
CA ILE A 66 -11.10 9.29 8.85
C ILE A 66 -11.91 10.33 8.07
N LYS A 67 -12.96 9.91 7.41
CA LYS A 67 -13.83 10.82 6.59
C LYS A 67 -13.34 12.26 6.60
N GLU A 68 -12.38 12.58 5.76
CA GLU A 68 -11.85 13.97 5.72
C GLU A 68 -11.83 14.48 4.26
N HIS A 69 -12.18 13.65 3.32
CA HIS A 69 -12.18 14.09 1.90
C HIS A 69 -13.38 14.99 1.63
N GLY A 70 -14.53 14.40 1.41
CA GLY A 70 -15.74 15.23 1.14
C GLY A 70 -16.53 14.62 -0.03
N ASP A 71 -15.83 14.14 -1.03
CA ASP A 71 -16.54 13.54 -2.19
C ASP A 71 -17.03 12.13 -1.85
N PHE A 72 -16.20 11.15 -2.06
CA PHE A 72 -16.61 9.75 -1.75
C PHE A 72 -16.29 9.41 -0.29
N TYR A 73 -17.19 8.77 0.39
CA TYR A 73 -16.93 8.40 1.82
C TYR A 73 -16.37 6.99 1.90
N PRO A 74 -15.11 6.90 2.22
CA PRO A 74 -14.43 5.59 2.32
C PRO A 74 -14.80 4.90 3.64
N PHE A 75 -14.34 5.42 4.74
CA PHE A 75 -14.65 4.81 6.06
C PHE A 75 -16.11 4.34 6.11
N ASP A 76 -16.36 3.18 6.64
CA ASP A 76 -17.76 2.70 6.72
C ASP A 76 -17.82 1.30 7.35
N GLY A 77 -17.71 1.23 8.65
CA GLY A 77 -17.76 -0.08 9.34
C GLY A 77 -16.93 -1.10 8.57
N PRO A 78 -17.24 -2.34 8.78
CA PRO A 78 -16.51 -3.43 8.10
C PRO A 78 -17.00 -3.56 6.64
N SER A 79 -17.80 -2.63 6.20
CA SER A 79 -18.32 -2.71 4.80
C SER A 79 -17.19 -3.06 3.83
N GLY A 80 -17.51 -3.31 2.60
CA GLY A 80 -16.48 -3.67 1.60
C GLY A 80 -15.49 -2.53 1.41
N LEU A 81 -14.62 -2.30 2.35
CA LEU A 81 -13.65 -1.19 2.18
C LEU A 81 -12.73 -1.08 3.39
N LEU A 82 -11.64 -1.81 3.41
CA LEU A 82 -10.74 -1.70 4.59
C LEU A 82 -9.49 -0.86 4.24
N ALA A 83 -9.14 -0.76 2.99
CA ALA A 83 -7.92 0.04 2.64
C ALA A 83 -8.02 0.67 1.24
N HIS A 84 -8.35 1.93 1.19
CA HIS A 84 -8.43 2.62 -0.14
C HIS A 84 -7.16 3.44 -0.36
N ALA A 85 -6.50 3.26 -1.47
CA ALA A 85 -5.24 4.01 -1.72
C ALA A 85 -5.41 4.96 -2.92
N PHE A 86 -5.13 6.22 -2.73
CA PHE A 86 -5.28 7.18 -3.86
C PHE A 86 -4.17 6.96 -4.89
N PRO A 87 -4.44 7.37 -6.10
CA PRO A 87 -3.45 7.22 -7.19
C PRO A 87 -2.30 8.21 -7.01
N PRO A 88 -1.12 7.76 -7.31
CA PRO A 88 0.08 8.62 -7.16
C PRO A 88 0.09 9.73 -8.20
N GLY A 89 -0.86 10.63 -8.15
CA GLY A 89 -0.90 11.74 -9.13
C GLY A 89 -0.32 13.00 -8.50
N PRO A 90 -1.20 13.89 -8.12
CA PRO A 90 -0.77 15.16 -7.48
C PRO A 90 -0.31 14.91 -6.05
N ASN A 91 -0.29 15.92 -5.23
CA ASN A 91 0.17 15.73 -3.82
C ASN A 91 -0.80 14.81 -3.07
N TYR A 92 -1.91 14.51 -3.66
CA TYR A 92 -2.90 13.62 -3.00
C TYR A 92 -2.92 12.25 -3.67
N GLY A 93 -1.79 11.58 -3.68
CA GLY A 93 -1.73 10.22 -4.32
C GLY A 93 -0.92 9.29 -3.42
N GLY A 94 -1.00 8.01 -3.65
CA GLY A 94 -0.24 7.05 -2.80
C GLY A 94 -0.64 7.24 -1.34
N ASP A 95 -1.76 7.89 -1.10
CA ASP A 95 -2.20 8.11 0.31
C ASP A 95 -2.91 6.86 0.84
N ALA A 96 -2.18 5.94 1.41
CA ALA A 96 -2.82 4.71 1.96
C ALA A 96 -3.80 5.08 3.08
N HIS A 97 -5.07 4.84 2.88
CA HIS A 97 -6.07 5.19 3.92
C HIS A 97 -6.88 3.97 4.35
N PHE A 98 -6.95 3.70 5.62
CA PHE A 98 -7.75 2.53 6.09
C PHE A 98 -9.14 2.98 6.53
N ASP A 99 -10.17 2.29 6.09
CA ASP A 99 -11.54 2.69 6.53
C ASP A 99 -11.52 2.83 8.05
N ASP A 100 -11.30 4.01 8.54
CA ASP A 100 -11.22 4.20 10.02
C ASP A 100 -12.19 3.29 10.77
N ASP A 101 -13.29 2.92 10.19
CA ASP A 101 -14.24 2.04 10.92
C ASP A 101 -13.76 0.58 10.90
N GLU A 102 -12.61 0.32 10.34
CA GLU A 102 -12.10 -1.08 10.31
C GLU A 102 -11.10 -1.31 11.44
N THR A 103 -10.39 -2.41 11.41
CA THR A 103 -9.41 -2.69 12.49
C THR A 103 -8.01 -2.88 11.90
N TRP A 104 -6.98 -2.57 12.65
CA TRP A 104 -5.60 -2.74 12.13
C TRP A 104 -4.65 -3.10 13.28
N THR A 105 -3.71 -3.97 13.07
CA THR A 105 -2.78 -4.33 14.18
C THR A 105 -1.49 -4.94 13.61
N SER A 106 -0.59 -5.30 14.49
CA SER A 106 0.67 -5.92 14.02
C SER A 106 0.88 -7.26 14.73
N SER A 107 -0.14 -8.09 14.73
CA SER A 107 -0.03 -9.42 15.40
C SER A 107 -0.38 -10.52 14.42
N SER A 108 -1.01 -11.57 14.88
CA SER A 108 -1.39 -12.69 13.97
C SER A 108 -2.88 -12.60 13.62
N LYS A 109 -3.67 -12.05 14.49
CA LYS A 109 -5.13 -11.93 14.21
C LYS A 109 -5.44 -10.58 13.55
N GLY A 110 -6.70 -10.32 13.29
CA GLY A 110 -7.07 -9.02 12.66
C GLY A 110 -6.19 -8.77 11.44
N TYR A 111 -6.33 -7.64 10.82
CA TYR A 111 -5.49 -7.33 9.62
C TYR A 111 -4.12 -6.85 10.08
N ASN A 112 -3.07 -7.55 9.74
CA ASN A 112 -1.73 -7.10 10.16
C ASN A 112 -1.23 -6.04 9.17
N LEU A 113 -0.87 -4.89 9.66
CA LEU A 113 -0.39 -3.81 8.73
C LEU A 113 0.53 -4.40 7.67
N PHE A 114 1.33 -5.35 8.03
CA PHE A 114 2.24 -5.93 7.01
C PHE A 114 1.39 -6.31 5.79
N LEU A 115 0.31 -6.96 6.05
CA LEU A 115 -0.62 -7.38 4.97
C LEU A 115 -1.47 -6.20 4.48
N VAL A 116 -2.39 -5.76 5.28
CA VAL A 116 -3.24 -4.61 4.85
C VAL A 116 -2.36 -3.48 4.31
N ALA A 117 -1.54 -2.91 5.14
CA ALA A 117 -0.64 -1.81 4.68
C ALA A 117 0.13 -2.20 3.42
N ALA A 118 0.81 -3.32 3.39
CA ALA A 118 1.55 -3.67 2.14
C ALA A 118 0.57 -3.69 0.97
N HIS A 119 -0.63 -4.10 1.24
CA HIS A 119 -1.69 -4.15 0.18
C HIS A 119 -2.08 -2.71 -0.21
N GLU A 120 -2.37 -1.86 0.75
CA GLU A 120 -2.72 -0.46 0.43
C GLU A 120 -1.52 0.22 -0.22
N PHE A 121 -0.34 -0.24 0.11
CA PHE A 121 0.89 0.34 -0.49
C PHE A 121 0.97 -0.05 -1.96
N GLY A 122 1.03 -1.33 -2.23
CA GLY A 122 1.09 -1.79 -3.64
C GLY A 122 0.00 -1.08 -4.43
N HIS A 123 -1.07 -0.70 -3.80
CA HIS A 123 -2.17 -0.01 -4.53
C HIS A 123 -1.88 1.48 -4.72
N SER A 124 -1.81 2.22 -3.64
CA SER A 124 -1.56 3.69 -3.75
C SER A 124 -0.23 3.99 -4.47
N LEU A 125 0.73 3.13 -4.35
CA LEU A 125 2.05 3.40 -5.00
C LEU A 125 2.19 2.64 -6.32
N GLY A 126 1.74 1.43 -6.38
CA GLY A 126 1.85 0.63 -7.64
C GLY A 126 0.78 1.07 -8.64
N LEU A 127 -0.42 0.61 -8.48
CA LEU A 127 -1.49 1.00 -9.44
C LEU A 127 -2.88 0.53 -8.94
N ASP A 128 -3.86 0.56 -9.79
CA ASP A 128 -5.23 0.15 -9.38
C ASP A 128 -5.19 -1.27 -8.80
N HIS A 129 -4.70 -2.23 -9.53
CA HIS A 129 -4.64 -3.63 -9.02
C HIS A 129 -3.75 -4.50 -9.90
N SER A 130 -3.63 -5.75 -9.55
CA SER A 130 -2.79 -6.68 -10.36
C SER A 130 -2.83 -8.06 -9.71
N LYS A 131 -4.00 -8.58 -9.44
CA LYS A 131 -4.10 -9.91 -8.79
C LYS A 131 -5.04 -10.83 -9.57
N ASP A 132 -5.26 -10.56 -10.83
CA ASP A 132 -6.18 -11.44 -11.61
C ASP A 132 -5.94 -12.91 -11.26
N PRO A 133 -4.69 -13.32 -11.33
CA PRO A 133 -4.34 -14.71 -11.00
C PRO A 133 -4.08 -14.85 -9.49
N GLY A 134 -3.26 -13.99 -8.93
CA GLY A 134 -2.97 -14.09 -7.47
C GLY A 134 -1.96 -13.03 -7.01
N ALA A 135 -2.42 -11.95 -6.43
CA ALA A 135 -1.51 -10.88 -5.93
C ALA A 135 -2.06 -10.27 -4.65
N LEU A 136 -1.23 -9.58 -3.90
CA LEU A 136 -1.70 -8.95 -2.63
C LEU A 136 -2.59 -7.76 -2.97
N MET A 137 -3.65 -8.00 -3.69
CA MET A 137 -4.57 -6.89 -4.09
C MET A 137 -6.03 -7.37 -4.05
N PHE A 138 -6.27 -8.59 -4.44
CA PHE A 138 -7.67 -9.12 -4.43
C PHE A 138 -8.37 -8.77 -3.11
N PRO A 139 -9.63 -9.09 -3.03
CA PRO A 139 -10.40 -8.81 -1.79
C PRO A 139 -10.10 -9.86 -0.71
N ILE A 140 -8.98 -10.51 -0.79
CA ILE A 140 -8.61 -11.53 0.24
C ILE A 140 -7.21 -11.21 0.78
N TYR A 141 -6.99 -11.37 2.05
CA TYR A 141 -5.65 -11.07 2.61
C TYR A 141 -5.09 -12.26 3.40
N THR A 142 -5.98 -13.02 3.99
CA THR A 142 -5.60 -14.23 4.80
C THR A 142 -4.08 -14.41 4.94
N TYR A 143 -3.41 -14.94 3.94
CA TYR A 143 -1.93 -15.12 4.07
C TYR A 143 -1.30 -13.88 4.71
N THR A 144 -0.76 -14.02 5.89
CA THR A 144 -0.13 -12.84 6.57
C THR A 144 1.19 -12.47 5.88
N GLY A 145 1.78 -11.38 6.27
CA GLY A 145 3.07 -10.97 5.64
C GLY A 145 4.06 -12.13 5.73
N LYS A 146 3.85 -13.04 6.65
CA LYS A 146 4.79 -14.20 6.77
C LYS A 146 4.00 -15.47 7.09
N SER A 147 2.95 -15.73 6.37
CA SER A 147 2.15 -16.96 6.63
C SER A 147 2.75 -18.17 5.91
N HIS A 148 2.81 -18.11 4.60
CA HIS A 148 3.39 -19.26 3.85
C HIS A 148 4.38 -18.78 2.79
N PHE A 149 3.91 -18.25 1.69
CA PHE A 149 4.84 -17.78 0.63
C PHE A 149 4.22 -16.63 -0.17
N MET A 150 4.93 -16.15 -1.15
CA MET A 150 4.40 -15.05 -2.00
C MET A 150 3.21 -15.53 -2.81
N LEU A 151 2.18 -16.00 -2.15
CA LEU A 151 0.98 -16.44 -2.90
C LEU A 151 0.66 -15.39 -3.96
N PRO A 152 0.68 -14.14 -3.54
CA PRO A 152 0.44 -13.02 -4.48
C PRO A 152 1.64 -12.81 -5.41
N ASP A 153 2.17 -13.85 -5.99
CA ASP A 153 3.34 -13.66 -6.90
C ASP A 153 3.09 -12.51 -7.86
N ASP A 154 1.85 -12.30 -8.25
CA ASP A 154 1.57 -11.20 -9.20
C ASP A 154 2.12 -9.91 -8.63
N ASP A 155 1.73 -9.56 -7.44
CA ASP A 155 2.26 -8.31 -6.85
C ASP A 155 3.76 -8.47 -6.61
N VAL A 156 4.19 -9.66 -6.28
CA VAL A 156 5.64 -9.88 -6.04
C VAL A 156 6.44 -9.72 -7.34
N GLN A 157 6.57 -10.76 -8.11
CA GLN A 157 7.33 -10.64 -9.37
C GLN A 157 6.78 -9.47 -10.19
N GLY A 158 5.48 -9.35 -10.23
CA GLY A 158 4.84 -8.24 -11.00
C GLY A 158 5.61 -6.93 -10.78
N ILE A 159 5.51 -6.35 -9.61
CA ILE A 159 6.24 -5.06 -9.40
C ILE A 159 7.74 -5.33 -9.28
N GLN A 160 8.13 -6.54 -9.02
CA GLN A 160 9.58 -6.83 -8.93
C GLN A 160 10.19 -6.59 -10.30
N SER A 161 9.37 -6.66 -11.31
CA SER A 161 9.89 -6.46 -12.71
C SER A 161 9.53 -5.07 -13.24
N LEU A 162 8.33 -4.63 -13.01
CA LEU A 162 7.92 -3.29 -13.54
C LEU A 162 8.33 -2.17 -12.59
N TYR A 163 8.06 -2.33 -11.32
CA TYR A 163 8.42 -1.27 -10.34
C TYR A 163 9.91 -1.31 -10.03
N GLY A 164 10.58 -2.37 -10.40
CA GLY A 164 12.04 -2.45 -10.13
C GLY A 164 12.72 -1.20 -10.70
N PRO A 165 13.22 -1.33 -11.89
CA PRO A 165 13.88 -0.21 -12.58
C PRO A 165 12.85 0.78 -13.11
N GLY A 166 12.76 1.95 -12.53
CA GLY A 166 11.76 2.95 -13.00
C GLY A 166 12.34 3.70 -14.21
N ASP A 167 11.57 3.85 -15.25
CA ASP A 167 12.08 4.57 -16.46
C ASP A 167 12.02 6.09 -16.23
N GLU A 168 10.84 6.63 -16.11
CA GLU A 168 10.72 8.11 -15.89
C GLU A 168 11.40 8.86 -17.02
N ASP A 169 11.57 8.23 -18.15
CA ASP A 169 12.23 8.91 -19.30
C ASP A 169 12.11 8.05 -20.57
N PRO A 170 11.17 8.40 -21.39
CA PRO A 170 10.94 7.66 -22.65
C PRO A 170 12.08 7.94 -23.65
N ASN A 171 13.26 7.49 -23.33
CA ASN A 171 14.41 7.73 -24.25
C ASN A 171 15.10 6.41 -24.59
N TYR A 1 -4.01 3.10 -27.89
CA TYR A 1 -3.75 1.94 -26.98
C TYR A 1 -4.06 2.32 -25.54
N ASN A 2 -5.32 2.44 -25.20
CA ASN A 2 -5.69 2.80 -23.81
C ASN A 2 -6.92 2.02 -23.37
N VAL A 3 -6.89 1.41 -22.22
CA VAL A 3 -8.06 0.63 -21.74
C VAL A 3 -8.15 0.65 -20.21
N PHE A 4 -7.17 0.12 -19.56
CA PHE A 4 -7.19 0.09 -18.06
C PHE A 4 -6.14 1.03 -17.48
N PRO A 5 -6.58 2.20 -17.10
CA PRO A 5 -5.65 3.20 -16.51
C PRO A 5 -5.30 2.81 -15.07
N ARG A 6 -4.82 1.61 -14.88
CA ARG A 6 -4.47 1.15 -13.51
C ARG A 6 -3.16 0.37 -13.53
N THR A 7 -2.12 0.94 -14.07
CA THR A 7 -0.81 0.23 -14.13
C THR A 7 0.25 1.05 -13.40
N LEU A 8 0.43 2.27 -13.78
CA LEU A 8 1.43 3.13 -13.10
C LEU A 8 2.69 2.35 -12.75
N LYS A 9 3.22 1.60 -13.67
CA LYS A 9 4.45 0.81 -13.38
C LYS A 9 5.51 1.07 -14.44
N TRP A 10 5.94 2.31 -14.57
CA TRP A 10 6.97 2.63 -15.59
C TRP A 10 7.99 3.63 -15.02
N SER A 11 7.57 4.83 -14.73
CA SER A 11 8.51 5.84 -14.19
C SER A 11 8.40 5.92 -12.67
N LYS A 12 8.38 4.81 -11.99
CA LYS A 12 8.27 4.82 -10.51
C LYS A 12 9.35 3.93 -9.89
N MET A 13 10.57 4.39 -9.85
CA MET A 13 11.66 3.55 -9.26
C MET A 13 12.16 4.19 -7.96
N ASN A 14 11.64 5.33 -7.61
CA ASN A 14 12.08 6.02 -6.36
C ASN A 14 11.01 7.02 -5.91
N LEU A 15 10.56 6.91 -4.69
CA LEU A 15 9.52 7.86 -4.21
C LEU A 15 9.67 8.12 -2.71
N THR A 16 8.77 8.89 -2.14
CA THR A 16 8.85 9.18 -0.68
C THR A 16 7.50 8.86 -0.02
N TYR A 17 7.46 8.79 1.28
CA TYR A 17 6.17 8.48 1.96
C TYR A 17 6.22 8.84 3.45
N ARG A 18 5.17 8.54 4.16
CA ARG A 18 5.12 8.86 5.62
C ARG A 18 4.44 7.72 6.39
N ILE A 19 4.74 7.59 7.65
CA ILE A 19 4.13 6.50 8.45
C ILE A 19 3.22 7.07 9.55
N VAL A 20 1.98 6.67 9.56
CA VAL A 20 1.04 7.14 10.61
C VAL A 20 -0.22 6.28 10.62
N ASN A 21 -0.07 5.00 10.44
CA ASN A 21 -1.26 4.10 10.44
C ASN A 21 -2.24 4.55 11.52
N TYR A 22 -1.99 4.19 12.74
CA TYR A 22 -2.89 4.62 13.84
C TYR A 22 -2.36 4.08 15.18
N THR A 23 -3.20 3.99 16.18
CA THR A 23 -2.72 3.47 17.50
C THR A 23 -3.88 2.84 18.29
N PRO A 24 -4.60 1.98 17.64
CA PRO A 24 -5.74 1.30 18.28
C PRO A 24 -5.24 0.19 19.22
N ASP A 25 -5.00 -0.97 18.70
CA ASP A 25 -4.51 -2.09 19.56
C ASP A 25 -2.99 -2.18 19.47
N MET A 26 -2.38 -1.32 18.71
CA MET A 26 -0.89 -1.36 18.57
C MET A 26 -0.28 -0.05 19.09
N THR A 27 0.99 -0.07 19.42
CA THR A 27 1.64 1.17 19.93
C THR A 27 2.56 1.76 18.85
N HIS A 28 3.04 2.97 19.05
CA HIS A 28 3.94 3.59 18.05
C HIS A 28 4.99 2.57 17.59
N SER A 29 5.39 1.69 18.47
CA SER A 29 6.40 0.66 18.09
C SER A 29 5.80 -0.28 17.04
N GLU A 30 4.63 -0.78 17.28
CA GLU A 30 4.00 -1.70 16.30
C GLU A 30 3.81 -0.95 14.98
N VAL A 31 3.09 0.13 15.03
CA VAL A 31 2.90 0.93 13.79
C VAL A 31 4.26 1.07 13.11
N GLU A 32 5.28 1.22 13.90
CA GLU A 32 6.66 1.32 13.33
C GLU A 32 6.90 0.09 12.49
N LYS A 33 6.52 -1.06 12.99
CA LYS A 33 6.71 -2.31 12.19
C LYS A 33 5.74 -2.29 11.03
N ALA A 34 4.49 -2.03 11.29
CA ALA A 34 3.50 -2.00 10.19
C ALA A 34 4.07 -1.19 9.02
N PHE A 35 4.42 0.04 9.27
CA PHE A 35 4.97 0.89 8.17
C PHE A 35 6.31 0.33 7.67
N LYS A 36 7.27 0.17 8.54
CA LYS A 36 8.60 -0.35 8.10
C LYS A 36 8.46 -1.79 7.63
N LYS A 37 8.28 -2.68 8.55
CA LYS A 37 8.11 -4.11 8.21
C LYS A 37 7.30 -4.27 6.91
N ALA A 38 6.07 -3.80 6.87
CA ALA A 38 5.30 -3.93 5.61
C ALA A 38 6.18 -3.45 4.46
N PHE A 39 6.92 -2.39 4.64
CA PHE A 39 7.81 -1.92 3.55
C PHE A 39 8.94 -2.92 3.37
N LYS A 40 9.37 -3.55 4.44
CA LYS A 40 10.45 -4.56 4.30
C LYS A 40 10.00 -5.60 3.29
N VAL A 41 8.75 -5.98 3.37
CA VAL A 41 8.22 -6.97 2.39
C VAL A 41 8.18 -6.32 1.01
N TRP A 42 7.78 -5.08 0.95
CA TRP A 42 7.75 -4.37 -0.36
C TRP A 42 9.13 -4.44 -1.00
N SER A 43 10.15 -4.32 -0.20
CA SER A 43 11.53 -4.41 -0.75
C SER A 43 11.85 -5.88 -1.04
N ASP A 44 11.46 -6.75 -0.15
CA ASP A 44 11.71 -8.20 -0.38
C ASP A 44 11.22 -8.58 -1.78
N VAL A 45 10.18 -7.94 -2.22
CA VAL A 45 9.65 -8.26 -3.58
C VAL A 45 10.30 -7.33 -4.62
N THR A 46 10.51 -6.09 -4.29
CA THR A 46 11.16 -5.16 -5.27
C THR A 46 11.97 -4.10 -4.53
N PRO A 47 13.22 -4.01 -4.88
CA PRO A 47 14.13 -3.02 -4.24
C PRO A 47 13.78 -1.61 -4.69
N LEU A 48 12.58 -1.17 -4.46
CA LEU A 48 12.18 0.20 -4.88
C LEU A 48 12.83 1.24 -3.95
N ASN A 49 13.30 2.33 -4.50
CA ASN A 49 13.94 3.37 -3.64
C ASN A 49 12.87 4.17 -2.91
N PHE A 50 12.70 3.94 -1.64
CA PHE A 50 11.66 4.69 -0.87
C PHE A 50 12.32 5.53 0.22
N THR A 51 11.79 6.70 0.49
CA THR A 51 12.37 7.57 1.54
C THR A 51 11.27 8.26 2.33
N ARG A 52 11.48 8.47 3.59
CA ARG A 52 10.45 9.11 4.43
C ARG A 52 11.03 10.33 5.14
N LEU A 53 11.14 11.44 4.44
CA LEU A 53 11.71 12.67 5.08
C LEU A 53 10.60 13.43 5.82
N HIS A 54 10.69 13.52 7.12
CA HIS A 54 9.64 14.25 7.89
C HIS A 54 9.53 15.68 7.37
N ASP A 55 10.51 16.13 6.66
CA ASP A 55 10.46 17.51 6.10
C ASP A 55 9.16 17.70 5.31
N GLY A 56 8.58 16.63 4.85
CA GLY A 56 7.30 16.74 4.08
C GLY A 56 7.46 16.01 2.74
N ILE A 57 8.55 15.30 2.56
CA ILE A 57 8.73 14.57 1.29
C ILE A 57 8.10 13.19 1.40
N ALA A 58 6.86 13.07 1.02
CA ALA A 58 6.17 11.76 1.14
C ALA A 58 5.02 11.68 0.12
N ASP A 59 5.20 10.91 -0.93
CA ASP A 59 4.12 10.78 -1.94
C ASP A 59 3.00 9.87 -1.41
N ILE A 60 3.36 8.78 -0.79
CA ILE A 60 2.33 7.86 -0.24
C ILE A 60 2.49 7.78 1.28
N MET A 61 1.56 7.14 1.97
CA MET A 61 1.71 7.05 3.45
C MET A 61 0.69 6.07 4.05
N ILE A 62 0.96 5.55 5.22
CA ILE A 62 0.00 4.60 5.85
C ILE A 62 -0.73 5.30 6.99
N SER A 63 -2.04 5.37 6.93
CA SER A 63 -2.78 6.06 8.02
C SER A 63 -4.27 5.68 8.01
N PHE A 64 -4.92 5.80 9.14
CA PHE A 64 -6.36 5.46 9.20
C PHE A 64 -7.17 6.55 8.49
N GLY A 65 -7.87 6.20 7.45
CA GLY A 65 -8.66 7.21 6.69
C GLY A 65 -9.94 7.56 7.46
N ILE A 66 -10.21 8.83 7.60
CA ILE A 66 -11.44 9.26 8.32
C ILE A 66 -12.22 10.22 7.42
N LYS A 67 -13.16 9.70 6.66
CA LYS A 67 -13.99 10.53 5.72
C LYS A 67 -13.60 12.01 5.75
N GLU A 68 -12.73 12.41 4.88
CA GLU A 68 -12.31 13.84 4.84
C GLU A 68 -11.95 14.24 3.41
N HIS A 69 -12.37 13.46 2.45
CA HIS A 69 -12.05 13.80 1.03
C HIS A 69 -13.00 14.90 0.52
N GLY A 70 -14.25 14.58 0.36
CA GLY A 70 -15.22 15.60 -0.14
C GLY A 70 -16.04 15.02 -1.29
N ASP A 71 -16.33 13.75 -1.22
CA ASP A 71 -17.12 13.10 -2.32
C ASP A 71 -17.97 11.96 -1.75
N PHE A 72 -17.34 10.89 -1.34
CA PHE A 72 -18.12 9.75 -0.78
C PHE A 72 -17.63 9.42 0.63
N TYR A 73 -18.28 8.51 1.31
CA TYR A 73 -17.84 8.15 2.69
C TYR A 73 -16.99 6.88 2.66
N PRO A 74 -15.72 7.04 2.93
CA PRO A 74 -14.79 5.89 2.93
C PRO A 74 -15.02 5.02 4.17
N PHE A 75 -14.63 5.48 5.33
CA PHE A 75 -14.82 4.67 6.56
C PHE A 75 -16.26 4.18 6.66
N ASP A 76 -16.44 2.97 7.12
CA ASP A 76 -17.83 2.44 7.24
C ASP A 76 -17.80 1.02 7.80
N GLY A 77 -17.66 0.89 9.09
CA GLY A 77 -17.63 -0.46 9.72
C GLY A 77 -16.79 -1.40 8.86
N PRO A 78 -17.08 -2.67 9.00
CA PRO A 78 -16.35 -3.70 8.23
C PRO A 78 -16.86 -3.75 6.78
N SER A 79 -17.68 -2.81 6.39
CA SER A 79 -18.21 -2.80 4.99
C SER A 79 -17.09 -3.13 4.01
N GLY A 80 -17.44 -3.43 2.78
CA GLY A 80 -16.41 -3.77 1.76
C GLY A 80 -15.47 -2.60 1.54
N LEU A 81 -14.58 -2.34 2.46
CA LEU A 81 -13.64 -1.22 2.27
C LEU A 81 -12.71 -1.09 3.47
N LEU A 82 -11.60 -1.79 3.48
CA LEU A 82 -10.67 -1.66 4.63
C LEU A 82 -9.45 -0.80 4.28
N ALA A 83 -9.11 -0.68 3.03
CA ALA A 83 -7.91 0.16 2.68
C ALA A 83 -8.02 0.76 1.26
N HIS A 84 -8.28 2.04 1.19
CA HIS A 84 -8.35 2.71 -0.15
C HIS A 84 -7.05 3.47 -0.41
N ALA A 85 -6.47 3.31 -1.57
CA ALA A 85 -5.19 4.02 -1.87
C ALA A 85 -5.35 4.91 -3.11
N PHE A 86 -5.16 6.20 -2.96
CA PHE A 86 -5.30 7.11 -4.13
C PHE A 86 -4.16 6.86 -5.13
N PRO A 87 -4.34 7.42 -6.29
CA PRO A 87 -3.31 7.27 -7.36
C PRO A 87 -2.09 8.11 -7.03
N PRO A 88 -0.93 7.54 -7.23
CA PRO A 88 0.34 8.25 -6.93
C PRO A 88 0.55 9.40 -7.92
N GLY A 89 -0.03 10.53 -7.64
CA GLY A 89 0.15 11.70 -8.57
C GLY A 89 0.58 12.93 -7.77
N PRO A 90 -0.37 13.81 -7.55
CA PRO A 90 -0.09 15.05 -6.80
C PRO A 90 0.13 14.77 -5.31
N ASN A 91 0.05 15.78 -4.49
CA ASN A 91 0.25 15.57 -3.02
C ASN A 91 -0.91 14.74 -2.45
N TYR A 92 -1.91 14.50 -3.24
CA TYR A 92 -3.07 13.72 -2.75
C TYR A 92 -3.10 12.35 -3.44
N GLY A 93 -1.98 11.68 -3.47
CA GLY A 93 -1.92 10.33 -4.12
C GLY A 93 -1.13 9.38 -3.22
N GLY A 94 -1.16 8.11 -3.52
CA GLY A 94 -0.40 7.15 -2.67
C GLY A 94 -0.89 7.28 -1.23
N ASP A 95 -2.05 7.86 -1.03
CA ASP A 95 -2.58 8.02 0.35
C ASP A 95 -3.18 6.70 0.84
N ALA A 96 -2.40 5.89 1.50
CA ALA A 96 -2.93 4.59 2.02
C ALA A 96 -3.83 4.85 3.22
N HIS A 97 -5.11 4.93 3.01
CA HIS A 97 -6.05 5.18 4.14
C HIS A 97 -6.92 3.96 4.42
N PHE A 98 -7.07 3.60 5.67
CA PHE A 98 -7.92 2.41 6.00
C PHE A 98 -9.26 2.85 6.58
N ASP A 99 -10.33 2.23 6.16
CA ASP A 99 -11.66 2.61 6.71
C ASP A 99 -11.56 2.71 8.23
N ASP A 100 -11.29 3.87 8.74
CA ASP A 100 -11.12 4.02 10.22
C ASP A 100 -12.09 3.13 11.00
N ASP A 101 -13.23 2.79 10.45
CA ASP A 101 -14.16 1.93 11.21
C ASP A 101 -13.72 0.45 11.14
N GLU A 102 -12.61 0.17 10.52
CA GLU A 102 -12.16 -1.24 10.42
C GLU A 102 -11.14 -1.54 11.54
N THR A 103 -10.48 -2.66 11.47
CA THR A 103 -9.48 -3.00 12.53
C THR A 103 -8.10 -3.25 11.90
N TRP A 104 -7.07 -2.80 12.56
CA TRP A 104 -5.69 -3.01 12.01
C TRP A 104 -4.75 -3.39 13.16
N THR A 105 -3.78 -4.22 12.91
CA THR A 105 -2.85 -4.60 14.02
C THR A 105 -1.53 -5.11 13.46
N SER A 106 -0.62 -5.45 14.33
CA SER A 106 0.70 -5.99 13.88
C SER A 106 1.01 -7.27 14.64
N SER A 107 0.00 -8.02 14.98
CA SER A 107 0.20 -9.28 15.74
C SER A 107 0.06 -10.49 14.82
N SER A 108 -1.13 -11.02 14.73
CA SER A 108 -1.35 -12.20 13.86
C SER A 108 -2.82 -12.28 13.46
N LYS A 109 -3.71 -11.88 14.34
CA LYS A 109 -5.15 -11.93 14.01
C LYS A 109 -5.57 -10.62 13.31
N GLY A 110 -6.85 -10.43 13.09
CA GLY A 110 -7.31 -9.20 12.42
C GLY A 110 -6.42 -8.92 11.20
N TYR A 111 -6.33 -7.69 10.77
CA TYR A 111 -5.47 -7.37 9.59
C TYR A 111 -4.08 -6.94 10.07
N ASN A 112 -3.05 -7.57 9.57
CA ASN A 112 -1.68 -7.17 9.98
C ASN A 112 -1.18 -6.09 9.04
N LEU A 113 -0.83 -4.94 9.57
CA LEU A 113 -0.35 -3.84 8.68
C LEU A 113 0.59 -4.39 7.62
N PHE A 114 1.40 -5.34 7.96
CA PHE A 114 2.31 -5.89 6.94
C PHE A 114 1.47 -6.27 5.73
N LEU A 115 0.38 -6.94 5.99
CA LEU A 115 -0.55 -7.35 4.89
C LEU A 115 -1.38 -6.15 4.43
N VAL A 116 -2.33 -5.73 5.22
CA VAL A 116 -3.17 -4.58 4.80
C VAL A 116 -2.29 -3.43 4.30
N ALA A 117 -1.50 -2.86 5.16
CA ALA A 117 -0.60 -1.73 4.75
C ALA A 117 0.19 -2.08 3.48
N ALA A 118 0.83 -3.22 3.39
CA ALA A 118 1.60 -3.52 2.14
C ALA A 118 0.62 -3.51 0.97
N HIS A 119 -0.51 -4.09 1.18
CA HIS A 119 -1.56 -4.14 0.12
C HIS A 119 -1.95 -2.71 -0.28
N GLU A 120 -2.28 -1.88 0.68
CA GLU A 120 -2.65 -0.47 0.35
C GLU A 120 -1.43 0.24 -0.23
N PHE A 121 -0.25 -0.18 0.17
CA PHE A 121 0.99 0.46 -0.37
C PHE A 121 1.10 0.15 -1.86
N GLY A 122 1.25 -1.10 -2.20
CA GLY A 122 1.36 -1.47 -3.63
C GLY A 122 0.22 -0.82 -4.40
N HIS A 123 -0.88 -0.56 -3.75
CA HIS A 123 -2.04 0.08 -4.46
C HIS A 123 -1.82 1.58 -4.64
N SER A 124 -1.65 2.29 -3.57
CA SER A 124 -1.48 3.78 -3.66
C SER A 124 -0.14 4.15 -4.30
N LEU A 125 0.83 3.29 -4.24
CA LEU A 125 2.15 3.62 -4.83
C LEU A 125 2.33 3.00 -6.22
N GLY A 126 1.95 1.76 -6.37
CA GLY A 126 2.11 1.10 -7.70
C GLY A 126 0.95 1.45 -8.63
N LEU A 127 -0.22 0.95 -8.36
CA LEU A 127 -1.38 1.26 -9.26
C LEU A 127 -2.71 0.89 -8.58
N ASP A 128 -3.75 0.76 -9.34
CA ASP A 128 -5.08 0.40 -8.75
C ASP A 128 -5.11 -1.08 -8.36
N HIS A 129 -4.76 -1.95 -9.27
CA HIS A 129 -4.77 -3.41 -8.94
C HIS A 129 -3.95 -4.20 -9.95
N SER A 130 -3.76 -5.47 -9.70
CA SER A 130 -2.98 -6.32 -10.63
C SER A 130 -2.91 -7.75 -10.06
N LYS A 131 -4.02 -8.25 -9.59
CA LYS A 131 -4.02 -9.63 -9.02
C LYS A 131 -4.92 -10.56 -9.81
N ASP A 132 -5.22 -10.20 -11.03
CA ASP A 132 -6.11 -11.06 -11.88
C ASP A 132 -5.97 -12.54 -11.52
N PRO A 133 -4.76 -13.04 -11.52
CA PRO A 133 -4.53 -14.45 -11.18
C PRO A 133 -4.29 -14.62 -9.67
N GLY A 134 -3.45 -13.81 -9.09
CA GLY A 134 -3.19 -13.95 -7.62
C GLY A 134 -2.11 -12.95 -7.15
N ALA A 135 -2.52 -11.86 -6.55
CA ALA A 135 -1.54 -10.86 -6.04
C ALA A 135 -2.07 -10.18 -4.75
N LEU A 136 -1.23 -9.45 -4.07
CA LEU A 136 -1.67 -8.76 -2.82
C LEU A 136 -2.56 -7.57 -3.19
N MET A 137 -3.61 -7.82 -3.94
CA MET A 137 -4.52 -6.71 -4.36
C MET A 137 -6.00 -7.15 -4.33
N PHE A 138 -6.26 -8.41 -4.06
CA PHE A 138 -7.69 -8.86 -4.02
C PHE A 138 -8.32 -8.49 -2.68
N PRO A 139 -9.62 -8.64 -2.61
CA PRO A 139 -10.37 -8.30 -1.37
C PRO A 139 -10.05 -9.30 -0.26
N ILE A 140 -9.27 -10.30 -0.56
CA ILE A 140 -8.92 -11.31 0.48
C ILE A 140 -7.47 -11.08 0.94
N TYR A 141 -7.20 -11.29 2.20
CA TYR A 141 -5.81 -11.07 2.69
C TYR A 141 -5.33 -12.26 3.52
N THR A 142 -6.26 -12.93 4.16
CA THR A 142 -5.95 -14.12 5.03
C THR A 142 -4.45 -14.42 5.15
N TYR A 143 -3.81 -14.88 4.11
CA TYR A 143 -2.36 -15.18 4.22
C TYR A 143 -1.61 -13.94 4.71
N THR A 144 -1.27 -13.90 5.97
CA THR A 144 -0.54 -12.73 6.52
C THR A 144 0.64 -12.36 5.61
N GLY A 145 1.37 -11.33 5.95
CA GLY A 145 2.53 -10.93 5.11
C GLY A 145 3.42 -12.15 4.86
N LYS A 146 3.44 -13.08 5.77
CA LYS A 146 4.29 -14.30 5.59
C LYS A 146 3.58 -15.53 6.15
N SER A 147 2.27 -15.54 6.10
CA SER A 147 1.52 -16.71 6.63
C SER A 147 1.93 -18.00 5.89
N HIS A 148 2.44 -17.86 4.70
CA HIS A 148 2.86 -19.06 3.93
C HIS A 148 3.92 -18.67 2.89
N PHE A 149 3.55 -17.90 1.91
CA PHE A 149 4.54 -17.49 0.87
C PHE A 149 3.95 -16.38 0.00
N MET A 150 4.69 -15.94 -0.98
CA MET A 150 4.20 -14.85 -1.87
C MET A 150 3.11 -15.40 -2.79
N LEU A 151 2.08 -15.98 -2.23
CA LEU A 151 0.98 -16.48 -3.09
C LEU A 151 0.64 -15.38 -4.11
N PRO A 152 0.54 -14.17 -3.63
CA PRO A 152 0.28 -13.01 -4.54
C PRO A 152 1.52 -12.70 -5.39
N ASP A 153 2.12 -13.68 -6.00
CA ASP A 153 3.32 -13.42 -6.84
C ASP A 153 3.04 -12.32 -7.85
N ASP A 154 1.80 -12.15 -8.25
CA ASP A 154 1.51 -11.10 -9.24
C ASP A 154 1.98 -9.76 -8.72
N ASP A 155 1.72 -9.48 -7.48
CA ASP A 155 2.19 -8.19 -6.91
C ASP A 155 3.67 -8.32 -6.56
N VAL A 156 4.09 -9.48 -6.16
CA VAL A 156 5.52 -9.68 -5.82
C VAL A 156 6.38 -9.51 -7.07
N GLN A 157 6.38 -10.49 -7.92
CA GLN A 157 7.18 -10.41 -9.17
C GLN A 157 6.67 -9.26 -10.04
N GLY A 158 5.38 -9.01 -10.00
CA GLY A 158 4.80 -7.92 -10.82
C GLY A 158 5.59 -6.63 -10.61
N ILE A 159 5.54 -6.06 -9.43
CA ILE A 159 6.30 -4.79 -9.22
C ILE A 159 7.80 -5.09 -9.21
N GLN A 160 8.18 -6.29 -8.95
CA GLN A 160 9.63 -6.62 -8.96
C GLN A 160 10.13 -6.51 -10.39
N SER A 161 9.24 -6.56 -11.34
CA SER A 161 9.65 -6.48 -12.77
C SER A 161 9.37 -5.10 -13.36
N LEU A 162 8.28 -4.50 -13.01
CA LEU A 162 7.94 -3.16 -13.58
C LEU A 162 8.33 -2.03 -12.63
N TYR A 163 8.07 -2.21 -11.37
CA TYR A 163 8.43 -1.15 -10.38
C TYR A 163 9.95 -1.11 -10.18
N GLY A 164 10.62 -2.18 -10.51
CA GLY A 164 12.10 -2.21 -10.34
C GLY A 164 12.72 -1.05 -11.12
N PRO A 165 13.18 -1.34 -12.30
CA PRO A 165 13.79 -0.31 -13.16
C PRO A 165 12.72 0.64 -13.71
N GLY A 166 12.68 1.84 -13.22
CA GLY A 166 11.65 2.81 -13.71
C GLY A 166 12.18 3.53 -14.95
N ASP A 167 11.30 3.96 -15.82
CA ASP A 167 11.74 4.68 -17.05
C ASP A 167 11.69 6.19 -16.83
N GLU A 168 10.54 6.71 -16.50
CA GLU A 168 10.43 8.18 -16.27
C GLU A 168 11.18 8.94 -17.36
N ASP A 169 11.11 8.47 -18.58
CA ASP A 169 11.82 9.17 -19.68
C ASP A 169 11.19 8.77 -21.03
N PRO A 170 11.15 9.71 -21.93
CA PRO A 170 10.58 9.46 -23.27
C PRO A 170 11.54 8.60 -24.11
N ASN A 171 11.37 7.31 -24.07
CA ASN A 171 12.27 6.43 -24.86
C ASN A 171 11.45 5.45 -25.71
N TYR A 1 -1.19 6.45 -25.57
CA TYR A 1 -2.60 5.93 -25.56
C TYR A 1 -2.92 5.31 -24.19
N ASN A 2 -4.16 5.00 -23.95
CA ASN A 2 -4.53 4.39 -22.64
C ASN A 2 -5.76 3.49 -22.80
N VAL A 3 -5.57 2.26 -23.19
CA VAL A 3 -6.73 1.35 -23.37
C VAL A 3 -6.99 0.56 -22.08
N PHE A 4 -5.95 0.14 -21.42
CA PHE A 4 -6.13 -0.63 -20.16
C PHE A 4 -5.39 0.06 -19.01
N PRO A 5 -6.14 0.69 -18.15
CA PRO A 5 -5.56 1.40 -16.99
C PRO A 5 -5.05 0.40 -15.95
N ARG A 6 -4.90 0.82 -14.73
CA ARG A 6 -4.42 -0.11 -13.66
C ARG A 6 -2.99 -0.57 -13.96
N THR A 7 -2.03 0.29 -13.74
CA THR A 7 -0.61 -0.08 -14.01
C THR A 7 0.32 0.82 -13.19
N LEU A 8 0.22 2.10 -13.40
CA LEU A 8 1.08 3.08 -12.64
C LEU A 8 2.45 2.48 -12.31
N LYS A 9 3.00 1.70 -13.20
CA LYS A 9 4.34 1.09 -12.93
C LYS A 9 5.33 1.51 -14.01
N TRP A 10 5.31 2.75 -14.39
CA TRP A 10 6.25 3.23 -15.45
C TRP A 10 7.29 4.16 -14.84
N SER A 11 6.86 5.31 -14.37
CA SER A 11 7.82 6.28 -13.76
C SER A 11 7.73 6.23 -12.24
N LYS A 12 7.99 5.09 -11.66
CA LYS A 12 7.93 4.98 -10.17
C LYS A 12 8.98 4.00 -9.65
N MET A 13 10.18 4.47 -9.44
CA MET A 13 11.25 3.57 -8.92
C MET A 13 11.77 4.07 -7.57
N ASN A 14 11.51 5.32 -7.26
CA ASN A 14 11.99 5.88 -5.96
C ASN A 14 11.14 7.09 -5.58
N LEU A 15 10.35 6.97 -4.54
CA LEU A 15 9.50 8.12 -4.12
C LEU A 15 9.61 8.35 -2.62
N THR A 16 8.65 9.02 -2.04
CA THR A 16 8.69 9.28 -0.57
C THR A 16 7.30 9.09 0.05
N TYR A 17 7.24 8.79 1.31
CA TYR A 17 5.91 8.60 1.95
C TYR A 17 5.98 8.93 3.45
N ARG A 18 4.97 8.57 4.19
CA ARG A 18 4.96 8.87 5.66
C ARG A 18 4.40 7.68 6.45
N ILE A 19 4.76 7.57 7.70
CA ILE A 19 4.25 6.44 8.53
C ILE A 19 3.32 6.96 9.63
N VAL A 20 2.06 6.58 9.58
CA VAL A 20 1.10 7.04 10.64
C VAL A 20 -0.18 6.22 10.57
N ASN A 21 -0.07 4.93 10.39
CA ASN A 21 -1.29 4.07 10.33
C ASN A 21 -2.29 4.51 11.41
N TYR A 22 -2.00 4.20 12.64
CA TYR A 22 -2.91 4.60 13.75
C TYR A 22 -2.34 4.12 15.09
N THR A 23 -3.15 3.93 16.08
CA THR A 23 -2.63 3.45 17.40
C THR A 23 -3.76 2.87 18.24
N PRO A 24 -4.49 1.96 17.65
CA PRO A 24 -5.62 1.30 18.37
C PRO A 24 -5.07 0.23 19.32
N ASP A 25 -4.85 -0.95 18.81
CA ASP A 25 -4.31 -2.04 19.67
C ASP A 25 -2.79 -2.06 19.58
N MET A 26 -2.22 -1.21 18.77
CA MET A 26 -0.74 -1.18 18.62
C MET A 26 -0.20 0.21 18.99
N THR A 27 1.07 0.30 19.29
CA THR A 27 1.65 1.62 19.66
C THR A 27 2.68 2.07 18.61
N HIS A 28 3.35 3.16 18.85
CA HIS A 28 4.36 3.63 17.86
C HIS A 28 5.29 2.48 17.47
N SER A 29 5.63 1.62 18.39
CA SER A 29 6.51 0.48 18.06
C SER A 29 5.85 -0.40 16.99
N GLU A 30 4.62 -0.77 17.20
CA GLU A 30 3.93 -1.61 16.19
C GLU A 30 3.76 -0.85 14.89
N VAL A 31 3.02 0.22 14.92
CA VAL A 31 2.84 1.03 13.68
C VAL A 31 4.20 1.16 13.00
N GLU A 32 5.24 1.30 13.78
CA GLU A 32 6.60 1.42 13.18
C GLU A 32 6.87 0.15 12.38
N LYS A 33 6.53 -1.00 12.92
CA LYS A 33 6.73 -2.26 12.16
C LYS A 33 5.75 -2.29 11.00
N ALA A 34 4.52 -2.00 11.28
CA ALA A 34 3.50 -2.01 10.21
C ALA A 34 4.02 -1.27 8.98
N PHE A 35 4.35 -0.02 9.11
CA PHE A 35 4.86 0.75 7.94
C PHE A 35 6.23 0.23 7.49
N LYS A 36 7.17 0.12 8.39
CA LYS A 36 8.51 -0.38 7.98
C LYS A 36 8.42 -1.85 7.56
N LYS A 37 8.27 -2.71 8.50
CA LYS A 37 8.15 -4.16 8.20
C LYS A 37 7.31 -4.38 6.93
N ALA A 38 6.07 -3.96 6.90
CA ALA A 38 5.27 -4.15 5.66
C ALA A 38 6.12 -3.69 4.47
N PHE A 39 6.85 -2.62 4.65
CA PHE A 39 7.71 -2.13 3.54
C PHE A 39 8.87 -3.12 3.35
N LYS A 40 9.33 -3.72 4.41
CA LYS A 40 10.45 -4.70 4.28
C LYS A 40 9.99 -5.78 3.30
N VAL A 41 8.76 -6.19 3.41
CA VAL A 41 8.22 -7.21 2.47
C VAL A 41 8.17 -6.60 1.07
N TRP A 42 7.75 -5.37 0.98
CA TRP A 42 7.70 -4.69 -0.36
C TRP A 42 9.08 -4.73 -0.98
N SER A 43 10.10 -4.54 -0.17
CA SER A 43 11.49 -4.58 -0.70
C SER A 43 11.85 -6.03 -1.01
N ASP A 44 11.40 -6.94 -0.18
CA ASP A 44 11.69 -8.38 -0.42
C ASP A 44 11.24 -8.77 -1.82
N VAL A 45 10.13 -8.22 -2.25
CA VAL A 45 9.64 -8.56 -3.61
C VAL A 45 10.31 -7.66 -4.67
N THR A 46 10.59 -6.43 -4.33
CA THR A 46 11.25 -5.53 -5.31
C THR A 46 12.08 -4.46 -4.58
N PRO A 47 13.29 -4.30 -5.03
CA PRO A 47 14.21 -3.31 -4.40
C PRO A 47 13.78 -1.88 -4.76
N LEU A 48 12.58 -1.51 -4.42
CA LEU A 48 12.12 -0.12 -4.75
C LEU A 48 12.74 0.88 -3.76
N ASN A 49 12.61 2.15 -4.03
CA ASN A 49 13.19 3.17 -3.11
C ASN A 49 12.09 3.99 -2.45
N PHE A 50 11.96 3.91 -1.16
CA PHE A 50 10.91 4.70 -0.45
C PHE A 50 11.56 5.52 0.67
N THR A 51 11.35 6.81 0.69
CA THR A 51 11.96 7.65 1.76
C THR A 51 10.88 8.48 2.48
N ARG A 52 10.89 8.49 3.78
CA ARG A 52 9.88 9.27 4.53
C ARG A 52 10.49 10.60 5.01
N LEU A 53 10.54 11.57 4.16
CA LEU A 53 11.12 12.89 4.55
C LEU A 53 10.34 13.49 5.72
N HIS A 54 11.02 13.90 6.75
CA HIS A 54 10.32 14.51 7.92
C HIS A 54 10.25 16.03 7.75
N ASP A 55 9.98 16.48 6.55
CA ASP A 55 9.88 17.94 6.31
C ASP A 55 8.66 18.24 5.45
N GLY A 56 8.39 17.40 4.48
CA GLY A 56 7.21 17.63 3.61
C GLY A 56 7.53 17.18 2.18
N ILE A 57 8.27 16.12 2.03
CA ILE A 57 8.61 15.63 0.67
C ILE A 57 8.16 14.19 0.51
N ALA A 58 6.88 13.98 0.47
CA ALA A 58 6.36 12.59 0.33
C ALA A 58 5.10 12.59 -0.53
N ASP A 59 4.78 11.48 -1.14
CA ASP A 59 3.56 11.42 -1.99
C ASP A 59 2.62 10.34 -1.48
N ILE A 60 3.12 9.36 -0.77
CA ILE A 60 2.23 8.28 -0.25
C ILE A 60 2.39 8.15 1.28
N MET A 61 1.53 7.41 1.93
CA MET A 61 1.69 7.29 3.42
C MET A 61 0.64 6.35 4.01
N ILE A 62 0.97 5.70 5.11
CA ILE A 62 0.01 4.78 5.76
C ILE A 62 -0.71 5.50 6.92
N SER A 63 -1.98 5.75 6.80
CA SER A 63 -2.70 6.44 7.90
C SER A 63 -4.19 6.07 7.89
N PHE A 64 -4.82 6.07 9.03
CA PHE A 64 -6.26 5.71 9.08
C PHE A 64 -7.09 6.82 8.41
N GLY A 65 -7.93 6.45 7.48
CA GLY A 65 -8.75 7.47 6.78
C GLY A 65 -10.08 7.69 7.50
N ILE A 66 -10.33 8.89 7.94
CA ILE A 66 -11.62 9.17 8.64
C ILE A 66 -12.47 10.10 7.77
N LYS A 67 -13.45 9.56 7.09
CA LYS A 67 -14.35 10.36 6.18
C LYS A 67 -13.97 11.83 6.13
N GLU A 68 -13.02 12.18 5.29
CA GLU A 68 -12.60 13.60 5.17
C GLU A 68 -12.55 14.01 3.70
N HIS A 69 -12.87 13.11 2.81
CA HIS A 69 -12.85 13.45 1.35
C HIS A 69 -14.03 14.34 0.99
N GLY A 70 -15.18 13.76 0.79
CA GLY A 70 -16.37 14.58 0.43
C GLY A 70 -16.93 14.08 -0.91
N ASP A 71 -16.41 12.99 -1.41
CA ASP A 71 -16.90 12.46 -2.71
C ASP A 71 -17.34 11.00 -2.56
N PHE A 72 -16.39 10.11 -2.38
CA PHE A 72 -16.73 8.67 -2.24
C PHE A 72 -16.53 8.23 -0.77
N TYR A 73 -17.37 7.35 -0.29
CA TYR A 73 -17.24 6.89 1.12
C TYR A 73 -15.90 6.15 1.31
N PRO A 74 -15.03 6.77 2.05
CA PRO A 74 -13.70 6.16 2.32
C PRO A 74 -13.81 5.09 3.41
N PHE A 75 -14.20 5.48 4.59
CA PHE A 75 -14.33 4.48 5.70
C PHE A 75 -15.77 3.96 5.79
N ASP A 76 -16.04 3.06 6.69
CA ASP A 76 -17.42 2.54 6.83
C ASP A 76 -17.49 1.50 7.96
N GLY A 77 -16.67 0.49 7.91
CA GLY A 77 -16.70 -0.55 8.97
C GLY A 77 -16.35 -1.90 8.36
N PRO A 78 -17.11 -2.88 8.73
CA PRO A 78 -16.88 -4.24 8.22
C PRO A 78 -17.30 -4.32 6.74
N SER A 79 -17.82 -3.24 6.21
CA SER A 79 -18.24 -3.24 4.78
C SER A 79 -17.06 -3.63 3.88
N GLY A 80 -17.28 -3.62 2.60
CA GLY A 80 -16.19 -3.99 1.65
C GLY A 80 -15.25 -2.81 1.42
N LEU A 81 -14.39 -2.53 2.36
CA LEU A 81 -13.46 -1.39 2.17
C LEU A 81 -12.54 -1.23 3.38
N LEU A 82 -11.37 -1.80 3.36
CA LEU A 82 -10.47 -1.63 4.55
C LEU A 82 -9.24 -0.78 4.18
N ALA A 83 -8.92 -0.63 2.92
CA ALA A 83 -7.71 0.18 2.57
C ALA A 83 -7.83 0.82 1.18
N HIS A 84 -8.00 2.12 1.14
CA HIS A 84 -8.11 2.81 -0.19
C HIS A 84 -7.02 3.86 -0.32
N ALA A 85 -6.37 3.94 -1.45
CA ALA A 85 -5.29 4.94 -1.64
C ALA A 85 -5.58 5.82 -2.85
N PHE A 86 -4.96 6.96 -2.94
CA PHE A 86 -5.20 7.86 -4.11
C PHE A 86 -4.07 7.71 -5.12
N PRO A 87 -4.28 8.29 -6.27
CA PRO A 87 -3.26 8.23 -7.35
C PRO A 87 -2.07 9.10 -6.97
N PRO A 88 -0.89 8.52 -7.04
CA PRO A 88 0.34 9.25 -6.70
C PRO A 88 0.63 10.34 -7.74
N GLY A 89 -0.18 11.35 -7.80
CA GLY A 89 0.05 12.45 -8.78
C GLY A 89 0.40 13.73 -8.03
N PRO A 90 -0.63 14.42 -7.61
CA PRO A 90 -0.44 15.69 -6.86
C PRO A 90 0.04 15.39 -5.44
N ASN A 91 -0.13 16.31 -4.53
CA ASN A 91 0.32 16.08 -3.13
C ASN A 91 -0.70 15.21 -2.39
N TYR A 92 -1.74 14.81 -3.05
CA TYR A 92 -2.76 13.96 -2.38
C TYR A 92 -2.84 12.59 -3.07
N GLY A 93 -1.72 12.04 -3.41
CA GLY A 93 -1.71 10.70 -4.07
C GLY A 93 -1.17 9.66 -3.09
N GLY A 94 -1.07 8.43 -3.50
CA GLY A 94 -0.54 7.36 -2.59
C GLY A 94 -1.05 7.59 -1.17
N ASP A 95 -2.19 8.21 -1.01
CA ASP A 95 -2.73 8.44 0.36
C ASP A 95 -3.34 7.15 0.88
N ALA A 96 -2.56 6.32 1.52
CA ALA A 96 -3.11 5.04 2.03
C ALA A 96 -4.02 5.27 3.23
N HIS A 97 -5.29 5.47 3.00
CA HIS A 97 -6.23 5.71 4.12
C HIS A 97 -6.99 4.42 4.44
N PHE A 98 -6.88 3.93 5.65
CA PHE A 98 -7.59 2.68 6.00
C PHE A 98 -8.99 2.99 6.55
N ASP A 99 -9.98 2.27 6.10
CA ASP A 99 -11.37 2.48 6.60
C ASP A 99 -11.33 2.64 8.11
N ASP A 100 -11.16 3.83 8.60
CA ASP A 100 -11.06 4.01 10.07
C ASP A 100 -12.09 3.16 10.81
N ASP A 101 -13.23 2.91 10.23
CA ASP A 101 -14.24 2.07 10.94
C ASP A 101 -13.78 0.61 10.99
N GLU A 102 -12.68 0.28 10.33
CA GLU A 102 -12.19 -1.12 10.34
C GLU A 102 -11.17 -1.30 11.47
N THR A 103 -10.42 -2.36 11.45
CA THR A 103 -9.40 -2.57 12.53
C THR A 103 -8.02 -2.84 11.93
N TRP A 104 -6.98 -2.63 12.70
CA TRP A 104 -5.59 -2.87 12.18
C TRP A 104 -4.68 -3.27 13.33
N THR A 105 -3.76 -4.17 13.11
CA THR A 105 -2.85 -4.59 14.22
C THR A 105 -1.52 -5.09 13.66
N SER A 106 -0.60 -5.37 14.53
CA SER A 106 0.72 -5.90 14.09
C SER A 106 1.03 -7.16 14.89
N SER A 107 0.01 -7.87 15.28
CA SER A 107 0.21 -9.12 16.07
C SER A 107 -0.03 -10.34 15.19
N SER A 108 -1.26 -10.60 14.87
CA SER A 108 -1.59 -11.78 14.01
C SER A 108 -3.10 -11.84 13.80
N LYS A 109 -3.85 -11.42 14.78
CA LYS A 109 -5.34 -11.43 14.65
C LYS A 109 -5.80 -10.13 13.99
N GLY A 110 -6.67 -10.23 13.01
CA GLY A 110 -7.14 -9.00 12.32
C GLY A 110 -6.21 -8.69 11.15
N TYR A 111 -6.37 -7.55 10.54
CA TYR A 111 -5.48 -7.20 9.40
C TYR A 111 -4.10 -6.77 9.91
N ASN A 112 -3.07 -7.54 9.64
CA ASN A 112 -1.73 -7.16 10.11
C ASN A 112 -1.17 -6.09 9.16
N LEU A 113 -0.82 -4.95 9.68
CA LEU A 113 -0.29 -3.88 8.80
C LEU A 113 0.66 -4.47 7.76
N PHE A 114 1.43 -5.42 8.14
CA PHE A 114 2.35 -6.01 7.14
C PHE A 114 1.53 -6.43 5.94
N LEU A 115 0.45 -7.11 6.19
CA LEU A 115 -0.46 -7.53 5.09
C LEU A 115 -1.22 -6.33 4.53
N VAL A 116 -2.15 -5.79 5.27
CA VAL A 116 -2.92 -4.62 4.77
C VAL A 116 -1.94 -3.53 4.29
N ALA A 117 -1.24 -2.88 5.18
CA ALA A 117 -0.29 -1.82 4.77
C ALA A 117 0.51 -2.23 3.52
N ALA A 118 1.11 -3.40 3.50
CA ALA A 118 1.88 -3.78 2.27
C ALA A 118 0.93 -3.81 1.08
N HIS A 119 -0.28 -4.22 1.33
CA HIS A 119 -1.31 -4.28 0.25
C HIS A 119 -1.69 -2.86 -0.18
N GLU A 120 -2.02 -2.01 0.75
CA GLU A 120 -2.38 -0.62 0.41
C GLU A 120 -1.19 0.06 -0.27
N PHE A 121 -0.01 -0.14 0.25
CA PHE A 121 1.20 0.47 -0.38
C PHE A 121 1.26 0.03 -1.85
N GLY A 122 1.38 -1.25 -2.07
CA GLY A 122 1.44 -1.77 -3.45
C GLY A 122 0.37 -1.05 -4.29
N HIS A 123 -0.72 -0.70 -3.68
CA HIS A 123 -1.79 0.01 -4.46
C HIS A 123 -1.46 1.50 -4.62
N SER A 124 -1.57 2.25 -3.55
CA SER A 124 -1.29 3.72 -3.61
C SER A 124 -0.16 4.04 -4.57
N LEU A 125 0.91 3.31 -4.54
CA LEU A 125 2.05 3.64 -5.45
C LEU A 125 2.06 2.72 -6.67
N GLY A 126 1.73 1.47 -6.50
CA GLY A 126 1.73 0.52 -7.64
C GLY A 126 0.63 0.89 -8.64
N LEU A 127 -0.55 0.37 -8.44
CA LEU A 127 -1.66 0.69 -9.40
C LEU A 127 -3.01 0.21 -8.85
N ASP A 128 -4.04 0.30 -9.64
CA ASP A 128 -5.39 -0.15 -9.18
C ASP A 128 -5.31 -1.58 -8.64
N HIS A 129 -4.87 -2.52 -9.44
CA HIS A 129 -4.78 -3.92 -8.95
C HIS A 129 -3.89 -4.76 -9.87
N SER A 130 -3.72 -6.00 -9.54
CA SER A 130 -2.89 -6.91 -10.37
C SER A 130 -2.86 -8.31 -9.74
N LYS A 131 -4.02 -8.87 -9.49
CA LYS A 131 -4.06 -10.21 -8.86
C LYS A 131 -5.10 -11.11 -9.53
N ASP A 132 -5.44 -10.85 -10.75
CA ASP A 132 -6.45 -11.71 -11.43
C ASP A 132 -6.23 -13.17 -11.03
N PRO A 133 -4.99 -13.58 -11.09
CA PRO A 133 -4.61 -14.94 -10.70
C PRO A 133 -4.20 -14.99 -9.22
N GLY A 134 -3.37 -14.08 -8.76
CA GLY A 134 -2.96 -14.13 -7.32
C GLY A 134 -1.91 -13.06 -6.96
N ALA A 135 -2.34 -11.97 -6.35
CA ALA A 135 -1.37 -10.91 -5.91
C ALA A 135 -1.89 -10.23 -4.64
N LEU A 136 -1.02 -9.55 -3.92
CA LEU A 136 -1.44 -8.86 -2.67
C LEU A 136 -2.33 -7.67 -3.04
N MET A 137 -3.45 -7.95 -3.64
CA MET A 137 -4.37 -6.86 -4.06
C MET A 137 -5.83 -7.31 -3.96
N PHE A 138 -6.11 -8.56 -4.21
CA PHE A 138 -7.52 -9.05 -4.11
C PHE A 138 -8.19 -8.49 -2.85
N PRO A 139 -9.49 -8.65 -2.79
CA PRO A 139 -10.25 -8.17 -1.62
C PRO A 139 -9.98 -9.07 -0.42
N ILE A 140 -9.37 -10.20 -0.64
CA ILE A 140 -9.05 -11.12 0.48
C ILE A 140 -7.60 -10.92 0.93
N TYR A 141 -7.30 -11.17 2.17
CA TYR A 141 -5.90 -10.98 2.65
C TYR A 141 -5.43 -12.19 3.45
N THR A 142 -6.35 -12.88 4.08
CA THR A 142 -6.04 -14.08 4.92
C THR A 142 -4.54 -14.38 5.02
N TYR A 143 -3.90 -14.82 3.96
CA TYR A 143 -2.45 -15.11 4.06
C TYR A 143 -1.68 -13.79 4.25
N THR A 144 -1.22 -13.54 5.45
CA THR A 144 -0.46 -12.28 5.71
C THR A 144 0.74 -12.18 4.77
N GLY A 145 1.61 -11.23 5.01
CA GLY A 145 2.80 -11.08 4.13
C GLY A 145 3.74 -12.26 4.33
N LYS A 146 3.47 -13.10 5.29
CA LYS A 146 4.36 -14.27 5.54
C LYS A 146 3.54 -15.44 6.09
N SER A 147 2.28 -15.50 5.76
CA SER A 147 1.43 -16.62 6.27
C SER A 147 1.87 -17.95 5.65
N HIS A 148 2.67 -17.90 4.61
CA HIS A 148 3.12 -19.16 3.96
C HIS A 148 4.15 -18.85 2.87
N PHE A 149 3.76 -18.11 1.86
CA PHE A 149 4.72 -17.78 0.77
C PHE A 149 4.16 -16.67 -0.12
N MET A 150 4.91 -16.26 -1.11
CA MET A 150 4.43 -15.17 -2.03
C MET A 150 3.27 -15.67 -2.88
N LEU A 151 2.23 -16.18 -2.26
CA LEU A 151 1.05 -16.63 -3.04
C LEU A 151 0.75 -15.56 -4.09
N PRO A 152 0.71 -14.33 -3.63
CA PRO A 152 0.47 -13.18 -4.54
C PRO A 152 1.69 -12.90 -5.41
N ASP A 153 2.26 -13.89 -6.03
CA ASP A 153 3.45 -13.64 -6.89
C ASP A 153 3.13 -12.54 -7.89
N ASP A 154 1.90 -12.44 -8.29
CA ASP A 154 1.53 -11.39 -9.29
C ASP A 154 2.06 -10.05 -8.82
N ASP A 155 1.86 -9.75 -7.58
CA ASP A 155 2.37 -8.46 -7.06
C ASP A 155 3.85 -8.60 -6.75
N VAL A 156 4.27 -9.78 -6.37
CA VAL A 156 5.73 -9.98 -6.08
C VAL A 156 6.54 -9.71 -7.34
N GLN A 157 6.50 -10.59 -8.29
CA GLN A 157 7.29 -10.38 -9.53
C GLN A 157 6.64 -9.28 -10.37
N GLY A 158 5.35 -9.15 -10.30
CA GLY A 158 4.67 -8.09 -11.10
C GLY A 158 5.41 -6.77 -10.90
N ILE A 159 5.54 -6.32 -9.68
CA ILE A 159 6.25 -5.03 -9.46
C ILE A 159 7.76 -5.25 -9.40
N GLN A 160 8.21 -6.44 -9.12
CA GLN A 160 9.68 -6.64 -9.10
C GLN A 160 10.22 -6.43 -10.50
N SER A 161 9.36 -6.52 -11.48
CA SER A 161 9.80 -6.33 -12.88
C SER A 161 9.39 -4.95 -13.42
N LEU A 162 8.21 -4.49 -13.07
CA LEU A 162 7.75 -3.17 -13.59
C LEU A 162 8.15 -2.03 -12.64
N TYR A 163 7.95 -2.21 -11.37
CA TYR A 163 8.31 -1.14 -10.40
C TYR A 163 9.84 -1.04 -10.26
N GLY A 164 10.55 -1.99 -10.79
CA GLY A 164 12.04 -1.96 -10.70
C GLY A 164 12.55 -0.69 -11.39
N PRO A 165 12.87 -0.83 -12.65
CA PRO A 165 13.38 0.31 -13.44
C PRO A 165 12.25 1.30 -13.75
N GLY A 166 12.35 2.51 -13.26
CA GLY A 166 11.29 3.51 -13.51
C GLY A 166 11.69 4.39 -14.69
N ASP A 167 10.88 4.47 -15.71
CA ASP A 167 11.23 5.32 -16.88
C ASP A 167 11.17 6.80 -16.49
N GLU A 168 10.00 7.28 -16.14
CA GLU A 168 9.87 8.71 -15.75
C GLU A 168 10.52 9.60 -16.80
N ASP A 169 10.54 9.17 -18.03
CA ASP A 169 11.17 10.00 -19.12
C ASP A 169 10.56 9.61 -20.47
N PRO A 170 10.06 10.61 -21.16
CA PRO A 170 9.45 10.38 -22.49
C PRO A 170 10.53 10.08 -23.53
N ASN A 171 11.00 8.86 -23.59
CA ASN A 171 12.05 8.51 -24.58
C ASN A 171 13.12 9.59 -24.62
N TYR A 1 -5.12 6.82 -27.59
CA TYR A 1 -4.46 5.70 -26.86
C TYR A 1 -4.84 5.74 -25.38
N ASN A 2 -5.98 5.20 -25.04
CA ASN A 2 -6.43 5.20 -23.62
C ASN A 2 -6.68 3.77 -23.14
N VAL A 3 -5.72 3.16 -22.50
CA VAL A 3 -5.91 1.76 -22.01
C VAL A 3 -6.49 1.78 -20.60
N PHE A 4 -6.71 0.63 -20.03
CA PHE A 4 -7.28 0.57 -18.64
C PHE A 4 -6.32 1.27 -17.66
N PRO A 5 -6.89 2.13 -16.85
CA PRO A 5 -6.09 2.87 -15.85
C PRO A 5 -5.67 1.94 -14.69
N ARG A 6 -4.92 0.91 -14.98
CA ARG A 6 -4.50 -0.02 -13.90
C ARG A 6 -3.06 -0.48 -14.15
N THR A 7 -2.12 0.43 -14.13
CA THR A 7 -0.70 0.06 -14.35
C THR A 7 0.23 0.99 -13.56
N LEU A 8 0.23 2.25 -13.90
CA LEU A 8 1.08 3.24 -13.18
C LEU A 8 2.39 2.62 -12.69
N LYS A 9 3.14 2.01 -13.58
CA LYS A 9 4.43 1.40 -13.16
C LYS A 9 5.48 1.63 -14.25
N TRP A 10 6.05 2.81 -14.31
CA TRP A 10 7.06 3.09 -15.36
C TRP A 10 8.18 3.98 -14.82
N SER A 11 7.90 5.23 -14.57
CA SER A 11 8.97 6.14 -14.06
C SER A 11 8.81 6.34 -12.54
N LYS A 12 8.90 5.28 -11.79
CA LYS A 12 8.76 5.41 -10.31
C LYS A 12 9.61 4.35 -9.61
N MET A 13 10.89 4.58 -9.51
CA MET A 13 11.77 3.59 -8.83
C MET A 13 12.19 4.11 -7.46
N ASN A 14 11.96 5.37 -7.20
CA ASN A 14 12.34 5.95 -5.88
C ASN A 14 11.42 7.13 -5.54
N LEU A 15 10.79 7.08 -4.41
CA LEU A 15 9.87 8.20 -4.03
C LEU A 15 9.90 8.41 -2.52
N THR A 16 9.00 9.22 -2.01
CA THR A 16 8.98 9.47 -0.54
C THR A 16 7.62 9.09 0.04
N TYR A 17 7.55 8.83 1.31
CA TYR A 17 6.26 8.45 1.93
C TYR A 17 6.20 8.87 3.40
N ARG A 18 5.05 8.80 4.00
CA ARG A 18 4.93 9.18 5.44
C ARG A 18 4.41 8.00 6.25
N ILE A 19 4.83 7.88 7.48
CA ILE A 19 4.36 6.73 8.31
C ILE A 19 3.47 7.20 9.46
N VAL A 20 2.25 6.74 9.51
CA VAL A 20 1.32 7.14 10.60
C VAL A 20 0.13 6.19 10.63
N ASN A 21 0.40 4.91 10.61
CA ASN A 21 -0.71 3.91 10.63
C ASN A 21 -1.82 4.38 11.59
N TYR A 22 -1.68 4.12 12.85
CA TYR A 22 -2.71 4.55 13.84
C TYR A 22 -2.28 4.10 15.25
N THR A 23 -3.15 4.18 16.22
CA THR A 23 -2.76 3.74 17.59
C THR A 23 -3.87 2.95 18.28
N PRO A 24 -4.51 2.07 17.54
CA PRO A 24 -5.59 1.24 18.11
C PRO A 24 -5.00 0.10 18.96
N ASP A 25 -4.62 -0.98 18.34
CA ASP A 25 -4.04 -2.12 19.11
C ASP A 25 -2.53 -2.21 18.85
N MET A 26 -2.01 -1.33 18.03
CA MET A 26 -0.53 -1.37 17.76
C MET A 26 0.06 0.01 18.02
N THR A 27 0.51 0.25 19.23
CA THR A 27 1.10 1.57 19.58
C THR A 27 2.14 2.00 18.53
N HIS A 28 2.75 3.13 18.73
CA HIS A 28 3.77 3.61 17.76
C HIS A 28 4.76 2.50 17.46
N SER A 29 5.14 1.72 18.44
CA SER A 29 6.10 0.61 18.20
C SER A 29 5.58 -0.28 17.07
N GLU A 30 4.43 -0.86 17.24
CA GLU A 30 3.88 -1.73 16.18
C GLU A 30 3.81 -0.95 14.88
N VAL A 31 3.18 0.18 14.89
CA VAL A 31 3.11 1.01 13.66
C VAL A 31 4.52 1.05 13.06
N GLU A 32 5.51 1.07 13.91
CA GLU A 32 6.90 1.08 13.41
C GLU A 32 7.12 -0.20 12.60
N LYS A 33 6.65 -1.30 13.11
CA LYS A 33 6.78 -2.57 12.35
C LYS A 33 5.88 -2.51 11.14
N ALA A 34 4.62 -2.30 11.36
CA ALA A 34 3.67 -2.20 10.23
C ALA A 34 4.26 -1.35 9.11
N PHE A 35 4.38 -0.07 9.34
CA PHE A 35 4.94 0.81 8.28
C PHE A 35 6.30 0.29 7.77
N LYS A 36 7.27 0.16 8.64
CA LYS A 36 8.61 -0.33 8.20
C LYS A 36 8.53 -1.77 7.72
N LYS A 37 8.41 -2.69 8.62
CA LYS A 37 8.30 -4.13 8.24
C LYS A 37 7.46 -4.28 6.97
N ALA A 38 6.21 -3.92 6.99
CA ALA A 38 5.40 -4.05 5.75
C ALA A 38 6.21 -3.51 4.57
N PHE A 39 6.95 -2.44 4.80
CA PHE A 39 7.80 -1.90 3.71
C PHE A 39 8.95 -2.86 3.44
N LYS A 40 9.45 -3.50 4.47
CA LYS A 40 10.56 -4.47 4.29
C LYS A 40 10.12 -5.55 3.31
N VAL A 41 8.91 -6.02 3.47
CA VAL A 41 8.39 -7.07 2.54
C VAL A 41 8.21 -6.47 1.15
N TRP A 42 7.61 -5.30 1.08
CA TRP A 42 7.43 -4.63 -0.24
C TRP A 42 8.77 -4.53 -0.94
N SER A 43 9.80 -4.19 -0.20
CA SER A 43 11.16 -4.10 -0.82
C SER A 43 11.66 -5.50 -1.13
N ASP A 44 11.36 -6.44 -0.27
CA ASP A 44 11.80 -7.84 -0.52
C ASP A 44 11.35 -8.29 -1.90
N VAL A 45 10.14 -7.96 -2.27
CA VAL A 45 9.64 -8.37 -3.61
C VAL A 45 10.21 -7.43 -4.69
N THR A 46 10.44 -6.19 -4.35
CA THR A 46 10.98 -5.23 -5.36
C THR A 46 11.96 -4.26 -4.70
N PRO A 47 13.14 -4.16 -5.25
CA PRO A 47 14.18 -3.26 -4.70
C PRO A 47 13.82 -1.80 -4.98
N LEU A 48 12.70 -1.35 -4.50
CA LEU A 48 12.30 0.07 -4.74
C LEU A 48 12.87 0.97 -3.62
N ASN A 49 13.03 2.24 -3.90
CA ASN A 49 13.58 3.17 -2.88
C ASN A 49 12.46 4.02 -2.27
N PHE A 50 12.57 4.35 -1.01
CA PHE A 50 11.50 5.17 -0.37
C PHE A 50 12.09 5.98 0.79
N THR A 51 11.70 7.22 0.92
CA THR A 51 12.24 8.07 2.03
C THR A 51 11.14 9.00 2.57
N ARG A 52 11.02 9.11 3.86
CA ARG A 52 9.96 9.99 4.44
C ARG A 52 10.53 11.38 4.72
N LEU A 53 10.48 12.26 3.75
CA LEU A 53 11.03 13.63 3.97
C LEU A 53 10.24 14.35 5.07
N HIS A 54 10.79 14.40 6.26
CA HIS A 54 10.08 15.09 7.37
C HIS A 54 10.01 16.60 7.10
N ASP A 55 9.42 16.99 6.00
CA ASP A 55 9.32 18.44 5.69
C ASP A 55 8.12 18.68 4.76
N GLY A 56 8.03 17.96 3.68
CA GLY A 56 6.89 18.15 2.75
C GLY A 56 7.23 17.56 1.38
N ILE A 57 7.94 16.47 1.35
CA ILE A 57 8.28 15.85 0.05
C ILE A 57 7.91 14.37 0.08
N ALA A 58 6.64 14.09 0.18
CA ALA A 58 6.20 12.68 0.24
C ALA A 58 5.15 12.40 -0.85
N ASP A 59 5.09 11.20 -1.32
CA ASP A 59 4.09 10.85 -2.37
C ASP A 59 3.06 9.87 -1.82
N ILE A 60 3.48 8.99 -0.94
CA ILE A 60 2.52 8.01 -0.35
C ILE A 60 2.57 8.07 1.18
N MET A 61 1.65 7.41 1.85
CA MET A 61 1.67 7.45 3.34
C MET A 61 0.71 6.42 3.92
N ILE A 62 1.12 5.75 4.98
CA ILE A 62 0.22 4.74 5.61
C ILE A 62 -0.51 5.38 6.80
N SER A 63 -1.81 5.49 6.74
CA SER A 63 -2.52 6.12 7.89
C SER A 63 -4.00 5.75 7.88
N PHE A 64 -4.59 5.65 9.04
CA PHE A 64 -6.03 5.31 9.11
C PHE A 64 -6.86 6.43 8.46
N GLY A 65 -7.52 6.13 7.38
CA GLY A 65 -8.33 7.16 6.68
C GLY A 65 -9.58 7.45 7.50
N ILE A 66 -10.06 8.67 7.44
CA ILE A 66 -11.28 9.04 8.21
C ILE A 66 -12.15 9.98 7.38
N LYS A 67 -13.15 9.43 6.72
CA LYS A 67 -14.09 10.25 5.86
C LYS A 67 -13.71 11.73 5.84
N GLU A 68 -12.71 12.09 5.08
CA GLU A 68 -12.29 13.52 5.02
C GLU A 68 -12.38 14.04 3.58
N HIS A 69 -12.68 13.18 2.64
CA HIS A 69 -12.80 13.63 1.23
C HIS A 69 -14.17 14.25 0.98
N GLY A 70 -14.68 14.15 -0.23
CA GLY A 70 -16.01 14.75 -0.53
C GLY A 70 -16.74 13.87 -1.54
N ASP A 71 -16.49 12.59 -1.53
CA ASP A 71 -17.18 11.69 -2.49
C ASP A 71 -17.84 10.52 -1.75
N PHE A 72 -17.91 9.37 -2.37
CA PHE A 72 -18.53 8.20 -1.69
C PHE A 72 -17.95 8.04 -0.29
N TYR A 73 -18.70 7.46 0.61
CA TYR A 73 -18.19 7.26 2.00
C TYR A 73 -17.28 6.03 2.06
N PRO A 74 -16.02 6.28 2.29
CA PRO A 74 -15.03 5.17 2.37
C PRO A 74 -15.12 4.48 3.74
N PHE A 75 -14.73 5.17 4.78
CA PHE A 75 -14.79 4.55 6.15
C PHE A 75 -16.16 3.95 6.42
N ASP A 76 -16.23 2.91 7.20
CA ASP A 76 -17.55 2.31 7.51
C ASP A 76 -17.44 1.19 8.56
N GLY A 77 -16.34 0.51 8.60
CA GLY A 77 -16.20 -0.59 9.60
C GLY A 77 -15.96 -1.90 8.89
N PRO A 78 -16.57 -2.93 9.39
CA PRO A 78 -16.43 -4.27 8.77
C PRO A 78 -17.23 -4.32 7.47
N SER A 79 -16.99 -3.39 6.59
CA SER A 79 -17.73 -3.37 5.30
C SER A 79 -16.77 -3.64 4.14
N GLY A 80 -17.27 -3.60 2.94
CA GLY A 80 -16.41 -3.85 1.76
C GLY A 80 -15.47 -2.68 1.52
N LEU A 81 -14.56 -2.43 2.43
CA LEU A 81 -13.62 -1.30 2.24
C LEU A 81 -12.66 -1.19 3.41
N LEU A 82 -11.50 -1.79 3.34
CA LEU A 82 -10.56 -1.66 4.50
C LEU A 82 -9.29 -0.88 4.10
N ALA A 83 -9.05 -0.68 2.84
CA ALA A 83 -7.81 0.06 2.46
C ALA A 83 -7.94 0.72 1.08
N HIS A 84 -8.16 2.00 1.05
CA HIS A 84 -8.28 2.70 -0.26
C HIS A 84 -7.15 3.74 -0.39
N ALA A 85 -6.35 3.64 -1.42
CA ALA A 85 -5.24 4.61 -1.59
C ALA A 85 -5.51 5.53 -2.78
N PHE A 86 -4.88 6.67 -2.83
CA PHE A 86 -5.12 7.60 -3.96
C PHE A 86 -4.03 7.42 -5.04
N PRO A 87 -4.29 7.99 -6.18
CA PRO A 87 -3.32 7.91 -7.30
C PRO A 87 -2.12 8.80 -7.01
N PRO A 88 -0.96 8.28 -7.29
CA PRO A 88 0.29 9.05 -7.04
C PRO A 88 0.44 10.19 -8.04
N GLY A 89 -0.52 11.08 -8.07
CA GLY A 89 -0.44 12.22 -9.03
C GLY A 89 0.08 13.47 -8.29
N PRO A 90 -0.85 14.27 -7.84
CA PRO A 90 -0.49 15.50 -7.11
C PRO A 90 0.04 15.17 -5.71
N ASN A 91 0.14 16.14 -4.85
CA ASN A 91 0.64 15.87 -3.47
C ASN A 91 -0.35 14.98 -2.72
N TYR A 92 -1.49 14.75 -3.28
CA TYR A 92 -2.49 13.89 -2.60
C TYR A 92 -2.61 12.54 -3.32
N GLY A 93 -1.51 11.86 -3.49
CA GLY A 93 -1.54 10.55 -4.17
C GLY A 93 -0.92 9.49 -3.26
N GLY A 94 -0.96 8.25 -3.64
CA GLY A 94 -0.37 7.18 -2.79
C GLY A 94 -0.79 7.39 -1.33
N ASP A 95 -1.89 8.07 -1.11
CA ASP A 95 -2.34 8.31 0.29
C ASP A 95 -3.03 7.06 0.84
N ALA A 96 -2.29 6.14 1.40
CA ALA A 96 -2.91 4.90 1.94
C ALA A 96 -3.86 5.24 3.09
N HIS A 97 -5.13 5.02 2.90
CA HIS A 97 -6.11 5.32 3.97
C HIS A 97 -6.90 4.06 4.37
N PHE A 98 -6.80 3.65 5.60
CA PHE A 98 -7.54 2.43 6.04
C PHE A 98 -8.93 2.81 6.59
N ASP A 99 -9.91 2.00 6.29
CA ASP A 99 -11.29 2.29 6.80
C ASP A 99 -11.24 2.50 8.31
N ASP A 100 -10.97 3.70 8.75
CA ASP A 100 -10.88 3.95 10.22
C ASP A 100 -11.90 3.11 11.01
N ASP A 101 -13.08 2.92 10.49
CA ASP A 101 -14.09 2.12 11.25
C ASP A 101 -13.64 0.65 11.39
N GLU A 102 -12.65 0.23 10.65
CA GLU A 102 -12.20 -1.19 10.77
C GLU A 102 -11.05 -1.29 11.78
N THR A 103 -10.24 -2.32 11.69
CA THR A 103 -9.11 -2.46 12.65
C THR A 103 -7.83 -2.89 11.95
N TRP A 104 -6.71 -2.69 12.58
CA TRP A 104 -5.41 -3.09 11.96
C TRP A 104 -4.43 -3.48 13.07
N THR A 105 -3.53 -4.39 12.81
CA THR A 105 -2.57 -4.78 13.88
C THR A 105 -1.31 -5.37 13.28
N SER A 106 -0.44 -5.86 14.10
CA SER A 106 0.82 -6.47 13.59
C SER A 106 0.95 -7.91 14.10
N SER A 107 -0.16 -8.56 14.31
CA SER A 107 -0.12 -9.97 14.80
C SER A 107 -0.75 -10.91 13.76
N SER A 108 -0.92 -12.16 14.10
CA SER A 108 -1.53 -13.12 13.14
C SER A 108 -3.05 -12.98 13.13
N LYS A 109 -3.58 -12.07 13.92
CA LYS A 109 -5.06 -11.89 13.94
C LYS A 109 -5.43 -10.52 13.39
N GLY A 110 -6.59 -10.40 12.79
CA GLY A 110 -7.02 -9.09 12.22
C GLY A 110 -6.13 -8.75 11.02
N TYR A 111 -6.27 -7.57 10.47
CA TYR A 111 -5.44 -7.19 9.30
C TYR A 111 -4.04 -6.81 9.76
N ASN A 112 -3.04 -7.57 9.39
CA ASN A 112 -1.65 -7.22 9.80
C ASN A 112 -1.16 -6.09 8.92
N LEU A 113 -0.75 -4.98 9.50
CA LEU A 113 -0.27 -3.87 8.64
C LEU A 113 0.66 -4.44 7.59
N PHE A 114 1.40 -5.44 7.93
CA PHE A 114 2.28 -6.05 6.92
C PHE A 114 1.41 -6.45 5.74
N LEU A 115 0.30 -7.08 6.04
CA LEU A 115 -0.65 -7.50 4.98
C LEU A 115 -1.42 -6.28 4.44
N VAL A 116 -2.37 -5.77 5.18
CA VAL A 116 -3.16 -4.60 4.70
C VAL A 116 -2.23 -3.51 4.16
N ALA A 117 -1.38 -2.97 4.98
CA ALA A 117 -0.46 -1.90 4.51
C ALA A 117 0.33 -2.33 3.27
N ALA A 118 0.98 -3.48 3.28
CA ALA A 118 1.73 -3.87 2.05
C ALA A 118 0.75 -3.94 0.89
N HIS A 119 -0.48 -4.19 1.17
CA HIS A 119 -1.53 -4.26 0.12
C HIS A 119 -1.91 -2.84 -0.33
N GLU A 120 -2.24 -1.98 0.59
CA GLU A 120 -2.56 -0.58 0.19
C GLU A 120 -1.35 0.02 -0.51
N PHE A 121 -0.18 -0.20 0.02
CA PHE A 121 1.05 0.33 -0.63
C PHE A 121 1.08 -0.13 -2.08
N GLY A 122 1.13 -1.42 -2.29
CA GLY A 122 1.15 -1.95 -3.68
C GLY A 122 0.13 -1.19 -4.52
N HIS A 123 -0.95 -0.77 -3.93
CA HIS A 123 -1.98 -0.02 -4.71
C HIS A 123 -1.61 1.47 -4.84
N SER A 124 -1.82 2.22 -3.80
CA SER A 124 -1.52 3.68 -3.85
C SER A 124 -0.26 3.98 -4.68
N LEU A 125 0.75 3.18 -4.58
CA LEU A 125 1.99 3.45 -5.37
C LEU A 125 2.00 2.64 -6.66
N GLY A 126 1.54 1.42 -6.61
CA GLY A 126 1.53 0.58 -7.83
C GLY A 126 0.40 1.01 -8.77
N LEU A 127 -0.75 0.44 -8.63
CA LEU A 127 -1.89 0.82 -9.53
C LEU A 127 -3.18 0.10 -9.13
N ASP A 128 -4.29 0.49 -9.72
CA ASP A 128 -5.62 -0.12 -9.40
C ASP A 128 -5.48 -1.55 -8.88
N HIS A 129 -5.12 -2.48 -9.71
CA HIS A 129 -4.99 -3.88 -9.24
C HIS A 129 -4.16 -4.72 -10.22
N SER A 130 -3.97 -5.98 -9.90
CA SER A 130 -3.19 -6.88 -10.79
C SER A 130 -3.13 -8.28 -10.17
N LYS A 131 -4.16 -8.66 -9.46
CA LYS A 131 -4.18 -10.00 -8.81
C LYS A 131 -5.02 -11.00 -9.60
N ASP A 132 -5.21 -10.76 -10.86
CA ASP A 132 -6.03 -11.71 -11.67
C ASP A 132 -5.77 -13.16 -11.23
N PRO A 133 -4.58 -13.64 -11.47
CA PRO A 133 -4.24 -15.02 -11.05
C PRO A 133 -3.99 -15.09 -9.54
N GLY A 134 -3.20 -14.19 -9.00
CA GLY A 134 -2.95 -14.23 -7.53
C GLY A 134 -1.97 -13.14 -7.08
N ALA A 135 -2.48 -12.08 -6.50
CA ALA A 135 -1.60 -10.98 -6.00
C ALA A 135 -2.20 -10.37 -4.72
N LEU A 136 -1.39 -9.69 -3.94
CA LEU A 136 -1.89 -9.07 -2.69
C LEU A 136 -2.69 -7.81 -3.05
N MET A 137 -3.80 -8.02 -3.71
CA MET A 137 -4.66 -6.86 -4.12
C MET A 137 -6.13 -7.24 -3.99
N PHE A 138 -6.48 -8.45 -4.32
CA PHE A 138 -7.91 -8.86 -4.19
C PHE A 138 -8.46 -8.46 -2.82
N PRO A 139 -9.74 -8.58 -2.66
CA PRO A 139 -10.38 -8.22 -1.37
C PRO A 139 -10.01 -9.23 -0.28
N ILE A 140 -9.27 -10.24 -0.63
CA ILE A 140 -8.87 -11.25 0.38
C ILE A 140 -7.44 -10.96 0.88
N TYR A 141 -7.17 -11.22 2.13
CA TYR A 141 -5.81 -10.94 2.66
C TYR A 141 -5.31 -12.13 3.51
N THR A 142 -6.23 -12.78 4.18
CA THR A 142 -5.91 -13.95 5.07
C THR A 142 -4.41 -14.27 5.17
N TYR A 143 -3.78 -14.74 4.13
CA TYR A 143 -2.33 -15.05 4.24
C TYR A 143 -1.57 -13.82 4.75
N THR A 144 -1.11 -13.86 5.97
CA THR A 144 -0.37 -12.71 6.55
C THR A 144 0.87 -12.40 5.69
N GLY A 145 1.55 -11.32 5.98
CA GLY A 145 2.76 -10.97 5.19
C GLY A 145 3.61 -12.22 4.95
N LYS A 146 3.75 -13.06 5.94
CA LYS A 146 4.57 -14.29 5.76
C LYS A 146 3.93 -15.49 6.48
N SER A 147 2.65 -15.69 6.31
CA SER A 147 1.99 -16.83 6.99
C SER A 147 2.04 -18.07 6.08
N HIS A 148 2.67 -17.96 4.95
CA HIS A 148 2.75 -19.12 4.02
C HIS A 148 3.79 -18.86 2.93
N PHE A 149 3.50 -17.96 2.03
CA PHE A 149 4.46 -17.65 0.94
C PHE A 149 3.91 -16.57 0.01
N MET A 150 4.68 -16.19 -0.98
CA MET A 150 4.20 -15.14 -1.94
C MET A 150 3.07 -15.70 -2.79
N LEU A 151 2.03 -16.17 -2.17
CA LEU A 151 0.87 -16.67 -2.94
C LEU A 151 0.56 -15.64 -4.03
N PRO A 152 0.51 -14.39 -3.62
CA PRO A 152 0.24 -13.29 -4.57
C PRO A 152 1.46 -13.02 -5.46
N ASP A 153 2.02 -14.03 -6.06
CA ASP A 153 3.20 -13.80 -6.94
C ASP A 153 2.93 -12.66 -7.92
N ASP A 154 1.71 -12.51 -8.37
CA ASP A 154 1.44 -11.42 -9.34
C ASP A 154 1.91 -10.10 -8.74
N ASP A 155 1.46 -9.80 -7.56
CA ASP A 155 1.91 -8.55 -6.92
C ASP A 155 3.42 -8.64 -6.64
N VAL A 156 3.89 -9.81 -6.28
CA VAL A 156 5.34 -9.98 -6.00
C VAL A 156 6.18 -9.74 -7.26
N GLN A 157 6.34 -10.75 -8.06
CA GLN A 157 7.14 -10.56 -9.31
C GLN A 157 6.57 -9.39 -10.11
N GLY A 158 5.27 -9.34 -10.22
CA GLY A 158 4.62 -8.24 -10.98
C GLY A 158 5.33 -6.91 -10.73
N ILE A 159 5.22 -6.35 -9.55
CA ILE A 159 5.90 -5.05 -9.33
C ILE A 159 7.42 -5.25 -9.26
N GLN A 160 7.86 -6.43 -8.90
CA GLN A 160 9.32 -6.67 -8.85
C GLN A 160 9.91 -6.37 -10.22
N SER A 161 9.10 -6.44 -11.23
CA SER A 161 9.58 -6.16 -12.61
C SER A 161 9.14 -4.78 -13.08
N LEU A 162 7.92 -4.42 -12.82
CA LEU A 162 7.42 -3.08 -13.26
C LEU A 162 8.00 -1.97 -12.39
N TYR A 163 7.85 -2.07 -11.10
CA TYR A 163 8.39 -1.02 -10.20
C TYR A 163 9.90 -1.16 -10.09
N GLY A 164 10.45 -2.23 -10.63
CA GLY A 164 11.92 -2.42 -10.55
C GLY A 164 12.62 -1.21 -11.17
N PRO A 165 13.15 -1.40 -12.35
CA PRO A 165 13.84 -0.30 -13.07
C PRO A 165 12.82 0.69 -13.63
N GLY A 166 12.82 1.90 -13.15
CA GLY A 166 11.84 2.90 -13.65
C GLY A 166 12.40 3.60 -14.89
N ASP A 167 11.57 3.90 -15.85
CA ASP A 167 12.05 4.59 -17.08
C ASP A 167 12.21 6.09 -16.83
N GLU A 168 11.13 6.75 -16.49
CA GLU A 168 11.21 8.21 -16.23
C GLU A 168 12.09 8.89 -17.29
N ASP A 169 12.19 8.33 -18.45
CA ASP A 169 13.03 8.94 -19.51
C ASP A 169 12.74 8.29 -20.87
N PRO A 170 12.04 9.01 -21.69
CA PRO A 170 11.68 8.52 -23.04
C PRO A 170 12.90 8.53 -23.96
N ASN A 171 13.96 7.87 -23.57
CA ASN A 171 15.18 7.86 -24.42
C ASN A 171 15.05 6.80 -25.52
N TYR A 1 -4.32 1.33 -29.34
CA TYR A 1 -3.62 0.54 -28.28
C TYR A 1 -4.12 0.96 -26.89
N ASN A 2 -5.14 0.33 -26.41
CA ASN A 2 -5.67 0.69 -25.06
C ASN A 2 -5.78 -0.55 -24.17
N VAL A 3 -4.95 -0.65 -23.18
CA VAL A 3 -5.01 -1.84 -22.28
C VAL A 3 -5.69 -1.47 -20.95
N PHE A 4 -6.01 -2.43 -20.14
CA PHE A 4 -6.67 -2.12 -18.84
C PHE A 4 -5.96 -0.95 -18.16
N PRO A 5 -6.73 0.01 -17.75
CA PRO A 5 -6.17 1.21 -17.06
C PRO A 5 -5.73 0.85 -15.64
N ARG A 6 -4.73 0.03 -15.50
CA ARG A 6 -4.27 -0.36 -14.14
C ARG A 6 -2.80 -0.79 -14.21
N THR A 7 -1.91 0.13 -14.42
CA THR A 7 -0.46 -0.23 -14.50
C THR A 7 0.36 0.78 -13.69
N LEU A 8 0.38 2.00 -14.14
CA LEU A 8 1.14 3.06 -13.40
C LEU A 8 2.43 2.50 -12.79
N LYS A 9 3.21 1.79 -13.54
CA LYS A 9 4.48 1.23 -12.99
C LYS A 9 5.59 1.37 -14.02
N TRP A 10 6.15 2.55 -14.15
CA TRP A 10 7.24 2.74 -15.16
C TRP A 10 8.21 3.84 -14.72
N SER A 11 7.77 5.06 -14.68
CA SER A 11 8.67 6.17 -14.28
C SER A 11 8.66 6.37 -12.76
N LYS A 12 8.64 5.30 -12.01
CA LYS A 12 8.64 5.45 -10.53
C LYS A 12 9.49 4.36 -9.86
N MET A 13 10.77 4.56 -9.79
CA MET A 13 11.64 3.54 -9.14
C MET A 13 11.97 3.98 -7.71
N ASN A 14 11.83 5.26 -7.44
CA ASN A 14 12.11 5.78 -6.07
C ASN A 14 11.04 6.80 -5.68
N LEU A 15 10.56 6.76 -4.47
CA LEU A 15 9.51 7.73 -4.06
C LEU A 15 9.60 8.02 -2.55
N THR A 16 8.90 9.03 -2.10
CA THR A 16 8.92 9.35 -0.65
C THR A 16 7.55 9.03 -0.04
N TYR A 17 7.45 9.04 1.26
CA TYR A 17 6.14 8.72 1.89
C TYR A 17 6.13 9.07 3.38
N ARG A 18 4.99 8.90 4.00
CA ARG A 18 4.88 9.21 5.46
C ARG A 18 4.38 7.96 6.20
N ILE A 19 4.73 7.83 7.45
CA ILE A 19 4.28 6.63 8.21
C ILE A 19 3.44 7.01 9.43
N VAL A 20 2.13 7.02 9.29
CA VAL A 20 1.27 7.38 10.45
C VAL A 20 0.02 6.51 10.46
N ASN A 21 0.17 5.21 10.36
CA ASN A 21 -1.03 4.33 10.37
C ASN A 21 -1.99 4.79 11.46
N TYR A 22 -1.81 4.33 12.67
CA TYR A 22 -2.70 4.76 13.78
C TYR A 22 -2.28 4.08 15.09
N THR A 23 -2.91 4.42 16.18
CA THR A 23 -2.55 3.77 17.48
C THR A 23 -3.77 3.02 18.05
N PRO A 24 -4.25 2.09 17.28
CA PRO A 24 -5.42 1.28 17.70
C PRO A 24 -5.04 0.33 18.85
N ASP A 25 -4.60 -0.85 18.52
CA ASP A 25 -4.21 -1.82 19.58
C ASP A 25 -2.69 -2.05 19.55
N MET A 26 -2.00 -1.33 18.70
CA MET A 26 -0.52 -1.48 18.60
C MET A 26 0.16 -0.19 19.03
N THR A 27 1.24 -0.30 19.75
CA THR A 27 1.96 0.94 20.21
C THR A 27 2.79 1.51 19.06
N HIS A 28 3.27 2.72 19.22
CA HIS A 28 4.10 3.35 18.15
C HIS A 28 5.09 2.32 17.60
N SER A 29 5.66 1.52 18.47
CA SER A 29 6.62 0.48 17.99
C SER A 29 5.95 -0.44 16.98
N GLU A 30 4.80 -0.94 17.32
CA GLU A 30 4.09 -1.85 16.38
C GLU A 30 3.83 -1.11 15.07
N VAL A 31 3.17 -0.01 15.13
CA VAL A 31 2.94 0.77 13.88
C VAL A 31 4.28 0.85 13.14
N GLU A 32 5.34 0.96 13.88
CA GLU A 32 6.69 1.00 13.26
C GLU A 32 6.86 -0.25 12.43
N LYS A 33 6.45 -1.38 12.95
CA LYS A 33 6.56 -2.64 12.16
C LYS A 33 5.57 -2.57 11.01
N ALA A 34 4.36 -2.25 11.30
CA ALA A 34 3.35 -2.16 10.24
C ALA A 34 3.87 -1.36 9.05
N PHE A 35 4.18 -0.11 9.27
CA PHE A 35 4.67 0.72 8.13
C PHE A 35 6.05 0.25 7.66
N LYS A 36 6.99 0.14 8.55
CA LYS A 36 8.36 -0.30 8.13
C LYS A 36 8.32 -1.74 7.62
N LYS A 37 8.13 -2.66 8.50
CA LYS A 37 8.07 -4.09 8.10
C LYS A 37 7.24 -4.24 6.81
N ALA A 38 6.00 -3.81 6.82
CA ALA A 38 5.21 -3.94 5.55
C ALA A 38 6.06 -3.41 4.40
N PHE A 39 6.80 -2.34 4.63
CA PHE A 39 7.67 -1.81 3.56
C PHE A 39 8.85 -2.76 3.34
N LYS A 40 9.32 -3.38 4.38
CA LYS A 40 10.45 -4.34 4.23
C LYS A 40 10.01 -5.47 3.30
N VAL A 41 8.81 -5.93 3.46
CA VAL A 41 8.30 -7.00 2.57
C VAL A 41 8.16 -6.45 1.15
N TRP A 42 7.52 -5.32 1.02
CA TRP A 42 7.38 -4.69 -0.32
C TRP A 42 8.76 -4.58 -0.96
N SER A 43 9.76 -4.30 -0.16
CA SER A 43 11.14 -4.20 -0.70
C SER A 43 11.67 -5.61 -1.00
N ASP A 44 11.31 -6.56 -0.18
CA ASP A 44 11.76 -7.96 -0.40
C ASP A 44 11.32 -8.42 -1.79
N VAL A 45 10.13 -8.07 -2.19
CA VAL A 45 9.65 -8.48 -3.53
C VAL A 45 10.22 -7.56 -4.61
N THR A 46 10.46 -6.31 -4.28
CA THR A 46 11.01 -5.37 -5.29
C THR A 46 11.85 -4.29 -4.60
N PRO A 47 13.03 -4.08 -5.12
CA PRO A 47 13.94 -3.06 -4.54
C PRO A 47 13.42 -1.65 -4.81
N LEU A 48 12.24 -1.35 -4.36
CA LEU A 48 11.68 0.02 -4.60
C LEU A 48 12.31 1.03 -3.63
N ASN A 49 12.71 2.17 -4.12
CA ASN A 49 13.32 3.19 -3.23
C ASN A 49 12.24 3.97 -2.48
N PHE A 50 12.38 4.09 -1.19
CA PHE A 50 11.35 4.82 -0.40
C PHE A 50 12.02 5.73 0.64
N THR A 51 11.52 6.91 0.83
CA THR A 51 12.14 7.84 1.82
C THR A 51 11.07 8.72 2.47
N ARG A 52 11.08 8.80 3.77
CA ARG A 52 10.07 9.64 4.48
C ARG A 52 10.70 10.99 4.84
N LEU A 53 10.16 12.06 4.32
CA LEU A 53 10.73 13.41 4.63
C LEU A 53 9.71 14.25 5.39
N HIS A 54 9.82 14.33 6.69
CA HIS A 54 8.85 15.14 7.47
C HIS A 54 8.80 16.56 6.91
N ASP A 55 9.87 17.01 6.34
CA ASP A 55 9.89 18.38 5.75
C ASP A 55 8.58 18.63 5.00
N GLY A 56 8.26 17.80 4.05
CA GLY A 56 7.00 17.97 3.28
C GLY A 56 7.18 17.40 1.87
N ILE A 57 7.87 16.30 1.76
CA ILE A 57 8.05 15.68 0.41
C ILE A 57 7.66 14.22 0.47
N ALA A 58 6.40 13.96 0.66
CA ALA A 58 5.93 12.56 0.74
C ALA A 58 4.89 12.28 -0.34
N ASP A 59 5.08 11.24 -1.11
CA ASP A 59 4.10 10.93 -2.18
C ASP A 59 3.01 10.00 -1.64
N ILE A 60 3.39 8.98 -0.92
CA ILE A 60 2.36 8.04 -0.36
C ILE A 60 2.56 7.90 1.16
N MET A 61 1.67 7.24 1.84
CA MET A 61 1.86 7.09 3.32
C MET A 61 0.80 6.17 3.94
N ILE A 62 1.04 5.71 5.13
CA ILE A 62 0.05 4.81 5.81
C ILE A 62 -0.67 5.58 6.93
N SER A 63 -1.95 5.76 6.80
CA SER A 63 -2.68 6.52 7.87
C SER A 63 -4.17 6.17 7.89
N PHE A 64 -4.74 6.07 9.06
CA PHE A 64 -6.18 5.74 9.17
C PHE A 64 -7.02 6.82 8.47
N GLY A 65 -7.80 6.45 7.50
CA GLY A 65 -8.63 7.45 6.77
C GLY A 65 -10.00 7.58 7.45
N ILE A 66 -10.37 8.79 7.78
CA ILE A 66 -11.70 9.01 8.42
C ILE A 66 -12.51 10.00 7.58
N LYS A 67 -13.40 9.49 6.75
CA LYS A 67 -14.25 10.35 5.87
C LYS A 67 -13.96 11.84 6.04
N GLU A 68 -13.03 12.37 5.30
CA GLU A 68 -12.70 13.82 5.43
C GLU A 68 -12.21 14.36 4.09
N HIS A 69 -12.45 13.64 3.02
CA HIS A 69 -12.00 14.13 1.69
C HIS A 69 -13.05 15.07 1.08
N GLY A 70 -14.02 14.53 0.40
CA GLY A 70 -15.07 15.39 -0.21
C GLY A 70 -15.68 14.67 -1.42
N ASP A 71 -15.92 13.39 -1.29
CA ASP A 71 -16.51 12.64 -2.44
C ASP A 71 -17.48 11.57 -1.91
N PHE A 72 -17.00 10.39 -1.65
CA PHE A 72 -17.88 9.31 -1.14
C PHE A 72 -17.47 8.88 0.27
N TYR A 73 -18.04 7.83 0.78
CA TYR A 73 -17.69 7.37 2.14
C TYR A 73 -16.53 6.37 2.07
N PRO A 74 -15.39 6.79 2.54
CA PRO A 74 -14.20 5.92 2.53
C PRO A 74 -14.28 4.87 3.64
N PHE A 75 -14.12 5.28 4.87
CA PHE A 75 -14.20 4.31 6.01
C PHE A 75 -15.62 3.74 6.09
N ASP A 76 -15.84 2.83 7.00
CA ASP A 76 -17.20 2.25 7.13
C ASP A 76 -17.25 1.20 8.24
N GLY A 77 -16.35 0.25 8.22
CA GLY A 77 -16.37 -0.81 9.28
C GLY A 77 -16.09 -2.16 8.64
N PRO A 78 -16.84 -3.12 9.05
CA PRO A 78 -16.67 -4.49 8.51
C PRO A 78 -17.18 -4.53 7.07
N SER A 79 -17.76 -3.45 6.60
CA SER A 79 -18.26 -3.41 5.21
C SER A 79 -17.13 -3.77 4.25
N GLY A 80 -17.39 -3.71 2.98
CA GLY A 80 -16.34 -4.06 1.98
C GLY A 80 -15.42 -2.88 1.73
N LEU A 81 -14.52 -2.59 2.63
CA LEU A 81 -13.60 -1.43 2.42
C LEU A 81 -12.65 -1.28 3.59
N LEU A 82 -11.50 -1.90 3.55
CA LEU A 82 -10.55 -1.74 4.70
C LEU A 82 -9.34 -0.90 4.29
N ALA A 83 -9.09 -0.71 3.02
CA ALA A 83 -7.89 0.10 2.63
C ALA A 83 -8.06 0.75 1.26
N HIS A 84 -8.23 2.05 1.21
CA HIS A 84 -8.38 2.72 -0.11
C HIS A 84 -7.12 3.56 -0.41
N ALA A 85 -6.54 3.34 -1.55
CA ALA A 85 -5.31 4.11 -1.92
C ALA A 85 -5.65 5.20 -2.94
N PHE A 86 -5.19 6.40 -2.70
CA PHE A 86 -5.49 7.50 -3.66
C PHE A 86 -4.56 7.41 -4.87
N PRO A 87 -4.94 8.11 -5.91
CA PRO A 87 -4.12 8.12 -7.16
C PRO A 87 -2.86 8.95 -6.93
N PRO A 88 -1.75 8.41 -7.36
CA PRO A 88 -0.45 9.11 -7.20
C PRO A 88 -0.38 10.33 -8.14
N GLY A 89 -1.15 11.35 -7.87
CA GLY A 89 -1.13 12.54 -8.76
C GLY A 89 -0.46 13.71 -8.02
N PRO A 90 -1.27 14.64 -7.60
CA PRO A 90 -0.75 15.83 -6.86
C PRO A 90 -0.31 15.42 -5.45
N ASN A 91 -0.22 16.36 -4.55
CA ASN A 91 0.19 16.02 -3.16
C ASN A 91 -0.82 15.08 -2.52
N TYR A 92 -1.96 14.92 -3.14
CA TYR A 92 -3.00 14.03 -2.58
C TYR A 92 -3.06 12.71 -3.38
N GLY A 93 -2.03 11.92 -3.27
CA GLY A 93 -2.01 10.62 -4.01
C GLY A 93 -1.16 9.62 -3.22
N GLY A 94 -1.25 8.36 -3.55
CA GLY A 94 -0.45 7.34 -2.80
C GLY A 94 -0.82 7.42 -1.32
N ASP A 95 -1.90 8.04 -1.01
CA ASP A 95 -2.32 8.16 0.42
C ASP A 95 -2.97 6.86 0.91
N ALA A 96 -2.19 5.92 1.38
CA ALA A 96 -2.77 4.64 1.87
C ALA A 96 -3.70 4.92 3.06
N HIS A 97 -4.97 5.06 2.81
CA HIS A 97 -5.93 5.34 3.92
C HIS A 97 -6.58 4.05 4.41
N PHE A 98 -6.77 3.92 5.69
CA PHE A 98 -7.40 2.68 6.23
C PHE A 98 -8.83 2.96 6.71
N ASP A 99 -9.75 2.09 6.39
CA ASP A 99 -11.16 2.27 6.85
C ASP A 99 -11.15 2.51 8.36
N ASP A 100 -11.01 3.74 8.78
CA ASP A 100 -10.96 4.00 10.25
C ASP A 100 -11.95 3.13 11.02
N ASP A 101 -13.08 2.81 10.45
CA ASP A 101 -14.06 1.97 11.18
C ASP A 101 -13.66 0.48 11.15
N GLU A 102 -12.53 0.18 10.57
CA GLU A 102 -12.07 -1.25 10.51
C GLU A 102 -11.10 -1.54 11.64
N THR A 103 -10.36 -2.61 11.55
CA THR A 103 -9.38 -2.94 12.64
C THR A 103 -7.97 -3.10 12.07
N TRP A 104 -6.97 -2.74 12.83
CA TRP A 104 -5.57 -2.88 12.34
C TRP A 104 -4.69 -3.41 13.47
N THR A 105 -3.70 -4.22 13.16
CA THR A 105 -2.83 -4.74 14.25
C THR A 105 -1.50 -5.24 13.68
N SER A 106 -0.64 -5.69 14.54
CA SER A 106 0.66 -6.22 14.07
C SER A 106 0.90 -7.60 14.70
N SER A 107 -0.14 -8.39 14.75
CA SER A 107 -0.02 -9.75 15.34
C SER A 107 -0.43 -10.81 14.32
N SER A 108 -0.67 -12.02 14.75
CA SER A 108 -1.08 -13.08 13.80
C SER A 108 -2.60 -13.09 13.64
N LYS A 109 -3.25 -12.05 14.09
CA LYS A 109 -4.74 -12.01 13.98
C LYS A 109 -5.18 -10.67 13.36
N GLY A 110 -6.39 -10.60 12.89
CA GLY A 110 -6.88 -9.33 12.27
C GLY A 110 -5.98 -8.95 11.10
N TYR A 111 -6.21 -7.82 10.50
CA TYR A 111 -5.36 -7.39 9.35
C TYR A 111 -3.99 -6.93 9.86
N ASN A 112 -2.95 -7.59 9.45
CA ASN A 112 -1.60 -7.17 9.90
C ASN A 112 -1.06 -6.13 8.91
N LEU A 113 -0.80 -4.94 9.38
CA LEU A 113 -0.30 -3.87 8.47
C LEU A 113 0.74 -4.43 7.52
N PHE A 114 1.48 -5.39 7.93
CA PHE A 114 2.48 -5.96 7.00
C PHE A 114 1.74 -6.31 5.71
N LEU A 115 0.63 -6.97 5.87
CA LEU A 115 -0.21 -7.36 4.70
C LEU A 115 -1.10 -6.20 4.26
N VAL A 116 -2.09 -5.86 5.03
CA VAL A 116 -2.99 -4.74 4.62
C VAL A 116 -2.15 -3.54 4.17
N ALA A 117 -1.33 -3.02 5.01
CA ALA A 117 -0.48 -1.86 4.61
C ALA A 117 0.34 -2.19 3.35
N ALA A 118 1.02 -3.31 3.30
CA ALA A 118 1.80 -3.63 2.05
C ALA A 118 0.85 -3.63 0.87
N HIS A 119 -0.38 -3.99 1.12
CA HIS A 119 -1.42 -4.03 0.06
C HIS A 119 -1.86 -2.60 -0.29
N GLU A 120 -2.20 -1.81 0.70
CA GLU A 120 -2.60 -0.41 0.43
C GLU A 120 -1.43 0.33 -0.22
N PHE A 121 -0.22 -0.03 0.14
CA PHE A 121 0.97 0.62 -0.46
C PHE A 121 1.03 0.28 -1.95
N GLY A 122 1.23 -0.98 -2.25
CA GLY A 122 1.29 -1.40 -3.67
C GLY A 122 0.16 -0.71 -4.45
N HIS A 123 -0.92 -0.39 -3.79
CA HIS A 123 -2.05 0.28 -4.50
C HIS A 123 -1.80 1.79 -4.66
N SER A 124 -1.86 2.52 -3.59
CA SER A 124 -1.67 4.00 -3.67
C SER A 124 -0.39 4.37 -4.42
N LEU A 125 0.63 3.57 -4.34
CA LEU A 125 1.91 3.92 -5.04
C LEU A 125 2.04 3.18 -6.37
N GLY A 126 1.68 1.92 -6.40
CA GLY A 126 1.78 1.13 -7.66
C GLY A 126 0.68 1.51 -8.64
N LEU A 127 -0.48 0.93 -8.50
CA LEU A 127 -1.59 1.26 -9.45
C LEU A 127 -2.94 0.87 -8.86
N ASP A 128 -3.93 0.66 -9.70
CA ASP A 128 -5.28 0.28 -9.20
C ASP A 128 -5.26 -1.14 -8.67
N HIS A 129 -4.77 -2.08 -9.43
CA HIS A 129 -4.72 -3.49 -8.96
C HIS A 129 -3.85 -4.35 -9.89
N SER A 130 -3.67 -5.59 -9.55
CA SER A 130 -2.85 -6.49 -10.41
C SER A 130 -2.80 -7.88 -9.78
N LYS A 131 -3.93 -8.45 -9.48
CA LYS A 131 -3.94 -9.80 -8.85
C LYS A 131 -5.04 -10.68 -9.44
N ASP A 132 -5.47 -10.37 -10.64
CA ASP A 132 -6.54 -11.20 -11.26
C ASP A 132 -6.34 -12.68 -10.95
N PRO A 133 -5.13 -13.13 -11.15
CA PRO A 133 -4.79 -14.53 -10.87
C PRO A 133 -4.37 -14.73 -9.41
N GLY A 134 -3.49 -13.92 -8.89
CA GLY A 134 -3.07 -14.11 -7.47
C GLY A 134 -1.97 -13.11 -7.05
N ALA A 135 -2.35 -12.06 -6.36
CA ALA A 135 -1.34 -11.06 -5.88
C ALA A 135 -1.77 -10.52 -4.50
N LEU A 136 -1.22 -9.40 -4.11
CA LEU A 136 -1.58 -8.80 -2.80
C LEU A 136 -2.48 -7.58 -3.07
N MET A 137 -3.51 -7.77 -3.86
CA MET A 137 -4.42 -6.65 -4.18
C MET A 137 -5.90 -7.09 -4.08
N PHE A 138 -6.17 -8.36 -4.17
CA PHE A 138 -7.59 -8.82 -4.09
C PHE A 138 -8.23 -8.40 -2.76
N PRO A 139 -9.53 -8.55 -2.69
CA PRO A 139 -10.27 -8.20 -1.45
C PRO A 139 -9.96 -9.21 -0.36
N ILE A 140 -9.28 -10.27 -0.70
CA ILE A 140 -8.93 -11.31 0.32
C ILE A 140 -7.47 -11.13 0.75
N TYR A 141 -7.21 -11.27 2.02
CA TYR A 141 -5.81 -11.09 2.52
C TYR A 141 -5.35 -12.32 3.31
N THR A 142 -6.30 -13.02 3.87
CA THR A 142 -6.03 -14.26 4.68
C THR A 142 -4.53 -14.58 4.85
N TYR A 143 -3.83 -14.94 3.81
CA TYR A 143 -2.39 -15.26 3.97
C TYR A 143 -1.63 -13.97 4.29
N THR A 144 -1.02 -13.90 5.45
CA THR A 144 -0.27 -12.66 5.83
C THR A 144 0.62 -12.22 4.68
N GLY A 145 1.20 -11.06 4.78
CA GLY A 145 2.10 -10.58 3.69
C GLY A 145 3.11 -11.66 3.33
N LYS A 146 3.34 -12.59 4.23
CA LYS A 146 4.32 -13.67 3.93
C LYS A 146 4.13 -14.85 4.89
N SER A 147 2.92 -15.31 5.06
CA SER A 147 2.68 -16.46 5.98
C SER A 147 3.75 -17.52 5.76
N HIS A 148 3.82 -18.07 4.57
CA HIS A 148 4.84 -19.12 4.30
C HIS A 148 5.31 -19.06 2.84
N PHE A 149 4.86 -18.10 2.08
CA PHE A 149 5.30 -18.00 0.65
C PHE A 149 4.65 -16.81 -0.05
N MET A 150 5.09 -16.52 -1.25
CA MET A 150 4.52 -15.38 -2.01
C MET A 150 3.35 -15.87 -2.87
N LEU A 151 2.33 -16.42 -2.25
CA LEU A 151 1.15 -16.86 -3.03
C LEU A 151 0.81 -15.76 -4.03
N PRO A 152 0.78 -14.55 -3.54
CA PRO A 152 0.50 -13.38 -4.41
C PRO A 152 1.71 -13.07 -5.29
N ASP A 153 2.24 -14.05 -5.97
CA ASP A 153 3.41 -13.79 -6.85
C ASP A 153 3.11 -12.68 -7.85
N ASP A 154 1.86 -12.53 -8.23
CA ASP A 154 1.53 -11.48 -9.22
C ASP A 154 2.04 -10.14 -8.72
N ASP A 155 1.74 -9.82 -7.49
CA ASP A 155 2.23 -8.55 -6.93
C ASP A 155 3.72 -8.68 -6.65
N VAL A 156 4.16 -9.84 -6.28
CA VAL A 156 5.61 -10.04 -5.99
C VAL A 156 6.43 -9.77 -7.25
N GLN A 157 6.53 -10.74 -8.12
CA GLN A 157 7.31 -10.54 -9.37
C GLN A 157 6.70 -9.39 -10.17
N GLY A 158 5.40 -9.33 -10.23
CA GLY A 158 4.73 -8.24 -11.00
C GLY A 158 5.44 -6.91 -10.77
N ILE A 159 5.43 -6.40 -9.57
CA ILE A 159 6.11 -5.09 -9.35
C ILE A 159 7.62 -5.30 -9.21
N GLN A 160 8.05 -6.47 -8.87
CA GLN A 160 9.51 -6.70 -8.74
C GLN A 160 10.15 -6.41 -10.09
N SER A 161 9.37 -6.51 -11.13
CA SER A 161 9.91 -6.25 -12.50
C SER A 161 9.46 -4.87 -13.02
N LEU A 162 8.24 -4.51 -12.78
CA LEU A 162 7.74 -3.20 -13.29
C LEU A 162 8.18 -2.05 -12.38
N TYR A 163 7.98 -2.16 -11.10
CA TYR A 163 8.38 -1.06 -10.18
C TYR A 163 9.89 -1.12 -9.94
N GLY A 164 10.50 -2.23 -10.22
CA GLY A 164 11.98 -2.34 -10.01
C GLY A 164 12.67 -1.17 -10.71
N PRO A 165 13.07 -1.42 -11.92
CA PRO A 165 13.75 -0.36 -12.73
C PRO A 165 12.72 0.66 -13.22
N GLY A 166 12.97 1.92 -12.99
CA GLY A 166 12.01 2.96 -13.44
C GLY A 166 12.52 3.61 -14.73
N ASP A 167 11.61 4.01 -15.60
CA ASP A 167 12.04 4.64 -16.87
C ASP A 167 11.95 6.17 -16.75
N GLU A 168 10.77 6.70 -16.67
CA GLU A 168 10.61 8.18 -16.56
C GLU A 168 11.29 8.87 -17.73
N ASP A 169 11.24 8.27 -18.89
CA ASP A 169 11.88 8.91 -20.08
C ASP A 169 10.92 8.87 -21.28
N PRO A 170 9.94 9.72 -21.24
CA PRO A 170 8.95 9.80 -22.34
C PRO A 170 9.57 10.45 -23.57
N ASN A 171 10.64 9.89 -24.07
CA ASN A 171 11.30 10.47 -25.28
C ASN A 171 11.05 9.58 -26.49
N TYR A 1 -0.71 4.09 -27.58
CA TYR A 1 -0.81 2.61 -27.59
C TYR A 1 -0.70 2.06 -26.17
N ASN A 2 -1.73 2.19 -25.38
CA ASN A 2 -1.67 1.68 -23.98
C ASN A 2 -2.77 0.65 -23.75
N VAL A 3 -2.54 -0.30 -22.87
CA VAL A 3 -3.56 -1.35 -22.61
C VAL A 3 -4.58 -0.83 -21.58
N PHE A 4 -4.31 -1.02 -20.32
CA PHE A 4 -5.26 -0.55 -19.27
C PHE A 4 -4.62 0.56 -18.43
N PRO A 5 -5.35 1.62 -18.27
CA PRO A 5 -4.84 2.78 -17.48
C PRO A 5 -4.84 2.44 -15.99
N ARG A 6 -4.20 1.36 -15.62
CA ARG A 6 -4.16 0.97 -14.18
C ARG A 6 -2.81 0.34 -13.84
N THR A 7 -1.73 0.99 -14.16
CA THR A 7 -0.39 0.42 -13.86
C THR A 7 0.40 1.38 -12.97
N LEU A 8 0.51 2.61 -13.38
CA LEU A 8 1.26 3.61 -12.56
C LEU A 8 2.57 3.03 -12.04
N LYS A 9 3.10 2.03 -12.68
CA LYS A 9 4.38 1.45 -12.20
C LYS A 9 5.41 1.49 -13.34
N TRP A 10 5.94 2.64 -13.63
CA TRP A 10 6.94 2.74 -14.73
C TRP A 10 8.01 3.79 -14.41
N SER A 11 7.63 5.03 -14.38
CA SER A 11 8.62 6.10 -14.10
C SER A 11 8.57 6.52 -12.62
N LYS A 12 8.79 5.59 -11.73
CA LYS A 12 8.76 5.95 -10.27
C LYS A 12 9.50 4.88 -9.45
N MET A 13 10.77 4.71 -9.71
CA MET A 13 11.55 3.69 -8.95
C MET A 13 12.06 4.29 -7.64
N ASN A 14 11.55 5.42 -7.25
CA ASN A 14 12.01 6.05 -5.98
C ASN A 14 11.13 7.26 -5.63
N LEU A 15 10.58 7.28 -4.45
CA LEU A 15 9.71 8.43 -4.05
C LEU A 15 9.76 8.63 -2.54
N THR A 16 8.84 9.37 -2.00
CA THR A 16 8.84 9.61 -0.53
C THR A 16 7.45 9.29 0.05
N TYR A 17 7.31 9.28 1.34
CA TYR A 17 5.98 8.97 1.93
C TYR A 17 5.97 9.22 3.44
N ARG A 18 4.91 8.84 4.11
CA ARG A 18 4.81 9.05 5.58
C ARG A 18 4.44 7.74 6.28
N ILE A 19 4.61 7.67 7.56
CA ILE A 19 4.27 6.42 8.30
C ILE A 19 3.36 6.73 9.49
N VAL A 20 2.13 7.10 9.22
CA VAL A 20 1.20 7.43 10.34
C VAL A 20 -0.04 6.51 10.29
N ASN A 21 0.16 5.22 10.18
CA ASN A 21 -1.01 4.32 10.15
C ASN A 21 -2.03 4.74 11.21
N TYR A 22 -1.80 4.34 12.43
CA TYR A 22 -2.72 4.74 13.53
C TYR A 22 -2.23 4.16 14.86
N THR A 23 -2.87 4.51 15.95
CA THR A 23 -2.42 3.99 17.27
C THR A 23 -3.60 3.38 18.03
N PRO A 24 -4.27 2.46 17.37
CA PRO A 24 -5.43 1.78 17.99
C PRO A 24 -4.97 0.72 18.99
N ASP A 25 -4.70 -0.48 18.52
CA ASP A 25 -4.24 -1.56 19.44
C ASP A 25 -2.72 -1.72 19.36
N MET A 26 -2.09 -0.96 18.50
CA MET A 26 -0.61 -1.07 18.36
C MET A 26 0.08 0.19 18.89
N THR A 27 1.28 0.08 19.39
CA THR A 27 1.98 1.28 19.91
C THR A 27 2.95 1.82 18.85
N HIS A 28 3.44 3.01 19.03
CA HIS A 28 4.39 3.59 18.05
C HIS A 28 5.39 2.53 17.58
N SER A 29 5.73 1.60 18.43
CA SER A 29 6.70 0.54 18.03
C SER A 29 6.05 -0.41 17.01
N GLU A 30 4.85 -0.84 17.26
CA GLU A 30 4.18 -1.76 16.30
C GLU A 30 3.89 -1.01 15.02
N VAL A 31 3.14 0.05 15.11
CA VAL A 31 2.85 0.83 13.89
C VAL A 31 4.16 1.01 13.11
N GLU A 32 5.23 1.19 13.83
CA GLU A 32 6.55 1.32 13.18
C GLU A 32 6.78 0.07 12.34
N LYS A 33 6.52 -1.08 12.92
CA LYS A 33 6.70 -2.35 12.14
C LYS A 33 5.73 -2.35 10.97
N ALA A 34 4.50 -2.05 11.22
CA ALA A 34 3.51 -2.05 10.12
C ALA A 34 4.09 -1.30 8.91
N PHE A 35 4.43 -0.06 9.09
CA PHE A 35 4.99 0.72 7.94
C PHE A 35 6.35 0.16 7.50
N LYS A 36 7.28 0.05 8.41
CA LYS A 36 8.62 -0.49 8.03
C LYS A 36 8.49 -1.93 7.57
N LYS A 37 8.30 -2.81 8.50
CA LYS A 37 8.13 -4.26 8.17
C LYS A 37 7.33 -4.42 6.87
N ALA A 38 6.10 -4.00 6.83
CA ALA A 38 5.33 -4.14 5.56
C ALA A 38 6.20 -3.66 4.41
N PHE A 39 6.97 -2.63 4.62
CA PHE A 39 7.87 -2.13 3.54
C PHE A 39 9.04 -3.11 3.38
N LYS A 40 9.42 -3.78 4.44
CA LYS A 40 10.54 -4.76 4.32
C LYS A 40 10.12 -5.86 3.35
N VAL A 41 8.91 -6.33 3.49
CA VAL A 41 8.41 -7.37 2.56
C VAL A 41 8.21 -6.77 1.18
N TRP A 42 7.53 -5.65 1.11
CA TRP A 42 7.32 -4.97 -0.20
C TRP A 42 8.69 -4.77 -0.87
N SER A 43 9.71 -4.57 -0.09
CA SER A 43 11.06 -4.40 -0.67
C SER A 43 11.60 -5.78 -1.03
N ASP A 44 11.26 -6.77 -0.26
CA ASP A 44 11.72 -8.15 -0.58
C ASP A 44 11.23 -8.52 -1.98
N VAL A 45 10.05 -8.10 -2.32
CA VAL A 45 9.53 -8.42 -3.68
C VAL A 45 10.12 -7.45 -4.71
N THR A 46 10.33 -6.21 -4.33
CA THR A 46 10.92 -5.23 -5.30
C THR A 46 11.78 -4.21 -4.55
N PRO A 47 13.00 -4.07 -5.01
CA PRO A 47 13.95 -3.11 -4.39
C PRO A 47 13.55 -1.66 -4.73
N LEU A 48 12.33 -1.30 -4.46
CA LEU A 48 11.89 0.10 -4.77
C LEU A 48 12.50 1.09 -3.76
N ASN A 49 12.77 2.29 -4.18
CA ASN A 49 13.37 3.29 -3.24
C ASN A 49 12.26 4.05 -2.51
N PHE A 50 12.20 3.92 -1.22
CA PHE A 50 11.14 4.63 -0.44
C PHE A 50 11.77 5.50 0.66
N THR A 51 11.56 6.78 0.60
CA THR A 51 12.14 7.68 1.64
C THR A 51 11.04 8.43 2.38
N ARG A 52 11.39 9.10 3.42
CA ARG A 52 10.36 9.83 4.21
C ARG A 52 11.01 10.97 5.00
N LEU A 53 10.66 12.19 4.68
CA LEU A 53 11.25 13.35 5.41
C LEU A 53 10.13 14.24 5.97
N HIS A 54 9.98 14.27 7.26
CA HIS A 54 8.90 15.11 7.85
C HIS A 54 9.00 16.54 7.32
N ASP A 55 10.15 16.92 6.88
CA ASP A 55 10.33 18.29 6.32
C ASP A 55 9.15 18.62 5.38
N GLY A 56 8.54 17.61 4.82
CA GLY A 56 7.39 17.84 3.91
C GLY A 56 7.66 17.16 2.56
N ILE A 57 8.42 16.10 2.57
CA ILE A 57 8.70 15.38 1.30
C ILE A 57 8.08 14.00 1.37
N ALA A 58 6.81 13.91 1.10
CA ALA A 58 6.12 12.60 1.17
C ALA A 58 5.05 12.48 0.09
N ASP A 59 5.12 11.47 -0.74
CA ASP A 59 4.11 11.29 -1.81
C ASP A 59 2.99 10.39 -1.31
N ILE A 60 3.33 9.24 -0.77
CA ILE A 60 2.27 8.32 -0.25
C ILE A 60 2.45 8.16 1.26
N MET A 61 1.62 7.40 1.92
CA MET A 61 1.79 7.25 3.39
C MET A 61 0.76 6.29 3.99
N ILE A 62 1.11 5.63 5.07
CA ILE A 62 0.16 4.68 5.73
C ILE A 62 -0.60 5.42 6.83
N SER A 63 -1.90 5.53 6.72
CA SER A 63 -2.66 6.24 7.78
C SER A 63 -4.13 5.84 7.75
N PHE A 64 -4.78 5.88 8.88
CA PHE A 64 -6.22 5.49 8.92
C PHE A 64 -7.08 6.59 8.27
N GLY A 65 -7.76 6.25 7.21
CA GLY A 65 -8.62 7.24 6.50
C GLY A 65 -9.80 7.63 7.39
N ILE A 66 -9.89 8.89 7.73
CA ILE A 66 -11.02 9.36 8.58
C ILE A 66 -11.83 10.41 7.81
N LYS A 67 -12.96 9.99 7.26
CA LYS A 67 -13.84 10.91 6.47
C LYS A 67 -13.26 12.32 6.33
N GLU A 68 -12.43 12.53 5.35
CA GLU A 68 -11.82 13.89 5.16
C GLU A 68 -11.94 14.31 3.70
N HIS A 69 -12.51 13.48 2.87
CA HIS A 69 -12.65 13.84 1.43
C HIS A 69 -13.99 14.54 1.19
N GLY A 70 -14.50 14.47 -0.01
CA GLY A 70 -15.80 15.13 -0.31
C GLY A 70 -16.42 14.49 -1.55
N ASP A 71 -16.18 13.22 -1.76
CA ASP A 71 -16.76 12.54 -2.95
C ASP A 71 -17.42 11.22 -2.53
N PHE A 72 -16.71 10.38 -1.84
CA PHE A 72 -17.29 9.08 -1.41
C PHE A 72 -16.91 8.80 0.05
N TYR A 73 -17.42 7.73 0.61
CA TYR A 73 -17.09 7.40 2.02
C TYR A 73 -15.92 6.40 2.07
N PRO A 74 -14.79 6.89 2.52
CA PRO A 74 -13.60 6.04 2.63
C PRO A 74 -13.72 5.05 3.79
N PHE A 75 -14.31 5.47 4.88
CA PHE A 75 -14.46 4.55 6.05
C PHE A 75 -15.92 4.15 6.24
N ASP A 76 -16.18 3.21 7.10
CA ASP A 76 -17.59 2.79 7.35
C ASP A 76 -17.67 1.68 8.39
N GLY A 77 -16.95 0.60 8.18
CA GLY A 77 -17.01 -0.53 9.16
C GLY A 77 -16.55 -1.81 8.49
N PRO A 78 -17.20 -2.87 8.84
CA PRO A 78 -16.86 -4.19 8.27
C PRO A 78 -17.30 -4.25 6.80
N SER A 79 -17.95 -3.22 6.33
CA SER A 79 -18.40 -3.20 4.92
C SER A 79 -17.23 -3.53 3.99
N GLY A 80 -17.49 -3.61 2.71
CA GLY A 80 -16.40 -3.93 1.75
C GLY A 80 -15.49 -2.72 1.55
N LEU A 81 -14.59 -2.48 2.46
CA LEU A 81 -13.68 -1.31 2.29
C LEU A 81 -12.71 -1.21 3.47
N LEU A 82 -11.56 -1.79 3.38
CA LEU A 82 -10.60 -1.68 4.52
C LEU A 82 -9.36 -0.86 4.13
N ALA A 83 -9.08 -0.68 2.86
CA ALA A 83 -7.87 0.09 2.48
C ALA A 83 -8.03 0.79 1.13
N HIS A 84 -8.24 2.07 1.13
CA HIS A 84 -8.39 2.81 -0.16
C HIS A 84 -7.15 3.71 -0.39
N ALA A 85 -6.45 3.50 -1.47
CA ALA A 85 -5.25 4.35 -1.73
C ALA A 85 -5.50 5.28 -2.92
N PHE A 86 -5.10 6.51 -2.80
CA PHE A 86 -5.31 7.47 -3.92
C PHE A 86 -4.15 7.38 -4.91
N PRO A 87 -4.41 7.83 -6.10
CA PRO A 87 -3.37 7.82 -7.16
C PRO A 87 -2.30 8.86 -6.85
N PRO A 88 -1.08 8.49 -7.10
CA PRO A 88 0.07 9.41 -6.82
C PRO A 88 0.06 10.60 -7.77
N GLY A 89 -0.74 11.60 -7.47
CA GLY A 89 -0.79 12.81 -8.35
C GLY A 89 -0.42 14.04 -7.54
N PRO A 90 -1.42 14.66 -6.97
CA PRO A 90 -1.20 15.87 -6.14
C PRO A 90 -0.56 15.48 -4.81
N ASN A 91 -0.68 16.30 -3.79
CA ASN A 91 -0.07 15.96 -2.48
C ASN A 91 -0.99 15.02 -1.70
N TYR A 92 -1.98 14.47 -2.34
CA TYR A 92 -2.91 13.55 -1.64
C TYR A 92 -2.85 12.16 -2.28
N GLY A 93 -2.08 12.03 -3.33
CA GLY A 93 -1.96 10.71 -4.00
C GLY A 93 -1.21 9.74 -3.08
N GLY A 94 -1.17 8.48 -3.44
CA GLY A 94 -0.46 7.49 -2.58
C GLY A 94 -0.89 7.65 -1.13
N ASP A 95 -2.04 8.23 -0.90
CA ASP A 95 -2.50 8.42 0.51
C ASP A 95 -3.15 7.13 1.01
N ALA A 96 -2.37 6.22 1.52
CA ALA A 96 -2.95 4.94 2.03
C ALA A 96 -3.90 5.22 3.19
N HIS A 97 -5.18 5.20 2.93
CA HIS A 97 -6.16 5.48 4.01
C HIS A 97 -6.97 4.21 4.34
N PHE A 98 -6.92 3.77 5.57
CA PHE A 98 -7.69 2.55 5.95
C PHE A 98 -9.08 2.93 6.45
N ASP A 99 -10.06 2.13 6.17
CA ASP A 99 -11.44 2.41 6.66
C ASP A 99 -11.39 2.63 8.16
N ASP A 100 -11.10 3.82 8.61
CA ASP A 100 -10.98 4.04 10.09
C ASP A 100 -12.04 3.24 10.86
N ASP A 101 -13.16 2.94 10.27
CA ASP A 101 -14.19 2.16 11.00
C ASP A 101 -13.80 0.68 11.11
N GLU A 102 -12.68 0.30 10.55
CA GLU A 102 -12.28 -1.14 10.62
C GLU A 102 -11.19 -1.33 11.69
N THR A 103 -10.40 -2.36 11.59
CA THR A 103 -9.34 -2.59 12.61
C THR A 103 -8.01 -2.93 11.94
N TRP A 104 -6.91 -2.69 12.63
CA TRP A 104 -5.57 -3.00 12.05
C TRP A 104 -4.59 -3.32 13.18
N THR A 105 -3.60 -4.14 12.92
CA THR A 105 -2.63 -4.46 14.02
C THR A 105 -1.34 -5.02 13.46
N SER A 106 -0.36 -5.21 14.30
CA SER A 106 0.93 -5.79 13.85
C SER A 106 1.30 -6.95 14.77
N SER A 107 0.32 -7.55 15.39
CA SER A 107 0.59 -8.68 16.31
C SER A 107 0.56 -10.01 15.56
N SER A 108 -0.59 -10.40 15.10
CA SER A 108 -0.72 -11.68 14.35
C SER A 108 -2.17 -11.91 13.92
N LYS A 109 -3.09 -11.40 14.68
CA LYS A 109 -4.53 -11.57 14.34
C LYS A 109 -5.05 -10.31 13.62
N GLY A 110 -6.30 -10.29 13.26
CA GLY A 110 -6.87 -9.11 12.56
C GLY A 110 -5.98 -8.75 11.37
N TYR A 111 -6.27 -7.67 10.70
CA TYR A 111 -5.44 -7.27 9.53
C TYR A 111 -4.04 -6.87 10.00
N ASN A 112 -3.04 -7.56 9.52
CA ASN A 112 -1.66 -7.19 9.93
C ASN A 112 -1.12 -6.12 8.98
N LEU A 113 -0.79 -4.97 9.50
CA LEU A 113 -0.27 -3.90 8.60
C LEU A 113 0.68 -4.48 7.58
N PHE A 114 1.45 -5.43 7.96
CA PHE A 114 2.37 -6.02 6.97
C PHE A 114 1.57 -6.39 5.73
N LEU A 115 0.43 -6.98 5.95
CA LEU A 115 -0.46 -7.38 4.83
C LEU A 115 -1.33 -6.20 4.37
N VAL A 116 -2.29 -5.81 5.16
CA VAL A 116 -3.16 -4.67 4.74
C VAL A 116 -2.30 -3.54 4.22
N ALA A 117 -1.37 -3.06 5.00
CA ALA A 117 -0.49 -1.96 4.55
C ALA A 117 0.30 -2.36 3.29
N ALA A 118 0.94 -3.51 3.27
CA ALA A 118 1.68 -3.88 2.03
C ALA A 118 0.71 -3.88 0.85
N HIS A 119 -0.55 -4.08 1.16
CA HIS A 119 -1.60 -4.09 0.12
C HIS A 119 -1.97 -2.65 -0.27
N GLU A 120 -2.35 -1.84 0.69
CA GLU A 120 -2.69 -0.43 0.37
C GLU A 120 -1.48 0.25 -0.27
N PHE A 121 -0.34 0.16 0.36
CA PHE A 121 0.89 0.77 -0.21
C PHE A 121 1.06 0.29 -1.65
N GLY A 122 1.15 -1.00 -1.84
CA GLY A 122 1.32 -1.53 -3.22
C GLY A 122 0.34 -0.84 -4.15
N HIS A 123 -0.81 -0.48 -3.66
CA HIS A 123 -1.82 0.20 -4.53
C HIS A 123 -1.52 1.70 -4.65
N SER A 124 -1.75 2.43 -3.61
CA SER A 124 -1.51 3.91 -3.64
C SER A 124 -0.26 4.26 -4.45
N LEU A 125 0.81 3.53 -4.28
CA LEU A 125 2.06 3.86 -5.03
C LEU A 125 2.18 3.02 -6.31
N GLY A 126 1.79 1.78 -6.26
CA GLY A 126 1.90 0.92 -7.47
C GLY A 126 0.81 1.26 -8.48
N LEU A 127 -0.34 0.66 -8.35
CA LEU A 127 -1.44 0.94 -9.33
C LEU A 127 -2.80 0.58 -8.72
N ASP A 128 -3.82 0.54 -9.54
CA ASP A 128 -5.18 0.20 -9.02
C ASP A 128 -5.18 -1.24 -8.50
N HIS A 129 -4.79 -2.19 -9.32
CA HIS A 129 -4.77 -3.61 -8.85
C HIS A 129 -3.80 -4.44 -9.70
N SER A 130 -3.68 -5.70 -9.40
CA SER A 130 -2.77 -6.57 -10.19
C SER A 130 -2.81 -7.99 -9.61
N LYS A 131 -3.98 -8.54 -9.42
CA LYS A 131 -4.08 -9.91 -8.83
C LYS A 131 -5.01 -10.78 -9.66
N ASP A 132 -5.23 -10.44 -10.91
CA ASP A 132 -6.14 -11.26 -11.76
C ASP A 132 -5.96 -12.75 -11.45
N PRO A 133 -4.73 -13.21 -11.50
CA PRO A 133 -4.45 -14.63 -11.21
C PRO A 133 -4.17 -14.83 -9.71
N GLY A 134 -3.34 -14.00 -9.13
CA GLY A 134 -3.04 -14.18 -7.67
C GLY A 134 -2.02 -13.14 -7.18
N ALA A 135 -2.49 -12.06 -6.61
CA ALA A 135 -1.56 -11.00 -6.08
C ALA A 135 -2.13 -10.41 -4.79
N LEU A 136 -1.32 -9.69 -4.05
CA LEU A 136 -1.80 -9.07 -2.78
C LEU A 136 -2.71 -7.88 -3.09
N MET A 137 -3.74 -8.09 -3.86
CA MET A 137 -4.67 -6.95 -4.19
C MET A 137 -6.12 -7.39 -4.02
N PHE A 138 -6.41 -8.63 -4.32
CA PHE A 138 -7.82 -9.10 -4.18
C PHE A 138 -8.45 -8.60 -2.88
N PRO A 139 -9.74 -8.76 -2.79
CA PRO A 139 -10.47 -8.32 -1.57
C PRO A 139 -10.16 -9.25 -0.41
N ILE A 140 -9.38 -10.27 -0.64
CA ILE A 140 -9.04 -11.23 0.45
C ILE A 140 -7.59 -11.02 0.89
N TYR A 141 -7.29 -11.28 2.13
CA TYR A 141 -5.90 -11.08 2.63
C TYR A 141 -5.45 -12.29 3.48
N THR A 142 -6.39 -12.94 4.10
CA THR A 142 -6.10 -14.12 4.99
C THR A 142 -4.60 -14.44 5.12
N TYR A 143 -3.95 -14.91 4.10
CA TYR A 143 -2.49 -15.22 4.25
C TYR A 143 -1.75 -13.97 4.76
N THR A 144 -1.40 -13.97 6.01
CA THR A 144 -0.68 -12.79 6.58
C THR A 144 0.55 -12.47 5.71
N GLY A 145 1.32 -11.49 6.11
CA GLY A 145 2.53 -11.13 5.32
C GLY A 145 3.54 -12.27 5.40
N LYS A 146 3.30 -13.25 6.23
CA LYS A 146 4.25 -14.39 6.35
C LYS A 146 3.54 -15.63 6.88
N SER A 147 2.26 -15.76 6.60
CA SER A 147 1.52 -16.96 7.09
C SER A 147 1.75 -18.13 6.13
N HIS A 148 2.35 -17.86 4.99
CA HIS A 148 2.62 -18.96 4.01
C HIS A 148 3.76 -18.55 3.09
N PHE A 149 3.50 -17.68 2.14
CA PHE A 149 4.58 -17.25 1.21
C PHE A 149 4.03 -16.25 0.19
N MET A 150 4.82 -15.90 -0.78
CA MET A 150 4.37 -14.93 -1.82
C MET A 150 3.25 -15.52 -2.66
N LEU A 151 2.19 -15.99 -2.02
CA LEU A 151 1.05 -16.53 -2.81
C LEU A 151 0.74 -15.52 -3.92
N PRO A 152 0.66 -14.27 -3.54
CA PRO A 152 0.40 -13.19 -4.51
C PRO A 152 1.61 -12.92 -5.40
N ASP A 153 2.19 -13.93 -5.98
CA ASP A 153 3.37 -13.71 -6.86
C ASP A 153 3.11 -12.57 -7.84
N ASP A 154 1.89 -12.41 -8.27
CA ASP A 154 1.62 -11.32 -9.24
C ASP A 154 2.12 -10.00 -8.67
N ASP A 155 1.73 -9.65 -7.49
CA ASP A 155 2.22 -8.40 -6.90
C ASP A 155 3.72 -8.54 -6.60
N VAL A 156 4.16 -9.72 -6.27
CA VAL A 156 5.60 -9.93 -5.99
C VAL A 156 6.43 -9.74 -7.25
N GLN A 157 6.58 -10.77 -8.03
CA GLN A 157 7.37 -10.62 -9.28
C GLN A 157 6.82 -9.45 -10.10
N GLY A 158 5.52 -9.35 -10.17
CA GLY A 158 4.89 -8.25 -10.95
C GLY A 158 5.62 -6.94 -10.70
N ILE A 159 5.47 -6.35 -9.53
CA ILE A 159 6.18 -5.06 -9.30
C ILE A 159 7.68 -5.30 -9.17
N GLN A 160 8.09 -6.50 -8.89
CA GLN A 160 9.54 -6.75 -8.79
C GLN A 160 10.16 -6.40 -10.13
N SER A 161 9.37 -6.49 -11.17
CA SER A 161 9.87 -6.16 -12.53
C SER A 161 9.34 -4.80 -12.99
N LEU A 162 8.09 -4.53 -12.74
CA LEU A 162 7.48 -3.23 -13.18
C LEU A 162 8.06 -2.06 -12.38
N TYR A 163 7.98 -2.11 -11.08
CA TYR A 163 8.51 -0.98 -10.28
C TYR A 163 10.03 -1.12 -10.12
N GLY A 164 10.58 -2.22 -10.57
CA GLY A 164 12.06 -2.40 -10.45
C GLY A 164 12.77 -1.25 -11.15
N PRO A 165 13.36 -1.55 -12.28
CA PRO A 165 14.07 -0.51 -13.06
C PRO A 165 13.07 0.42 -13.75
N GLY A 166 12.48 1.32 -13.02
CA GLY A 166 11.50 2.26 -13.63
C GLY A 166 12.08 2.85 -14.91
N ASP A 167 11.25 3.37 -15.77
CA ASP A 167 11.76 3.97 -17.04
C ASP A 167 11.87 5.49 -16.90
N GLU A 168 10.76 6.16 -16.80
CA GLU A 168 10.81 7.65 -16.66
C GLU A 168 11.54 8.27 -17.84
N ASP A 169 11.64 7.56 -18.94
CA ASP A 169 12.35 8.12 -20.13
C ASP A 169 11.80 7.49 -21.42
N PRO A 170 11.62 8.33 -22.41
CA PRO A 170 11.11 7.87 -23.72
C PRO A 170 12.18 7.08 -24.47
N ASN A 171 12.70 6.05 -23.88
CA ASN A 171 13.76 5.25 -24.56
C ASN A 171 14.86 6.16 -25.10
N TYR A 1 -5.57 8.16 -26.50
CA TYR A 1 -5.05 6.76 -26.61
C TYR A 1 -4.82 6.15 -25.22
N ASN A 2 -5.54 5.11 -24.91
CA ASN A 2 -5.37 4.48 -23.56
C ASN A 2 -6.08 3.13 -23.53
N VAL A 3 -5.35 2.07 -23.29
CA VAL A 3 -5.99 0.72 -23.24
C VAL A 3 -6.27 0.33 -21.78
N PHE A 4 -6.33 -0.94 -21.50
CA PHE A 4 -6.60 -1.39 -20.10
C PHE A 4 -5.76 -0.56 -19.12
N PRO A 5 -6.44 0.25 -18.36
CA PRO A 5 -5.76 1.11 -17.37
C PRO A 5 -5.24 0.28 -16.19
N ARG A 6 -4.93 0.92 -15.10
CA ARG A 6 -4.41 0.17 -13.91
C ARG A 6 -3.01 -0.36 -14.20
N THR A 7 -2.03 0.51 -14.15
CA THR A 7 -0.63 0.08 -14.42
C THR A 7 0.34 0.97 -13.64
N LEU A 8 0.48 2.20 -14.06
CA LEU A 8 1.40 3.15 -13.36
C LEU A 8 2.63 2.43 -12.82
N LYS A 9 3.07 1.38 -13.47
CA LYS A 9 4.26 0.64 -12.99
C LYS A 9 5.45 0.87 -13.93
N TRP A 10 5.74 2.12 -14.22
CA TRP A 10 6.88 2.42 -15.12
C TRP A 10 7.66 3.63 -14.61
N SER A 11 6.99 4.74 -14.43
CA SER A 11 7.69 5.96 -13.94
C SER A 11 7.63 6.00 -12.41
N LYS A 12 7.99 4.93 -11.76
CA LYS A 12 7.95 4.92 -10.27
C LYS A 12 9.05 3.99 -9.72
N MET A 13 10.23 4.51 -9.52
CA MET A 13 11.34 3.66 -8.99
C MET A 13 11.89 4.26 -7.70
N ASN A 14 11.48 5.46 -7.37
CA ASN A 14 11.97 6.11 -6.12
C ASN A 14 11.02 7.21 -5.69
N LEU A 15 10.56 7.18 -4.46
CA LEU A 15 9.62 8.23 -3.98
C LEU A 15 9.73 8.40 -2.46
N THR A 16 8.86 9.18 -1.88
CA THR A 16 8.93 9.39 -0.41
C THR A 16 7.57 9.11 0.24
N TYR A 17 7.56 8.47 1.38
CA TYR A 17 6.27 8.16 2.05
C TYR A 17 6.27 8.63 3.50
N ARG A 18 5.16 8.45 4.18
CA ARG A 18 5.06 8.88 5.61
C ARG A 18 4.43 7.75 6.43
N ILE A 19 4.78 7.65 7.69
CA ILE A 19 4.22 6.54 8.53
C ILE A 19 3.29 7.08 9.62
N VAL A 20 2.04 6.68 9.58
CA VAL A 20 1.07 7.14 10.62
C VAL A 20 -0.21 6.29 10.54
N ASN A 21 -0.07 5.00 10.32
CA ASN A 21 -1.29 4.15 10.25
C ASN A 21 -2.25 4.54 11.37
N TYR A 22 -1.97 4.12 12.57
CA TYR A 22 -2.84 4.49 13.72
C TYR A 22 -2.30 3.87 15.02
N THR A 23 -3.03 3.95 16.09
CA THR A 23 -2.54 3.35 17.37
C THR A 23 -3.68 2.69 18.15
N PRO A 24 -4.38 1.82 17.47
CA PRO A 24 -5.51 1.10 18.11
C PRO A 24 -5.00 -0.07 18.94
N ASP A 25 -4.77 -1.20 18.33
CA ASP A 25 -4.27 -2.39 19.08
C ASP A 25 -2.74 -2.39 19.10
N MET A 26 -2.14 -1.46 18.41
CA MET A 26 -0.64 -1.40 18.38
C MET A 26 -0.15 -0.04 18.88
N THR A 27 1.09 0.03 19.28
CA THR A 27 1.63 1.33 19.76
C THR A 27 2.59 1.92 18.71
N HIS A 28 3.15 3.07 18.97
CA HIS A 28 4.07 3.68 17.98
C HIS A 28 5.08 2.63 17.47
N SER A 29 5.55 1.78 18.34
CA SER A 29 6.53 0.74 17.91
C SER A 29 5.90 -0.16 16.83
N GLU A 30 4.79 -0.78 17.14
CA GLU A 30 4.14 -1.65 16.14
C GLU A 30 3.91 -0.88 14.86
N VAL A 31 3.25 0.24 14.95
CA VAL A 31 3.04 1.05 13.73
C VAL A 31 4.36 1.14 12.98
N GLU A 32 5.45 1.21 13.72
CA GLU A 32 6.78 1.28 13.07
C GLU A 32 6.97 -0.01 12.27
N LYS A 33 6.54 -1.13 12.80
CA LYS A 33 6.68 -2.39 12.04
C LYS A 33 5.67 -2.39 10.91
N ALA A 34 4.43 -2.15 11.22
CA ALA A 34 3.40 -2.12 10.18
C ALA A 34 3.89 -1.35 8.95
N PHE A 35 4.16 -0.09 9.11
CA PHE A 35 4.62 0.73 7.96
C PHE A 35 5.98 0.24 7.43
N LYS A 36 6.97 0.11 8.28
CA LYS A 36 8.30 -0.35 7.79
C LYS A 36 8.24 -1.81 7.37
N LYS A 37 8.12 -2.68 8.32
CA LYS A 37 8.03 -4.14 8.01
C LYS A 37 7.17 -4.36 6.75
N ALA A 38 5.93 -3.94 6.76
CA ALA A 38 5.11 -4.12 5.53
C ALA A 38 5.93 -3.62 4.34
N PHE A 39 6.60 -2.52 4.51
CA PHE A 39 7.45 -2.00 3.39
C PHE A 39 8.63 -2.95 3.17
N LYS A 40 9.04 -3.64 4.20
CA LYS A 40 10.17 -4.59 4.04
C LYS A 40 9.73 -5.71 3.11
N VAL A 41 8.49 -6.13 3.22
CA VAL A 41 7.97 -7.19 2.33
C VAL A 41 7.76 -6.61 0.93
N TRP A 42 7.14 -5.47 0.85
CA TRP A 42 6.92 -4.83 -0.47
C TRP A 42 8.28 -4.61 -1.15
N SER A 43 9.25 -4.15 -0.39
CA SER A 43 10.60 -3.94 -0.98
C SER A 43 11.22 -5.30 -1.26
N ASP A 44 10.89 -6.27 -0.45
CA ASP A 44 11.43 -7.64 -0.65
C ASP A 44 11.09 -8.10 -2.07
N VAL A 45 9.86 -7.92 -2.47
CA VAL A 45 9.47 -8.35 -3.84
C VAL A 45 10.10 -7.37 -4.86
N THR A 46 10.20 -6.12 -4.52
CA THR A 46 10.82 -5.14 -5.46
C THR A 46 11.68 -4.14 -4.68
N PRO A 47 12.95 -4.12 -4.98
CA PRO A 47 13.88 -3.21 -4.28
C PRO A 47 13.68 -1.76 -4.72
N LEU A 48 12.51 -1.20 -4.48
CA LEU A 48 12.27 0.21 -4.88
C LEU A 48 12.97 1.16 -3.90
N ASN A 49 12.96 2.44 -4.18
CA ASN A 49 13.61 3.42 -3.26
C ASN A 49 12.54 4.22 -2.52
N PHE A 50 12.59 4.25 -1.21
CA PHE A 50 11.57 5.02 -0.43
C PHE A 50 12.24 5.92 0.60
N THR A 51 11.70 7.10 0.82
CA THR A 51 12.29 8.03 1.83
C THR A 51 11.19 8.79 2.55
N ARG A 52 11.36 9.01 3.83
CA ARG A 52 10.32 9.73 4.60
C ARG A 52 10.91 11.04 5.16
N LEU A 53 10.84 12.10 4.41
CA LEU A 53 11.40 13.40 4.89
C LEU A 53 10.41 14.08 5.85
N HIS A 54 10.88 14.46 7.01
CA HIS A 54 9.98 15.14 7.99
C HIS A 54 9.97 16.65 7.74
N ASP A 55 10.04 17.04 6.51
CA ASP A 55 10.03 18.50 6.18
C ASP A 55 8.95 18.79 5.13
N GLY A 56 8.72 17.88 4.24
CA GLY A 56 7.67 18.11 3.20
C GLY A 56 8.07 17.44 1.89
N ILE A 57 8.69 16.29 1.95
CA ILE A 57 9.08 15.60 0.69
C ILE A 57 8.52 14.19 0.71
N ALA A 58 7.22 14.07 0.58
CA ALA A 58 6.59 12.73 0.60
C ALA A 58 5.50 12.62 -0.46
N ASP A 59 5.11 11.42 -0.79
CA ASP A 59 4.04 11.25 -1.82
C ASP A 59 3.01 10.23 -1.36
N ILE A 60 3.43 9.22 -0.63
CA ILE A 60 2.45 8.19 -0.15
C ILE A 60 2.59 8.02 1.37
N MET A 61 1.73 7.25 1.99
CA MET A 61 1.87 7.09 3.48
C MET A 61 0.82 6.11 4.04
N ILE A 62 1.08 5.57 5.19
CA ILE A 62 0.12 4.62 5.83
C ILE A 62 -0.64 5.35 6.95
N SER A 63 -1.93 5.50 6.82
CA SER A 63 -2.69 6.21 7.88
C SER A 63 -4.17 5.81 7.86
N PHE A 64 -4.83 5.93 8.98
CA PHE A 64 -6.27 5.58 9.03
C PHE A 64 -7.10 6.67 8.35
N GLY A 65 -7.85 6.33 7.35
CA GLY A 65 -8.66 7.35 6.64
C GLY A 65 -9.98 7.59 7.37
N ILE A 66 -10.19 8.77 7.88
CA ILE A 66 -11.46 9.07 8.58
C ILE A 66 -12.34 9.96 7.69
N LYS A 67 -13.34 9.37 7.08
CA LYS A 67 -14.27 10.12 6.16
C LYS A 67 -13.87 11.59 5.99
N GLU A 68 -13.04 11.86 5.03
CA GLU A 68 -12.60 13.27 4.80
C GLU A 68 -12.76 13.65 3.33
N HIS A 69 -13.19 12.74 2.51
CA HIS A 69 -13.38 13.03 1.06
C HIS A 69 -14.75 13.67 0.84
N GLY A 70 -15.07 14.03 -0.38
CA GLY A 70 -16.39 14.65 -0.66
C GLY A 70 -17.11 13.87 -1.75
N ASP A 71 -16.84 12.60 -1.86
CA ASP A 71 -17.51 11.79 -2.92
C ASP A 71 -18.28 10.62 -2.27
N PHE A 72 -17.70 9.46 -2.24
CA PHE A 72 -18.40 8.29 -1.62
C PHE A 72 -17.84 8.02 -0.21
N TYR A 73 -18.69 7.96 0.76
CA TYR A 73 -18.21 7.71 2.15
C TYR A 73 -17.36 6.44 2.20
N PRO A 74 -16.09 6.63 2.39
CA PRO A 74 -15.14 5.48 2.46
C PRO A 74 -15.30 4.73 3.79
N PHE A 75 -14.95 5.35 4.88
CA PHE A 75 -15.08 4.68 6.19
C PHE A 75 -16.45 4.01 6.33
N ASP A 76 -16.49 2.82 6.85
CA ASP A 76 -17.82 2.15 7.02
C ASP A 76 -17.63 0.76 7.64
N GLY A 77 -17.48 0.71 8.93
CA GLY A 77 -17.30 -0.60 9.62
C GLY A 77 -16.43 -1.52 8.77
N PRO A 78 -16.65 -2.80 8.93
CA PRO A 78 -15.88 -3.80 8.17
C PRO A 78 -16.48 -4.00 6.77
N SER A 79 -17.20 -3.02 6.28
CA SER A 79 -17.80 -3.15 4.93
C SER A 79 -16.72 -3.41 3.87
N GLY A 80 -17.12 -3.62 2.66
CA GLY A 80 -16.14 -3.89 1.57
C GLY A 80 -15.24 -2.68 1.37
N LEU A 81 -14.37 -2.40 2.29
CA LEU A 81 -13.47 -1.23 2.14
C LEU A 81 -12.56 -1.11 3.34
N LEU A 82 -11.48 -1.86 3.40
CA LEU A 82 -10.58 -1.73 4.57
C LEU A 82 -9.36 -0.87 4.25
N ALA A 83 -8.97 -0.77 3.01
CA ALA A 83 -7.77 0.07 2.68
C ALA A 83 -7.87 0.71 1.29
N HIS A 84 -8.20 1.97 1.23
CA HIS A 84 -8.27 2.67 -0.08
C HIS A 84 -7.01 3.54 -0.27
N ALA A 85 -6.39 3.48 -1.41
CA ALA A 85 -5.16 4.29 -1.62
C ALA A 85 -5.35 5.23 -2.83
N PHE A 86 -5.04 6.48 -2.67
CA PHE A 86 -5.19 7.45 -3.79
C PHE A 86 -4.02 7.32 -4.76
N PRO A 87 -4.19 7.88 -5.92
CA PRO A 87 -3.13 7.86 -6.96
C PRO A 87 -1.99 8.80 -6.57
N PRO A 88 -0.79 8.38 -6.82
CA PRO A 88 0.40 9.19 -6.49
C PRO A 88 0.49 10.41 -7.43
N GLY A 89 -0.23 11.46 -7.10
CA GLY A 89 -0.18 12.68 -7.96
C GLY A 89 0.18 13.90 -7.10
N PRO A 90 -0.81 14.67 -6.77
CA PRO A 90 -0.59 15.88 -5.95
C PRO A 90 -0.30 15.50 -4.48
N ASN A 91 -0.43 16.43 -3.58
CA ASN A 91 -0.17 16.12 -2.14
C ASN A 91 -1.13 15.05 -1.65
N TYR A 92 -2.20 14.84 -2.36
CA TYR A 92 -3.20 13.82 -1.95
C TYR A 92 -3.10 12.59 -2.84
N GLY A 93 -1.96 11.97 -2.86
CA GLY A 93 -1.78 10.75 -3.69
C GLY A 93 -1.13 9.66 -2.84
N GLY A 94 -1.12 8.44 -3.32
CA GLY A 94 -0.50 7.34 -2.54
C GLY A 94 -0.93 7.46 -1.07
N ASP A 95 -2.07 8.06 -0.82
CA ASP A 95 -2.53 8.20 0.59
C ASP A 95 -3.14 6.90 1.08
N ALA A 96 -2.34 6.00 1.58
CA ALA A 96 -2.88 4.70 2.07
C ALA A 96 -3.85 4.94 3.23
N HIS A 97 -5.10 5.13 2.93
CA HIS A 97 -6.10 5.38 4.01
C HIS A 97 -6.90 4.12 4.33
N PHE A 98 -7.02 3.77 5.56
CA PHE A 98 -7.81 2.55 5.92
C PHE A 98 -9.18 2.94 6.48
N ASP A 99 -10.21 2.24 6.09
CA ASP A 99 -11.57 2.58 6.61
C ASP A 99 -11.50 2.68 8.13
N ASP A 100 -11.28 3.85 8.64
CA ASP A 100 -11.15 4.01 10.12
C ASP A 100 -12.12 3.07 10.86
N ASP A 101 -13.23 2.73 10.30
CA ASP A 101 -14.17 1.84 11.03
C ASP A 101 -13.72 0.37 10.94
N GLU A 102 -12.61 0.09 10.30
CA GLU A 102 -12.14 -1.32 10.20
C GLU A 102 -11.18 -1.64 11.34
N THR A 103 -10.47 -2.75 11.24
CA THR A 103 -9.51 -3.12 12.33
C THR A 103 -8.11 -3.35 11.75
N TRP A 104 -7.09 -2.92 12.44
CA TRP A 104 -5.70 -3.13 11.93
C TRP A 104 -4.77 -3.49 13.08
N THR A 105 -3.99 -4.53 12.95
CA THR A 105 -3.08 -4.91 14.06
C THR A 105 -1.71 -5.33 13.51
N SER A 106 -0.80 -5.62 14.39
CA SER A 106 0.54 -6.06 13.94
C SER A 106 0.92 -7.33 14.70
N SER A 107 -0.05 -8.16 14.96
CA SER A 107 0.22 -9.43 15.71
C SER A 107 -0.04 -10.64 14.81
N SER A 108 -1.07 -11.41 15.09
CA SER A 108 -1.38 -12.59 14.25
C SER A 108 -2.89 -12.78 14.13
N LYS A 109 -3.65 -11.81 14.57
CA LYS A 109 -5.13 -11.93 14.48
C LYS A 109 -5.72 -10.67 13.85
N GLY A 110 -6.46 -10.82 12.77
CA GLY A 110 -7.05 -9.63 12.11
C GLY A 110 -6.12 -9.17 10.99
N TYR A 111 -6.39 -8.03 10.40
CA TYR A 111 -5.50 -7.54 9.31
C TYR A 111 -4.16 -7.12 9.88
N ASN A 112 -3.08 -7.70 9.41
CA ASN A 112 -1.75 -7.30 9.94
C ASN A 112 -1.15 -6.26 9.01
N LEU A 113 -0.87 -5.09 9.53
CA LEU A 113 -0.29 -4.00 8.68
C LEU A 113 0.71 -4.57 7.69
N PHE A 114 1.47 -5.51 8.09
CA PHE A 114 2.46 -6.08 7.12
C PHE A 114 1.70 -6.41 5.83
N LEU A 115 0.60 -7.07 5.98
CA LEU A 115 -0.23 -7.43 4.80
C LEU A 115 -1.07 -6.23 4.36
N VAL A 116 -2.04 -5.86 5.14
CA VAL A 116 -2.89 -4.69 4.74
C VAL A 116 -2.00 -3.53 4.31
N ALA A 117 -1.25 -2.98 5.21
CA ALA A 117 -0.35 -1.84 4.85
C ALA A 117 0.48 -2.15 3.58
N ALA A 118 1.14 -3.29 3.51
CA ALA A 118 1.93 -3.58 2.27
C ALA A 118 0.97 -3.67 1.08
N HIS A 119 -0.26 -4.00 1.36
CA HIS A 119 -1.28 -4.11 0.29
C HIS A 119 -1.73 -2.71 -0.14
N GLU A 120 -2.15 -1.90 0.79
CA GLU A 120 -2.56 -0.51 0.44
C GLU A 120 -1.37 0.20 -0.20
N PHE A 121 -0.23 0.11 0.42
CA PHE A 121 0.99 0.75 -0.16
C PHE A 121 1.18 0.26 -1.60
N GLY A 122 1.26 -1.04 -1.78
CA GLY A 122 1.43 -1.58 -3.16
C GLY A 122 0.43 -0.89 -4.08
N HIS A 123 -0.71 -0.51 -3.57
CA HIS A 123 -1.72 0.18 -4.42
C HIS A 123 -1.41 1.68 -4.55
N SER A 124 -1.70 2.43 -3.53
CA SER A 124 -1.45 3.90 -3.55
C SER A 124 -0.18 4.25 -4.33
N LEU A 125 0.82 3.43 -4.26
CA LEU A 125 2.08 3.75 -5.00
C LEU A 125 2.15 2.97 -6.32
N GLY A 126 1.76 1.72 -6.29
CA GLY A 126 1.83 0.90 -7.52
C GLY A 126 0.74 1.34 -8.51
N LEU A 127 -0.48 0.92 -8.30
CA LEU A 127 -1.57 1.31 -9.23
C LEU A 127 -2.94 0.83 -8.71
N ASP A 128 -3.93 0.81 -9.54
CA ASP A 128 -5.28 0.36 -9.09
C ASP A 128 -5.23 -1.08 -8.60
N HIS A 129 -4.75 -1.98 -9.42
CA HIS A 129 -4.67 -3.41 -8.98
C HIS A 129 -3.82 -4.23 -9.95
N SER A 130 -3.63 -5.48 -9.64
CA SER A 130 -2.82 -6.37 -10.51
C SER A 130 -2.77 -7.77 -9.87
N LYS A 131 -3.91 -8.30 -9.53
CA LYS A 131 -3.93 -9.65 -8.88
C LYS A 131 -4.97 -10.56 -9.53
N ASP A 132 -5.31 -10.32 -10.76
CA ASP A 132 -6.32 -11.18 -11.43
C ASP A 132 -6.17 -12.64 -11.00
N PRO A 133 -4.98 -13.16 -11.16
CA PRO A 133 -4.72 -14.56 -10.77
C PRO A 133 -4.40 -14.68 -9.27
N GLY A 134 -3.52 -13.87 -8.76
CA GLY A 134 -3.17 -13.97 -7.30
C GLY A 134 -2.06 -12.98 -6.92
N ALA A 135 -2.41 -11.87 -6.32
CA ALA A 135 -1.39 -10.87 -5.88
C ALA A 135 -1.85 -10.17 -4.60
N LEU A 136 -0.95 -9.52 -3.90
CA LEU A 136 -1.33 -8.81 -2.65
C LEU A 136 -2.19 -7.60 -3.01
N MET A 137 -3.30 -7.84 -3.67
CA MET A 137 -4.19 -6.71 -4.06
C MET A 137 -5.66 -7.16 -3.97
N PHE A 138 -5.96 -8.38 -4.33
CA PHE A 138 -7.37 -8.85 -4.26
C PHE A 138 -7.98 -8.50 -2.90
N PRO A 139 -9.26 -8.70 -2.77
CA PRO A 139 -9.96 -8.41 -1.51
C PRO A 139 -9.63 -9.47 -0.45
N ILE A 140 -8.76 -10.39 -0.77
CA ILE A 140 -8.39 -11.46 0.21
C ILE A 140 -7.01 -11.18 0.80
N TYR A 141 -6.85 -11.30 2.08
CA TYR A 141 -5.53 -11.04 2.71
C TYR A 141 -5.13 -12.24 3.59
N THR A 142 -6.11 -12.82 4.24
CA THR A 142 -5.89 -14.01 5.15
C THR A 142 -4.42 -14.41 5.25
N TYR A 143 -3.86 -14.95 4.21
CA TYR A 143 -2.42 -15.36 4.27
C TYR A 143 -1.55 -14.14 4.58
N THR A 144 -1.13 -13.99 5.80
CA THR A 144 -0.29 -12.82 6.18
C THR A 144 0.84 -12.62 5.14
N GLY A 145 1.59 -11.57 5.29
CA GLY A 145 2.70 -11.31 4.33
C GLY A 145 3.58 -12.56 4.20
N LYS A 146 3.54 -13.42 5.18
CA LYS A 146 4.39 -14.65 5.10
C LYS A 146 3.67 -15.83 5.78
N SER A 147 2.36 -15.82 5.77
CA SER A 147 1.61 -16.95 6.42
C SER A 147 2.00 -18.27 5.75
N HIS A 148 2.40 -18.23 4.52
CA HIS A 148 2.79 -19.47 3.81
C HIS A 148 3.85 -19.17 2.74
N PHE A 149 3.56 -18.27 1.84
CA PHE A 149 4.55 -17.93 0.78
C PHE A 149 4.00 -16.80 -0.09
N MET A 150 4.76 -16.40 -1.08
CA MET A 150 4.30 -15.31 -1.99
C MET A 150 3.13 -15.78 -2.84
N LEU A 151 2.08 -16.27 -2.23
CA LEU A 151 0.90 -16.70 -3.01
C LEU A 151 0.60 -15.60 -4.04
N PRO A 152 0.59 -14.38 -3.57
CA PRO A 152 0.37 -13.23 -4.47
C PRO A 152 1.60 -12.96 -5.35
N ASP A 153 2.12 -13.98 -5.99
CA ASP A 153 3.31 -13.77 -6.86
C ASP A 153 3.06 -12.63 -7.84
N ASP A 154 1.83 -12.42 -8.23
CA ASP A 154 1.55 -11.32 -9.20
C ASP A 154 2.11 -10.02 -8.66
N ASP A 155 1.80 -9.67 -7.45
CA ASP A 155 2.35 -8.42 -6.90
C ASP A 155 3.84 -8.61 -6.64
N VAL A 156 4.23 -9.81 -6.25
CA VAL A 156 5.67 -10.06 -5.99
C VAL A 156 6.48 -9.86 -7.27
N GLN A 157 6.57 -10.87 -8.08
CA GLN A 157 7.35 -10.74 -9.35
C GLN A 157 6.78 -9.60 -10.20
N GLY A 158 5.48 -9.52 -10.29
CA GLY A 158 4.85 -8.45 -11.11
C GLY A 158 5.56 -7.12 -10.89
N ILE A 159 5.53 -6.58 -9.69
CA ILE A 159 6.21 -5.26 -9.50
C ILE A 159 7.71 -5.48 -9.33
N GLN A 160 8.13 -6.66 -9.00
CA GLN A 160 9.58 -6.89 -8.86
C GLN A 160 10.24 -6.57 -10.19
N SER A 161 9.47 -6.66 -11.25
CA SER A 161 10.01 -6.38 -12.61
C SER A 161 9.57 -5.01 -13.12
N LEU A 162 8.32 -4.64 -12.90
CA LEU A 162 7.83 -3.34 -13.42
C LEU A 162 8.17 -2.18 -12.48
N TYR A 163 7.94 -2.34 -11.21
CA TYR A 163 8.23 -1.25 -10.24
C TYR A 163 9.73 -1.16 -9.99
N GLY A 164 10.46 -2.22 -10.23
CA GLY A 164 11.93 -2.18 -10.00
C GLY A 164 12.54 -1.05 -10.83
N PRO A 165 13.27 -1.42 -11.85
CA PRO A 165 13.90 -0.43 -12.73
C PRO A 165 12.87 0.22 -13.64
N GLY A 166 12.35 1.36 -13.26
CA GLY A 166 11.32 2.04 -14.10
C GLY A 166 12.01 2.97 -15.10
N ASP A 167 11.25 3.62 -15.93
CA ASP A 167 11.86 4.54 -16.93
C ASP A 167 11.41 5.98 -16.66
N GLU A 168 10.13 6.21 -16.52
CA GLU A 168 9.64 7.58 -16.25
C GLU A 168 10.07 8.53 -17.38
N ASP A 169 9.86 8.14 -18.60
CA ASP A 169 10.25 9.02 -19.74
C ASP A 169 9.90 8.35 -21.08
N PRO A 170 9.28 9.11 -21.94
CA PRO A 170 8.90 8.59 -23.28
C PRO A 170 10.13 8.43 -24.17
N ASN A 171 11.28 8.79 -23.67
CA ASN A 171 12.51 8.67 -24.49
C ASN A 171 12.88 7.19 -24.66
N TYR A 1 -4.60 9.17 -26.39
CA TYR A 1 -4.84 7.71 -26.48
C TYR A 1 -4.77 7.08 -25.09
N ASN A 2 -5.87 7.07 -24.37
CA ASN A 2 -5.87 6.47 -23.01
C ASN A 2 -7.19 5.75 -22.75
N VAL A 3 -7.33 4.55 -23.26
CA VAL A 3 -8.59 3.79 -23.05
C VAL A 3 -8.35 2.60 -22.11
N PHE A 4 -7.12 2.37 -21.73
CA PHE A 4 -6.83 1.22 -20.83
C PHE A 4 -5.97 1.69 -19.64
N PRO A 5 -6.61 2.37 -18.73
CA PRO A 5 -5.92 2.88 -17.53
C PRO A 5 -5.55 1.73 -16.58
N ARG A 6 -5.27 2.03 -15.35
CA ARG A 6 -4.90 0.97 -14.36
C ARG A 6 -3.58 0.30 -14.76
N THR A 7 -2.50 1.02 -14.63
CA THR A 7 -1.16 0.44 -14.99
C THR A 7 -0.08 1.06 -14.10
N LEU A 8 0.19 2.32 -14.29
CA LEU A 8 1.21 3.01 -13.45
C LEU A 8 2.52 2.21 -13.38
N LYS A 9 2.73 1.29 -14.28
CA LYS A 9 3.99 0.50 -14.25
C LYS A 9 4.99 1.09 -15.24
N TRP A 10 5.64 2.16 -14.85
CA TRP A 10 6.63 2.79 -15.77
C TRP A 10 7.54 3.78 -15.04
N SER A 11 6.99 4.87 -14.58
CA SER A 11 7.83 5.89 -13.89
C SER A 11 7.59 5.85 -12.37
N LYS A 12 8.26 4.97 -11.68
CA LYS A 12 8.08 4.89 -10.20
C LYS A 12 9.09 3.91 -9.60
N MET A 13 10.28 4.36 -9.34
CA MET A 13 11.32 3.45 -8.75
C MET A 13 11.86 4.05 -7.45
N ASN A 14 11.50 5.27 -7.16
CA ASN A 14 11.98 5.91 -5.89
C ASN A 14 11.05 7.06 -5.50
N LEU A 15 10.42 6.96 -4.37
CA LEU A 15 9.49 8.05 -3.94
C LEU A 15 9.60 8.27 -2.44
N THR A 16 8.82 9.19 -1.91
CA THR A 16 8.85 9.45 -0.44
C THR A 16 7.46 9.18 0.15
N TYR A 17 7.36 9.17 1.45
CA TYR A 17 6.02 8.92 2.07
C TYR A 17 6.03 9.31 3.56
N ARG A 18 5.11 8.76 4.32
CA ARG A 18 5.05 9.08 5.77
C ARG A 18 4.48 7.89 6.54
N ILE A 19 4.99 7.66 7.73
CA ILE A 19 4.49 6.51 8.54
C ILE A 19 3.56 6.99 9.65
N VAL A 20 2.29 6.74 9.54
CA VAL A 20 1.33 7.16 10.59
C VAL A 20 0.05 6.34 10.52
N ASN A 21 0.16 5.05 10.34
CA ASN A 21 -1.07 4.21 10.27
C ASN A 21 -2.06 4.67 11.35
N TYR A 22 -1.81 4.29 12.57
CA TYR A 22 -2.72 4.71 13.68
C TYR A 22 -2.20 4.15 15.00
N THR A 23 -2.97 4.22 16.06
CA THR A 23 -2.48 3.69 17.37
C THR A 23 -3.62 3.03 18.15
N PRO A 24 -4.40 2.23 17.47
CA PRO A 24 -5.51 1.52 18.14
C PRO A 24 -4.98 0.36 18.98
N ASP A 25 -4.78 -0.78 18.36
CA ASP A 25 -4.25 -1.95 19.12
C ASP A 25 -2.72 -1.98 19.01
N MET A 26 -2.17 -1.10 18.21
CA MET A 26 -0.68 -1.07 18.06
C MET A 26 -0.14 0.28 18.52
N THR A 27 1.04 0.30 19.08
CA THR A 27 1.63 1.58 19.56
C THR A 27 2.70 2.07 18.59
N HIS A 28 3.32 3.18 18.87
CA HIS A 28 4.38 3.70 17.97
C HIS A 28 5.29 2.55 17.52
N SER A 29 5.53 1.60 18.39
CA SER A 29 6.40 0.45 18.01
C SER A 29 5.73 -0.39 16.93
N GLU A 30 4.58 -0.92 17.22
CA GLU A 30 3.87 -1.75 16.20
C GLU A 30 3.80 -0.98 14.90
N VAL A 31 3.17 0.15 14.90
CA VAL A 31 3.09 0.96 13.67
C VAL A 31 4.49 1.02 13.04
N GLU A 32 5.49 1.09 13.88
CA GLU A 32 6.88 1.11 13.35
C GLU A 32 7.09 -0.13 12.50
N LYS A 33 6.59 -1.25 12.94
CA LYS A 33 6.73 -2.50 12.14
C LYS A 33 5.76 -2.44 10.97
N ALA A 34 4.53 -2.16 11.25
CA ALA A 34 3.53 -2.08 10.16
C ALA A 34 4.08 -1.26 8.99
N PHE A 35 4.36 -0.01 9.22
CA PHE A 35 4.87 0.85 8.12
C PHE A 35 6.22 0.33 7.58
N LYS A 36 7.18 0.14 8.44
CA LYS A 36 8.51 -0.35 7.97
C LYS A 36 8.42 -1.79 7.52
N LYS A 37 8.28 -2.69 8.43
CA LYS A 37 8.16 -4.13 8.09
C LYS A 37 7.31 -4.31 6.83
N ALA A 38 6.06 -3.90 6.84
CA ALA A 38 5.25 -4.05 5.60
C ALA A 38 6.07 -3.53 4.42
N PHE A 39 6.78 -2.45 4.61
CA PHE A 39 7.62 -1.93 3.51
C PHE A 39 8.78 -2.90 3.26
N LYS A 40 9.25 -3.55 4.29
CA LYS A 40 10.35 -4.54 4.10
C LYS A 40 9.87 -5.61 3.13
N VAL A 41 8.63 -5.99 3.26
CA VAL A 41 8.07 -7.02 2.34
C VAL A 41 7.95 -6.41 0.94
N TRP A 42 7.50 -5.18 0.87
CA TRP A 42 7.37 -4.50 -0.45
C TRP A 42 8.75 -4.42 -1.10
N SER A 43 9.76 -4.14 -0.33
CA SER A 43 11.13 -4.07 -0.90
C SER A 43 11.61 -5.49 -1.21
N ASP A 44 11.22 -6.43 -0.39
CA ASP A 44 11.63 -7.84 -0.63
C ASP A 44 11.19 -8.26 -2.03
N VAL A 45 10.00 -7.88 -2.43
CA VAL A 45 9.52 -8.25 -3.78
C VAL A 45 10.15 -7.35 -4.84
N THR A 46 10.44 -6.12 -4.49
CA THR A 46 11.05 -5.20 -5.49
C THR A 46 11.98 -4.19 -4.79
N PRO A 47 13.13 -4.01 -5.37
CA PRO A 47 14.12 -3.05 -4.81
C PRO A 47 13.68 -1.61 -5.04
N LEU A 48 12.53 -1.24 -4.53
CA LEU A 48 12.03 0.14 -4.72
C LEU A 48 12.70 1.10 -3.73
N ASN A 49 12.63 2.38 -3.98
CA ASN A 49 13.26 3.35 -3.05
C ASN A 49 12.17 4.10 -2.27
N PHE A 50 12.07 3.84 -0.99
CA PHE A 50 11.03 4.55 -0.17
C PHE A 50 11.71 5.43 0.89
N THR A 51 11.43 6.70 0.88
CA THR A 51 12.06 7.60 1.89
C THR A 51 11.00 8.41 2.63
N ARG A 52 11.18 8.60 3.90
CA ARG A 52 10.17 9.37 4.69
C ARG A 52 10.72 10.77 4.98
N LEU A 53 10.60 11.67 4.06
CA LEU A 53 11.12 13.05 4.29
C LEU A 53 10.02 13.94 4.89
N HIS A 54 9.86 13.91 6.18
CA HIS A 54 8.81 14.76 6.81
C HIS A 54 9.05 16.24 6.44
N ASP A 55 10.24 16.56 6.03
CA ASP A 55 10.54 17.95 5.64
C ASP A 55 9.40 18.52 4.79
N GLY A 56 8.68 17.67 4.12
CA GLY A 56 7.55 18.15 3.28
C GLY A 56 7.66 17.53 1.88
N ILE A 57 8.37 16.45 1.74
CA ILE A 57 8.49 15.81 0.40
C ILE A 57 8.01 14.37 0.49
N ALA A 58 6.75 14.19 0.75
CA ALA A 58 6.20 12.82 0.86
C ALA A 58 5.12 12.59 -0.20
N ASP A 59 5.08 11.42 -0.76
CA ASP A 59 4.04 11.13 -1.80
C ASP A 59 2.97 10.20 -1.23
N ILE A 60 3.38 9.14 -0.58
CA ILE A 60 2.37 8.20 0.00
C ILE A 60 2.50 8.18 1.53
N MET A 61 1.61 7.51 2.20
CA MET A 61 1.70 7.46 3.69
C MET A 61 0.71 6.45 4.25
N ILE A 62 1.09 5.73 5.27
CA ILE A 62 0.16 4.73 5.88
C ILE A 62 -0.60 5.39 7.03
N SER A 63 -1.90 5.56 6.91
CA SER A 63 -2.65 6.22 8.00
C SER A 63 -4.14 5.84 7.95
N PHE A 64 -4.80 5.94 9.07
CA PHE A 64 -6.25 5.60 9.12
C PHE A 64 -7.06 6.71 8.45
N GLY A 65 -7.76 6.38 7.40
CA GLY A 65 -8.57 7.42 6.68
C GLY A 65 -9.78 7.83 7.52
N ILE A 66 -9.87 9.07 7.88
CA ILE A 66 -11.02 9.54 8.69
C ILE A 66 -11.85 10.56 7.90
N LYS A 67 -12.92 10.11 7.28
CA LYS A 67 -13.82 11.00 6.47
C LYS A 67 -13.33 12.46 6.45
N GLU A 68 -12.61 12.84 5.43
CA GLU A 68 -12.11 14.24 5.36
C GLU A 68 -11.68 14.58 3.93
N HIS A 69 -12.22 13.91 2.95
CA HIS A 69 -11.85 14.20 1.54
C HIS A 69 -12.87 15.15 0.91
N GLY A 70 -14.07 14.67 0.67
CA GLY A 70 -15.11 15.53 0.06
C GLY A 70 -15.98 14.68 -0.89
N ASP A 71 -15.39 13.73 -1.55
CA ASP A 71 -16.18 12.87 -2.49
C ASP A 71 -17.02 11.86 -1.71
N PHE A 72 -17.18 10.67 -2.22
CA PHE A 72 -17.99 9.64 -1.51
C PHE A 72 -17.46 9.42 -0.10
N TYR A 73 -17.99 8.45 0.60
CA TYR A 73 -17.51 8.18 1.98
C TYR A 73 -16.74 6.85 2.04
N PRO A 74 -15.46 6.96 2.26
CA PRO A 74 -14.60 5.74 2.34
C PRO A 74 -14.87 4.99 3.63
N PHE A 75 -14.49 5.55 4.75
CA PHE A 75 -14.73 4.85 6.05
C PHE A 75 -16.19 4.42 6.17
N ASP A 76 -16.43 3.23 6.64
CA ASP A 76 -17.84 2.78 6.79
C ASP A 76 -17.90 1.37 7.41
N GLY A 77 -17.77 1.30 8.69
CA GLY A 77 -17.82 -0.02 9.39
C GLY A 77 -16.96 -1.03 8.62
N PRO A 78 -17.26 -2.29 8.85
CA PRO A 78 -16.51 -3.37 8.19
C PRO A 78 -16.94 -3.50 6.72
N SER A 79 -17.74 -2.59 6.24
CA SER A 79 -18.19 -2.67 4.82
C SER A 79 -17.02 -3.06 3.92
N GLY A 80 -17.31 -3.43 2.70
CA GLY A 80 -16.23 -3.83 1.76
C GLY A 80 -15.30 -2.66 1.50
N LEU A 81 -14.43 -2.35 2.42
CA LEU A 81 -13.51 -1.21 2.20
C LEU A 81 -12.58 -1.04 3.40
N LEU A 82 -11.47 -1.70 3.42
CA LEU A 82 -10.55 -1.54 4.59
C LEU A 82 -9.35 -0.66 4.23
N ALA A 83 -9.00 -0.55 2.97
CA ALA A 83 -7.83 0.30 2.61
C ALA A 83 -7.98 0.94 1.23
N HIS A 84 -8.22 2.24 1.19
CA HIS A 84 -8.34 2.94 -0.13
C HIS A 84 -7.07 3.77 -0.40
N ALA A 85 -6.37 3.47 -1.45
CA ALA A 85 -5.12 4.23 -1.75
C ALA A 85 -5.34 5.15 -2.95
N PHE A 86 -4.80 6.34 -2.92
CA PHE A 86 -4.98 7.27 -4.06
C PHE A 86 -3.86 7.11 -5.09
N PRO A 87 -4.10 7.59 -6.28
CA PRO A 87 -3.09 7.49 -7.35
C PRO A 87 -1.96 8.48 -7.06
N PRO A 88 -0.77 8.07 -7.38
CA PRO A 88 0.42 8.93 -7.13
C PRO A 88 0.42 10.14 -8.07
N GLY A 89 -0.43 11.10 -7.82
CA GLY A 89 -0.48 12.30 -8.70
C GLY A 89 -0.10 13.54 -7.87
N PRO A 90 -1.10 14.20 -7.35
CA PRO A 90 -0.86 15.41 -6.54
C PRO A 90 -0.28 15.03 -5.17
N ASN A 91 -0.41 15.90 -4.20
CA ASN A 91 0.14 15.59 -2.85
C ASN A 91 -0.81 14.66 -2.09
N TYR A 92 -1.80 14.14 -2.75
CA TYR A 92 -2.76 13.23 -2.08
C TYR A 92 -2.65 11.82 -2.70
N GLY A 93 -1.70 11.62 -3.57
CA GLY A 93 -1.53 10.29 -4.21
C GLY A 93 -0.78 9.36 -3.25
N GLY A 94 -0.75 8.08 -3.57
CA GLY A 94 -0.03 7.12 -2.68
C GLY A 94 -0.53 7.29 -1.24
N ASP A 95 -1.67 7.90 -1.06
CA ASP A 95 -2.20 8.09 0.31
C ASP A 95 -2.87 6.81 0.81
N ALA A 96 -2.13 5.97 1.50
CA ALA A 96 -2.73 4.71 2.01
C ALA A 96 -3.67 5.02 3.18
N HIS A 97 -4.94 5.11 2.92
CA HIS A 97 -5.91 5.41 4.01
C HIS A 97 -6.79 4.19 4.30
N PHE A 98 -6.95 3.83 5.53
CA PHE A 98 -7.80 2.64 5.86
C PHE A 98 -9.15 3.08 6.40
N ASP A 99 -10.22 2.47 5.95
CA ASP A 99 -11.57 2.85 6.46
C ASP A 99 -11.52 2.95 7.97
N ASP A 100 -11.26 4.12 8.50
CA ASP A 100 -11.15 4.26 9.98
C ASP A 100 -12.15 3.37 10.71
N ASP A 101 -13.27 3.06 10.11
CA ASP A 101 -14.26 2.20 10.81
C ASP A 101 -13.84 0.72 10.77
N GLU A 102 -12.73 0.41 10.16
CA GLU A 102 -12.28 -1.01 10.11
C GLU A 102 -11.31 -1.32 11.24
N THR A 103 -10.60 -2.40 11.16
CA THR A 103 -9.64 -2.75 12.25
C THR A 103 -8.23 -2.98 11.68
N TRP A 104 -7.23 -2.52 12.37
CA TRP A 104 -5.84 -2.71 11.88
C TRP A 104 -4.94 -3.16 13.03
N THR A 105 -4.01 -4.04 12.79
CA THR A 105 -3.12 -4.48 13.91
C THR A 105 -1.80 -5.02 13.36
N SER A 106 -0.95 -5.44 14.23
CA SER A 106 0.36 -5.99 13.79
C SER A 106 0.52 -7.40 14.37
N SER A 107 -0.52 -8.19 14.32
CA SER A 107 -0.46 -9.56 14.87
C SER A 107 -1.04 -10.56 13.86
N SER A 108 -1.31 -11.76 14.28
CA SER A 108 -1.88 -12.77 13.34
C SER A 108 -3.41 -12.66 13.31
N LYS A 109 -3.97 -11.76 14.08
CA LYS A 109 -5.45 -11.60 14.09
C LYS A 109 -5.83 -10.29 13.40
N GLY A 110 -6.99 -10.25 12.78
CA GLY A 110 -7.42 -9.00 12.08
C GLY A 110 -6.46 -8.71 10.93
N TYR A 111 -6.49 -7.52 10.41
CA TYR A 111 -5.57 -7.19 9.27
C TYR A 111 -4.21 -6.76 9.82
N ASN A 112 -3.17 -7.46 9.45
CA ASN A 112 -1.82 -7.09 9.94
C ASN A 112 -1.22 -6.05 8.99
N LEU A 113 -0.88 -4.89 9.50
CA LEU A 113 -0.31 -3.84 8.62
C LEU A 113 0.64 -4.44 7.61
N PHE A 114 1.42 -5.40 7.99
CA PHE A 114 2.35 -5.99 7.01
C PHE A 114 1.54 -6.36 5.78
N LEU A 115 0.45 -7.02 6.00
CA LEU A 115 -0.45 -7.42 4.88
C LEU A 115 -1.21 -6.22 4.36
N VAL A 116 -2.17 -5.74 5.12
CA VAL A 116 -2.95 -4.55 4.64
C VAL A 116 -1.98 -3.47 4.15
N ALA A 117 -1.26 -2.85 5.03
CA ALA A 117 -0.30 -1.78 4.60
C ALA A 117 0.45 -2.19 3.33
N ALA A 118 1.11 -3.33 3.32
CA ALA A 118 1.86 -3.72 2.09
C ALA A 118 0.90 -3.78 0.90
N HIS A 119 -0.33 -4.10 1.18
CA HIS A 119 -1.36 -4.18 0.10
C HIS A 119 -1.78 -2.77 -0.31
N GLU A 120 -1.99 -1.90 0.64
CA GLU A 120 -2.38 -0.50 0.32
C GLU A 120 -1.22 0.17 -0.43
N PHE A 121 -0.01 -0.16 -0.06
CA PHE A 121 1.16 0.43 -0.76
C PHE A 121 1.19 -0.10 -2.20
N GLY A 122 1.06 -1.38 -2.36
CA GLY A 122 1.05 -1.96 -3.73
C GLY A 122 0.00 -1.22 -4.56
N HIS A 123 -1.04 -0.77 -3.93
CA HIS A 123 -2.10 -0.02 -4.67
C HIS A 123 -1.69 1.44 -4.88
N SER A 124 -1.83 2.23 -3.85
CA SER A 124 -1.47 3.69 -3.95
C SER A 124 -0.21 3.88 -4.80
N LEU A 125 0.80 3.10 -4.58
CA LEU A 125 2.06 3.27 -5.36
C LEU A 125 1.97 2.54 -6.70
N GLY A 126 1.49 1.33 -6.69
CA GLY A 126 1.39 0.54 -7.95
C GLY A 126 0.27 1.10 -8.83
N LEU A 127 -0.94 0.69 -8.62
CA LEU A 127 -2.06 1.19 -9.46
C LEU A 127 -3.39 0.62 -8.97
N ASP A 128 -4.39 0.61 -9.82
CA ASP A 128 -5.72 0.07 -9.41
C ASP A 128 -5.56 -1.30 -8.75
N HIS A 129 -4.94 -2.22 -9.44
CA HIS A 129 -4.75 -3.59 -8.86
C HIS A 129 -3.70 -4.35 -9.68
N SER A 130 -3.47 -5.59 -9.36
CA SER A 130 -2.47 -6.39 -10.11
C SER A 130 -2.39 -7.81 -9.54
N LYS A 131 -3.50 -8.51 -9.53
CA LYS A 131 -3.48 -9.89 -8.97
C LYS A 131 -4.54 -10.77 -9.61
N ASP A 132 -4.93 -10.48 -10.83
CA ASP A 132 -5.98 -11.30 -11.50
C ASP A 132 -5.81 -12.78 -11.14
N PRO A 133 -4.60 -13.26 -11.28
CA PRO A 133 -4.32 -14.67 -10.97
C PRO A 133 -3.99 -14.88 -9.48
N GLY A 134 -3.15 -14.08 -8.88
CA GLY A 134 -2.85 -14.31 -7.43
C GLY A 134 -1.80 -13.31 -6.90
N ALA A 135 -2.23 -12.28 -6.22
CA ALA A 135 -1.26 -11.29 -5.65
C ALA A 135 -1.84 -10.67 -4.37
N LEU A 136 -1.03 -9.94 -3.63
CA LEU A 136 -1.53 -9.28 -2.39
C LEU A 136 -2.27 -7.99 -2.77
N MET A 137 -3.18 -8.09 -3.71
CA MET A 137 -3.93 -6.89 -4.15
C MET A 137 -5.44 -7.18 -4.24
N PHE A 138 -5.82 -8.42 -4.39
CA PHE A 138 -7.28 -8.75 -4.49
C PHE A 138 -8.01 -8.32 -3.21
N PRO A 139 -9.31 -8.40 -3.23
CA PRO A 139 -10.12 -8.01 -2.04
C PRO A 139 -9.89 -8.99 -0.88
N ILE A 140 -9.11 -10.01 -1.10
CA ILE A 140 -8.83 -10.99 0.00
C ILE A 140 -7.39 -10.82 0.49
N TYR A 141 -7.12 -11.17 1.72
CA TYR A 141 -5.74 -11.00 2.24
C TYR A 141 -5.27 -12.23 3.02
N THR A 142 -6.20 -13.00 3.52
CA THR A 142 -5.92 -14.23 4.34
C THR A 142 -4.41 -14.44 4.60
N TYR A 143 -3.63 -14.79 3.62
CA TYR A 143 -2.18 -15.00 3.87
C TYR A 143 -1.49 -13.66 4.11
N THR A 144 -0.94 -13.46 5.28
CA THR A 144 -0.26 -12.17 5.58
C THR A 144 0.93 -11.97 4.65
N GLY A 145 1.84 -11.09 5.00
CA GLY A 145 3.02 -10.84 4.13
C GLY A 145 3.91 -12.09 4.10
N LYS A 146 3.96 -12.81 5.18
CA LYS A 146 4.81 -14.04 5.21
C LYS A 146 4.10 -15.19 5.93
N SER A 147 2.83 -15.35 5.70
CA SER A 147 2.10 -16.46 6.37
C SER A 147 2.67 -17.81 5.93
N HIS A 148 3.34 -17.83 4.82
CA HIS A 148 3.93 -19.12 4.32
C HIS A 148 4.90 -18.83 3.17
N PHE A 149 4.48 -18.07 2.21
CA PHE A 149 5.38 -17.74 1.05
C PHE A 149 4.75 -16.64 0.19
N MET A 150 5.45 -16.20 -0.83
CA MET A 150 4.90 -15.14 -1.72
C MET A 150 3.76 -15.71 -2.57
N LEU A 151 2.77 -16.29 -1.93
CA LEU A 151 1.61 -16.82 -2.70
C LEU A 151 1.23 -15.78 -3.75
N PRO A 152 1.12 -14.55 -3.31
CA PRO A 152 0.81 -13.44 -4.24
C PRO A 152 2.01 -13.12 -5.14
N ASP A 153 2.58 -14.11 -5.75
CA ASP A 153 3.75 -13.85 -6.64
C ASP A 153 3.39 -12.79 -7.68
N ASP A 154 2.15 -12.72 -8.06
CA ASP A 154 1.76 -11.72 -9.08
C ASP A 154 2.15 -10.34 -8.61
N ASP A 155 1.93 -10.07 -7.36
CA ASP A 155 2.32 -8.75 -6.81
C ASP A 155 3.82 -8.76 -6.57
N VAL A 156 4.36 -9.90 -6.21
CA VAL A 156 5.83 -9.99 -5.97
C VAL A 156 6.58 -9.75 -7.29
N GLN A 157 6.65 -10.75 -8.11
CA GLN A 157 7.36 -10.58 -9.41
C GLN A 157 6.72 -9.44 -10.20
N GLY A 158 5.41 -9.39 -10.20
CA GLY A 158 4.70 -8.31 -10.95
C GLY A 158 5.39 -6.98 -10.73
N ILE A 159 5.31 -6.42 -9.55
CA ILE A 159 5.98 -5.10 -9.33
C ILE A 159 7.49 -5.27 -9.25
N GLN A 160 7.96 -6.45 -9.00
CA GLN A 160 9.43 -6.64 -8.95
C GLN A 160 9.99 -6.40 -10.34
N SER A 161 9.15 -6.48 -11.33
CA SER A 161 9.60 -6.26 -12.74
C SER A 161 9.18 -4.88 -13.24
N LEU A 162 7.99 -4.46 -12.93
CA LEU A 162 7.52 -3.12 -13.42
C LEU A 162 7.94 -2.00 -12.47
N TYR A 163 7.76 -2.19 -11.20
CA TYR A 163 8.15 -1.12 -10.23
C TYR A 163 9.68 -1.09 -10.04
N GLY A 164 10.36 -2.12 -10.48
CA GLY A 164 11.84 -2.14 -10.32
C GLY A 164 12.44 -0.97 -11.11
N PRO A 165 13.07 -1.29 -12.20
CA PRO A 165 13.68 -0.25 -13.07
C PRO A 165 12.59 0.52 -13.82
N GLY A 166 12.17 1.63 -13.30
CA GLY A 166 11.10 2.42 -13.98
C GLY A 166 11.74 3.42 -14.95
N ASP A 167 10.94 4.06 -15.77
CA ASP A 167 11.49 5.04 -16.73
C ASP A 167 11.39 6.46 -16.16
N GLU A 168 10.20 6.99 -16.06
CA GLU A 168 10.03 8.36 -15.51
C GLU A 168 10.95 9.33 -16.26
N ASP A 169 11.24 9.06 -17.50
CA ASP A 169 12.13 9.98 -18.28
C ASP A 169 12.08 9.60 -19.77
N PRO A 170 11.90 10.61 -20.60
CA PRO A 170 11.84 10.39 -22.06
C PRO A 170 13.23 10.06 -22.61
N ASN A 171 14.25 10.22 -21.80
CA ASN A 171 15.63 9.91 -22.28
C ASN A 171 16.12 8.59 -21.66
N TYR A 1 -6.09 6.76 -26.36
CA TYR A 1 -5.19 5.73 -25.75
C TYR A 1 -5.69 5.33 -24.37
N ASN A 2 -6.41 4.25 -24.28
CA ASN A 2 -6.94 3.80 -22.95
C ASN A 2 -7.01 2.28 -22.89
N VAL A 3 -5.88 1.63 -22.75
CA VAL A 3 -5.88 0.14 -22.70
C VAL A 3 -5.22 -0.33 -21.40
N PHE A 4 -4.19 0.34 -20.97
CA PHE A 4 -3.50 -0.08 -19.71
C PHE A 4 -3.23 1.14 -18.82
N PRO A 5 -4.27 1.90 -18.57
CA PRO A 5 -4.14 3.10 -17.72
C PRO A 5 -4.12 2.72 -16.23
N ARG A 6 -3.96 1.46 -15.93
CA ARG A 6 -3.94 1.03 -14.50
C ARG A 6 -2.63 0.32 -14.19
N THR A 7 -1.53 0.99 -14.37
CA THR A 7 -0.21 0.36 -14.08
C THR A 7 0.60 1.26 -13.15
N LEU A 8 0.53 2.54 -13.37
CA LEU A 8 1.27 3.50 -12.50
C LEU A 8 2.66 2.97 -12.15
N LYS A 9 3.22 2.12 -12.97
CA LYS A 9 4.58 1.59 -12.65
C LYS A 9 5.53 1.87 -13.82
N TRP A 10 5.80 3.13 -14.08
CA TRP A 10 6.72 3.46 -15.20
C TRP A 10 7.89 4.30 -14.69
N SER A 11 7.65 5.53 -14.34
CA SER A 11 8.76 6.40 -13.86
C SER A 11 8.66 6.57 -12.34
N LYS A 12 8.69 5.49 -11.60
CA LYS A 12 8.60 5.62 -10.12
C LYS A 12 9.53 4.59 -9.44
N MET A 13 10.81 4.67 -9.71
CA MET A 13 11.75 3.71 -9.07
C MET A 13 12.27 4.28 -7.75
N ASN A 14 11.65 5.35 -7.28
CA ASN A 14 12.08 5.96 -6.00
C ASN A 14 11.08 7.06 -5.60
N LEU A 15 10.40 6.87 -4.51
CA LEU A 15 9.41 7.91 -4.09
C LEU A 15 9.48 8.16 -2.58
N THR A 16 8.71 9.07 -2.08
CA THR A 16 8.73 9.38 -0.62
C THR A 16 7.35 9.13 -0.01
N TYR A 17 7.22 9.23 1.28
CA TYR A 17 5.89 8.99 1.92
C TYR A 17 5.94 9.18 3.44
N ARG A 18 4.83 9.02 4.09
CA ARG A 18 4.79 9.18 5.57
C ARG A 18 4.30 7.88 6.21
N ILE A 19 4.60 7.67 7.47
CA ILE A 19 4.15 6.42 8.14
C ILE A 19 3.36 6.73 9.42
N VAL A 20 2.05 6.71 9.34
CA VAL A 20 1.24 7.00 10.56
C VAL A 20 -0.04 6.16 10.54
N ASN A 21 0.08 4.87 10.41
CA ASN A 21 -1.14 4.01 10.39
C ASN A 21 -2.10 4.46 11.49
N TYR A 22 -1.90 3.99 12.69
CA TYR A 22 -2.80 4.41 13.81
C TYR A 22 -2.33 3.77 15.12
N THR A 23 -3.06 3.95 16.19
CA THR A 23 -2.63 3.35 17.49
C THR A 23 -3.83 2.77 18.24
N PRO A 24 -4.57 1.94 17.56
CA PRO A 24 -5.76 1.30 18.17
C PRO A 24 -5.31 0.17 19.11
N ASP A 25 -5.11 -1.00 18.58
CA ASP A 25 -4.66 -2.13 19.44
C ASP A 25 -3.13 -2.20 19.43
N MET A 26 -2.50 -1.37 18.65
CA MET A 26 -1.00 -1.37 18.59
C MET A 26 -0.47 0.00 19.01
N THR A 27 0.82 0.11 19.20
CA THR A 27 1.40 1.42 19.60
C THR A 27 2.44 1.89 18.58
N HIS A 28 3.15 2.95 18.88
CA HIS A 28 4.19 3.44 17.92
C HIS A 28 5.13 2.31 17.54
N SER A 29 5.45 1.44 18.47
CA SER A 29 6.36 0.31 18.16
C SER A 29 5.74 -0.55 17.06
N GLU A 30 4.49 -0.91 17.22
CA GLU A 30 3.82 -1.74 16.18
C GLU A 30 3.76 -0.97 14.88
N VAL A 31 3.06 0.13 14.87
CA VAL A 31 2.99 0.94 13.63
C VAL A 31 4.39 1.02 13.02
N GLU A 32 5.39 1.15 13.86
CA GLU A 32 6.78 1.21 13.35
C GLU A 32 7.03 -0.05 12.52
N LYS A 33 6.58 -1.18 13.01
CA LYS A 33 6.77 -2.44 12.23
C LYS A 33 5.80 -2.42 11.06
N ALA A 34 4.56 -2.16 11.32
CA ALA A 34 3.56 -2.11 10.22
C ALA A 34 4.11 -1.32 9.05
N PHE A 35 4.41 -0.07 9.24
CA PHE A 35 4.93 0.76 8.13
C PHE A 35 6.29 0.24 7.63
N LYS A 36 7.24 0.09 8.51
CA LYS A 36 8.58 -0.41 8.06
C LYS A 36 8.48 -1.85 7.61
N LYS A 37 8.33 -2.74 8.53
CA LYS A 37 8.20 -4.19 8.19
C LYS A 37 7.36 -4.37 6.92
N ALA A 38 6.12 -3.95 6.92
CA ALA A 38 5.32 -4.10 5.67
C ALA A 38 6.14 -3.60 4.50
N PHE A 39 6.88 -2.53 4.70
CA PHE A 39 7.73 -2.01 3.60
C PHE A 39 8.89 -2.98 3.36
N LYS A 40 9.36 -3.63 4.39
CA LYS A 40 10.47 -4.61 4.20
C LYS A 40 10.00 -5.69 3.23
N VAL A 41 8.76 -6.09 3.35
CA VAL A 41 8.22 -7.12 2.42
C VAL A 41 8.03 -6.50 1.03
N TRP A 42 7.48 -5.30 0.99
CA TRP A 42 7.29 -4.62 -0.32
C TRP A 42 8.64 -4.52 -1.04
N SER A 43 9.66 -4.13 -0.33
CA SER A 43 11.00 -4.04 -0.95
C SER A 43 11.52 -5.45 -1.21
N ASP A 44 11.20 -6.37 -0.34
CA ASP A 44 11.65 -7.78 -0.54
C ASP A 44 11.23 -8.25 -1.92
N VAL A 45 10.04 -7.93 -2.33
CA VAL A 45 9.58 -8.36 -3.68
C VAL A 45 10.13 -7.42 -4.75
N THR A 46 10.31 -6.17 -4.44
CA THR A 46 10.86 -5.22 -5.47
C THR A 46 11.89 -4.28 -4.84
N PRO A 47 13.07 -4.28 -5.41
CA PRO A 47 14.15 -3.40 -4.90
C PRO A 47 13.94 -1.96 -5.37
N LEU A 48 12.86 -1.34 -4.97
CA LEU A 48 12.60 0.06 -5.40
C LEU A 48 12.98 1.03 -4.27
N ASN A 49 13.27 2.26 -4.61
CA ASN A 49 13.67 3.25 -3.56
C ASN A 49 12.45 3.76 -2.78
N PHE A 50 12.56 3.81 -1.48
CA PHE A 50 11.43 4.30 -0.64
C PHE A 50 11.96 5.26 0.43
N THR A 51 11.48 6.48 0.45
CA THR A 51 11.97 7.45 1.45
C THR A 51 10.80 8.06 2.22
N ARG A 52 11.08 8.63 3.36
CA ARG A 52 10.01 9.23 4.19
C ARG A 52 10.50 10.53 4.84
N LEU A 53 10.73 11.54 4.07
CA LEU A 53 11.21 12.83 4.64
C LEU A 53 10.10 13.49 5.46
N HIS A 54 10.08 13.23 6.74
CA HIS A 54 9.02 13.84 7.60
C HIS A 54 8.91 15.33 7.31
N ASP A 55 9.98 15.94 6.91
CA ASP A 55 9.96 17.39 6.59
C ASP A 55 8.68 17.73 5.83
N GLY A 56 8.59 17.30 4.60
CA GLY A 56 7.36 17.59 3.79
C GLY A 56 7.52 16.98 2.40
N ILE A 57 8.24 15.91 2.29
CA ILE A 57 8.40 15.26 0.97
C ILE A 57 7.88 13.84 1.06
N ALA A 58 6.59 13.68 0.98
CA ALA A 58 6.00 12.32 1.08
C ALA A 58 4.91 12.12 0.04
N ASP A 59 5.15 11.27 -0.92
CA ASP A 59 4.12 11.03 -1.98
C ASP A 59 2.97 10.20 -1.41
N ILE A 60 3.26 9.07 -0.82
CA ILE A 60 2.18 8.23 -0.24
C ILE A 60 2.31 8.21 1.29
N MET A 61 1.40 7.59 1.98
CA MET A 61 1.50 7.57 3.47
C MET A 61 0.48 6.60 4.08
N ILE A 62 0.90 5.83 5.05
CA ILE A 62 -0.05 4.87 5.70
C ILE A 62 -0.73 5.54 6.89
N SER A 63 -2.03 5.58 6.91
CA SER A 63 -2.72 6.23 8.06
C SER A 63 -4.22 5.92 8.04
N PHE A 64 -4.81 5.74 9.19
CA PHE A 64 -6.26 5.45 9.24
C PHE A 64 -7.03 6.61 8.59
N GLY A 65 -7.73 6.33 7.53
CA GLY A 65 -8.49 7.40 6.83
C GLY A 65 -9.85 7.60 7.51
N ILE A 66 -10.06 8.76 8.09
CA ILE A 66 -11.36 9.03 8.76
C ILE A 66 -12.18 10.00 7.92
N LYS A 67 -13.14 9.48 7.18
CA LYS A 67 -14.02 10.32 6.29
C LYS A 67 -13.66 11.81 6.35
N GLU A 68 -12.74 12.23 5.53
CA GLU A 68 -12.34 13.66 5.52
C GLU A 68 -12.35 14.22 4.10
N HIS A 69 -12.67 13.40 3.13
CA HIS A 69 -12.71 13.89 1.72
C HIS A 69 -13.99 14.69 1.47
N GLY A 70 -15.06 14.02 1.13
CA GLY A 70 -16.34 14.74 0.88
C GLY A 70 -16.91 14.29 -0.47
N ASP A 71 -17.15 13.02 -0.63
CA ASP A 71 -17.71 12.54 -1.93
C ASP A 71 -18.47 11.22 -1.72
N PHE A 72 -17.79 10.12 -1.64
CA PHE A 72 -18.47 8.82 -1.45
C PHE A 72 -18.08 8.21 -0.11
N TYR A 73 -18.96 8.29 0.88
CA TYR A 73 -18.64 7.71 2.22
C TYR A 73 -17.91 6.37 2.05
N PRO A 74 -16.62 6.42 2.18
CA PRO A 74 -15.79 5.21 2.02
C PRO A 74 -15.75 4.42 3.34
N PHE A 75 -15.28 5.03 4.39
CA PHE A 75 -15.21 4.31 5.70
C PHE A 75 -16.56 3.67 6.02
N ASP A 76 -16.60 2.75 6.95
CA ASP A 76 -17.91 2.12 7.30
C ASP A 76 -17.74 1.05 8.38
N GLY A 77 -16.78 0.19 8.24
CA GLY A 77 -16.59 -0.88 9.26
C GLY A 77 -16.20 -2.18 8.58
N PRO A 78 -16.96 -3.19 8.81
CA PRO A 78 -16.67 -4.49 8.21
C PRO A 78 -17.14 -4.50 6.74
N SER A 79 -17.64 -3.39 6.27
CA SER A 79 -18.11 -3.32 4.86
C SER A 79 -16.96 -3.63 3.90
N GLY A 80 -17.24 -3.64 2.64
CA GLY A 80 -16.17 -3.95 1.63
C GLY A 80 -15.27 -2.73 1.42
N LEU A 81 -14.38 -2.47 2.35
CA LEU A 81 -13.48 -1.30 2.19
C LEU A 81 -12.55 -1.18 3.38
N LEU A 82 -11.34 -1.66 3.28
CA LEU A 82 -10.42 -1.54 4.45
C LEU A 82 -9.20 -0.67 4.12
N ALA A 83 -8.91 -0.42 2.86
CA ALA A 83 -7.72 0.43 2.54
C ALA A 83 -7.82 1.06 1.14
N HIS A 84 -8.11 2.33 1.08
CA HIS A 84 -8.22 2.99 -0.25
C HIS A 84 -6.95 3.82 -0.52
N ALA A 85 -6.25 3.53 -1.58
CA ALA A 85 -5.01 4.29 -1.90
C ALA A 85 -5.27 5.23 -3.10
N PHE A 86 -5.13 6.51 -2.89
CA PHE A 86 -5.37 7.47 -4.01
C PHE A 86 -4.27 7.34 -5.07
N PRO A 87 -4.50 7.99 -6.18
CA PRO A 87 -3.51 7.97 -7.29
C PRO A 87 -2.29 8.83 -6.92
N PRO A 88 -1.13 8.26 -7.10
CA PRO A 88 0.12 8.98 -6.78
C PRO A 88 0.37 10.12 -7.77
N GLY A 89 -0.37 11.19 -7.64
CA GLY A 89 -0.18 12.33 -8.58
C GLY A 89 0.15 13.60 -7.78
N PRO A 90 -0.89 14.32 -7.45
CA PRO A 90 -0.72 15.58 -6.68
C PRO A 90 -0.35 15.29 -5.23
N ASN A 91 -0.49 16.25 -4.36
CA ASN A 91 -0.15 16.02 -2.93
C ASN A 91 -1.18 15.08 -2.30
N TYR A 92 -2.21 14.77 -3.01
CA TYR A 92 -3.26 13.86 -2.47
C TYR A 92 -3.23 12.52 -3.21
N GLY A 93 -2.07 11.94 -3.33
CA GLY A 93 -1.96 10.64 -4.05
C GLY A 93 -1.32 9.60 -3.13
N GLY A 94 -1.25 8.38 -3.56
CA GLY A 94 -0.63 7.32 -2.71
C GLY A 94 -1.06 7.49 -1.25
N ASP A 95 -2.22 8.05 -1.02
CA ASP A 95 -2.69 8.23 0.38
C ASP A 95 -3.26 6.91 0.91
N ALA A 96 -2.44 6.10 1.52
CA ALA A 96 -2.95 4.81 2.05
C ALA A 96 -3.88 5.07 3.24
N HIS A 97 -5.14 5.24 2.99
CA HIS A 97 -6.10 5.51 4.10
C HIS A 97 -6.89 4.24 4.44
N PHE A 98 -6.92 3.87 5.69
CA PHE A 98 -7.67 2.64 6.07
C PHE A 98 -9.07 2.98 6.57
N ASP A 99 -10.06 2.29 6.08
CA ASP A 99 -11.47 2.51 6.53
C ASP A 99 -11.47 2.74 8.04
N ASP A 100 -11.37 3.95 8.47
CA ASP A 100 -11.33 4.23 9.94
C ASP A 100 -12.26 3.27 10.72
N ASP A 101 -13.41 2.95 10.21
CA ASP A 101 -14.32 2.04 10.97
C ASP A 101 -13.82 0.59 10.93
N GLU A 102 -12.78 0.32 10.17
CA GLU A 102 -12.26 -1.08 10.11
C GLU A 102 -11.28 -1.32 11.26
N THR A 103 -10.51 -2.38 11.20
CA THR A 103 -9.55 -2.66 12.29
C THR A 103 -8.16 -2.95 11.72
N TRP A 104 -7.13 -2.59 12.44
CA TRP A 104 -5.73 -2.85 11.94
C TRP A 104 -4.83 -3.25 13.11
N THR A 105 -3.95 -4.20 12.90
CA THR A 105 -3.07 -4.62 14.02
C THR A 105 -1.71 -5.08 13.49
N SER A 106 -0.82 -5.38 14.38
CA SER A 106 0.53 -5.87 13.94
C SER A 106 0.86 -7.15 14.69
N SER A 107 -0.15 -7.85 15.14
CA SER A 107 0.07 -9.12 15.89
C SER A 107 0.01 -10.31 14.92
N SER A 108 -1.00 -11.14 15.02
CA SER A 108 -1.10 -12.32 14.12
C SER A 108 -2.56 -12.55 13.72
N LYS A 109 -3.43 -11.64 14.07
CA LYS A 109 -4.87 -11.79 13.70
C LYS A 109 -5.39 -10.51 13.05
N GLY A 110 -6.64 -10.48 12.68
CA GLY A 110 -7.19 -9.26 12.04
C GLY A 110 -6.30 -8.88 10.85
N TYR A 111 -6.29 -7.63 10.47
CA TYR A 111 -5.44 -7.21 9.32
C TYR A 111 -4.05 -6.80 9.82
N ASN A 112 -3.05 -7.57 9.54
CA ASN A 112 -1.68 -7.20 10.00
C ASN A 112 -1.12 -6.14 9.06
N LEU A 113 -0.79 -4.98 9.57
CA LEU A 113 -0.25 -3.91 8.69
C LEU A 113 0.72 -4.49 7.67
N PHE A 114 1.48 -5.45 8.04
CA PHE A 114 2.41 -6.03 7.06
C PHE A 114 1.61 -6.41 5.82
N LEU A 115 0.52 -7.06 6.06
CA LEU A 115 -0.39 -7.49 4.95
C LEU A 115 -1.22 -6.31 4.45
N VAL A 116 -2.17 -5.86 5.21
CA VAL A 116 -3.00 -4.71 4.75
C VAL A 116 -2.11 -3.57 4.24
N ALA A 117 -1.28 -3.03 5.08
CA ALA A 117 -0.38 -1.92 4.65
C ALA A 117 0.42 -2.30 3.41
N ALA A 118 1.06 -3.45 3.39
CA ALA A 118 1.83 -3.80 2.15
C ALA A 118 0.89 -3.81 0.96
N HIS A 119 -0.34 -4.12 1.21
CA HIS A 119 -1.37 -4.15 0.14
C HIS A 119 -1.78 -2.71 -0.22
N GLU A 120 -2.01 -1.88 0.76
CA GLU A 120 -2.38 -0.48 0.46
C GLU A 120 -1.21 0.21 -0.24
N PHE A 121 -0.02 0.02 0.26
CA PHE A 121 1.17 0.62 -0.40
C PHE A 121 1.22 0.16 -1.86
N GLY A 122 1.33 -1.12 -2.06
CA GLY A 122 1.38 -1.67 -3.45
C GLY A 122 0.34 -0.95 -4.30
N HIS A 123 -0.77 -0.58 -3.71
CA HIS A 123 -1.81 0.13 -4.51
C HIS A 123 -1.49 1.61 -4.65
N SER A 124 -1.59 2.35 -3.58
CA SER A 124 -1.33 3.81 -3.62
C SER A 124 -0.18 4.16 -4.58
N LEU A 125 0.90 3.43 -4.54
CA LEU A 125 2.03 3.76 -5.46
C LEU A 125 2.06 2.84 -6.68
N GLY A 126 1.74 1.59 -6.49
CA GLY A 126 1.77 0.63 -7.63
C GLY A 126 0.71 1.01 -8.66
N LEU A 127 -0.50 0.56 -8.47
CA LEU A 127 -1.57 0.88 -9.47
C LEU A 127 -2.94 0.43 -8.94
N ASP A 128 -3.96 0.52 -9.76
CA ASP A 128 -5.31 0.09 -9.32
C ASP A 128 -5.24 -1.33 -8.73
N HIS A 129 -4.81 -2.28 -9.53
CA HIS A 129 -4.71 -3.68 -9.01
C HIS A 129 -3.84 -4.52 -9.94
N SER A 130 -3.66 -5.77 -9.62
CA SER A 130 -2.83 -6.67 -10.47
C SER A 130 -2.78 -8.06 -9.86
N LYS A 131 -3.91 -8.67 -9.67
CA LYS A 131 -3.91 -10.03 -9.05
C LYS A 131 -4.88 -10.96 -9.76
N ASP A 132 -5.22 -10.65 -10.98
CA ASP A 132 -6.16 -11.52 -11.75
C ASP A 132 -5.93 -12.99 -11.40
N PRO A 133 -4.70 -13.40 -11.45
CA PRO A 133 -4.35 -14.80 -11.13
C PRO A 133 -4.08 -14.97 -9.63
N GLY A 134 -3.27 -14.12 -9.05
CA GLY A 134 -2.98 -14.26 -7.58
C GLY A 134 -1.95 -13.23 -7.11
N ALA A 135 -2.39 -12.18 -6.46
CA ALA A 135 -1.46 -11.13 -5.93
C ALA A 135 -2.00 -10.52 -4.64
N LEU A 136 -1.18 -9.84 -3.88
CA LEU A 136 -1.66 -9.21 -2.61
C LEU A 136 -2.44 -7.94 -2.96
N MET A 137 -3.47 -8.09 -3.77
CA MET A 137 -4.28 -6.91 -4.17
C MET A 137 -5.77 -7.24 -4.10
N PHE A 138 -6.13 -8.46 -4.41
CA PHE A 138 -7.57 -8.85 -4.36
C PHE A 138 -8.24 -8.29 -3.10
N PRO A 139 -9.54 -8.39 -3.05
CA PRO A 139 -10.30 -7.91 -1.87
C PRO A 139 -10.02 -8.79 -0.66
N ILE A 140 -9.34 -9.89 -0.86
CA ILE A 140 -9.03 -10.79 0.29
C ILE A 140 -7.58 -10.61 0.71
N TYR A 141 -7.24 -10.99 1.91
CA TYR A 141 -5.84 -10.82 2.39
C TYR A 141 -5.34 -12.05 3.16
N THR A 142 -6.26 -12.79 3.71
CA THR A 142 -5.96 -14.02 4.52
C THR A 142 -4.45 -14.29 4.69
N TYR A 143 -3.73 -14.64 3.66
CA TYR A 143 -2.27 -14.91 3.82
C TYR A 143 -1.53 -13.59 4.07
N THR A 144 -0.94 -13.44 5.23
CA THR A 144 -0.19 -12.19 5.53
C THR A 144 0.86 -11.92 4.45
N GLY A 145 1.68 -10.93 4.63
CA GLY A 145 2.71 -10.60 3.62
C GLY A 145 3.50 -11.87 3.26
N LYS A 146 3.55 -12.82 4.15
CA LYS A 146 4.30 -14.08 3.88
C LYS A 146 3.97 -15.14 4.92
N SER A 147 2.74 -15.19 5.37
CA SER A 147 2.36 -16.20 6.39
C SER A 147 2.63 -17.61 5.87
N HIS A 148 2.81 -17.74 4.57
CA HIS A 148 3.08 -19.09 3.99
C HIS A 148 4.05 -18.96 2.81
N PHE A 149 3.78 -18.06 1.91
CA PHE A 149 4.67 -17.89 0.72
C PHE A 149 4.15 -16.78 -0.18
N MET A 150 4.90 -16.41 -1.19
CA MET A 150 4.43 -15.34 -2.12
C MET A 150 3.31 -15.87 -3.01
N LEU A 151 2.29 -16.44 -2.43
CA LEU A 151 1.16 -16.94 -3.24
C LEU A 151 0.81 -15.85 -4.26
N PRO A 152 0.70 -14.64 -3.77
CA PRO A 152 0.42 -13.48 -4.63
C PRO A 152 1.65 -13.10 -5.47
N ASP A 153 2.23 -14.05 -6.14
CA ASP A 153 3.42 -13.74 -6.96
C ASP A 153 3.12 -12.56 -7.90
N ASP A 154 1.89 -12.43 -8.33
CA ASP A 154 1.58 -11.30 -9.25
C ASP A 154 2.08 -10.00 -8.64
N ASP A 155 1.74 -9.73 -7.42
CA ASP A 155 2.23 -8.49 -6.79
C ASP A 155 3.73 -8.62 -6.55
N VAL A 156 4.17 -9.81 -6.22
CA VAL A 156 5.64 -10.01 -5.99
C VAL A 156 6.43 -9.74 -7.27
N GLN A 157 6.56 -10.74 -8.10
CA GLN A 157 7.31 -10.55 -9.38
C GLN A 157 6.73 -9.36 -10.15
N GLY A 158 5.42 -9.28 -10.20
CA GLY A 158 4.77 -8.17 -10.95
C GLY A 158 5.49 -6.85 -10.68
N ILE A 159 5.41 -6.33 -9.47
CA ILE A 159 6.11 -5.03 -9.22
C ILE A 159 7.61 -5.26 -9.07
N GLN A 160 8.03 -6.47 -8.80
CA GLN A 160 9.48 -6.71 -8.67
C GLN A 160 10.14 -6.38 -10.01
N SER A 161 9.36 -6.44 -11.06
CA SER A 161 9.89 -6.12 -12.41
C SER A 161 9.44 -4.73 -12.86
N LEU A 162 8.20 -4.39 -12.63
CA LEU A 162 7.69 -3.06 -13.07
C LEU A 162 8.22 -1.94 -12.17
N TYR A 163 8.08 -2.07 -10.88
CA TYR A 163 8.57 -0.99 -9.98
C TYR A 163 10.09 -1.06 -9.85
N GLY A 164 10.68 -2.13 -10.33
CA GLY A 164 12.16 -2.24 -10.25
C GLY A 164 12.80 -1.08 -11.03
N PRO A 165 13.27 -1.38 -12.21
CA PRO A 165 13.90 -0.35 -13.05
C PRO A 165 12.84 0.58 -13.64
N GLY A 166 12.66 1.75 -13.10
CA GLY A 166 11.64 2.68 -13.63
C GLY A 166 12.18 3.37 -14.88
N ASP A 167 11.32 4.01 -15.63
CA ASP A 167 11.77 4.70 -16.87
C ASP A 167 12.03 6.18 -16.59
N GLU A 168 10.99 6.92 -16.33
CA GLU A 168 11.18 8.38 -16.05
C GLU A 168 12.06 9.02 -17.11
N ASP A 169 12.01 8.53 -18.31
CA ASP A 169 12.85 9.11 -19.40
C ASP A 169 12.03 10.05 -20.28
N PRO A 170 12.28 11.32 -20.14
CA PRO A 170 11.56 12.34 -20.93
C PRO A 170 12.01 12.31 -22.39
N ASN A 171 11.91 11.17 -23.03
CA ASN A 171 12.35 11.09 -24.45
C ASN A 171 11.50 10.05 -25.21
N TYR A 1 -3.20 4.59 -27.78
CA TYR A 1 -4.27 3.59 -27.53
C TYR A 1 -4.10 2.96 -26.14
N ASN A 2 -4.40 3.71 -25.10
CA ASN A 2 -4.25 3.16 -23.73
C ASN A 2 -5.18 1.96 -23.53
N VAL A 3 -4.72 0.78 -23.85
CA VAL A 3 -5.58 -0.43 -23.69
C VAL A 3 -5.93 -0.62 -22.21
N PHE A 4 -6.04 -1.84 -21.77
CA PHE A 4 -6.39 -2.09 -20.34
C PHE A 4 -5.60 -1.15 -19.42
N PRO A 5 -6.31 -0.26 -18.78
CA PRO A 5 -5.67 0.72 -17.87
C PRO A 5 -5.20 0.03 -16.57
N ARG A 6 -5.02 0.79 -15.53
CA ARG A 6 -4.57 0.20 -14.23
C ARG A 6 -3.15 -0.37 -14.37
N THR A 7 -2.18 0.48 -14.50
CA THR A 7 -0.77 0.00 -14.63
C THR A 7 0.15 0.87 -13.77
N LEU A 8 0.24 2.13 -14.11
CA LEU A 8 1.10 3.06 -13.33
C LEU A 8 2.41 2.39 -12.91
N LYS A 9 2.91 1.47 -13.68
CA LYS A 9 4.18 0.80 -13.32
C LYS A 9 5.25 1.16 -14.36
N TRP A 10 5.68 2.39 -14.38
CA TRP A 10 6.71 2.80 -15.37
C TRP A 10 7.62 3.89 -14.80
N SER A 11 7.10 5.05 -14.56
CA SER A 11 7.94 6.16 -14.03
C SER A 11 7.81 6.26 -12.50
N LYS A 12 8.00 5.18 -11.81
CA LYS A 12 7.89 5.22 -10.31
C LYS A 12 8.84 4.20 -9.70
N MET A 13 10.08 4.56 -9.49
CA MET A 13 11.05 3.58 -8.90
C MET A 13 11.62 4.14 -7.60
N ASN A 14 11.48 5.41 -7.35
CA ASN A 14 12.02 6.00 -6.10
C ASN A 14 11.22 7.25 -5.71
N LEU A 15 10.53 7.20 -4.60
CA LEU A 15 9.73 8.37 -4.16
C LEU A 15 9.82 8.55 -2.64
N THR A 16 8.81 9.11 -2.04
CA THR A 16 8.84 9.31 -0.57
C THR A 16 7.49 8.93 0.05
N TYR A 17 7.48 8.56 1.30
CA TYR A 17 6.19 8.18 1.94
C TYR A 17 6.18 8.52 3.43
N ARG A 18 5.03 8.56 4.03
CA ARG A 18 4.93 8.89 5.48
C ARG A 18 4.40 7.67 6.25
N ILE A 19 4.76 7.54 7.49
CA ILE A 19 4.28 6.38 8.29
C ILE A 19 3.43 6.83 9.47
N VAL A 20 2.15 6.54 9.43
CA VAL A 20 1.27 6.93 10.57
C VAL A 20 -0.03 6.13 10.54
N ASN A 21 0.06 4.83 10.41
CA ASN A 21 -1.18 4.00 10.37
C ASN A 21 -2.15 4.49 11.45
N TYR A 22 -1.95 4.07 12.67
CA TYR A 22 -2.85 4.52 13.76
C TYR A 22 -2.40 3.92 15.10
N THR A 23 -3.13 4.16 16.15
CA THR A 23 -2.75 3.60 17.48
C THR A 23 -3.94 2.88 18.10
N PRO A 24 -4.43 1.90 17.38
CA PRO A 24 -5.59 1.11 17.84
C PRO A 24 -5.17 0.13 18.95
N ASP A 25 -4.75 -1.05 18.56
CA ASP A 25 -4.32 -2.05 19.57
C ASP A 25 -2.80 -2.13 19.64
N MET A 26 -2.12 -1.46 18.74
CA MET A 26 -0.63 -1.49 18.77
C MET A 26 -0.09 -0.15 19.28
N THR A 27 1.20 -0.07 19.45
CA THR A 27 1.80 1.21 19.93
C THR A 27 2.70 1.79 18.83
N HIS A 28 3.10 3.02 18.96
CA HIS A 28 3.99 3.63 17.92
C HIS A 28 5.07 2.61 17.52
N SER A 29 5.41 1.72 18.41
CA SER A 29 6.45 0.71 18.08
C SER A 29 5.91 -0.27 17.03
N GLU A 30 4.71 -0.75 17.20
CA GLU A 30 4.15 -1.70 16.20
C GLU A 30 3.86 -0.95 14.91
N VAL A 31 3.15 0.14 15.00
CA VAL A 31 2.90 0.93 13.77
C VAL A 31 4.23 1.07 13.03
N GLU A 32 5.29 1.22 13.78
CA GLU A 32 6.63 1.31 13.16
C GLU A 32 6.85 0.03 12.37
N LYS A 33 6.54 -1.09 12.97
CA LYS A 33 6.71 -2.39 12.24
C LYS A 33 5.77 -2.38 11.02
N ALA A 34 4.54 -2.05 11.24
CA ALA A 34 3.58 -2.02 10.12
C ALA A 34 4.17 -1.28 8.92
N PHE A 35 4.47 -0.02 9.07
CA PHE A 35 5.03 0.74 7.91
C PHE A 35 6.41 0.19 7.52
N LYS A 36 7.32 0.07 8.44
CA LYS A 36 8.67 -0.47 8.09
C LYS A 36 8.57 -1.92 7.65
N LYS A 37 8.37 -2.79 8.58
CA LYS A 37 8.23 -4.24 8.26
C LYS A 37 7.43 -4.43 6.97
N ALA A 38 6.18 -4.00 6.93
CA ALA A 38 5.42 -4.18 5.66
C ALA A 38 6.29 -3.71 4.50
N PHE A 39 7.04 -2.65 4.70
CA PHE A 39 7.94 -2.17 3.61
C PHE A 39 9.10 -3.15 3.46
N LYS A 40 9.47 -3.81 4.52
CA LYS A 40 10.59 -4.79 4.41
C LYS A 40 10.17 -5.89 3.45
N VAL A 41 8.95 -6.33 3.54
CA VAL A 41 8.46 -7.38 2.61
C VAL A 41 8.26 -6.76 1.22
N TRP A 42 7.56 -5.66 1.15
CA TRP A 42 7.36 -4.99 -0.17
C TRP A 42 8.72 -4.82 -0.83
N SER A 43 9.73 -4.57 -0.04
CA SER A 43 11.09 -4.43 -0.61
C SER A 43 11.64 -5.81 -0.97
N ASP A 44 11.31 -6.79 -0.17
CA ASP A 44 11.77 -8.18 -0.46
C ASP A 44 11.35 -8.54 -1.88
N VAL A 45 10.14 -8.21 -2.24
CA VAL A 45 9.67 -8.54 -3.62
C VAL A 45 10.32 -7.58 -4.62
N THR A 46 10.52 -6.35 -4.24
CA THR A 46 11.15 -5.37 -5.17
C THR A 46 11.98 -4.34 -4.38
N PRO A 47 13.24 -4.27 -4.68
CA PRO A 47 14.14 -3.32 -3.99
C PRO A 47 13.86 -1.88 -4.46
N LEU A 48 12.67 -1.41 -4.25
CA LEU A 48 12.32 -0.02 -4.69
C LEU A 48 12.97 1.01 -3.77
N ASN A 49 12.85 2.27 -4.11
CA ASN A 49 13.45 3.35 -3.27
C ASN A 49 12.34 4.14 -2.59
N PHE A 50 12.35 4.20 -1.28
CA PHE A 50 11.29 4.97 -0.56
C PHE A 50 11.90 5.75 0.60
N THR A 51 11.59 7.01 0.71
CA THR A 51 12.15 7.83 1.83
C THR A 51 11.06 8.72 2.43
N ARG A 52 10.92 8.72 3.73
CA ARG A 52 9.88 9.57 4.36
C ARG A 52 10.47 10.92 4.78
N LEU A 53 10.81 11.74 3.83
CA LEU A 53 11.40 13.07 4.18
C LEU A 53 10.36 13.95 4.85
N HIS A 54 10.51 14.21 6.12
CA HIS A 54 9.51 15.07 6.82
C HIS A 54 9.58 16.50 6.30
N ASP A 55 10.71 16.87 5.76
CA ASP A 55 10.84 18.25 5.21
C ASP A 55 9.58 18.62 4.42
N GLY A 56 8.90 17.65 3.89
CA GLY A 56 7.66 17.92 3.11
C GLY A 56 7.77 17.28 1.73
N ILE A 57 8.55 16.24 1.59
CA ILE A 57 8.68 15.59 0.27
C ILE A 57 8.15 14.16 0.35
N ALA A 58 6.85 14.03 0.39
CA ALA A 58 6.25 12.67 0.48
C ALA A 58 5.07 12.53 -0.50
N ASP A 59 4.80 11.33 -0.93
CA ASP A 59 3.66 11.14 -1.89
C ASP A 59 2.74 10.03 -1.38
N ILE A 60 3.28 9.02 -0.77
CA ILE A 60 2.43 7.91 -0.25
C ILE A 60 2.51 7.87 1.28
N MET A 61 1.60 7.21 1.95
CA MET A 61 1.70 7.19 3.45
C MET A 61 0.64 6.26 4.06
N ILE A 62 0.99 5.57 5.11
CA ILE A 62 0.01 4.66 5.78
C ILE A 62 -0.66 5.39 6.94
N SER A 63 -1.95 5.56 6.89
CA SER A 63 -2.64 6.27 8.01
C SER A 63 -4.14 5.97 8.00
N PHE A 64 -4.76 6.05 9.15
CA PHE A 64 -6.22 5.77 9.23
C PHE A 64 -7.00 6.88 8.50
N GLY A 65 -7.75 6.52 7.50
CA GLY A 65 -8.52 7.55 6.74
C GLY A 65 -9.82 7.90 7.48
N ILE A 66 -10.07 9.17 7.67
CA ILE A 66 -11.32 9.60 8.35
C ILE A 66 -12.06 10.59 7.44
N LYS A 67 -13.06 10.11 6.74
CA LYS A 67 -13.87 10.97 5.79
C LYS A 67 -13.35 12.40 5.72
N GLU A 68 -12.77 12.78 4.61
CA GLU A 68 -12.25 14.17 4.47
C GLU A 68 -12.00 14.48 3.00
N HIS A 69 -12.68 13.80 2.12
CA HIS A 69 -12.50 14.06 0.65
C HIS A 69 -13.52 15.08 0.16
N GLY A 70 -14.79 14.80 0.32
CA GLY A 70 -15.83 15.76 -0.13
C GLY A 70 -16.58 15.18 -1.33
N ASP A 71 -17.13 14.00 -1.18
CA ASP A 71 -17.87 13.37 -2.31
C ASP A 71 -18.49 12.04 -1.87
N PHE A 72 -17.79 11.30 -1.05
CA PHE A 72 -18.33 9.99 -0.58
C PHE A 72 -17.68 9.60 0.74
N TYR A 73 -18.39 8.90 1.58
CA TYR A 73 -17.81 8.48 2.89
C TYR A 73 -16.85 7.30 2.70
N PRO A 74 -15.60 7.56 2.91
CA PRO A 74 -14.57 6.50 2.76
C PRO A 74 -14.63 5.52 3.92
N PHE A 75 -14.53 6.00 5.13
CA PHE A 75 -14.57 5.07 6.30
C PHE A 75 -16.02 4.68 6.61
N ASP A 76 -16.22 3.63 7.37
CA ASP A 76 -17.60 3.22 7.71
C ASP A 76 -17.61 2.13 8.79
N GLY A 77 -16.81 1.12 8.64
CA GLY A 77 -16.77 0.04 9.67
C GLY A 77 -16.17 -1.22 9.07
N PRO A 78 -16.62 -2.33 9.55
CA PRO A 78 -16.12 -3.62 9.05
C PRO A 78 -16.65 -3.89 7.65
N SER A 79 -17.47 -3.00 7.14
CA SER A 79 -18.02 -3.18 5.78
C SER A 79 -16.90 -3.50 4.79
N GLY A 80 -17.25 -3.77 3.57
CA GLY A 80 -16.22 -4.12 2.54
C GLY A 80 -15.36 -2.90 2.22
N LEU A 81 -14.45 -2.56 3.07
CA LEU A 81 -13.59 -1.38 2.77
C LEU A 81 -12.60 -1.13 3.91
N LEU A 82 -11.47 -1.78 3.90
CA LEU A 82 -10.51 -1.54 5.02
C LEU A 82 -9.32 -0.69 4.56
N ALA A 83 -9.03 -0.63 3.28
CA ALA A 83 -7.85 0.20 2.85
C ALA A 83 -8.09 0.84 1.48
N HIS A 84 -8.26 2.13 1.45
CA HIS A 84 -8.46 2.83 0.15
C HIS A 84 -7.25 3.74 -0.14
N ALA A 85 -6.51 3.44 -1.18
CA ALA A 85 -5.32 4.28 -1.50
C ALA A 85 -5.57 5.06 -2.80
N PHE A 86 -5.04 6.26 -2.89
CA PHE A 86 -5.25 7.07 -4.11
C PHE A 86 -4.07 6.91 -5.08
N PRO A 87 -4.29 7.35 -6.28
CA PRO A 87 -3.23 7.27 -7.32
C PRO A 87 -2.14 8.29 -6.99
N PRO A 88 -0.93 7.98 -7.38
CA PRO A 88 0.20 8.88 -7.09
C PRO A 88 0.13 10.14 -7.97
N GLY A 89 -0.74 11.06 -7.65
CA GLY A 89 -0.86 12.30 -8.47
C GLY A 89 -0.42 13.51 -7.64
N PRO A 90 -1.38 14.31 -7.27
CA PRO A 90 -1.10 15.52 -6.45
C PRO A 90 -0.73 15.11 -5.02
N ASN A 91 -0.88 16.00 -4.07
CA ASN A 91 -0.55 15.67 -2.66
C ASN A 91 -1.55 14.66 -2.10
N TYR A 92 -2.54 14.32 -2.86
CA TYR A 92 -3.56 13.35 -2.37
C TYR A 92 -3.37 11.99 -3.05
N GLY A 93 -2.17 11.69 -3.46
CA GLY A 93 -1.91 10.38 -4.13
C GLY A 93 -1.18 9.46 -3.15
N GLY A 94 -1.11 8.19 -3.45
CA GLY A 94 -0.42 7.25 -2.53
C GLY A 94 -0.99 7.43 -1.12
N ASP A 95 -2.17 7.97 -1.03
CA ASP A 95 -2.77 8.18 0.32
C ASP A 95 -3.33 6.86 0.86
N ALA A 96 -2.53 6.10 1.55
CA ALA A 96 -3.02 4.80 2.10
C ALA A 96 -3.96 5.08 3.28
N HIS A 97 -5.21 5.32 3.00
CA HIS A 97 -6.18 5.61 4.10
C HIS A 97 -6.97 4.35 4.46
N PHE A 98 -6.99 3.99 5.71
CA PHE A 98 -7.75 2.76 6.12
C PHE A 98 -9.13 3.18 6.68
N ASP A 99 -10.15 2.43 6.37
CA ASP A 99 -11.50 2.77 6.90
C ASP A 99 -11.39 2.96 8.41
N ASP A 100 -11.06 4.14 8.88
CA ASP A 100 -10.90 4.34 10.34
C ASP A 100 -11.87 3.49 11.16
N ASP A 101 -13.04 3.22 10.66
CA ASP A 101 -14.01 2.41 11.45
C ASP A 101 -13.66 0.90 11.34
N GLU A 102 -12.52 0.57 10.78
CA GLU A 102 -12.14 -0.86 10.66
C GLU A 102 -11.13 -1.24 11.75
N THR A 103 -10.42 -2.33 11.60
CA THR A 103 -9.43 -2.73 12.63
C THR A 103 -8.06 -3.00 11.99
N TRP A 104 -7.00 -2.62 12.64
CA TRP A 104 -5.65 -2.87 12.05
C TRP A 104 -4.65 -3.24 13.16
N THR A 105 -3.80 -4.20 12.92
CA THR A 105 -2.81 -4.58 13.97
C THR A 105 -1.49 -4.96 13.35
N SER A 106 -0.49 -5.19 14.16
CA SER A 106 0.84 -5.59 13.63
C SER A 106 1.30 -6.85 14.35
N SER A 107 0.37 -7.63 14.81
CA SER A 107 0.71 -8.88 15.54
C SER A 107 0.58 -10.09 14.59
N SER A 108 -0.49 -10.82 14.67
CA SER A 108 -0.67 -12.00 13.78
C SER A 108 -2.15 -12.28 13.53
N LYS A 109 -3.00 -11.34 13.85
CA LYS A 109 -4.46 -11.55 13.63
C LYS A 109 -5.08 -10.32 12.95
N GLY A 110 -6.37 -10.28 12.84
CA GLY A 110 -7.02 -9.10 12.17
C GLY A 110 -6.22 -8.73 10.92
N TYR A 111 -6.19 -7.47 10.58
CA TYR A 111 -5.41 -7.05 9.39
C TYR A 111 -4.00 -6.64 9.80
N ASN A 112 -3.03 -7.48 9.57
CA ASN A 112 -1.65 -7.11 9.96
C ASN A 112 -1.13 -6.03 9.01
N LEU A 113 -0.78 -4.90 9.52
CA LEU A 113 -0.28 -3.82 8.64
C LEU A 113 0.65 -4.39 7.58
N PHE A 114 1.39 -5.37 7.92
CA PHE A 114 2.31 -5.96 6.92
C PHE A 114 1.47 -6.33 5.71
N LEU A 115 0.35 -6.97 5.96
CA LEU A 115 -0.56 -7.38 4.86
C LEU A 115 -1.39 -6.18 4.38
N VAL A 116 -2.31 -5.72 5.18
CA VAL A 116 -3.14 -4.56 4.74
C VAL A 116 -2.25 -3.44 4.19
N ALA A 117 -1.39 -2.91 5.01
CA ALA A 117 -0.49 -1.81 4.54
C ALA A 117 0.28 -2.23 3.27
N ALA A 118 0.97 -3.34 3.27
CA ALA A 118 1.71 -3.73 2.02
C ALA A 118 0.72 -3.79 0.87
N HIS A 119 -0.52 -4.05 1.18
CA HIS A 119 -1.57 -4.13 0.13
C HIS A 119 -1.99 -2.71 -0.29
N GLU A 120 -2.23 -1.85 0.66
CA GLU A 120 -2.63 -0.45 0.33
C GLU A 120 -1.46 0.24 -0.40
N PHE A 121 -0.26 -0.03 0.01
CA PHE A 121 0.92 0.58 -0.66
C PHE A 121 0.99 0.08 -2.10
N GLY A 122 1.17 -1.20 -2.28
CA GLY A 122 1.24 -1.77 -3.65
C GLY A 122 0.11 -1.16 -4.49
N HIS A 123 -0.99 -0.84 -3.87
CA HIS A 123 -2.13 -0.24 -4.63
C HIS A 123 -1.87 1.24 -4.90
N SER A 124 -2.00 2.06 -3.90
CA SER A 124 -1.79 3.53 -4.08
C SER A 124 -0.61 3.80 -5.03
N LEU A 125 0.55 3.28 -4.74
CA LEU A 125 1.72 3.53 -5.62
C LEU A 125 1.67 2.66 -6.88
N GLY A 126 1.39 1.40 -6.72
CA GLY A 126 1.33 0.50 -7.91
C GLY A 126 0.24 0.98 -8.87
N LEU A 127 -1.00 0.71 -8.58
CA LEU A 127 -2.09 1.16 -9.49
C LEU A 127 -3.45 0.76 -8.91
N ASP A 128 -4.47 0.76 -9.72
CA ASP A 128 -5.83 0.37 -9.20
C ASP A 128 -5.76 -1.01 -8.56
N HIS A 129 -5.31 -1.99 -9.29
CA HIS A 129 -5.19 -3.37 -8.74
C HIS A 129 -4.24 -4.19 -9.61
N SER A 130 -4.02 -5.44 -9.26
CA SER A 130 -3.10 -6.27 -10.09
C SER A 130 -3.02 -7.69 -9.53
N LYS A 131 -4.14 -8.30 -9.26
CA LYS A 131 -4.11 -9.69 -8.71
C LYS A 131 -5.15 -10.56 -9.41
N ASP A 132 -5.48 -10.25 -10.64
CA ASP A 132 -6.49 -11.07 -11.36
C ASP A 132 -6.27 -12.54 -11.04
N PRO A 133 -5.05 -12.99 -11.20
CA PRO A 133 -4.71 -14.38 -10.90
C PRO A 133 -4.27 -14.52 -9.43
N GLY A 134 -3.41 -13.65 -8.95
CA GLY A 134 -2.97 -13.78 -7.53
C GLY A 134 -1.91 -12.72 -7.15
N ALA A 135 -2.33 -11.62 -6.56
CA ALA A 135 -1.35 -10.57 -6.12
C ALA A 135 -1.85 -9.91 -4.82
N LEU A 136 -0.98 -9.28 -4.09
CA LEU A 136 -1.39 -8.63 -2.82
C LEU A 136 -2.30 -7.44 -3.14
N MET A 137 -3.38 -7.68 -3.84
CA MET A 137 -4.30 -6.57 -4.22
C MET A 137 -5.77 -7.00 -4.14
N PHE A 138 -6.04 -8.26 -3.89
CA PHE A 138 -7.47 -8.71 -3.82
C PHE A 138 -8.11 -8.33 -2.48
N PRO A 139 -9.41 -8.40 -2.43
CA PRO A 139 -10.15 -8.06 -1.20
C PRO A 139 -9.86 -9.09 -0.11
N ILE A 140 -9.37 -10.24 -0.50
CA ILE A 140 -9.04 -11.29 0.50
C ILE A 140 -7.59 -11.12 0.95
N TYR A 141 -7.32 -11.23 2.22
CA TYR A 141 -5.93 -11.05 2.70
C TYR A 141 -5.49 -12.25 3.54
N THR A 142 -6.45 -12.86 4.21
CA THR A 142 -6.18 -14.04 5.10
C THR A 142 -4.71 -14.42 5.19
N TYR A 143 -4.13 -14.96 4.13
CA TYR A 143 -2.69 -15.35 4.21
C TYR A 143 -1.87 -14.14 4.67
N THR A 144 -1.43 -14.15 5.90
CA THR A 144 -0.64 -13.00 6.42
C THR A 144 0.60 -12.79 5.55
N GLY A 145 1.26 -11.68 5.70
CA GLY A 145 2.48 -11.42 4.88
C GLY A 145 3.45 -12.59 5.04
N LYS A 146 3.29 -13.36 6.08
CA LYS A 146 4.20 -14.53 6.29
C LYS A 146 3.42 -15.76 6.76
N SER A 147 2.19 -15.89 6.33
CA SER A 147 1.38 -17.08 6.75
C SER A 147 1.71 -18.27 5.85
N HIS A 148 2.20 -18.01 4.67
CA HIS A 148 2.54 -19.13 3.74
C HIS A 148 3.66 -18.69 2.80
N PHE A 149 3.37 -17.79 1.90
CA PHE A 149 4.43 -17.32 0.95
C PHE A 149 3.85 -16.28 0.00
N MET A 150 4.64 -15.84 -0.94
CA MET A 150 4.16 -14.82 -1.93
C MET A 150 3.06 -15.39 -2.81
N LEU A 151 2.01 -15.92 -2.21
CA LEU A 151 0.89 -16.43 -3.04
C LEU A 151 0.59 -15.41 -4.13
N PRO A 152 0.50 -14.16 -3.71
CA PRO A 152 0.25 -13.06 -4.68
C PRO A 152 1.48 -12.79 -5.53
N ASP A 153 2.07 -13.81 -6.11
CA ASP A 153 3.28 -13.58 -6.95
C ASP A 153 3.04 -12.43 -7.92
N ASP A 154 1.84 -12.26 -8.37
CA ASP A 154 1.57 -11.16 -9.34
C ASP A 154 2.15 -9.86 -8.79
N ASP A 155 1.84 -9.53 -7.57
CA ASP A 155 2.40 -8.28 -7.00
C ASP A 155 3.87 -8.51 -6.70
N VAL A 156 4.23 -9.71 -6.33
CA VAL A 156 5.66 -9.99 -6.03
C VAL A 156 6.52 -9.72 -7.28
N GLN A 157 6.57 -10.67 -8.18
CA GLN A 157 7.38 -10.47 -9.41
C GLN A 157 6.83 -9.29 -10.21
N GLY A 158 5.54 -9.21 -10.32
CA GLY A 158 4.91 -8.10 -11.08
C GLY A 158 5.64 -6.78 -10.81
N ILE A 159 5.59 -6.28 -9.60
CA ILE A 159 6.29 -4.99 -9.33
C ILE A 159 7.80 -5.21 -9.21
N GLN A 160 8.22 -6.41 -8.95
CA GLN A 160 9.68 -6.65 -8.84
C GLN A 160 10.31 -6.38 -10.20
N SER A 161 9.51 -6.44 -11.23
CA SER A 161 10.05 -6.20 -12.60
C SER A 161 9.65 -4.81 -13.12
N LEU A 162 8.42 -4.42 -12.88
CA LEU A 162 7.96 -3.09 -13.39
C LEU A 162 8.27 -1.96 -12.41
N TYR A 163 7.99 -2.15 -11.16
CA TYR A 163 8.28 -1.09 -10.16
C TYR A 163 9.78 -0.98 -9.90
N GLY A 164 10.54 -1.90 -10.42
CA GLY A 164 12.01 -1.85 -10.21
C GLY A 164 12.61 -0.74 -11.07
N PRO A 165 13.28 -1.13 -12.12
CA PRO A 165 13.89 -0.15 -13.05
C PRO A 165 12.81 0.52 -13.90
N GLY A 166 12.06 1.42 -13.32
CA GLY A 166 10.98 2.10 -14.09
C GLY A 166 11.59 2.88 -15.26
N ASP A 167 11.11 4.07 -15.50
CA ASP A 167 11.67 4.88 -16.62
C ASP A 167 11.57 6.37 -16.28
N GLU A 168 10.37 6.88 -16.14
CA GLU A 168 10.22 8.33 -15.82
C GLU A 168 10.75 9.19 -16.96
N ASP A 169 10.98 8.60 -18.10
CA ASP A 169 11.49 9.39 -19.27
C ASP A 169 11.67 8.47 -20.48
N PRO A 170 11.05 8.86 -21.56
CA PRO A 170 11.14 8.07 -22.81
C PRO A 170 12.53 8.19 -23.43
N ASN A 171 13.52 7.58 -22.83
CA ASN A 171 14.90 7.67 -23.39
C ASN A 171 15.19 6.45 -24.28
N TYR A 1 -8.88 -0.52 -27.35
CA TYR A 1 -9.34 -1.63 -26.45
C TYR A 1 -8.76 -1.44 -25.04
N ASN A 2 -9.23 -0.46 -24.32
CA ASN A 2 -8.70 -0.22 -22.94
C ASN A 2 -9.22 -1.30 -22.00
N VAL A 3 -8.52 -2.41 -21.90
CA VAL A 3 -8.98 -3.50 -20.99
C VAL A 3 -7.97 -3.71 -19.85
N PHE A 4 -6.94 -2.90 -19.82
CA PHE A 4 -5.92 -3.04 -18.74
C PHE A 4 -5.67 -1.69 -18.06
N PRO A 5 -6.72 -1.15 -17.50
CA PRO A 5 -6.62 0.16 -16.81
C PRO A 5 -6.08 0.00 -15.39
N ARG A 6 -5.24 -0.97 -15.16
CA ARG A 6 -4.68 -1.18 -13.78
C ARG A 6 -3.22 -1.62 -13.87
N THR A 7 -2.34 -0.72 -14.18
CA THR A 7 -0.90 -1.09 -14.29
C THR A 7 -0.04 0.05 -13.76
N LEU A 8 -0.18 1.22 -14.30
CA LEU A 8 0.61 2.39 -13.83
C LEU A 8 2.03 1.97 -13.45
N LYS A 9 2.55 0.94 -14.07
CA LYS A 9 3.92 0.50 -13.73
C LYS A 9 4.91 1.01 -14.78
N TRP A 10 5.48 2.16 -14.57
CA TRP A 10 6.43 2.72 -15.56
C TRP A 10 7.25 3.85 -14.92
N SER A 11 6.64 4.98 -14.68
CA SER A 11 7.38 6.12 -14.08
C SER A 11 7.26 6.07 -12.55
N LYS A 12 7.87 5.12 -11.92
CA LYS A 12 7.78 5.02 -10.43
C LYS A 12 8.85 4.06 -9.89
N MET A 13 10.03 4.56 -9.64
CA MET A 13 11.11 3.66 -9.11
C MET A 13 11.65 4.23 -7.79
N ASN A 14 11.30 5.44 -7.47
CA ASN A 14 11.80 6.06 -6.19
C ASN A 14 10.84 7.16 -5.75
N LEU A 15 10.32 7.07 -4.56
CA LEU A 15 9.37 8.11 -4.08
C LEU A 15 9.49 8.29 -2.56
N THR A 16 8.69 9.15 -2.00
CA THR A 16 8.75 9.36 -0.52
C THR A 16 7.37 9.05 0.10
N TYR A 17 7.35 8.54 1.30
CA TYR A 17 6.03 8.24 1.93
C TYR A 17 6.07 8.50 3.44
N ARG A 18 4.93 8.64 4.05
CA ARG A 18 4.88 8.90 5.52
C ARG A 18 4.47 7.62 6.26
N ILE A 19 4.76 7.54 7.53
CA ILE A 19 4.38 6.32 8.30
C ILE A 19 3.47 6.67 9.48
N VAL A 20 2.30 7.20 9.21
CA VAL A 20 1.37 7.55 10.32
C VAL A 20 0.17 6.62 10.33
N ASN A 21 0.38 5.34 10.26
CA ASN A 21 -0.77 4.40 10.29
C ASN A 21 -1.76 4.85 11.37
N TYR A 22 -1.58 4.41 12.57
CA TYR A 22 -2.50 4.82 13.67
C TYR A 22 -2.04 4.20 14.99
N THR A 23 -2.78 4.37 16.05
CA THR A 23 -2.37 3.77 17.35
C THR A 23 -3.57 3.13 18.06
N PRO A 24 -4.31 2.34 17.32
CA PRO A 24 -5.48 1.65 17.89
C PRO A 24 -5.04 0.47 18.76
N ASP A 25 -4.83 -0.67 18.15
CA ASP A 25 -4.39 -1.86 18.94
C ASP A 25 -2.86 -1.98 18.87
N MET A 26 -2.22 -1.04 18.23
CA MET A 26 -0.73 -1.09 18.12
C MET A 26 -0.13 0.21 18.67
N THR A 27 1.10 0.19 19.08
CA THR A 27 1.72 1.43 19.62
C THR A 27 2.80 1.93 18.65
N HIS A 28 3.39 3.04 18.94
CA HIS A 28 4.46 3.59 18.03
C HIS A 28 5.38 2.45 17.59
N SER A 29 5.61 1.48 18.44
CA SER A 29 6.51 0.35 18.06
C SER A 29 5.81 -0.50 17.00
N GLU A 30 4.58 -0.88 17.23
CA GLU A 30 3.86 -1.71 16.24
C GLU A 30 3.80 -0.96 14.92
N VAL A 31 3.16 0.18 14.91
CA VAL A 31 3.09 0.97 13.66
C VAL A 31 4.49 0.99 13.03
N GLU A 32 5.50 1.12 13.87
CA GLU A 32 6.89 1.12 13.34
C GLU A 32 7.07 -0.15 12.52
N LYS A 33 6.54 -1.24 12.98
CA LYS A 33 6.67 -2.50 12.21
C LYS A 33 5.71 -2.44 11.02
N ALA A 34 4.48 -2.14 11.26
CA ALA A 34 3.52 -2.07 10.15
C ALA A 34 4.10 -1.27 8.99
N PHE A 35 4.42 -0.03 9.21
CA PHE A 35 4.97 0.81 8.10
C PHE A 35 6.33 0.27 7.63
N LYS A 36 7.26 0.10 8.52
CA LYS A 36 8.60 -0.41 8.10
C LYS A 36 8.50 -1.86 7.64
N LYS A 37 8.31 -2.75 8.56
CA LYS A 37 8.17 -4.19 8.21
C LYS A 37 7.36 -4.36 6.92
N ALA A 38 6.12 -3.93 6.90
CA ALA A 38 5.35 -4.07 5.63
C ALA A 38 6.21 -3.59 4.48
N PHE A 39 6.96 -2.54 4.69
CA PHE A 39 7.85 -2.02 3.61
C PHE A 39 9.03 -2.99 3.45
N LYS A 40 9.40 -3.66 4.49
CA LYS A 40 10.53 -4.64 4.39
C LYS A 40 10.12 -5.74 3.42
N VAL A 41 8.89 -6.16 3.50
CA VAL A 41 8.39 -7.22 2.59
C VAL A 41 8.16 -6.61 1.20
N TRP A 42 7.42 -5.53 1.14
CA TRP A 42 7.18 -4.88 -0.19
C TRP A 42 8.53 -4.65 -0.87
N SER A 43 9.54 -4.36 -0.08
CA SER A 43 10.89 -4.16 -0.67
C SER A 43 11.48 -5.52 -0.99
N ASP A 44 11.25 -6.49 -0.15
CA ASP A 44 11.77 -7.85 -0.41
C ASP A 44 11.37 -8.27 -1.82
N VAL A 45 10.15 -8.02 -2.19
CA VAL A 45 9.69 -8.39 -3.55
C VAL A 45 10.29 -7.42 -4.57
N THR A 46 10.38 -6.16 -4.23
CA THR A 46 10.97 -5.17 -5.19
C THR A 46 11.80 -4.13 -4.43
N PRO A 47 13.06 -4.08 -4.74
CA PRO A 47 13.97 -3.11 -4.07
C PRO A 47 13.68 -1.68 -4.52
N LEU A 48 12.47 -1.23 -4.32
CA LEU A 48 12.12 0.16 -4.74
C LEU A 48 12.82 1.18 -3.83
N ASN A 49 12.84 2.42 -4.21
CA ASN A 49 13.50 3.45 -3.36
C ASN A 49 12.46 4.31 -2.65
N PHE A 50 12.23 4.07 -1.39
CA PHE A 50 11.21 4.88 -0.65
C PHE A 50 11.89 5.68 0.47
N THR A 51 11.41 6.87 0.73
CA THR A 51 12.02 7.71 1.79
C THR A 51 10.97 8.58 2.47
N ARG A 52 10.93 8.58 3.77
CA ARG A 52 9.91 9.41 4.50
C ARG A 52 10.55 10.70 4.99
N LEU A 53 10.63 11.70 4.16
CA LEU A 53 11.24 12.99 4.59
C LEU A 53 10.26 13.78 5.47
N HIS A 54 10.48 13.79 6.75
CA HIS A 54 9.56 14.55 7.64
C HIS A 54 9.47 16.01 7.19
N ASP A 55 10.50 16.50 6.58
CA ASP A 55 10.49 17.90 6.09
C ASP A 55 9.13 18.23 5.46
N GLY A 56 8.60 17.31 4.70
CA GLY A 56 7.28 17.55 4.05
C GLY A 56 7.34 17.12 2.58
N ILE A 57 8.10 16.11 2.28
CA ILE A 57 8.18 15.65 0.86
C ILE A 57 7.75 14.19 0.77
N ALA A 58 6.47 13.96 0.92
CA ALA A 58 5.98 12.56 0.87
C ALA A 58 4.86 12.45 -0.18
N ASP A 59 4.87 11.40 -0.95
CA ASP A 59 3.81 11.22 -1.98
C ASP A 59 2.79 10.20 -1.50
N ILE A 60 3.24 9.20 -0.79
CA ILE A 60 2.29 8.16 -0.27
C ILE A 60 2.41 8.09 1.26
N MET A 61 1.58 7.35 1.91
CA MET A 61 1.69 7.29 3.40
C MET A 61 0.67 6.31 4.01
N ILE A 62 1.07 5.62 5.06
CA ILE A 62 0.13 4.66 5.72
C ILE A 62 -0.61 5.38 6.86
N SER A 63 -1.91 5.44 6.82
CA SER A 63 -2.64 6.13 7.91
C SER A 63 -4.12 5.75 7.90
N PHE A 64 -4.71 5.61 9.05
CA PHE A 64 -6.15 5.25 9.10
C PHE A 64 -7.00 6.41 8.54
N GLY A 65 -7.63 6.20 7.41
CA GLY A 65 -8.45 7.28 6.82
C GLY A 65 -9.57 7.65 7.78
N ILE A 66 -9.91 8.92 7.84
CA ILE A 66 -11.00 9.35 8.77
C ILE A 66 -11.88 10.38 8.07
N LYS A 67 -12.99 9.93 7.52
CA LYS A 67 -13.96 10.83 6.79
C LYS A 67 -13.48 12.29 6.77
N GLU A 68 -12.68 12.64 5.80
CA GLU A 68 -12.18 14.04 5.70
C GLU A 68 -12.02 14.45 4.24
N HIS A 69 -12.54 13.67 3.33
CA HIS A 69 -12.42 14.01 1.88
C HIS A 69 -13.47 15.06 1.51
N GLY A 70 -14.64 14.62 1.14
CA GLY A 70 -15.70 15.59 0.76
C GLY A 70 -16.61 14.96 -0.31
N ASP A 71 -16.04 14.18 -1.19
CA ASP A 71 -16.88 13.53 -2.24
C ASP A 71 -17.85 12.54 -1.62
N PHE A 72 -17.43 11.31 -1.43
CA PHE A 72 -18.34 10.30 -0.84
C PHE A 72 -17.86 9.91 0.57
N TYR A 73 -18.44 8.89 1.14
CA TYR A 73 -18.04 8.46 2.51
C TYR A 73 -17.12 7.23 2.44
N PRO A 74 -15.87 7.45 2.76
CA PRO A 74 -14.87 6.35 2.75
C PRO A 74 -15.05 5.44 3.97
N PHE A 75 -14.70 5.92 5.13
CA PHE A 75 -14.84 5.09 6.36
C PHE A 75 -16.24 4.49 6.46
N ASP A 76 -16.36 3.27 6.88
CA ASP A 76 -17.70 2.66 7.00
C ASP A 76 -17.65 1.24 7.55
N GLY A 77 -17.50 1.11 8.84
CA GLY A 77 -17.46 -0.25 9.47
C GLY A 77 -16.73 -1.24 8.57
N PRO A 78 -17.03 -2.49 8.80
CA PRO A 78 -16.41 -3.57 8.00
C PRO A 78 -17.07 -3.69 6.63
N SER A 79 -17.33 -2.59 5.98
CA SER A 79 -17.97 -2.64 4.65
C SER A 79 -16.91 -2.89 3.58
N GLY A 80 -17.32 -2.99 2.35
CA GLY A 80 -16.36 -3.25 1.25
C GLY A 80 -15.36 -2.10 1.13
N LEU A 81 -14.50 -1.94 2.09
CA LEU A 81 -13.52 -0.84 1.99
C LEU A 81 -12.60 -0.82 3.21
N LEU A 82 -11.56 -1.60 3.22
CA LEU A 82 -10.65 -1.59 4.40
C LEU A 82 -9.40 -0.75 4.11
N ALA A 83 -9.03 -0.56 2.87
CA ALA A 83 -7.81 0.25 2.57
C ALA A 83 -7.90 0.91 1.18
N HIS A 84 -8.25 2.16 1.13
CA HIS A 84 -8.33 2.87 -0.18
C HIS A 84 -7.08 3.74 -0.38
N ALA A 85 -6.37 3.54 -1.46
CA ALA A 85 -5.14 4.35 -1.72
C ALA A 85 -5.41 5.40 -2.81
N PHE A 86 -5.17 6.65 -2.53
CA PHE A 86 -5.42 7.71 -3.55
C PHE A 86 -4.40 7.58 -4.70
N PRO A 87 -4.72 8.21 -5.79
CA PRO A 87 -3.83 8.18 -6.97
C PRO A 87 -2.59 9.04 -6.71
N PRO A 88 -1.46 8.54 -7.11
CA PRO A 88 -0.20 9.28 -6.91
C PRO A 88 -0.12 10.50 -7.83
N GLY A 89 -0.88 11.53 -7.54
CA GLY A 89 -0.86 12.74 -8.40
C GLY A 89 -0.23 13.91 -7.61
N PRO A 90 -1.07 14.81 -7.19
CA PRO A 90 -0.60 15.99 -6.42
C PRO A 90 -0.21 15.57 -4.99
N ASN A 91 -0.16 16.50 -4.07
CA ASN A 91 0.22 16.14 -2.68
C ASN A 91 -0.81 15.19 -2.08
N TYR A 92 -1.92 15.03 -2.73
CA TYR A 92 -2.98 14.12 -2.20
C TYR A 92 -3.01 12.84 -3.04
N GLY A 93 -1.96 12.09 -3.01
CA GLY A 93 -1.92 10.82 -3.80
C GLY A 93 -1.24 9.74 -2.96
N GLY A 94 -1.23 8.53 -3.44
CA GLY A 94 -0.59 7.43 -2.67
C GLY A 94 -1.00 7.53 -1.20
N ASP A 95 -2.13 8.11 -0.94
CA ASP A 95 -2.58 8.26 0.47
C ASP A 95 -3.18 6.94 0.98
N ALA A 96 -2.37 6.07 1.50
CA ALA A 96 -2.90 4.78 2.03
C ALA A 96 -3.86 5.05 3.19
N HIS A 97 -5.13 5.06 2.93
CA HIS A 97 -6.12 5.35 4.02
C HIS A 97 -6.93 4.10 4.39
N PHE A 98 -6.84 3.66 5.61
CA PHE A 98 -7.63 2.47 6.03
C PHE A 98 -8.99 2.91 6.56
N ASP A 99 -10.07 2.29 6.13
CA ASP A 99 -11.40 2.70 6.65
C ASP A 99 -11.34 2.75 8.17
N ASP A 100 -11.04 3.89 8.74
CA ASP A 100 -10.93 3.98 10.22
C ASP A 100 -11.94 3.05 10.92
N ASP A 101 -13.09 2.85 10.36
CA ASP A 101 -14.08 1.96 11.03
C ASP A 101 -13.54 0.53 11.11
N GLU A 102 -12.53 0.20 10.35
CA GLU A 102 -11.97 -1.18 10.39
C GLU A 102 -10.91 -1.29 11.48
N THR A 103 -10.28 -2.43 11.59
CA THR A 103 -9.23 -2.60 12.63
C THR A 103 -7.89 -2.98 11.98
N TRP A 104 -6.80 -2.69 12.64
CA TRP A 104 -5.46 -3.03 12.04
C TRP A 104 -4.46 -3.32 13.15
N THR A 105 -3.53 -4.21 12.93
CA THR A 105 -2.53 -4.52 13.99
C THR A 105 -1.26 -5.09 13.39
N SER A 106 -0.28 -5.35 14.21
CA SER A 106 0.98 -5.93 13.71
C SER A 106 1.35 -7.16 14.53
N SER A 107 0.38 -7.73 15.18
CA SER A 107 0.64 -8.94 16.00
C SER A 107 0.46 -10.20 15.15
N SER A 108 -0.75 -10.49 14.78
CA SER A 108 -1.02 -11.70 13.94
C SER A 108 -2.52 -11.82 13.67
N LYS A 109 -3.33 -11.35 14.59
CA LYS A 109 -4.80 -11.43 14.39
C LYS A 109 -5.28 -10.20 13.62
N GLY A 110 -6.55 -10.13 13.32
CA GLY A 110 -7.08 -8.96 12.57
C GLY A 110 -6.22 -8.71 11.33
N TYR A 111 -6.29 -7.54 10.77
CA TYR A 111 -5.46 -7.24 9.57
C TYR A 111 -4.05 -6.87 10.00
N ASN A 112 -3.04 -7.51 9.48
CA ASN A 112 -1.66 -7.17 9.87
C ASN A 112 -1.15 -6.09 8.93
N LEU A 113 -0.82 -4.94 9.45
CA LEU A 113 -0.33 -3.85 8.57
C LEU A 113 0.61 -4.39 7.52
N PHE A 114 1.41 -5.35 7.86
CA PHE A 114 2.33 -5.90 6.85
C PHE A 114 1.50 -6.26 5.61
N LEU A 115 0.44 -6.96 5.83
CA LEU A 115 -0.46 -7.36 4.72
C LEU A 115 -1.29 -6.16 4.25
N VAL A 116 -2.23 -5.73 5.04
CA VAL A 116 -3.07 -4.56 4.62
C VAL A 116 -2.17 -3.41 4.15
N ALA A 117 -1.44 -2.81 5.04
CA ALA A 117 -0.53 -1.69 4.64
C ALA A 117 0.24 -2.01 3.36
N ALA A 118 0.92 -3.13 3.30
CA ALA A 118 1.68 -3.44 2.04
C ALA A 118 0.69 -3.41 0.87
N HIS A 119 -0.41 -4.06 1.03
CA HIS A 119 -1.47 -4.10 -0.03
C HIS A 119 -1.84 -2.66 -0.42
N GLU A 120 -2.18 -1.84 0.54
CA GLU A 120 -2.53 -0.43 0.23
C GLU A 120 -1.34 0.24 -0.46
N PHE A 121 -0.16 0.03 0.04
CA PHE A 121 1.05 0.63 -0.60
C PHE A 121 1.09 0.22 -2.07
N GLY A 122 1.20 -1.05 -2.32
CA GLY A 122 1.23 -1.54 -3.73
C GLY A 122 0.18 -0.78 -4.53
N HIS A 123 -0.91 -0.42 -3.91
CA HIS A 123 -1.96 0.34 -4.65
C HIS A 123 -1.61 1.82 -4.76
N SER A 124 -1.78 2.54 -3.69
CA SER A 124 -1.50 4.01 -3.68
C SER A 124 -0.32 4.37 -4.58
N LEU A 125 0.74 3.61 -4.56
CA LEU A 125 1.92 3.96 -5.41
C LEU A 125 1.96 3.10 -6.67
N GLY A 126 1.63 1.85 -6.56
CA GLY A 126 1.68 0.94 -7.74
C GLY A 126 0.59 1.33 -8.76
N LEU A 127 -0.58 0.77 -8.62
CA LEU A 127 -1.66 1.09 -9.61
C LEU A 127 -3.04 0.76 -9.04
N ASP A 128 -4.00 0.51 -9.90
CA ASP A 128 -5.37 0.18 -9.41
C ASP A 128 -5.43 -1.25 -8.85
N HIS A 129 -4.91 -2.20 -9.57
CA HIS A 129 -4.94 -3.60 -9.06
C HIS A 129 -4.17 -4.54 -9.99
N SER A 130 -3.74 -5.66 -9.48
CA SER A 130 -2.99 -6.65 -10.30
C SER A 130 -3.00 -8.00 -9.60
N LYS A 131 -4.13 -8.43 -9.13
CA LYS A 131 -4.22 -9.73 -8.41
C LYS A 131 -5.30 -10.62 -9.02
N ASP A 132 -5.64 -10.41 -10.25
CA ASP A 132 -6.68 -11.26 -10.88
C ASP A 132 -6.43 -12.73 -10.52
N PRO A 133 -5.27 -13.21 -10.91
CA PRO A 133 -4.90 -14.61 -10.61
C PRO A 133 -4.50 -14.75 -9.14
N GLY A 134 -3.60 -13.93 -8.67
CA GLY A 134 -3.18 -14.05 -7.23
C GLY A 134 -2.09 -13.01 -6.88
N ALA A 135 -2.49 -11.89 -6.34
CA ALA A 135 -1.49 -10.84 -5.94
C ALA A 135 -1.98 -10.10 -4.68
N LEU A 136 -1.11 -9.38 -4.03
CA LEU A 136 -1.52 -8.63 -2.80
C LEU A 136 -2.40 -7.45 -3.21
N MET A 137 -3.48 -7.70 -3.90
CA MET A 137 -4.37 -6.59 -4.33
C MET A 137 -5.84 -7.05 -4.34
N PHE A 138 -6.14 -8.16 -3.73
CA PHE A 138 -7.56 -8.63 -3.72
C PHE A 138 -8.19 -8.42 -2.34
N PRO A 139 -9.48 -8.54 -2.30
CA PRO A 139 -10.24 -8.37 -1.03
C PRO A 139 -9.95 -9.55 -0.09
N ILE A 140 -9.26 -10.53 -0.58
CA ILE A 140 -8.92 -11.72 0.27
C ILE A 140 -7.47 -11.60 0.75
N TYR A 141 -7.26 -11.39 2.01
CA TYR A 141 -5.87 -11.24 2.52
C TYR A 141 -5.52 -12.37 3.49
N THR A 142 -6.51 -12.84 4.20
CA THR A 142 -6.34 -13.94 5.22
C THR A 142 -4.88 -14.40 5.37
N TYR A 143 -4.31 -15.03 4.37
CA TYR A 143 -2.89 -15.49 4.52
C TYR A 143 -2.04 -14.33 5.04
N THR A 144 -1.64 -14.39 6.29
CA THR A 144 -0.81 -13.30 6.86
C THR A 144 0.42 -13.06 5.99
N GLY A 145 1.17 -12.03 6.27
CA GLY A 145 2.38 -11.74 5.46
C GLY A 145 3.34 -12.93 5.55
N LYS A 146 3.12 -13.81 6.50
CA LYS A 146 4.01 -15.00 6.64
C LYS A 146 3.18 -16.26 6.91
N SER A 147 1.92 -16.24 6.58
CA SER A 147 1.08 -17.45 6.80
C SER A 147 1.57 -18.60 5.93
N HIS A 148 2.33 -18.29 4.91
CA HIS A 148 2.86 -19.36 4.02
C HIS A 148 3.94 -18.80 3.10
N PHE A 149 3.59 -17.89 2.23
CA PHE A 149 4.60 -17.30 1.32
C PHE A 149 3.97 -16.26 0.40
N MET A 150 4.71 -15.78 -0.55
CA MET A 150 4.17 -14.76 -1.49
C MET A 150 3.07 -15.35 -2.37
N LEU A 151 2.04 -15.88 -1.75
CA LEU A 151 0.92 -16.43 -2.56
C LEU A 151 0.61 -15.42 -3.67
N PRO A 152 0.51 -14.17 -3.28
CA PRO A 152 0.26 -13.08 -4.26
C PRO A 152 1.50 -12.80 -5.11
N ASP A 153 2.08 -13.82 -5.68
CA ASP A 153 3.29 -13.60 -6.52
C ASP A 153 3.03 -12.55 -7.59
N ASP A 154 1.81 -12.42 -8.03
CA ASP A 154 1.52 -11.42 -9.09
C ASP A 154 2.03 -10.06 -8.65
N ASP A 155 1.73 -9.66 -7.46
CA ASP A 155 2.24 -8.35 -6.98
C ASP A 155 3.71 -8.50 -6.63
N VAL A 156 4.10 -9.67 -6.17
CA VAL A 156 5.54 -9.88 -5.83
C VAL A 156 6.41 -9.70 -7.07
N GLN A 157 6.48 -10.70 -7.90
CA GLN A 157 7.30 -10.60 -9.13
C GLN A 157 6.76 -9.45 -10.01
N GLY A 158 5.47 -9.36 -10.10
CA GLY A 158 4.85 -8.29 -10.92
C GLY A 158 5.60 -6.97 -10.75
N ILE A 159 5.54 -6.39 -9.57
CA ILE A 159 6.25 -5.09 -9.37
C ILE A 159 7.76 -5.32 -9.23
N GLN A 160 8.17 -6.50 -8.90
CA GLN A 160 9.62 -6.74 -8.77
C GLN A 160 10.25 -6.49 -10.14
N SER A 161 9.47 -6.60 -11.18
CA SER A 161 9.99 -6.39 -12.55
C SER A 161 9.59 -5.02 -13.10
N LEU A 162 8.40 -4.58 -12.80
CA LEU A 162 7.94 -3.26 -13.36
C LEU A 162 8.30 -2.09 -12.43
N TYR A 163 8.04 -2.22 -11.16
CA TYR A 163 8.35 -1.11 -10.22
C TYR A 163 9.86 -0.98 -10.05
N GLY A 164 10.59 -2.00 -10.40
CA GLY A 164 12.08 -1.94 -10.26
C GLY A 164 12.60 -0.76 -11.07
N PRO A 165 12.89 -1.03 -12.32
CA PRO A 165 13.40 0.02 -13.23
C PRO A 165 12.24 0.91 -13.68
N GLY A 166 12.26 2.16 -13.30
CA GLY A 166 11.15 3.08 -13.71
C GLY A 166 11.65 4.03 -14.81
N ASP A 167 10.75 4.53 -15.61
CA ASP A 167 11.15 5.46 -16.71
C ASP A 167 10.78 6.90 -16.34
N GLU A 168 9.52 7.23 -16.43
CA GLU A 168 9.09 8.62 -16.08
C GLU A 168 9.79 9.64 -16.98
N ASP A 169 10.41 9.20 -18.03
CA ASP A 169 11.11 10.15 -18.94
C ASP A 169 11.77 9.40 -20.10
N PRO A 170 11.65 9.95 -21.27
CA PRO A 170 12.25 9.33 -22.48
C PRO A 170 13.77 9.52 -22.47
N ASN A 171 14.43 8.98 -21.49
CA ASN A 171 15.92 9.13 -21.42
C ASN A 171 16.59 7.95 -22.12
N TYR A 1 -4.64 2.74 -29.56
CA TYR A 1 -4.08 1.49 -28.97
C TYR A 1 -4.23 1.52 -27.45
N ASN A 2 -5.33 1.04 -26.95
CA ASN A 2 -5.54 1.02 -25.47
C ASN A 2 -5.37 -0.39 -24.91
N VAL A 3 -4.18 -0.76 -24.55
CA VAL A 3 -3.95 -2.13 -24.01
C VAL A 3 -4.61 -2.27 -22.64
N PHE A 4 -4.00 -3.00 -21.74
CA PHE A 4 -4.59 -3.17 -20.39
C PHE A 4 -4.26 -1.97 -19.51
N PRO A 5 -5.28 -1.23 -19.16
CA PRO A 5 -5.09 -0.03 -18.31
C PRO A 5 -4.76 -0.45 -16.88
N ARG A 6 -4.75 0.49 -15.96
CA ARG A 6 -4.42 0.15 -14.55
C ARG A 6 -3.02 -0.46 -14.45
N THR A 7 -2.02 0.37 -14.43
CA THR A 7 -0.62 -0.14 -14.33
C THR A 7 0.24 0.88 -13.58
N LEU A 8 0.34 2.08 -14.09
CA LEU A 8 1.14 3.12 -13.40
C LEU A 8 2.51 2.59 -12.98
N LYS A 9 3.09 1.70 -13.73
CA LYS A 9 4.44 1.17 -13.36
C LYS A 9 5.46 1.52 -14.45
N TRP A 10 6.13 2.63 -14.33
CA TRP A 10 7.12 2.99 -15.38
C TRP A 10 8.13 4.03 -14.85
N SER A 11 7.72 5.24 -14.66
CA SER A 11 8.67 6.29 -14.17
C SER A 11 8.46 6.56 -12.67
N LYS A 12 8.80 5.62 -11.84
CA LYS A 12 8.63 5.84 -10.38
C LYS A 12 9.48 4.84 -9.59
N MET A 13 10.74 4.75 -9.92
CA MET A 13 11.64 3.80 -9.20
C MET A 13 11.99 4.35 -7.82
N ASN A 14 11.57 5.54 -7.52
CA ASN A 14 11.89 6.13 -6.18
C ASN A 14 10.87 7.23 -5.83
N LEU A 15 10.60 7.40 -4.57
CA LEU A 15 9.63 8.44 -4.15
C LEU A 15 9.66 8.59 -2.62
N THR A 16 8.90 9.51 -2.08
CA THR A 16 8.89 9.68 -0.60
C THR A 16 7.55 9.22 -0.01
N TYR A 17 7.54 8.91 1.26
CA TYR A 17 6.28 8.45 1.90
C TYR A 17 6.31 8.75 3.40
N ARG A 18 5.18 8.64 4.05
CA ARG A 18 5.14 8.91 5.51
C ARG A 18 4.45 7.75 6.24
N ILE A 19 4.91 7.43 7.42
CA ILE A 19 4.28 6.31 8.18
C ILE A 19 3.40 6.85 9.33
N VAL A 20 2.14 6.47 9.33
CA VAL A 20 1.22 6.93 10.40
C VAL A 20 -0.05 6.08 10.40
N ASN A 21 0.09 4.78 10.29
CA ASN A 21 -1.12 3.90 10.27
C ASN A 21 -2.13 4.41 11.30
N TYR A 22 -1.94 4.09 12.54
CA TYR A 22 -2.88 4.58 13.59
C TYR A 22 -2.42 4.09 14.97
N THR A 23 -3.12 4.46 16.00
CA THR A 23 -2.72 4.00 17.37
C THR A 23 -3.93 3.45 18.13
N PRO A 24 -4.58 2.47 17.54
CA PRO A 24 -5.76 1.84 18.16
C PRO A 24 -5.31 0.77 19.17
N ASP A 25 -5.00 -0.40 18.71
CA ASP A 25 -4.57 -1.49 19.63
C ASP A 25 -3.05 -1.65 19.58
N MET A 26 -2.40 -0.94 18.70
CA MET A 26 -0.91 -1.06 18.61
C MET A 26 -0.24 0.25 19.04
N THR A 27 1.02 0.20 19.38
CA THR A 27 1.74 1.43 19.81
C THR A 27 2.69 1.89 18.71
N HIS A 28 3.21 3.08 18.82
CA HIS A 28 4.15 3.57 17.78
C HIS A 28 5.15 2.48 17.42
N SER A 29 5.46 1.62 18.36
CA SER A 29 6.43 0.52 18.06
C SER A 29 5.81 -0.45 17.04
N GLU A 30 4.63 -0.91 17.31
CA GLU A 30 3.98 -1.84 16.34
C GLU A 30 3.78 -1.13 15.02
N VAL A 31 3.07 -0.05 15.04
CA VAL A 31 2.89 0.73 13.78
C VAL A 31 4.24 0.85 13.09
N GLU A 32 5.28 0.97 13.88
CA GLU A 32 6.64 1.06 13.29
C GLU A 32 6.89 -0.21 12.48
N LYS A 33 6.49 -1.34 13.01
CA LYS A 33 6.66 -2.60 12.24
C LYS A 33 5.71 -2.57 11.06
N ALA A 34 4.50 -2.19 11.30
CA ALA A 34 3.52 -2.11 10.19
C ALA A 34 4.13 -1.36 9.02
N PHE A 35 4.50 -0.14 9.23
CA PHE A 35 5.08 0.67 8.13
C PHE A 35 6.43 0.07 7.69
N LYS A 36 7.36 -0.09 8.60
CA LYS A 36 8.68 -0.64 8.23
C LYS A 36 8.55 -2.08 7.73
N LYS A 37 8.31 -2.99 8.62
CA LYS A 37 8.14 -4.41 8.23
C LYS A 37 7.34 -4.52 6.93
N ALA A 38 6.12 -4.04 6.89
CA ALA A 38 5.36 -4.13 5.61
C ALA A 38 6.26 -3.63 4.48
N PHE A 39 7.06 -2.63 4.75
CA PHE A 39 7.98 -2.11 3.70
C PHE A 39 9.10 -3.12 3.49
N LYS A 40 9.48 -3.82 4.54
CA LYS A 40 10.56 -4.83 4.39
C LYS A 40 10.11 -5.89 3.37
N VAL A 41 8.87 -6.30 3.45
CA VAL A 41 8.35 -7.31 2.50
C VAL A 41 8.15 -6.64 1.13
N TRP A 42 7.50 -5.50 1.11
CA TRP A 42 7.29 -4.80 -0.19
C TRP A 42 8.64 -4.59 -0.87
N SER A 43 9.65 -4.27 -0.12
CA SER A 43 11.00 -4.08 -0.72
C SER A 43 11.58 -5.45 -1.06
N ASP A 44 11.28 -6.43 -0.24
CA ASP A 44 11.79 -7.80 -0.49
C ASP A 44 11.35 -8.25 -1.89
N VAL A 45 10.15 -7.90 -2.27
CA VAL A 45 9.65 -8.31 -3.61
C VAL A 45 10.16 -7.35 -4.67
N THR A 46 10.34 -6.10 -4.34
CA THR A 46 10.85 -5.12 -5.35
C THR A 46 11.73 -4.06 -4.68
N PRO A 47 12.83 -3.77 -5.34
CA PRO A 47 13.78 -2.77 -4.81
C PRO A 47 13.23 -1.35 -4.99
N LEU A 48 12.08 -1.08 -4.43
CA LEU A 48 11.48 0.28 -4.56
C LEU A 48 12.21 1.27 -3.65
N ASN A 49 12.63 2.39 -4.19
CA ASN A 49 13.33 3.40 -3.35
C ASN A 49 12.32 4.33 -2.68
N PHE A 50 12.34 4.42 -1.38
CA PHE A 50 11.38 5.30 -0.67
C PHE A 50 12.09 6.16 0.37
N THR A 51 11.54 7.32 0.68
CA THR A 51 12.20 8.21 1.69
C THR A 51 11.14 9.08 2.37
N ARG A 52 11.09 9.06 3.68
CA ARG A 52 10.10 9.88 4.40
C ARG A 52 10.71 11.24 4.76
N LEU A 53 10.32 12.28 4.07
CA LEU A 53 10.88 13.63 4.38
C LEU A 53 9.89 14.45 5.18
N HIS A 54 10.03 14.47 6.48
CA HIS A 54 9.08 15.27 7.33
C HIS A 54 9.00 16.70 6.81
N ASP A 55 10.05 17.17 6.20
CA ASP A 55 10.05 18.55 5.65
C ASP A 55 8.70 18.83 4.97
N GLY A 56 8.37 18.07 3.97
CA GLY A 56 7.07 18.29 3.27
C GLY A 56 7.11 17.65 1.87
N ILE A 57 7.78 16.55 1.73
CA ILE A 57 7.84 15.88 0.40
C ILE A 57 7.38 14.44 0.53
N ALA A 58 6.13 14.24 0.80
CA ALA A 58 5.60 12.86 0.96
C ALA A 58 4.64 12.52 -0.17
N ASP A 59 4.87 11.42 -0.84
CA ASP A 59 3.96 11.03 -1.96
C ASP A 59 2.94 10.01 -1.45
N ILE A 60 3.41 8.97 -0.81
CA ILE A 60 2.46 7.93 -0.28
C ILE A 60 2.54 7.90 1.25
N MET A 61 1.56 7.35 1.91
CA MET A 61 1.64 7.33 3.41
C MET A 61 0.69 6.27 3.99
N ILE A 62 1.13 5.57 5.00
CA ILE A 62 0.25 4.54 5.64
C ILE A 62 -0.49 5.17 6.83
N SER A 63 -1.79 5.29 6.76
CA SER A 63 -2.53 5.91 7.89
C SER A 63 -4.01 5.58 7.84
N PHE A 64 -4.72 5.83 8.90
CA PHE A 64 -6.17 5.54 8.94
C PHE A 64 -6.95 6.66 8.23
N GLY A 65 -7.91 6.30 7.43
CA GLY A 65 -8.71 7.33 6.70
C GLY A 65 -9.92 7.73 7.53
N ILE A 66 -10.10 9.01 7.74
CA ILE A 66 -11.28 9.48 8.53
C ILE A 66 -12.16 10.36 7.65
N LYS A 67 -13.24 9.80 7.16
CA LYS A 67 -14.21 10.55 6.28
C LYS A 67 -13.92 12.05 6.23
N GLU A 68 -13.07 12.47 5.32
CA GLU A 68 -12.75 13.92 5.23
C GLU A 68 -12.51 14.31 3.77
N HIS A 69 -12.84 13.45 2.84
CA HIS A 69 -12.63 13.78 1.40
C HIS A 69 -13.69 14.79 0.93
N GLY A 70 -14.90 14.34 0.73
CA GLY A 70 -15.97 15.29 0.27
C GLY A 70 -16.53 14.82 -1.07
N ASP A 71 -16.93 13.58 -1.16
CA ASP A 71 -17.50 13.08 -2.44
C ASP A 71 -17.96 11.62 -2.28
N PHE A 72 -17.19 10.82 -1.59
CA PHE A 72 -17.59 9.40 -1.38
C PHE A 72 -17.44 9.02 0.09
N TYR A 73 -18.17 8.04 0.55
CA TYR A 73 -18.06 7.64 1.97
C TYR A 73 -17.32 6.30 2.08
N PRO A 74 -16.02 6.38 2.18
CA PRO A 74 -15.20 5.15 2.30
C PRO A 74 -15.38 4.53 3.69
N PHE A 75 -15.07 5.27 4.72
CA PHE A 75 -15.22 4.74 6.11
C PHE A 75 -16.61 4.12 6.28
N ASP A 76 -16.68 2.94 6.82
CA ASP A 76 -18.00 2.30 7.02
C ASP A 76 -17.86 0.91 7.64
N GLY A 77 -17.69 0.87 8.94
CA GLY A 77 -17.55 -0.44 9.65
C GLY A 77 -16.77 -1.43 8.79
N PRO A 78 -17.02 -2.68 9.03
CA PRO A 78 -16.33 -3.75 8.27
C PRO A 78 -17.00 -3.91 6.90
N SER A 79 -17.30 -2.83 6.22
CA SER A 79 -17.95 -2.94 4.89
C SER A 79 -16.89 -3.22 3.81
N GLY A 80 -17.32 -3.41 2.60
CA GLY A 80 -16.36 -3.71 1.51
C GLY A 80 -15.41 -2.55 1.29
N LEU A 81 -14.55 -2.28 2.23
CA LEU A 81 -13.60 -1.15 2.05
C LEU A 81 -12.70 -1.00 3.28
N LEU A 82 -11.59 -1.68 3.31
CA LEU A 82 -10.69 -1.54 4.49
C LEU A 82 -9.46 -0.69 4.15
N ALA A 83 -9.13 -0.53 2.90
CA ALA A 83 -7.91 0.28 2.56
C ALA A 83 -8.05 0.97 1.19
N HIS A 84 -8.17 2.27 1.19
CA HIS A 84 -8.27 3.01 -0.10
C HIS A 84 -7.02 3.91 -0.27
N ALA A 85 -6.34 3.78 -1.37
CA ALA A 85 -5.12 4.63 -1.58
C ALA A 85 -5.25 5.45 -2.86
N PHE A 86 -5.27 6.74 -2.75
CA PHE A 86 -5.39 7.60 -3.98
C PHE A 86 -4.22 7.30 -4.93
N PRO A 87 -4.35 7.79 -6.13
CA PRO A 87 -3.29 7.60 -7.15
C PRO A 87 -2.08 8.47 -6.79
N PRO A 88 -0.92 7.97 -7.09
CA PRO A 88 0.33 8.71 -6.78
C PRO A 88 0.49 9.90 -7.73
N GLY A 89 -0.10 11.03 -7.40
CA GLY A 89 0.02 12.22 -8.29
C GLY A 89 0.40 13.44 -7.46
N PRO A 90 -0.58 14.22 -7.12
CA PRO A 90 -0.35 15.44 -6.31
C PRO A 90 -0.02 15.08 -4.86
N ASN A 91 -0.06 16.04 -3.98
CA ASN A 91 0.26 15.75 -2.55
C ASN A 91 -0.86 14.91 -1.92
N TYR A 92 -1.92 14.70 -2.64
CA TYR A 92 -3.05 13.89 -2.10
C TYR A 92 -3.09 12.53 -2.79
N GLY A 93 -1.97 12.07 -3.26
CA GLY A 93 -1.93 10.75 -3.94
C GLY A 93 -1.26 9.73 -3.03
N GLY A 94 -1.19 8.50 -3.42
CA GLY A 94 -0.55 7.47 -2.57
C GLY A 94 -1.05 7.64 -1.13
N ASP A 95 -2.21 8.19 -0.95
CA ASP A 95 -2.75 8.38 0.42
C ASP A 95 -3.32 7.06 0.94
N ALA A 96 -2.50 6.24 1.54
CA ALA A 96 -3.00 4.94 2.07
C ALA A 96 -3.92 5.18 3.28
N HIS A 97 -5.20 5.19 3.06
CA HIS A 97 -6.14 5.44 4.19
C HIS A 97 -7.01 4.19 4.45
N PHE A 98 -7.08 3.76 5.68
CA PHE A 98 -7.92 2.56 5.99
C PHE A 98 -9.31 2.99 6.50
N ASP A 99 -10.34 2.32 6.08
CA ASP A 99 -11.71 2.70 6.57
C ASP A 99 -11.64 2.85 8.08
N ASP A 100 -11.42 4.03 8.56
CA ASP A 100 -11.32 4.24 10.04
C ASP A 100 -12.27 3.32 10.80
N ASP A 101 -13.39 2.96 10.24
CA ASP A 101 -14.34 2.07 10.99
C ASP A 101 -13.85 0.62 10.98
N GLU A 102 -12.77 0.34 10.30
CA GLU A 102 -12.26 -1.06 10.28
C GLU A 102 -11.26 -1.29 11.42
N THR A 103 -10.51 -2.35 11.35
CA THR A 103 -9.51 -2.62 12.44
C THR A 103 -8.13 -2.86 11.84
N TRP A 104 -7.09 -2.54 12.56
CA TRP A 104 -5.71 -2.75 12.03
C TRP A 104 -4.78 -3.13 13.18
N THR A 105 -3.80 -3.96 12.92
CA THR A 105 -2.87 -4.35 14.03
C THR A 105 -1.59 -4.94 13.48
N SER A 106 -0.66 -5.22 14.35
CA SER A 106 0.61 -5.84 13.90
C SER A 106 0.87 -7.11 14.71
N SER A 107 -0.16 -7.91 14.85
CA SER A 107 -0.01 -9.17 15.64
C SER A 107 -0.50 -10.36 14.81
N SER A 108 -0.86 -11.44 15.44
CA SER A 108 -1.34 -12.63 14.69
C SER A 108 -2.87 -12.65 14.66
N LYS A 109 -3.50 -11.51 14.75
CA LYS A 109 -4.99 -11.47 14.72
C LYS A 109 -5.48 -10.21 13.99
N GLY A 110 -6.62 -10.27 13.37
CA GLY A 110 -7.13 -9.08 12.63
C GLY A 110 -6.20 -8.77 11.47
N TYR A 111 -6.45 -7.70 10.76
CA TYR A 111 -5.56 -7.35 9.61
C TYR A 111 -4.17 -6.99 10.14
N ASN A 112 -3.14 -7.42 9.46
CA ASN A 112 -1.77 -7.08 9.93
C ASN A 112 -1.18 -6.05 8.97
N LEU A 113 -0.84 -4.90 9.47
CA LEU A 113 -0.26 -3.84 8.59
C LEU A 113 0.68 -4.44 7.56
N PHE A 114 1.45 -5.40 7.95
CA PHE A 114 2.37 -5.99 6.96
C PHE A 114 1.55 -6.35 5.72
N LEU A 115 0.43 -6.97 5.94
CA LEU A 115 -0.49 -7.35 4.84
C LEU A 115 -1.33 -6.16 4.39
N VAL A 116 -2.30 -5.78 5.17
CA VAL A 116 -3.16 -4.63 4.77
C VAL A 116 -2.31 -3.48 4.25
N ALA A 117 -1.41 -3.00 5.05
CA ALA A 117 -0.53 -1.87 4.62
C ALA A 117 0.28 -2.23 3.37
N ALA A 118 0.95 -3.36 3.33
CA ALA A 118 1.72 -3.69 2.09
C ALA A 118 0.76 -3.72 0.90
N HIS A 119 -0.46 -4.02 1.17
CA HIS A 119 -1.49 -4.08 0.10
C HIS A 119 -1.90 -2.66 -0.30
N GLU A 120 -2.35 -1.87 0.65
CA GLU A 120 -2.74 -0.47 0.32
C GLU A 120 -1.53 0.26 -0.28
N PHE A 121 -0.36 0.01 0.24
CA PHE A 121 0.85 0.66 -0.32
C PHE A 121 1.01 0.25 -1.78
N GLY A 122 1.20 -1.02 -2.02
CA GLY A 122 1.34 -1.50 -3.41
C GLY A 122 0.31 -0.80 -4.29
N HIS A 123 -0.81 -0.44 -3.73
CA HIS A 123 -1.85 0.27 -4.53
C HIS A 123 -1.54 1.76 -4.64
N SER A 124 -1.60 2.46 -3.53
CA SER A 124 -1.34 3.93 -3.55
C SER A 124 -0.17 4.29 -4.48
N LEU A 125 0.90 3.54 -4.45
CA LEU A 125 2.05 3.88 -5.32
C LEU A 125 2.08 3.01 -6.58
N GLY A 126 1.73 1.75 -6.44
CA GLY A 126 1.74 0.85 -7.62
C GLY A 126 0.64 1.25 -8.60
N LEU A 127 -0.56 0.78 -8.41
CA LEU A 127 -1.66 1.13 -9.35
C LEU A 127 -3.02 0.68 -8.81
N ASP A 128 -4.00 0.62 -9.68
CA ASP A 128 -5.36 0.19 -9.23
C ASP A 128 -5.31 -1.22 -8.63
N HIS A 129 -4.81 -2.17 -9.38
CA HIS A 129 -4.73 -3.57 -8.84
C HIS A 129 -3.73 -4.40 -9.64
N SER A 130 -3.58 -5.64 -9.27
CA SER A 130 -2.64 -6.53 -9.99
C SER A 130 -2.65 -7.92 -9.34
N LYS A 131 -3.79 -8.54 -9.24
CA LYS A 131 -3.86 -9.88 -8.61
C LYS A 131 -4.80 -10.79 -9.37
N ASP A 132 -4.98 -10.55 -10.63
CA ASP A 132 -5.90 -11.42 -11.43
C ASP A 132 -5.85 -12.87 -10.93
N PRO A 133 -4.65 -13.39 -10.85
CA PRO A 133 -4.48 -14.77 -10.34
C PRO A 133 -4.65 -14.80 -8.82
N GLY A 134 -3.88 -14.03 -8.10
CA GLY A 134 -4.02 -14.03 -6.62
C GLY A 134 -2.97 -13.12 -5.94
N ALA A 135 -2.64 -12.00 -6.52
CA ALA A 135 -1.61 -11.12 -5.88
C ALA A 135 -2.17 -10.47 -4.60
N LEU A 136 -1.34 -9.79 -3.85
CA LEU A 136 -1.81 -9.12 -2.60
C LEU A 136 -2.57 -7.85 -2.97
N MET A 137 -3.62 -8.00 -3.73
CA MET A 137 -4.41 -6.81 -4.15
C MET A 137 -5.91 -7.12 -4.07
N PHE A 138 -6.29 -8.34 -4.35
CA PHE A 138 -7.74 -8.69 -4.29
C PHE A 138 -8.34 -8.28 -2.94
N PRO A 139 -9.65 -8.35 -2.85
CA PRO A 139 -10.34 -7.98 -1.59
C PRO A 139 -10.10 -9.05 -0.51
N ILE A 140 -9.38 -10.09 -0.85
CA ILE A 140 -9.11 -11.16 0.15
C ILE A 140 -7.61 -11.16 0.51
N TYR A 141 -7.29 -11.40 1.75
CA TYR A 141 -5.86 -11.40 2.17
C TYR A 141 -5.51 -12.65 2.96
N THR A 142 -6.51 -13.29 3.49
CA THR A 142 -6.34 -14.53 4.33
C THR A 142 -4.86 -14.89 4.58
N TYR A 143 -4.17 -15.45 3.62
CA TYR A 143 -2.74 -15.80 3.86
C TYR A 143 -2.03 -14.63 4.55
N THR A 144 -1.49 -14.86 5.71
CA THR A 144 -0.79 -13.75 6.43
C THR A 144 0.53 -13.41 5.73
N GLY A 145 1.04 -12.23 5.94
CA GLY A 145 2.31 -11.84 5.28
C GLY A 145 3.36 -12.93 5.51
N LYS A 146 3.18 -13.73 6.52
CA LYS A 146 4.17 -14.82 6.79
C LYS A 146 3.47 -16.17 6.99
N SER A 147 2.36 -16.38 6.35
CA SER A 147 1.64 -17.67 6.52
C SER A 147 2.35 -18.78 5.73
N HIS A 148 2.29 -18.72 4.43
CA HIS A 148 2.97 -19.76 3.61
C HIS A 148 4.08 -19.13 2.76
N PHE A 149 3.74 -18.21 1.91
CA PHE A 149 4.78 -17.57 1.05
C PHE A 149 4.16 -16.54 0.13
N MET A 150 4.93 -16.06 -0.81
CA MET A 150 4.44 -15.04 -1.78
C MET A 150 3.32 -15.62 -2.65
N LEU A 151 2.28 -16.13 -2.04
CA LEU A 151 1.15 -16.65 -2.84
C LEU A 151 0.83 -15.63 -3.93
N PRO A 152 0.76 -14.37 -3.53
CA PRO A 152 0.50 -13.27 -4.49
C PRO A 152 1.73 -13.03 -5.38
N ASP A 153 2.29 -14.05 -5.96
CA ASP A 153 3.48 -13.84 -6.83
C ASP A 153 3.21 -12.73 -7.83
N ASP A 154 1.99 -12.58 -8.27
CA ASP A 154 1.70 -11.51 -9.26
C ASP A 154 2.15 -10.17 -8.68
N ASP A 155 1.74 -9.87 -7.49
CA ASP A 155 2.19 -8.59 -6.89
C ASP A 155 3.68 -8.68 -6.60
N VAL A 156 4.17 -9.84 -6.23
CA VAL A 156 5.62 -10.00 -5.94
C VAL A 156 6.44 -9.81 -7.21
N GLN A 157 6.62 -10.86 -7.96
CA GLN A 157 7.41 -10.73 -9.21
C GLN A 157 6.84 -9.61 -10.08
N GLY A 158 5.54 -9.50 -10.12
CA GLY A 158 4.89 -8.44 -10.93
C GLY A 158 5.59 -7.10 -10.72
N ILE A 159 5.43 -6.49 -9.56
CA ILE A 159 6.10 -5.18 -9.37
C ILE A 159 7.61 -5.38 -9.27
N GLN A 160 8.05 -6.56 -8.95
CA GLN A 160 9.52 -6.79 -8.88
C GLN A 160 10.11 -6.46 -10.25
N SER A 161 9.29 -6.57 -11.27
CA SER A 161 9.78 -6.27 -12.64
C SER A 161 9.27 -4.91 -13.11
N LEU A 162 8.03 -4.61 -12.85
CA LEU A 162 7.45 -3.31 -13.31
C LEU A 162 8.00 -2.15 -12.47
N TYR A 163 7.89 -2.25 -11.16
CA TYR A 163 8.39 -1.15 -10.29
C TYR A 163 9.91 -1.26 -10.11
N GLY A 164 10.50 -2.33 -10.58
CA GLY A 164 11.97 -2.48 -10.45
C GLY A 164 12.66 -1.24 -11.01
N PRO A 165 13.14 -1.36 -12.21
CA PRO A 165 13.82 -0.23 -12.88
C PRO A 165 12.80 0.79 -13.37
N GLY A 166 13.02 2.05 -13.11
CA GLY A 166 12.04 3.08 -13.56
C GLY A 166 12.54 3.73 -14.85
N ASP A 167 11.65 4.00 -15.77
CA ASP A 167 12.07 4.62 -17.06
C ASP A 167 12.04 6.15 -16.93
N GLU A 168 10.88 6.71 -16.73
CA GLU A 168 10.77 8.19 -16.60
C GLU A 168 11.61 8.88 -17.68
N ASP A 169 11.84 8.20 -18.77
CA ASP A 169 12.65 8.82 -19.87
C ASP A 169 12.24 8.23 -21.22
N PRO A 170 11.22 8.80 -21.78
CA PRO A 170 10.72 8.33 -23.10
C PRO A 170 11.68 8.76 -24.23
N ASN A 171 12.73 9.44 -23.89
CA ASN A 171 13.70 9.88 -24.94
C ASN A 171 12.98 10.68 -26.03
N TYR A 1 -5.88 -3.12 -31.09
CA TYR A 1 -6.16 -3.72 -29.76
C TYR A 1 -5.84 -2.72 -28.65
N ASN A 2 -6.70 -2.62 -27.67
CA ASN A 2 -6.45 -1.65 -26.55
C ASN A 2 -6.98 -2.22 -25.23
N VAL A 3 -6.25 -2.06 -24.17
CA VAL A 3 -6.71 -2.60 -22.84
C VAL A 3 -6.53 -1.54 -21.75
N PHE A 4 -7.30 -1.62 -20.70
CA PHE A 4 -7.18 -0.62 -19.61
C PHE A 4 -5.72 -0.51 -19.15
N PRO A 5 -5.37 0.64 -18.67
CA PRO A 5 -3.99 0.90 -18.18
C PRO A 5 -3.72 0.16 -16.87
N ARG A 6 -4.07 0.76 -15.77
CA ARG A 6 -3.82 0.10 -14.45
C ARG A 6 -2.39 -0.43 -14.40
N THR A 7 -1.42 0.45 -14.42
CA THR A 7 0.00 0.02 -14.36
C THR A 7 0.80 1.00 -13.51
N LEU A 8 0.79 2.25 -13.87
CA LEU A 8 1.52 3.28 -13.09
C LEU A 8 2.88 2.74 -12.61
N LYS A 9 3.48 1.86 -13.36
CA LYS A 9 4.81 1.32 -12.95
C LYS A 9 5.86 1.65 -14.01
N TRP A 10 6.32 2.87 -14.03
CA TRP A 10 7.34 3.26 -15.05
C TRP A 10 8.37 4.20 -14.44
N SER A 11 7.98 5.41 -14.15
CA SER A 11 8.95 6.38 -13.56
C SER A 11 8.68 6.54 -12.06
N LYS A 12 8.66 5.46 -11.33
CA LYS A 12 8.41 5.56 -9.87
C LYS A 12 9.36 4.65 -9.10
N MET A 13 10.62 4.69 -9.42
CA MET A 13 11.61 3.84 -8.72
C MET A 13 12.04 4.50 -7.41
N ASN A 14 11.76 5.77 -7.26
CA ASN A 14 12.14 6.48 -6.01
C ASN A 14 11.02 7.45 -5.59
N LEU A 15 10.42 7.20 -4.46
CA LEU A 15 9.32 8.11 -4.00
C LEU A 15 9.43 8.35 -2.50
N THR A 16 8.60 9.18 -1.95
CA THR A 16 8.66 9.45 -0.49
C THR A 16 7.31 9.14 0.16
N TYR A 17 7.29 8.97 1.45
CA TYR A 17 6.00 8.67 2.13
C TYR A 17 6.09 8.87 3.63
N ARG A 18 4.98 8.87 4.31
CA ARG A 18 4.98 9.07 5.78
C ARG A 18 4.34 7.86 6.47
N ILE A 19 4.75 7.57 7.68
CA ILE A 19 4.17 6.40 8.40
C ILE A 19 3.27 6.85 9.54
N VAL A 20 1.98 6.81 9.34
CA VAL A 20 1.04 7.23 10.42
C VAL A 20 -0.22 6.35 10.41
N ASN A 21 -0.06 5.07 10.24
CA ASN A 21 -1.26 4.17 10.21
C ASN A 21 -2.23 4.60 11.32
N TYR A 22 -1.93 4.25 12.54
CA TYR A 22 -2.82 4.64 13.67
C TYR A 22 -2.24 4.12 14.99
N THR A 23 -3.00 4.15 16.04
CA THR A 23 -2.49 3.64 17.35
C THR A 23 -3.63 3.10 18.21
N PRO A 24 -4.43 2.26 17.61
CA PRO A 24 -5.57 1.65 18.32
C PRO A 24 -5.09 0.55 19.29
N ASP A 25 -4.91 -0.65 18.81
CA ASP A 25 -4.43 -1.73 19.70
C ASP A 25 -2.92 -1.89 19.59
N MET A 26 -2.29 -1.08 18.78
CA MET A 26 -0.81 -1.16 18.63
C MET A 26 -0.15 0.12 19.12
N THR A 27 1.13 0.09 19.37
CA THR A 27 1.82 1.32 19.85
C THR A 27 2.80 1.82 18.78
N HIS A 28 3.31 3.01 18.94
CA HIS A 28 4.26 3.55 17.93
C HIS A 28 5.26 2.47 17.51
N SER A 29 5.61 1.59 18.41
CA SER A 29 6.57 0.51 18.05
C SER A 29 5.94 -0.41 16.99
N GLU A 30 4.71 -0.80 17.19
CA GLU A 30 4.06 -1.67 16.18
C GLU A 30 3.85 -0.90 14.89
N VAL A 31 3.15 0.19 14.95
CA VAL A 31 2.95 1.00 13.74
C VAL A 31 4.29 1.12 13.03
N GLU A 32 5.35 1.14 13.78
CA GLU A 32 6.70 1.21 13.18
C GLU A 32 6.92 -0.05 12.37
N LYS A 33 6.57 -1.18 12.92
CA LYS A 33 6.73 -2.45 12.15
C LYS A 33 5.75 -2.44 10.99
N ALA A 34 4.53 -2.15 11.27
CA ALA A 34 3.52 -2.11 10.19
C ALA A 34 4.05 -1.35 8.98
N PHE A 35 4.40 -0.11 9.16
CA PHE A 35 4.92 0.68 8.01
C PHE A 35 6.27 0.14 7.54
N LYS A 36 7.23 0.02 8.43
CA LYS A 36 8.56 -0.49 8.01
C LYS A 36 8.46 -1.94 7.57
N LYS A 37 8.29 -2.82 8.50
CA LYS A 37 8.15 -4.27 8.18
C LYS A 37 7.32 -4.45 6.90
N ALA A 38 6.08 -4.02 6.89
CA ALA A 38 5.29 -4.18 5.63
C ALA A 38 6.14 -3.71 4.45
N PHE A 39 6.89 -2.65 4.64
CA PHE A 39 7.77 -2.16 3.54
C PHE A 39 8.93 -3.13 3.35
N LYS A 40 9.34 -3.80 4.40
CA LYS A 40 10.46 -4.77 4.26
C LYS A 40 10.02 -5.87 3.29
N VAL A 41 8.82 -6.34 3.45
CA VAL A 41 8.29 -7.37 2.52
C VAL A 41 8.20 -6.78 1.11
N TRP A 42 7.72 -5.57 1.01
CA TRP A 42 7.63 -4.90 -0.31
C TRP A 42 9.01 -4.89 -0.95
N SER A 43 10.01 -4.54 -0.18
CA SER A 43 11.39 -4.52 -0.72
C SER A 43 11.79 -5.95 -1.09
N ASP A 44 11.29 -6.91 -0.37
CA ASP A 44 11.63 -8.33 -0.68
C ASP A 44 11.11 -8.67 -2.07
N VAL A 45 9.96 -8.14 -2.44
CA VAL A 45 9.40 -8.43 -3.78
C VAL A 45 9.92 -7.43 -4.81
N THR A 46 10.55 -6.36 -4.37
CA THR A 46 11.07 -5.35 -5.35
C THR A 46 11.85 -4.26 -4.61
N PRO A 47 13.01 -3.95 -5.12
CA PRO A 47 13.87 -2.92 -4.49
C PRO A 47 13.29 -1.52 -4.73
N LEU A 48 12.10 -1.28 -4.27
CA LEU A 48 11.48 0.08 -4.46
C LEU A 48 12.17 1.09 -3.55
N ASN A 49 12.60 2.20 -4.09
CA ASN A 49 13.27 3.23 -3.25
C ASN A 49 12.25 4.17 -2.62
N PHE A 50 12.25 4.29 -1.32
CA PHE A 50 11.27 5.19 -0.64
C PHE A 50 11.96 6.02 0.44
N THR A 51 11.39 7.14 0.78
CA THR A 51 12.01 8.02 1.82
C THR A 51 10.93 8.86 2.52
N ARG A 52 10.93 8.90 3.82
CA ARG A 52 9.90 9.70 4.55
C ARG A 52 10.51 11.03 5.02
N LEU A 53 10.41 12.05 4.23
CA LEU A 53 10.98 13.37 4.63
C LEU A 53 9.90 14.24 5.26
N HIS A 54 9.77 14.22 6.55
CA HIS A 54 8.73 15.06 7.21
C HIS A 54 8.86 16.51 6.75
N ASP A 55 10.02 16.90 6.34
CA ASP A 55 10.22 18.29 5.85
C ASP A 55 9.04 18.71 4.98
N GLY A 56 8.85 18.03 3.87
CA GLY A 56 7.70 18.37 2.98
C GLY A 56 7.85 17.64 1.64
N ILE A 57 8.38 16.44 1.66
CA ILE A 57 8.54 15.69 0.39
C ILE A 57 7.89 14.33 0.54
N ALA A 58 6.59 14.29 0.63
CA ALA A 58 5.89 13.00 0.79
C ALA A 58 4.79 12.84 -0.25
N ASP A 59 4.67 11.68 -0.84
CA ASP A 59 3.62 11.47 -1.87
C ASP A 59 2.66 10.37 -1.41
N ILE A 60 3.14 9.37 -0.74
CA ILE A 60 2.25 8.26 -0.26
C ILE A 60 2.45 8.05 1.24
N MET A 61 1.54 7.38 1.91
CA MET A 61 1.73 7.20 3.37
C MET A 61 0.69 6.25 3.97
N ILE A 62 1.02 5.63 5.08
CA ILE A 62 0.05 4.71 5.73
C ILE A 62 -0.69 5.45 6.87
N SER A 63 -1.97 5.64 6.75
CA SER A 63 -2.71 6.36 7.82
C SER A 63 -4.19 5.98 7.82
N PHE A 64 -4.83 6.05 8.96
CA PHE A 64 -6.26 5.70 9.04
C PHE A 64 -7.11 6.80 8.39
N GLY A 65 -7.83 6.47 7.36
CA GLY A 65 -8.66 7.49 6.65
C GLY A 65 -9.92 7.79 7.45
N ILE A 66 -10.20 9.05 7.69
CA ILE A 66 -11.42 9.42 8.45
C ILE A 66 -12.24 10.44 7.64
N LYS A 67 -13.25 9.96 6.95
CA LYS A 67 -14.12 10.85 6.10
C LYS A 67 -13.69 12.32 6.12
N GLU A 68 -12.93 12.73 5.16
CA GLU A 68 -12.48 14.16 5.11
C GLU A 68 -12.08 14.55 3.69
N HIS A 69 -12.55 13.83 2.71
CA HIS A 69 -12.19 14.17 1.30
C HIS A 69 -13.26 15.09 0.69
N GLY A 70 -14.28 14.51 0.11
CA GLY A 70 -15.35 15.34 -0.51
C GLY A 70 -16.07 14.52 -1.60
N ASP A 71 -15.43 13.50 -2.09
CA ASP A 71 -16.06 12.66 -3.14
C ASP A 71 -17.13 11.74 -2.53
N PHE A 72 -16.72 10.81 -1.72
CA PHE A 72 -17.72 9.89 -1.09
C PHE A 72 -17.24 9.45 0.29
N TYR A 73 -18.12 8.92 1.09
CA TYR A 73 -17.72 8.48 2.46
C TYR A 73 -16.81 7.24 2.37
N PRO A 74 -15.59 7.41 2.79
CA PRO A 74 -14.61 6.30 2.74
C PRO A 74 -14.86 5.32 3.90
N PHE A 75 -14.55 5.70 5.10
CA PHE A 75 -14.76 4.79 6.25
C PHE A 75 -16.21 4.30 6.29
N ASP A 76 -16.44 3.10 6.74
CA ASP A 76 -17.84 2.60 6.82
C ASP A 76 -17.85 1.19 7.41
N GLY A 77 -17.71 1.09 8.69
CA GLY A 77 -17.71 -0.25 9.35
C GLY A 77 -16.70 -1.15 8.67
N PRO A 78 -16.76 -2.41 9.00
CA PRO A 78 -15.84 -3.40 8.41
C PRO A 78 -16.30 -3.79 6.99
N SER A 79 -17.26 -3.07 6.46
CA SER A 79 -17.76 -3.40 5.09
C SER A 79 -16.60 -3.58 4.11
N GLY A 80 -16.92 -3.93 2.89
CA GLY A 80 -15.86 -4.14 1.87
C GLY A 80 -15.07 -2.86 1.63
N LEU A 81 -14.21 -2.52 2.52
CA LEU A 81 -13.41 -1.27 2.34
C LEU A 81 -12.46 -1.08 3.52
N LEU A 82 -11.29 -1.64 3.46
CA LEU A 82 -10.36 -1.47 4.62
C LEU A 82 -9.17 -0.57 4.25
N ALA A 83 -8.83 -0.45 3.00
CA ALA A 83 -7.67 0.42 2.64
C ALA A 83 -7.80 1.00 1.22
N HIS A 84 -8.18 2.24 1.11
CA HIS A 84 -8.31 2.86 -0.25
C HIS A 84 -7.09 3.75 -0.53
N ALA A 85 -6.35 3.44 -1.58
CA ALA A 85 -5.15 4.26 -1.90
C ALA A 85 -5.46 5.21 -3.06
N PHE A 86 -5.10 6.47 -2.94
CA PHE A 86 -5.38 7.43 -4.03
C PHE A 86 -4.34 7.28 -5.15
N PRO A 87 -4.62 7.92 -6.25
CA PRO A 87 -3.70 7.86 -7.41
C PRO A 87 -2.47 8.72 -7.13
N PRO A 88 -1.32 8.12 -7.25
CA PRO A 88 -0.04 8.83 -6.98
C PRO A 88 0.21 9.88 -8.07
N GLY A 89 -0.59 10.92 -8.10
CA GLY A 89 -0.39 11.98 -9.12
C GLY A 89 0.01 13.28 -8.43
N PRO A 90 -0.99 14.02 -8.02
CA PRO A 90 -0.75 15.31 -7.32
C PRO A 90 -0.24 15.07 -5.90
N ASN A 91 -0.29 16.07 -5.06
CA ASN A 91 0.19 15.89 -3.66
C ASN A 91 -0.82 15.07 -2.85
N TYR A 92 -1.89 14.69 -3.46
CA TYR A 92 -2.92 13.90 -2.72
C TYR A 92 -3.05 12.50 -3.34
N GLY A 93 -1.94 11.84 -3.56
CA GLY A 93 -1.99 10.47 -4.15
C GLY A 93 -1.27 9.49 -3.23
N GLY A 94 -1.27 8.23 -3.58
CA GLY A 94 -0.58 7.22 -2.73
C GLY A 94 -0.97 7.42 -1.27
N ASP A 95 -2.09 8.04 -1.02
CA ASP A 95 -2.52 8.26 0.40
C ASP A 95 -3.17 6.99 0.93
N ALA A 96 -2.39 6.08 1.47
CA ALA A 96 -2.97 4.82 2.01
C ALA A 96 -3.93 5.15 3.15
N HIS A 97 -5.20 5.20 2.87
CA HIS A 97 -6.19 5.51 3.94
C HIS A 97 -6.98 4.26 4.31
N PHE A 98 -7.02 3.92 5.57
CA PHE A 98 -7.79 2.71 5.98
C PHE A 98 -9.17 3.10 6.52
N ASP A 99 -10.20 2.43 6.08
CA ASP A 99 -11.56 2.76 6.58
C ASP A 99 -11.51 2.86 8.10
N ASP A 100 -11.30 4.02 8.63
CA ASP A 100 -11.20 4.17 10.11
C ASP A 100 -12.19 3.25 10.84
N ASP A 101 -13.29 2.90 10.22
CA ASP A 101 -14.26 2.01 10.91
C ASP A 101 -13.77 0.55 10.88
N GLU A 102 -12.61 0.31 10.34
CA GLU A 102 -12.10 -1.10 10.28
C GLU A 102 -11.11 -1.35 11.43
N THR A 103 -10.40 -2.44 11.37
CA THR A 103 -9.41 -2.74 12.46
C THR A 103 -8.02 -2.96 11.88
N TRP A 104 -7.00 -2.67 12.63
CA TRP A 104 -5.61 -2.86 12.12
C TRP A 104 -4.67 -3.22 13.27
N THR A 105 -3.70 -4.07 13.04
CA THR A 105 -2.75 -4.44 14.12
C THR A 105 -1.47 -5.01 13.55
N SER A 106 -0.49 -5.20 14.38
CA SER A 106 0.79 -5.78 13.90
C SER A 106 1.19 -6.94 14.83
N SER A 107 0.20 -7.55 15.43
CA SER A 107 0.49 -8.68 16.36
C SER A 107 0.35 -10.01 15.62
N SER A 108 -0.80 -10.64 15.69
CA SER A 108 -0.98 -11.94 14.99
C SER A 108 -2.47 -12.18 14.72
N LYS A 109 -3.25 -11.12 14.72
CA LYS A 109 -4.71 -11.28 14.47
C LYS A 109 -5.23 -10.11 13.63
N GLY A 110 -6.51 -10.07 13.37
CA GLY A 110 -7.07 -8.96 12.55
C GLY A 110 -6.16 -8.70 11.35
N TYR A 111 -6.33 -7.60 10.68
CA TYR A 111 -5.47 -7.30 9.50
C TYR A 111 -4.07 -6.89 9.98
N ASN A 112 -3.05 -7.59 9.59
CA ASN A 112 -1.68 -7.23 10.02
C ASN A 112 -1.15 -6.15 9.07
N LEU A 113 -0.81 -5.00 9.58
CA LEU A 113 -0.29 -3.92 8.70
C LEU A 113 0.67 -4.50 7.67
N PHE A 114 1.45 -5.45 8.05
CA PHE A 114 2.38 -6.03 7.08
C PHE A 114 1.60 -6.41 5.83
N LEU A 115 0.50 -7.07 6.03
CA LEU A 115 -0.37 -7.47 4.90
C LEU A 115 -1.19 -6.28 4.41
N VAL A 116 -2.13 -5.82 5.17
CA VAL A 116 -2.95 -4.66 4.70
C VAL A 116 -2.03 -3.54 4.20
N ALA A 117 -1.27 -2.95 5.08
CA ALA A 117 -0.34 -1.86 4.66
C ALA A 117 0.44 -2.26 3.41
N ALA A 118 1.04 -3.44 3.36
CA ALA A 118 1.80 -3.80 2.12
C ALA A 118 0.84 -3.76 0.93
N HIS A 119 -0.31 -4.33 1.12
CA HIS A 119 -1.35 -4.34 0.05
C HIS A 119 -1.69 -2.90 -0.36
N GLU A 120 -2.06 -2.07 0.58
CA GLU A 120 -2.38 -0.66 0.26
C GLU A 120 -1.16 0.00 -0.39
N PHE A 121 -0.04 -0.01 0.29
CA PHE A 121 1.19 0.59 -0.31
C PHE A 121 1.29 0.16 -1.77
N GLY A 122 1.33 -1.12 -2.00
CA GLY A 122 1.44 -1.63 -3.39
C GLY A 122 0.43 -0.90 -4.27
N HIS A 123 -0.72 -0.57 -3.75
CA HIS A 123 -1.74 0.15 -4.58
C HIS A 123 -1.43 1.66 -4.64
N SER A 124 -1.56 2.33 -3.54
CA SER A 124 -1.31 3.81 -3.51
C SER A 124 -0.13 4.20 -4.40
N LEU A 125 0.94 3.45 -4.36
CA LEU A 125 2.12 3.82 -5.21
C LEU A 125 2.16 2.97 -6.48
N GLY A 126 1.79 1.73 -6.38
CA GLY A 126 1.81 0.84 -7.58
C GLY A 126 0.81 1.32 -8.62
N LEU A 127 -0.46 1.02 -8.44
CA LEU A 127 -1.47 1.46 -9.45
C LEU A 127 -2.88 1.06 -9.01
N ASP A 128 -3.76 0.85 -9.95
CA ASP A 128 -5.15 0.46 -9.60
C ASP A 128 -5.18 -0.96 -9.03
N HIS A 129 -4.57 -1.89 -9.71
CA HIS A 129 -4.55 -3.30 -9.21
C HIS A 129 -3.67 -4.16 -10.12
N SER A 130 -3.37 -5.36 -9.70
CA SER A 130 -2.54 -6.27 -10.54
C SER A 130 -2.56 -7.67 -9.94
N LYS A 131 -3.73 -8.20 -9.73
CA LYS A 131 -3.82 -9.57 -9.12
C LYS A 131 -4.92 -10.41 -9.78
N ASP A 132 -5.25 -10.10 -11.00
CA ASP A 132 -6.33 -10.88 -11.69
C ASP A 132 -6.21 -12.38 -11.34
N PRO A 133 -5.03 -12.91 -11.51
CA PRO A 133 -4.82 -14.34 -11.19
C PRO A 133 -4.60 -14.52 -9.68
N GLY A 134 -3.69 -13.80 -9.08
CA GLY A 134 -3.47 -13.97 -7.61
C GLY A 134 -2.31 -13.09 -7.11
N ALA A 135 -2.62 -11.97 -6.49
CA ALA A 135 -1.55 -11.08 -5.95
C ALA A 135 -1.98 -10.55 -4.57
N LEU A 136 -1.13 -9.78 -3.93
CA LEU A 136 -1.49 -9.24 -2.58
C LEU A 136 -2.62 -8.22 -2.72
N MET A 137 -3.03 -7.92 -3.93
CA MET A 137 -4.12 -6.93 -4.11
C MET A 137 -5.50 -7.60 -4.21
N PHE A 138 -5.55 -8.90 -4.28
CA PHE A 138 -6.88 -9.57 -4.40
C PHE A 138 -7.83 -9.11 -3.29
N PRO A 139 -9.07 -9.47 -3.44
CA PRO A 139 -10.09 -9.10 -2.42
C PRO A 139 -10.01 -10.05 -1.22
N ILE A 140 -8.82 -10.37 -0.79
CA ILE A 140 -8.64 -11.29 0.37
C ILE A 140 -7.24 -11.09 0.93
N TYR A 141 -7.08 -11.19 2.22
CA TYR A 141 -5.72 -11.00 2.81
C TYR A 141 -5.34 -12.22 3.65
N THR A 142 -6.32 -12.81 4.28
CA THR A 142 -6.11 -14.02 5.16
C THR A 142 -4.63 -14.41 5.29
N TYR A 143 -4.02 -14.92 4.25
CA TYR A 143 -2.59 -15.31 4.35
C TYR A 143 -1.75 -14.06 4.68
N THR A 144 -1.28 -13.94 5.88
CA THR A 144 -0.48 -12.74 6.27
C THR A 144 0.58 -12.46 5.20
N GLY A 145 1.29 -11.37 5.33
CA GLY A 145 2.33 -11.04 4.32
C GLY A 145 3.34 -12.19 4.26
N LYS A 146 3.34 -13.04 5.25
CA LYS A 146 4.31 -14.17 5.24
C LYS A 146 3.68 -15.39 5.92
N SER A 147 2.39 -15.55 5.82
CA SER A 147 1.74 -16.74 6.46
C SER A 147 2.37 -18.03 5.94
N HIS A 148 3.04 -17.97 4.82
CA HIS A 148 3.68 -19.20 4.27
C HIS A 148 4.57 -18.85 3.08
N PHE A 149 4.14 -17.97 2.22
CA PHE A 149 4.99 -17.59 1.05
C PHE A 149 4.31 -16.50 0.21
N MET A 150 4.98 -16.05 -0.82
CA MET A 150 4.39 -14.99 -1.70
C MET A 150 3.26 -15.55 -2.55
N LEU A 151 2.26 -16.11 -1.91
CA LEU A 151 1.08 -16.60 -2.68
C LEU A 151 0.73 -15.55 -3.73
N PRO A 152 0.66 -14.31 -3.28
CA PRO A 152 0.37 -13.19 -4.20
C PRO A 152 1.57 -12.91 -5.12
N ASP A 153 2.08 -13.91 -5.78
CA ASP A 153 3.25 -13.68 -6.67
C ASP A 153 2.94 -12.59 -7.69
N ASP A 154 1.70 -12.40 -8.08
CA ASP A 154 1.42 -11.35 -9.09
C ASP A 154 1.98 -10.02 -8.62
N ASP A 155 1.76 -9.69 -7.40
CA ASP A 155 2.30 -8.43 -6.87
C ASP A 155 3.79 -8.62 -6.59
N VAL A 156 4.17 -9.81 -6.21
CA VAL A 156 5.61 -10.07 -5.93
C VAL A 156 6.44 -9.84 -7.20
N GLN A 157 6.40 -10.76 -8.12
CA GLN A 157 7.19 -10.58 -9.38
C GLN A 157 6.63 -9.40 -10.16
N GLY A 158 5.33 -9.30 -10.22
CA GLY A 158 4.68 -8.18 -10.98
C GLY A 158 5.46 -6.89 -10.75
N ILE A 159 5.50 -6.41 -9.54
CA ILE A 159 6.25 -5.13 -9.32
C ILE A 159 7.75 -5.39 -9.29
N GLN A 160 8.17 -6.59 -9.06
CA GLN A 160 9.63 -6.86 -9.05
C GLN A 160 10.17 -6.50 -10.44
N SER A 161 9.32 -6.57 -11.42
CA SER A 161 9.76 -6.26 -12.81
C SER A 161 9.28 -4.88 -13.27
N LEU A 162 8.12 -4.46 -12.82
CA LEU A 162 7.58 -3.14 -13.28
C LEU A 162 8.03 -2.00 -12.35
N TYR A 163 7.95 -2.21 -11.07
CA TYR A 163 8.35 -1.14 -10.10
C TYR A 163 9.86 -1.20 -9.85
N GLY A 164 10.52 -2.24 -10.28
CA GLY A 164 11.99 -2.33 -10.05
C GLY A 164 12.68 -1.12 -10.69
N PRO A 165 13.40 -1.37 -11.74
CA PRO A 165 14.12 -0.29 -12.45
C PRO A 165 13.13 0.57 -13.24
N GLY A 166 12.65 1.65 -12.67
CA GLY A 166 11.69 2.52 -13.39
C GLY A 166 12.46 3.41 -14.37
N ASP A 167 11.80 3.88 -15.40
CA ASP A 167 12.48 4.76 -16.40
C ASP A 167 12.65 6.17 -15.83
N GLU A 168 11.58 6.87 -15.61
CA GLU A 168 11.68 8.25 -15.07
C GLU A 168 12.58 9.11 -15.97
N ASP A 169 12.65 8.79 -17.22
CA ASP A 169 13.50 9.59 -18.15
C ASP A 169 12.96 9.49 -19.58
N PRO A 170 13.37 10.41 -20.40
CA PRO A 170 12.93 10.44 -21.81
C PRO A 170 13.58 9.30 -22.60
N ASN A 171 13.26 8.08 -22.28
CA ASN A 171 13.87 6.93 -23.01
C ASN A 171 15.38 6.89 -22.77
N TYR A 1 -2.58 1.81 -28.36
CA TYR A 1 -3.00 0.46 -27.89
C TYR A 1 -3.35 0.50 -26.40
N ASN A 2 -4.57 0.85 -26.07
CA ASN A 2 -4.96 0.90 -24.64
C ASN A 2 -6.13 -0.07 -24.37
N VAL A 3 -5.83 -1.22 -23.83
CA VAL A 3 -6.92 -2.20 -23.56
C VAL A 3 -6.90 -2.62 -22.09
N PHE A 4 -5.72 -2.75 -21.52
CA PHE A 4 -5.62 -3.16 -20.09
C PHE A 4 -4.86 -2.10 -19.29
N PRO A 5 -5.60 -1.13 -18.81
CA PRO A 5 -5.00 -0.04 -18.01
C PRO A 5 -4.61 -0.55 -16.62
N ARG A 6 -4.46 0.34 -15.67
CA ARG A 6 -4.07 -0.08 -14.30
C ARG A 6 -2.64 -0.62 -14.28
N THR A 7 -1.67 0.26 -14.22
CA THR A 7 -0.25 -0.18 -14.21
C THR A 7 0.56 0.73 -13.29
N LEU A 8 0.58 1.99 -13.60
CA LEU A 8 1.34 2.96 -12.75
C LEU A 8 2.65 2.34 -12.24
N LYS A 9 3.35 1.65 -13.08
CA LYS A 9 4.65 1.03 -12.64
C LYS A 9 5.71 1.30 -13.71
N TRP A 10 6.08 2.54 -13.89
CA TRP A 10 7.10 2.87 -14.93
C TRP A 10 8.06 3.94 -14.42
N SER A 11 7.55 5.13 -14.19
CA SER A 11 8.44 6.23 -13.72
C SER A 11 8.24 6.49 -12.22
N LYS A 12 8.43 5.49 -11.40
CA LYS A 12 8.25 5.71 -9.93
C LYS A 12 9.15 4.75 -9.14
N MET A 13 10.38 4.61 -9.54
CA MET A 13 11.29 3.69 -8.80
C MET A 13 11.86 4.38 -7.57
N ASN A 14 11.51 5.62 -7.35
CA ASN A 14 12.03 6.35 -6.16
C ASN A 14 10.99 7.36 -5.68
N LEU A 15 10.52 7.24 -4.46
CA LEU A 15 9.50 8.20 -3.96
C LEU A 15 9.60 8.31 -2.43
N THR A 16 8.85 9.20 -1.84
CA THR A 16 8.89 9.37 -0.37
C THR A 16 7.52 9.06 0.25
N TYR A 17 7.49 8.76 1.51
CA TYR A 17 6.18 8.46 2.16
C TYR A 17 6.24 8.75 3.66
N ARG A 18 5.11 8.72 4.32
CA ARG A 18 5.10 8.99 5.79
C ARG A 18 4.41 7.85 6.53
N ILE A 19 4.84 7.57 7.74
CA ILE A 19 4.21 6.45 8.51
C ILE A 19 3.34 7.00 9.64
N VAL A 20 2.09 6.61 9.67
CA VAL A 20 1.18 7.08 10.75
C VAL A 20 -0.10 6.24 10.74
N ASN A 21 0.02 4.95 10.61
CA ASN A 21 -1.19 4.08 10.60
C ASN A 21 -2.18 4.59 11.65
N TYR A 22 -2.02 4.19 12.87
CA TYR A 22 -2.94 4.65 13.94
C TYR A 22 -2.50 4.06 15.29
N THR A 23 -3.23 4.34 16.35
CA THR A 23 -2.83 3.79 17.68
C THR A 23 -3.95 2.91 18.25
N PRO A 24 -4.44 2.03 17.42
CA PRO A 24 -5.52 1.10 17.84
C PRO A 24 -4.98 0.06 18.82
N ASP A 25 -4.47 -1.04 18.31
CA ASP A 25 -3.93 -2.10 19.20
C ASP A 25 -2.41 -2.13 19.10
N MET A 26 -1.85 -1.50 18.10
CA MET A 26 -0.36 -1.49 17.96
C MET A 26 0.16 -0.07 18.22
N THR A 27 0.75 0.15 19.36
CA THR A 27 1.28 1.51 19.69
C THR A 27 2.17 2.02 18.56
N HIS A 28 2.83 3.14 18.77
CA HIS A 28 3.71 3.69 17.72
C HIS A 28 4.77 2.66 17.31
N SER A 29 5.29 1.93 18.25
CA SER A 29 6.32 0.91 17.91
C SER A 29 5.77 -0.05 16.86
N GLU A 30 4.67 -0.69 17.16
CA GLU A 30 4.07 -1.62 16.17
C GLU A 30 3.82 -0.88 14.87
N VAL A 31 3.07 0.17 14.93
CA VAL A 31 2.81 0.97 13.69
C VAL A 31 4.14 1.13 12.96
N GLU A 32 5.21 1.25 13.71
CA GLU A 32 6.54 1.38 13.08
C GLU A 32 6.79 0.13 12.25
N LYS A 33 6.47 -1.01 12.80
CA LYS A 33 6.65 -2.27 12.03
C LYS A 33 5.64 -2.28 10.88
N ALA A 34 4.44 -1.92 11.17
CA ALA A 34 3.41 -1.89 10.11
C ALA A 34 3.95 -1.19 8.87
N PHE A 35 4.35 0.04 9.01
CA PHE A 35 4.88 0.79 7.84
C PHE A 35 6.24 0.22 7.40
N LYS A 36 7.17 0.10 8.32
CA LYS A 36 8.50 -0.44 7.93
C LYS A 36 8.37 -1.88 7.46
N LYS A 37 8.15 -2.77 8.38
CA LYS A 37 7.99 -4.20 8.03
C LYS A 37 7.17 -4.35 6.73
N ALA A 38 5.94 -3.88 6.70
CA ALA A 38 5.16 -4.00 5.44
C ALA A 38 6.04 -3.54 4.27
N PHE A 39 6.84 -2.53 4.50
CA PHE A 39 7.74 -2.05 3.42
C PHE A 39 8.88 -3.04 3.23
N LYS A 40 9.32 -3.66 4.30
CA LYS A 40 10.41 -4.67 4.18
C LYS A 40 9.98 -5.73 3.17
N VAL A 41 8.74 -6.12 3.24
CA VAL A 41 8.22 -7.12 2.27
C VAL A 41 8.15 -6.50 0.88
N TRP A 42 7.65 -5.30 0.80
CA TRP A 42 7.57 -4.61 -0.52
C TRP A 42 8.96 -4.58 -1.16
N SER A 43 9.97 -4.31 -0.38
CA SER A 43 11.34 -4.30 -0.94
C SER A 43 11.77 -5.73 -1.25
N ASP A 44 11.30 -6.66 -0.46
CA ASP A 44 11.66 -8.08 -0.71
C ASP A 44 11.20 -8.49 -2.11
N VAL A 45 10.09 -7.97 -2.55
CA VAL A 45 9.59 -8.33 -3.90
C VAL A 45 10.20 -7.39 -4.96
N THR A 46 10.52 -6.18 -4.60
CA THR A 46 11.12 -5.25 -5.60
C THR A 46 11.99 -4.20 -4.90
N PRO A 47 13.14 -3.96 -5.48
CA PRO A 47 14.09 -2.97 -4.91
C PRO A 47 13.57 -1.54 -5.11
N LEU A 48 12.40 -1.24 -4.61
CA LEU A 48 11.85 0.13 -4.79
C LEU A 48 12.47 1.07 -3.75
N ASN A 49 12.85 2.25 -4.16
CA ASN A 49 13.47 3.22 -3.20
C ASN A 49 12.39 4.05 -2.51
N PHE A 50 12.38 4.06 -1.20
CA PHE A 50 11.35 4.85 -0.46
C PHE A 50 12.02 5.64 0.67
N THR A 51 11.61 6.86 0.88
CA THR A 51 12.21 7.69 1.97
C THR A 51 11.15 8.52 2.66
N ARG A 52 11.20 8.60 3.96
CA ARG A 52 10.18 9.39 4.71
C ARG A 52 10.79 10.74 5.12
N LEU A 53 10.11 11.81 4.87
CA LEU A 53 10.65 13.14 5.25
C LEU A 53 9.60 13.94 6.05
N HIS A 54 9.79 14.05 7.34
CA HIS A 54 8.80 14.81 8.17
C HIS A 54 8.61 16.21 7.60
N ASP A 55 9.64 16.77 7.06
CA ASP A 55 9.53 18.13 6.46
C ASP A 55 8.24 18.25 5.67
N GLY A 56 7.90 17.24 4.92
CA GLY A 56 6.64 17.27 4.11
C GLY A 56 6.95 16.90 2.67
N ILE A 57 7.88 16.02 2.46
CA ILE A 57 8.23 15.60 1.07
C ILE A 57 7.91 14.12 0.89
N ALA A 58 6.66 13.79 0.76
CA ALA A 58 6.29 12.36 0.58
C ALA A 58 5.10 12.24 -0.38
N ASP A 59 5.05 11.17 -1.14
CA ASP A 59 3.93 11.00 -2.10
C ASP A 59 2.94 9.95 -1.57
N ILE A 60 3.35 9.14 -0.64
CA ILE A 60 2.43 8.09 -0.10
C ILE A 60 2.54 8.04 1.44
N MET A 61 1.63 7.38 2.10
CA MET A 61 1.72 7.32 3.59
C MET A 61 0.69 6.33 4.16
N ILE A 62 1.04 5.67 5.24
CA ILE A 62 0.08 4.70 5.85
C ILE A 62 -0.64 5.35 7.03
N SER A 63 -1.95 5.45 6.98
CA SER A 63 -2.68 6.08 8.11
C SER A 63 -4.17 5.71 8.06
N PHE A 64 -4.84 5.81 9.17
CA PHE A 64 -6.28 5.47 9.21
C PHE A 64 -7.11 6.60 8.57
N GLY A 65 -7.87 6.28 7.56
CA GLY A 65 -8.70 7.34 6.89
C GLY A 65 -9.94 7.64 7.73
N ILE A 66 -10.25 8.89 7.90
CA ILE A 66 -11.45 9.27 8.69
C ILE A 66 -12.28 10.29 7.90
N LYS A 67 -13.32 9.81 7.24
CA LYS A 67 -14.22 10.69 6.42
C LYS A 67 -13.77 12.15 6.44
N GLU A 68 -12.88 12.52 5.56
CA GLU A 68 -12.40 13.93 5.51
C GLU A 68 -12.20 14.39 4.06
N HIS A 69 -12.60 13.58 3.12
CA HIS A 69 -12.43 13.96 1.69
C HIS A 69 -13.52 14.97 1.29
N GLY A 70 -14.75 14.64 1.54
CA GLY A 70 -15.86 15.57 1.18
C GLY A 70 -16.42 15.19 -0.19
N ASP A 71 -16.53 13.91 -0.45
CA ASP A 71 -17.07 13.47 -1.77
C ASP A 71 -17.37 11.97 -1.73
N PHE A 72 -16.43 11.18 -1.30
CA PHE A 72 -16.67 9.71 -1.23
C PHE A 72 -16.79 9.26 0.23
N TYR A 73 -17.38 8.12 0.47
CA TYR A 73 -17.52 7.63 1.87
C TYR A 73 -16.69 6.37 2.07
N PRO A 74 -15.43 6.57 2.38
CA PRO A 74 -14.52 5.44 2.60
C PRO A 74 -14.80 4.77 3.95
N PHE A 75 -14.75 5.52 5.01
CA PHE A 75 -15.01 4.93 6.36
C PHE A 75 -16.41 4.29 6.41
N ASP A 76 -16.52 3.11 6.96
CA ASP A 76 -17.86 2.48 7.04
C ASP A 76 -17.80 1.11 7.73
N GLY A 77 -17.72 1.10 9.02
CA GLY A 77 -17.67 -0.19 9.78
C GLY A 77 -16.81 -1.20 9.04
N PRO A 78 -16.99 -2.44 9.39
CA PRO A 78 -16.22 -3.54 8.76
C PRO A 78 -16.84 -3.89 7.40
N SER A 79 -17.18 -2.91 6.62
CA SER A 79 -17.79 -3.18 5.29
C SER A 79 -16.71 -3.51 4.27
N GLY A 80 -17.10 -3.82 3.07
CA GLY A 80 -16.10 -4.15 2.01
C GLY A 80 -15.21 -2.95 1.73
N LEU A 81 -14.35 -2.63 2.63
CA LEU A 81 -13.47 -1.46 2.41
C LEU A 81 -12.55 -1.25 3.61
N LEU A 82 -11.35 -1.77 3.55
CA LEU A 82 -10.44 -1.56 4.73
C LEU A 82 -9.23 -0.70 4.35
N ALA A 83 -8.92 -0.55 3.08
CA ALA A 83 -7.74 0.29 2.72
C ALA A 83 -7.90 0.94 1.35
N HIS A 84 -8.16 2.23 1.32
CA HIS A 84 -8.30 2.94 0.02
C HIS A 84 -7.18 3.97 -0.13
N ALA A 85 -6.35 3.85 -1.14
CA ALA A 85 -5.23 4.81 -1.32
C ALA A 85 -5.49 5.71 -2.52
N PHE A 86 -5.14 6.97 -2.43
CA PHE A 86 -5.34 7.91 -3.57
C PHE A 86 -4.35 7.61 -4.68
N PRO A 87 -4.59 8.21 -5.82
CA PRO A 87 -3.69 8.02 -6.98
C PRO A 87 -2.39 8.81 -6.76
N PRO A 88 -1.30 8.19 -7.09
CA PRO A 88 0.03 8.84 -6.91
C PRO A 88 0.20 9.98 -7.92
N GLY A 89 -0.33 11.13 -7.62
CA GLY A 89 -0.19 12.29 -8.56
C GLY A 89 0.43 13.47 -7.81
N PRO A 90 -0.43 14.38 -7.41
CA PRO A 90 0.03 15.58 -6.68
C PRO A 90 0.45 15.20 -5.26
N ASN A 91 0.56 16.15 -4.37
CA ASN A 91 0.96 15.83 -2.97
C ASN A 91 -0.11 14.98 -2.30
N TYR A 92 -1.26 14.87 -2.92
CA TYR A 92 -2.35 14.06 -2.33
C TYR A 92 -2.52 12.75 -3.11
N GLY A 93 -1.49 11.95 -3.14
CA GLY A 93 -1.57 10.65 -3.86
C GLY A 93 -0.98 9.57 -2.97
N GLY A 94 -1.01 8.34 -3.41
CA GLY A 94 -0.46 7.23 -2.58
C GLY A 94 -0.86 7.43 -1.11
N ASP A 95 -1.96 8.10 -0.87
CA ASP A 95 -2.40 8.32 0.53
C ASP A 95 -3.10 7.07 1.06
N ALA A 96 -2.37 6.19 1.68
CA ALA A 96 -2.99 4.94 2.20
C ALA A 96 -3.95 5.27 3.35
N HIS A 97 -5.22 5.08 3.15
CA HIS A 97 -6.21 5.39 4.22
C HIS A 97 -7.03 4.13 4.56
N PHE A 98 -7.08 3.76 5.80
CA PHE A 98 -7.86 2.54 6.17
C PHE A 98 -9.24 2.93 6.70
N ASP A 99 -10.27 2.23 6.29
CA ASP A 99 -11.64 2.57 6.79
C ASP A 99 -11.59 2.70 8.31
N ASP A 100 -11.39 3.87 8.81
CA ASP A 100 -11.30 4.04 10.29
C ASP A 100 -12.26 3.11 11.02
N ASP A 101 -13.38 2.77 10.44
CA ASP A 101 -14.33 1.87 11.13
C ASP A 101 -13.89 0.40 11.05
N GLU A 102 -12.76 0.14 10.44
CA GLU A 102 -12.28 -1.27 10.33
C GLU A 102 -11.29 -1.58 11.46
N THR A 103 -10.51 -2.62 11.32
CA THR A 103 -9.53 -2.96 12.39
C THR A 103 -8.12 -3.09 11.80
N TRP A 104 -7.11 -2.75 12.58
CA TRP A 104 -5.71 -2.86 12.07
C TRP A 104 -4.79 -3.35 13.19
N THR A 105 -3.83 -4.16 12.88
CA THR A 105 -2.90 -4.65 13.95
C THR A 105 -1.56 -5.06 13.37
N SER A 106 -0.62 -5.39 14.21
CA SER A 106 0.71 -5.83 13.73
C SER A 106 1.07 -7.15 14.41
N SER A 107 0.07 -7.84 14.87
CA SER A 107 0.30 -9.14 15.57
C SER A 107 0.06 -10.31 14.61
N SER A 108 -1.18 -10.66 14.44
CA SER A 108 -1.52 -11.79 13.53
C SER A 108 -3.05 -11.84 13.36
N LYS A 109 -3.77 -11.54 14.41
CA LYS A 109 -5.25 -11.56 14.33
C LYS A 109 -5.75 -10.27 13.67
N GLY A 110 -6.73 -10.36 12.81
CA GLY A 110 -7.24 -9.14 12.13
C GLY A 110 -6.35 -8.84 10.93
N TYR A 111 -6.30 -7.61 10.50
CA TYR A 111 -5.43 -7.28 9.33
C TYR A 111 -4.06 -6.81 9.82
N ASN A 112 -3.02 -7.52 9.49
CA ASN A 112 -1.67 -7.10 9.94
C ASN A 112 -1.15 -6.02 9.01
N LEU A 113 -0.83 -4.86 9.54
CA LEU A 113 -0.32 -3.77 8.67
C LEU A 113 0.65 -4.33 7.64
N PHE A 114 1.44 -5.28 8.03
CA PHE A 114 2.40 -5.85 7.06
C PHE A 114 1.59 -6.26 5.82
N LEU A 115 0.52 -6.95 6.05
CA LEU A 115 -0.36 -7.37 4.93
C LEU A 115 -1.15 -6.18 4.40
N VAL A 116 -2.13 -5.72 5.13
CA VAL A 116 -2.92 -4.55 4.65
C VAL A 116 -1.97 -3.44 4.17
N ALA A 117 -1.30 -2.78 5.07
CA ALA A 117 -0.37 -1.69 4.65
C ALA A 117 0.44 -2.08 3.41
N ALA A 118 1.08 -3.22 3.38
CA ALA A 118 1.86 -3.58 2.15
C ALA A 118 0.90 -3.64 0.96
N HIS A 119 -0.30 -4.05 1.21
CA HIS A 119 -1.32 -4.13 0.14
C HIS A 119 -1.75 -2.72 -0.26
N GLU A 120 -2.26 -1.95 0.66
CA GLU A 120 -2.67 -0.56 0.34
C GLU A 120 -1.47 0.17 -0.26
N PHE A 121 -0.28 -0.28 0.07
CA PHE A 121 0.95 0.35 -0.48
C PHE A 121 1.09 -0.01 -1.96
N GLY A 122 1.33 -1.26 -2.24
CA GLY A 122 1.46 -1.70 -3.66
C GLY A 122 0.35 -1.05 -4.47
N HIS A 123 -0.75 -0.74 -3.85
CA HIS A 123 -1.88 -0.09 -4.59
C HIS A 123 -1.62 1.41 -4.72
N SER A 124 -1.47 2.09 -3.62
CA SER A 124 -1.24 3.55 -3.64
C SER A 124 -0.15 3.95 -4.64
N LEU A 125 0.94 3.25 -4.66
CA LEU A 125 2.03 3.63 -5.62
C LEU A 125 2.02 2.73 -6.85
N GLY A 126 1.75 1.47 -6.66
CA GLY A 126 1.73 0.52 -7.81
C GLY A 126 0.62 0.90 -8.79
N LEU A 127 -0.60 0.59 -8.47
CA LEU A 127 -1.72 0.94 -9.40
C LEU A 127 -3.06 0.53 -8.79
N ASP A 128 -4.09 0.45 -9.59
CA ASP A 128 -5.43 0.06 -9.06
C ASP A 128 -5.36 -1.35 -8.48
N HIS A 129 -4.92 -2.31 -9.26
CA HIS A 129 -4.82 -3.71 -8.76
C HIS A 129 -3.93 -4.54 -9.66
N SER A 130 -3.73 -5.78 -9.32
CA SER A 130 -2.88 -6.68 -10.14
C SER A 130 -2.82 -8.06 -9.49
N LYS A 131 -3.94 -8.70 -9.33
CA LYS A 131 -3.95 -10.04 -8.68
C LYS A 131 -5.00 -10.95 -9.30
N ASP A 132 -5.40 -10.67 -10.50
CA ASP A 132 -6.44 -11.53 -11.15
C ASP A 132 -6.22 -13.01 -10.77
N PRO A 133 -5.02 -13.46 -10.91
CA PRO A 133 -4.70 -14.86 -10.59
C PRO A 133 -4.28 -15.02 -9.11
N GLY A 134 -3.42 -14.17 -8.61
CA GLY A 134 -3.01 -14.32 -7.17
C GLY A 134 -1.95 -13.28 -6.77
N ALA A 135 -2.36 -12.21 -6.14
CA ALA A 135 -1.40 -11.16 -5.67
C ALA A 135 -1.92 -10.50 -4.39
N LEU A 136 -1.08 -9.77 -3.69
CA LEU A 136 -1.54 -9.08 -2.45
C LEU A 136 -2.29 -7.80 -2.84
N MET A 137 -3.30 -7.95 -3.66
CA MET A 137 -4.08 -6.76 -4.10
C MET A 137 -5.59 -7.07 -4.10
N PHE A 138 -5.98 -8.31 -4.21
CA PHE A 138 -7.44 -8.65 -4.21
C PHE A 138 -8.07 -8.19 -2.88
N PRO A 139 -9.38 -8.25 -2.83
CA PRO A 139 -10.09 -7.84 -1.58
C PRO A 139 -9.81 -8.85 -0.46
N ILE A 140 -9.11 -9.91 -0.76
CA ILE A 140 -8.79 -10.92 0.29
C ILE A 140 -7.36 -10.71 0.78
N TYR A 141 -7.10 -11.01 2.03
CA TYR A 141 -5.72 -10.81 2.56
C TYR A 141 -5.25 -12.03 3.35
N THR A 142 -6.18 -12.76 3.92
CA THR A 142 -5.89 -13.99 4.74
C THR A 142 -4.38 -14.25 4.93
N TYR A 143 -3.66 -14.62 3.90
CA TYR A 143 -2.21 -14.89 4.10
C TYR A 143 -1.49 -13.58 4.44
N THR A 144 -0.70 -13.59 5.49
CA THR A 144 0.02 -12.35 5.89
C THR A 144 0.99 -11.94 4.79
N GLY A 145 1.97 -11.12 5.12
CA GLY A 145 2.94 -10.68 4.09
C GLY A 145 4.09 -11.70 4.00
N LYS A 146 3.93 -12.83 4.62
CA LYS A 146 5.00 -13.87 4.57
C LYS A 146 4.56 -15.13 5.32
N SER A 147 3.29 -15.42 5.33
CA SER A 147 2.82 -16.64 6.04
C SER A 147 3.29 -17.89 5.33
N HIS A 148 3.40 -17.84 4.02
CA HIS A 148 3.86 -19.04 3.26
C HIS A 148 5.06 -18.67 2.38
N PHE A 149 4.81 -18.22 1.18
CA PHE A 149 5.93 -17.85 0.27
C PHE A 149 5.42 -17.00 -0.88
N MET A 150 5.44 -15.71 -0.75
CA MET A 150 4.96 -14.85 -1.86
C MET A 150 3.77 -15.47 -2.60
N LEU A 151 2.78 -15.95 -1.88
CA LEU A 151 1.60 -16.51 -2.57
C LEU A 151 1.17 -15.51 -3.65
N PRO A 152 1.14 -14.25 -3.30
CA PRO A 152 0.77 -13.20 -4.29
C PRO A 152 1.91 -12.97 -5.28
N ASP A 153 2.44 -14.00 -5.87
CA ASP A 153 3.54 -13.80 -6.85
C ASP A 153 3.19 -12.69 -7.83
N ASP A 154 1.93 -12.53 -8.15
CA ASP A 154 1.56 -11.47 -9.12
C ASP A 154 2.07 -10.12 -8.63
N ASP A 155 1.80 -9.80 -7.40
CA ASP A 155 2.29 -8.50 -6.87
C ASP A 155 3.80 -8.61 -6.64
N VAL A 156 4.27 -9.78 -6.30
CA VAL A 156 5.73 -9.97 -6.07
C VAL A 156 6.49 -9.79 -7.37
N GLN A 157 6.56 -10.82 -8.16
CA GLN A 157 7.29 -10.69 -9.46
C GLN A 157 6.69 -9.54 -10.27
N GLY A 158 5.40 -9.41 -10.25
CA GLY A 158 4.74 -8.32 -11.00
C GLY A 158 5.52 -7.01 -10.82
N ILE A 159 5.49 -6.42 -9.66
CA ILE A 159 6.24 -5.14 -9.48
C ILE A 159 7.74 -5.42 -9.40
N GLN A 160 8.13 -6.60 -9.08
CA GLN A 160 9.58 -6.90 -9.00
C GLN A 160 10.17 -6.74 -10.40
N SER A 161 9.33 -6.81 -11.41
CA SER A 161 9.80 -6.67 -12.80
C SER A 161 9.49 -5.29 -13.38
N LEU A 162 8.30 -4.79 -13.12
CA LEU A 162 7.94 -3.46 -13.68
C LEU A 162 8.38 -2.33 -12.75
N TYR A 163 8.13 -2.46 -11.48
CA TYR A 163 8.54 -1.38 -10.53
C TYR A 163 10.04 -1.49 -10.23
N GLY A 164 10.68 -2.52 -10.74
CA GLY A 164 12.13 -2.68 -10.48
C GLY A 164 12.90 -1.45 -10.98
N PRO A 165 12.98 -1.35 -12.28
CA PRO A 165 13.69 -0.21 -12.91
C PRO A 165 12.74 0.98 -13.09
N GLY A 166 13.23 2.17 -12.91
CA GLY A 166 12.36 3.38 -13.08
C GLY A 166 12.71 4.08 -14.39
N ASP A 167 11.76 4.23 -15.28
CA ASP A 167 12.06 4.90 -16.57
C ASP A 167 11.90 6.42 -16.42
N GLU A 168 10.69 6.88 -16.25
CA GLU A 168 10.47 8.35 -16.10
C GLU A 168 11.10 9.10 -17.28
N ASP A 169 11.14 8.49 -18.43
CA ASP A 169 11.73 9.17 -19.62
C ASP A 169 10.62 9.70 -20.52
N PRO A 170 10.54 11.01 -20.60
CA PRO A 170 9.50 11.66 -21.43
C PRO A 170 9.82 11.48 -22.92
N ASN A 171 9.60 10.30 -23.45
CA ASN A 171 9.89 10.06 -24.89
C ASN A 171 11.24 10.67 -25.26
N TYR A 1 -1.11 2.56 -27.27
CA TYR A 1 -2.43 2.02 -26.81
C TYR A 1 -2.93 2.80 -25.60
N ASN A 2 -4.21 3.05 -25.53
CA ASN A 2 -4.76 3.81 -24.37
C ASN A 2 -5.81 2.96 -23.65
N VAL A 3 -5.40 1.96 -22.92
CA VAL A 3 -6.38 1.11 -22.20
C VAL A 3 -6.51 1.57 -20.74
N PHE A 4 -7.38 0.94 -19.99
CA PHE A 4 -7.56 1.34 -18.57
C PHE A 4 -6.19 1.52 -17.89
N PRO A 5 -5.85 2.76 -17.65
CA PRO A 5 -4.56 3.07 -16.99
C PRO A 5 -4.59 2.72 -15.51
N ARG A 6 -3.81 1.75 -15.11
CA ARG A 6 -3.80 1.36 -13.67
C ARG A 6 -2.36 1.01 -13.24
N THR A 7 -1.69 0.20 -14.03
CA THR A 7 -0.29 -0.22 -13.72
C THR A 7 0.46 0.85 -12.92
N LEU A 8 0.54 2.04 -13.45
CA LEU A 8 1.25 3.13 -12.72
C LEU A 8 2.52 2.63 -12.05
N LYS A 9 3.34 1.92 -12.78
CA LYS A 9 4.61 1.42 -12.19
C LYS A 9 5.68 1.38 -13.28
N TRP A 10 6.26 2.50 -13.60
CA TRP A 10 7.30 2.52 -14.67
C TRP A 10 8.41 3.51 -14.36
N SER A 11 8.13 4.78 -14.42
CA SER A 11 9.19 5.79 -14.14
C SER A 11 9.13 6.28 -12.69
N LYS A 12 9.34 5.40 -11.76
CA LYS A 12 9.31 5.81 -10.33
C LYS A 12 10.05 4.80 -9.46
N MET A 13 11.28 4.51 -9.80
CA MET A 13 12.06 3.52 -9.00
C MET A 13 12.22 4.01 -7.56
N ASN A 14 12.04 5.28 -7.32
CA ASN A 14 12.18 5.80 -5.93
C ASN A 14 11.08 6.82 -5.63
N LEU A 15 10.76 7.01 -4.37
CA LEU A 15 9.70 7.99 -4.01
C LEU A 15 9.74 8.28 -2.51
N THR A 16 8.81 9.05 -2.01
CA THR A 16 8.81 9.37 -0.55
C THR A 16 7.44 9.06 0.06
N TYR A 17 7.39 8.68 1.31
CA TYR A 17 6.08 8.36 1.94
C TYR A 17 6.10 8.68 3.45
N ARG A 18 4.96 8.72 4.05
CA ARG A 18 4.89 9.01 5.51
C ARG A 18 4.27 7.82 6.24
N ILE A 19 4.63 7.62 7.48
CA ILE A 19 4.05 6.47 8.25
C ILE A 19 3.21 6.97 9.42
N VAL A 20 1.97 6.56 9.49
CA VAL A 20 1.09 7.00 10.62
C VAL A 20 -0.19 6.17 10.62
N ASN A 21 -0.09 4.89 10.44
CA ASN A 21 -1.31 4.04 10.43
C ASN A 21 -2.25 4.49 11.54
N TYR A 22 -1.98 4.10 12.76
CA TYR A 22 -2.85 4.52 13.89
C TYR A 22 -2.29 3.94 15.21
N THR A 23 -3.08 3.95 16.25
CA THR A 23 -2.57 3.39 17.54
C THR A 23 -3.72 2.77 18.36
N PRO A 24 -4.52 1.99 17.68
CA PRO A 24 -5.66 1.32 18.35
C PRO A 24 -5.16 0.16 19.23
N ASP A 25 -4.98 -0.99 18.65
CA ASP A 25 -4.48 -2.15 19.45
C ASP A 25 -2.95 -2.17 19.42
N MET A 26 -2.36 -1.28 18.67
CA MET A 26 -0.86 -1.25 18.60
C MET A 26 -0.35 0.13 19.00
N THR A 27 0.94 0.28 19.14
CA THR A 27 1.52 1.60 19.53
C THR A 27 2.46 2.09 18.44
N HIS A 28 2.92 3.32 18.54
CA HIS A 28 3.86 3.83 17.50
C HIS A 28 4.92 2.78 17.20
N SER A 29 5.25 1.96 18.15
CA SER A 29 6.28 0.90 17.91
C SER A 29 5.74 -0.12 16.90
N GLU A 30 4.63 -0.74 17.21
CA GLU A 30 4.06 -1.72 16.25
C GLU A 30 3.85 -1.04 14.92
N VAL A 31 3.14 0.04 14.90
CA VAL A 31 2.93 0.77 13.64
C VAL A 31 4.29 0.90 12.94
N GLU A 32 5.34 1.05 13.73
CA GLU A 32 6.69 1.14 13.13
C GLU A 32 6.95 -0.15 12.35
N LYS A 33 6.56 -1.27 12.92
CA LYS A 33 6.75 -2.56 12.19
C LYS A 33 5.75 -2.60 11.03
N ALA A 34 4.53 -2.27 11.32
CA ALA A 34 3.50 -2.27 10.25
C ALA A 34 4.00 -1.52 9.03
N PHE A 35 4.27 -0.25 9.18
CA PHE A 35 4.74 0.55 8.02
C PHE A 35 6.13 0.09 7.57
N LYS A 36 7.08 0.02 8.46
CA LYS A 36 8.46 -0.41 8.07
C LYS A 36 8.44 -1.85 7.58
N LYS A 37 8.30 -2.77 8.48
CA LYS A 37 8.25 -4.20 8.09
C LYS A 37 7.41 -4.39 6.82
N ALA A 38 6.16 -4.01 6.83
CA ALA A 38 5.36 -4.16 5.58
C ALA A 38 6.17 -3.62 4.41
N PHE A 39 6.93 -2.58 4.65
CA PHE A 39 7.77 -2.01 3.56
C PHE A 39 8.96 -2.93 3.31
N LYS A 40 9.53 -3.50 4.36
CA LYS A 40 10.67 -4.42 4.15
C LYS A 40 10.23 -5.54 3.21
N VAL A 41 9.02 -5.99 3.37
CA VAL A 41 8.49 -7.06 2.48
C VAL A 41 8.30 -6.51 1.07
N TRP A 42 7.74 -5.33 0.96
CA TRP A 42 7.56 -4.71 -0.38
C TRP A 42 8.91 -4.60 -1.07
N SER A 43 9.94 -4.34 -0.31
CA SER A 43 11.30 -4.24 -0.89
C SER A 43 11.80 -5.65 -1.19
N ASP A 44 11.54 -6.57 -0.32
CA ASP A 44 11.98 -7.98 -0.54
C ASP A 44 11.46 -8.47 -1.88
N VAL A 45 10.23 -8.14 -2.20
CA VAL A 45 9.65 -8.59 -3.49
C VAL A 45 10.23 -7.74 -4.64
N THR A 46 10.51 -6.48 -4.38
CA THR A 46 11.06 -5.62 -5.46
C THR A 46 12.02 -4.59 -4.87
N PRO A 47 13.02 -4.24 -5.63
CA PRO A 47 14.03 -3.25 -5.19
C PRO A 47 13.44 -1.83 -5.28
N LEU A 48 12.36 -1.59 -4.59
CA LEU A 48 11.74 -0.23 -4.63
C LEU A 48 12.43 0.70 -3.64
N ASN A 49 12.65 1.93 -4.02
CA ASN A 49 13.32 2.90 -3.10
C ASN A 49 12.29 3.87 -2.53
N PHE A 50 12.39 4.18 -1.27
CA PHE A 50 11.41 5.12 -0.65
C PHE A 50 12.05 5.90 0.51
N THR A 51 11.52 7.05 0.82
CA THR A 51 12.09 7.85 1.94
C THR A 51 11.00 8.75 2.55
N ARG A 52 10.87 8.74 3.84
CA ARG A 52 9.82 9.58 4.48
C ARG A 52 10.41 10.91 4.97
N LEU A 53 10.54 11.86 4.09
CA LEU A 53 11.09 13.19 4.51
C LEU A 53 10.04 13.96 5.29
N HIS A 54 9.92 13.70 6.58
CA HIS A 54 8.91 14.42 7.39
C HIS A 54 8.90 15.91 7.03
N ASP A 55 10.01 16.41 6.57
CA ASP A 55 10.08 17.84 6.18
C ASP A 55 8.80 18.24 5.43
N GLY A 56 8.27 17.35 4.62
CA GLY A 56 7.04 17.68 3.87
C GLY A 56 7.19 17.25 2.41
N ILE A 57 7.90 16.19 2.16
CA ILE A 57 8.07 15.74 0.75
C ILE A 57 7.70 14.27 0.64
N ALA A 58 6.46 13.97 0.86
CA ALA A 58 6.00 12.55 0.78
C ALA A 58 4.90 12.40 -0.26
N ASP A 59 4.87 11.31 -0.95
CA ASP A 59 3.80 11.10 -1.97
C ASP A 59 2.79 10.06 -1.48
N ILE A 60 3.24 9.05 -0.79
CA ILE A 60 2.29 8.02 -0.29
C ILE A 60 2.47 7.81 1.22
N MET A 61 1.48 7.32 1.91
CA MET A 61 1.66 7.13 3.38
C MET A 61 0.59 6.21 3.96
N ILE A 62 0.84 5.64 5.11
CA ILE A 62 -0.16 4.74 5.75
C ILE A 62 -0.83 5.45 6.94
N SER A 63 -2.12 5.64 6.90
CA SER A 63 -2.80 6.32 8.03
C SER A 63 -4.29 5.97 8.04
N PHE A 64 -4.88 5.87 9.20
CA PHE A 64 -6.33 5.55 9.28
C PHE A 64 -7.15 6.69 8.68
N GLY A 65 -7.82 6.45 7.59
CA GLY A 65 -8.62 7.52 6.94
C GLY A 65 -9.89 7.79 7.75
N ILE A 66 -10.05 9.00 8.23
CA ILE A 66 -11.27 9.34 9.00
C ILE A 66 -12.14 10.29 8.18
N LYS A 67 -13.21 9.76 7.61
CA LYS A 67 -14.15 10.57 6.76
C LYS A 67 -13.70 12.03 6.63
N GLU A 68 -12.84 12.32 5.70
CA GLU A 68 -12.37 13.71 5.51
C GLU A 68 -12.32 14.07 4.03
N HIS A 69 -12.77 13.19 3.18
CA HIS A 69 -12.75 13.48 1.72
C HIS A 69 -14.03 14.24 1.31
N GLY A 70 -15.05 13.52 0.98
CA GLY A 70 -16.32 14.19 0.56
C GLY A 70 -16.86 13.51 -0.70
N ASP A 71 -15.99 13.07 -1.56
CA ASP A 71 -16.44 12.39 -2.82
C ASP A 71 -17.21 11.11 -2.47
N PHE A 72 -16.86 10.47 -1.39
CA PHE A 72 -17.57 9.22 -1.00
C PHE A 72 -17.11 8.76 0.39
N TYR A 73 -18.00 8.74 1.34
CA TYR A 73 -17.62 8.30 2.71
C TYR A 73 -16.80 7.00 2.64
N PRO A 74 -15.52 7.13 2.86
CA PRO A 74 -14.62 5.96 2.82
C PRO A 74 -14.81 5.10 4.08
N PHE A 75 -14.53 5.64 5.23
CA PHE A 75 -14.70 4.86 6.49
C PHE A 75 -16.12 4.31 6.60
N ASP A 76 -16.26 3.14 7.15
CA ASP A 76 -17.62 2.56 7.30
C ASP A 76 -17.52 1.17 7.95
N GLY A 77 -17.39 1.14 9.24
CA GLY A 77 -17.28 -0.17 9.96
C GLY A 77 -16.41 -1.12 9.14
N PRO A 78 -16.65 -2.39 9.35
CA PRO A 78 -15.88 -3.42 8.61
C PRO A 78 -16.45 -3.59 7.20
N SER A 79 -17.31 -2.70 6.77
CA SER A 79 -17.91 -2.81 5.41
C SER A 79 -16.83 -3.15 4.37
N GLY A 80 -17.24 -3.39 3.16
CA GLY A 80 -16.26 -3.73 2.09
C GLY A 80 -15.34 -2.55 1.81
N LEU A 81 -14.43 -2.27 2.70
CA LEU A 81 -13.51 -1.13 2.46
C LEU A 81 -12.54 -0.98 3.63
N LEU A 82 -11.39 -1.59 3.57
CA LEU A 82 -10.44 -1.43 4.71
C LEU A 82 -9.22 -0.59 4.33
N ALA A 83 -8.88 -0.51 3.06
CA ALA A 83 -7.67 0.30 2.69
C ALA A 83 -7.78 0.88 1.28
N HIS A 84 -8.09 2.15 1.16
CA HIS A 84 -8.18 2.78 -0.18
C HIS A 84 -6.92 3.62 -0.46
N ALA A 85 -6.43 3.59 -1.67
CA ALA A 85 -5.20 4.36 -1.98
C ALA A 85 -5.45 5.34 -3.14
N PHE A 86 -5.14 6.59 -2.97
CA PHE A 86 -5.37 7.57 -4.06
C PHE A 86 -4.32 7.41 -5.15
N PRO A 87 -4.54 8.08 -6.25
CA PRO A 87 -3.60 8.03 -7.39
C PRO A 87 -2.36 8.88 -7.07
N PRO A 88 -1.22 8.32 -7.35
CA PRO A 88 0.06 9.03 -7.09
C PRO A 88 0.24 10.20 -8.07
N GLY A 89 -0.50 11.26 -7.88
CA GLY A 89 -0.38 12.43 -8.80
C GLY A 89 0.12 13.65 -8.01
N PRO A 90 -0.81 14.48 -7.63
CA PRO A 90 -0.47 15.70 -6.86
C PRO A 90 -0.07 15.32 -5.43
N ASN A 91 -0.09 16.25 -4.52
CA ASN A 91 0.29 15.94 -3.11
C ASN A 91 -0.75 15.00 -2.48
N TYR A 92 -1.84 14.79 -3.15
CA TYR A 92 -2.89 13.89 -2.59
C TYR A 92 -2.93 12.58 -3.37
N GLY A 93 -1.81 11.90 -3.44
CA GLY A 93 -1.76 10.61 -4.17
C GLY A 93 -1.12 9.55 -3.28
N GLY A 94 -1.09 8.31 -3.73
CA GLY A 94 -0.48 7.23 -2.90
C GLY A 94 -0.92 7.38 -1.44
N ASP A 95 -2.05 7.99 -1.21
CA ASP A 95 -2.52 8.17 0.19
C ASP A 95 -3.14 6.86 0.72
N ALA A 96 -2.36 6.03 1.35
CA ALA A 96 -2.91 4.75 1.88
C ALA A 96 -3.77 5.03 3.11
N HIS A 97 -5.06 5.07 2.95
CA HIS A 97 -5.95 5.35 4.11
C HIS A 97 -6.79 4.12 4.45
N PHE A 98 -6.94 3.82 5.71
CA PHE A 98 -7.76 2.63 6.10
C PHE A 98 -9.11 3.07 6.65
N ASP A 99 -10.17 2.40 6.27
CA ASP A 99 -11.50 2.76 6.80
C ASP A 99 -11.40 2.86 8.31
N ASP A 100 -11.16 4.04 8.82
CA ASP A 100 -10.99 4.20 10.29
C ASP A 100 -11.92 3.27 11.08
N ASP A 101 -13.05 2.92 10.53
CA ASP A 101 -13.96 2.03 11.28
C ASP A 101 -13.51 0.56 11.17
N GLU A 102 -12.38 0.30 10.58
CA GLU A 102 -11.91 -1.11 10.46
C GLU A 102 -10.91 -1.42 11.57
N THR A 103 -10.21 -2.52 11.46
CA THR A 103 -9.21 -2.89 12.50
C THR A 103 -7.83 -3.11 11.88
N TRP A 104 -6.80 -2.73 12.58
CA TRP A 104 -5.42 -2.92 12.04
C TRP A 104 -4.47 -3.29 13.17
N THR A 105 -3.68 -4.31 13.01
CA THR A 105 -2.74 -4.68 14.12
C THR A 105 -1.42 -5.21 13.56
N SER A 106 -0.47 -5.38 14.43
CA SER A 106 0.84 -5.91 14.01
C SER A 106 1.25 -7.06 14.93
N SER A 107 0.27 -7.71 15.51
CA SER A 107 0.56 -8.84 16.44
C SER A 107 0.64 -10.15 15.67
N SER A 108 -0.44 -10.87 15.57
CA SER A 108 -0.42 -12.17 14.83
C SER A 108 -1.83 -12.51 14.34
N LYS A 109 -2.70 -11.55 14.28
CA LYS A 109 -4.08 -11.83 13.80
C LYS A 109 -4.71 -10.56 13.20
N GLY A 110 -5.95 -10.62 12.81
CA GLY A 110 -6.60 -9.42 12.21
C GLY A 110 -5.77 -8.94 11.03
N TYR A 111 -6.11 -7.80 10.48
CA TYR A 111 -5.32 -7.28 9.31
C TYR A 111 -3.92 -6.87 9.78
N ASN A 112 -2.94 -7.70 9.53
CA ASN A 112 -1.57 -7.35 9.95
C ASN A 112 -1.01 -6.29 8.99
N LEU A 113 -0.71 -5.14 9.50
CA LEU A 113 -0.16 -4.06 8.61
C LEU A 113 0.82 -4.64 7.61
N PHE A 114 1.58 -5.59 8.01
CA PHE A 114 2.54 -6.17 7.03
C PHE A 114 1.76 -6.49 5.75
N LEU A 115 0.67 -7.16 5.91
CA LEU A 115 -0.19 -7.51 4.75
C LEU A 115 -1.01 -6.30 4.29
N VAL A 116 -1.95 -5.87 5.08
CA VAL A 116 -2.78 -4.70 4.66
C VAL A 116 -1.85 -3.55 4.24
N ALA A 117 -1.11 -2.99 5.15
CA ALA A 117 -0.19 -1.88 4.77
C ALA A 117 0.57 -2.22 3.48
N ALA A 118 1.16 -3.40 3.37
CA ALA A 118 1.89 -3.72 2.11
C ALA A 118 0.89 -3.79 0.96
N HIS A 119 -0.34 -4.03 1.28
CA HIS A 119 -1.41 -4.12 0.25
C HIS A 119 -1.86 -2.72 -0.16
N GLU A 120 -2.26 -1.91 0.77
CA GLU A 120 -2.67 -0.52 0.41
C GLU A 120 -1.48 0.18 -0.25
N PHE A 121 -0.31 0.01 0.29
CA PHE A 121 0.89 0.66 -0.32
C PHE A 121 1.04 0.18 -1.76
N GLY A 122 1.20 -1.11 -1.95
CA GLY A 122 1.36 -1.65 -3.33
C GLY A 122 0.32 -0.99 -4.24
N HIS A 123 -0.81 -0.64 -3.70
CA HIS A 123 -1.86 0.02 -4.55
C HIS A 123 -1.53 1.50 -4.77
N SER A 124 -1.74 2.29 -3.76
CA SER A 124 -1.49 3.76 -3.86
C SER A 124 -0.21 4.08 -4.63
N LEU A 125 0.82 3.29 -4.49
CA LEU A 125 2.10 3.60 -5.19
C LEU A 125 2.29 2.74 -6.45
N GLY A 126 1.85 1.51 -6.42
CA GLY A 126 2.04 0.62 -7.60
C GLY A 126 0.92 0.80 -8.63
N LEU A 127 -0.15 0.08 -8.47
CA LEU A 127 -1.26 0.19 -9.46
C LEU A 127 -2.60 -0.20 -8.81
N ASP A 128 -3.70 0.28 -9.35
CA ASP A 128 -5.03 -0.03 -8.75
C ASP A 128 -5.08 -1.47 -8.23
N HIS A 129 -5.25 -2.43 -9.10
CA HIS A 129 -5.30 -3.84 -8.64
C HIS A 129 -4.60 -4.76 -9.65
N SER A 130 -4.24 -5.94 -9.24
CA SER A 130 -3.57 -6.89 -10.17
C SER A 130 -3.56 -8.30 -9.57
N LYS A 131 -4.60 -8.66 -8.87
CA LYS A 131 -4.66 -10.01 -8.26
C LYS A 131 -5.57 -10.92 -9.05
N ASP A 132 -5.83 -10.60 -10.29
CA ASP A 132 -6.73 -11.48 -11.11
C ASP A 132 -6.39 -12.95 -10.83
N PRO A 133 -5.16 -13.32 -11.09
CA PRO A 133 -4.74 -14.71 -10.83
C PRO A 133 -4.37 -14.84 -9.34
N GLY A 134 -3.56 -13.96 -8.82
CA GLY A 134 -3.17 -14.06 -7.39
C GLY A 134 -2.15 -12.96 -7.01
N ALA A 135 -2.61 -11.83 -6.51
CA ALA A 135 -1.66 -10.76 -6.09
C ALA A 135 -2.12 -10.15 -4.76
N LEU A 136 -1.24 -9.45 -4.08
CA LEU A 136 -1.61 -8.82 -2.78
C LEU A 136 -2.53 -7.63 -3.03
N MET A 137 -3.63 -7.87 -3.68
CA MET A 137 -4.59 -6.75 -3.98
C MET A 137 -6.04 -7.23 -3.82
N PHE A 138 -6.31 -8.48 -4.06
CA PHE A 138 -7.71 -9.00 -3.92
C PHE A 138 -8.36 -8.43 -2.64
N PRO A 139 -9.64 -8.61 -2.56
CA PRO A 139 -10.39 -8.13 -1.37
C PRO A 139 -10.11 -9.05 -0.18
N ILE A 140 -9.39 -10.12 -0.41
CA ILE A 140 -9.07 -11.07 0.70
C ILE A 140 -7.63 -10.85 1.15
N TYR A 141 -7.37 -11.03 2.42
CA TYR A 141 -5.98 -10.82 2.94
C TYR A 141 -5.54 -12.03 3.76
N THR A 142 -6.48 -12.67 4.42
CA THR A 142 -6.21 -13.88 5.28
C THR A 142 -4.72 -14.24 5.36
N TYR A 143 -4.12 -14.69 4.29
CA TYR A 143 -2.68 -15.06 4.37
C TYR A 143 -1.86 -13.83 4.80
N THR A 144 -1.46 -13.77 6.04
CA THR A 144 -0.68 -12.61 6.54
C THR A 144 0.48 -12.31 5.57
N GLY A 145 1.26 -11.30 5.87
CA GLY A 145 2.39 -10.94 4.97
C GLY A 145 3.25 -12.17 4.72
N LYS A 146 3.17 -13.17 5.57
CA LYS A 146 4.00 -14.39 5.36
C LYS A 146 3.29 -15.62 5.91
N SER A 147 1.98 -15.64 5.88
CA SER A 147 1.25 -16.83 6.40
C SER A 147 1.83 -18.11 5.80
N HIS A 148 2.02 -18.13 4.51
CA HIS A 148 2.59 -19.35 3.86
C HIS A 148 3.65 -18.94 2.83
N PHE A 149 3.34 -17.98 1.98
CA PHE A 149 4.33 -17.56 0.96
C PHE A 149 3.74 -16.44 0.08
N MET A 150 4.49 -16.00 -0.89
CA MET A 150 4.00 -14.92 -1.79
C MET A 150 2.86 -15.44 -2.67
N LEU A 151 1.83 -15.96 -2.06
CA LEU A 151 0.66 -16.42 -2.86
C LEU A 151 0.36 -15.35 -3.92
N PRO A 152 0.32 -14.11 -3.47
CA PRO A 152 0.09 -12.97 -4.39
C PRO A 152 1.31 -12.72 -5.28
N ASP A 153 1.85 -13.74 -5.90
CA ASP A 153 3.03 -13.54 -6.77
C ASP A 153 2.78 -12.44 -7.80
N ASP A 154 1.56 -12.24 -8.21
CA ASP A 154 1.30 -11.19 -9.23
C ASP A 154 1.84 -9.86 -8.74
N ASP A 155 1.48 -9.46 -7.57
CA ASP A 155 2.02 -8.18 -7.05
C ASP A 155 3.49 -8.35 -6.71
N VAL A 156 3.87 -9.53 -6.28
CA VAL A 156 5.31 -9.77 -5.94
C VAL A 156 6.17 -9.62 -7.18
N GLN A 157 6.26 -10.64 -7.99
CA GLN A 157 7.08 -10.55 -9.22
C GLN A 157 6.60 -9.36 -10.05
N GLY A 158 5.30 -9.22 -10.13
CA GLY A 158 4.71 -8.09 -10.93
C GLY A 158 5.53 -6.82 -10.73
N ILE A 159 5.46 -6.20 -9.58
CA ILE A 159 6.24 -4.95 -9.38
C ILE A 159 7.73 -5.28 -9.26
N GLN A 160 8.05 -6.48 -8.88
CA GLN A 160 9.49 -6.83 -8.77
C GLN A 160 10.15 -6.57 -10.12
N SER A 161 9.39 -6.62 -11.17
CA SER A 161 9.95 -6.38 -12.52
C SER A 161 9.59 -5.00 -13.05
N LEU A 162 8.40 -4.52 -12.77
CA LEU A 162 7.99 -3.18 -13.28
C LEU A 162 8.50 -2.04 -12.39
N TYR A 163 8.33 -2.14 -11.10
CA TYR A 163 8.79 -1.04 -10.21
C TYR A 163 10.28 -1.19 -9.90
N GLY A 164 10.87 -2.29 -10.27
CA GLY A 164 12.33 -2.48 -9.99
C GLY A 164 13.09 -1.31 -10.59
N PRO A 165 13.62 -1.52 -11.76
CA PRO A 165 14.39 -0.46 -12.45
C PRO A 165 13.44 0.59 -13.03
N GLY A 166 13.53 1.81 -12.55
CA GLY A 166 12.63 2.88 -13.07
C GLY A 166 12.97 3.19 -14.53
N ASP A 167 11.97 3.31 -15.36
CA ASP A 167 12.23 3.61 -16.80
C ASP A 167 12.27 5.12 -17.03
N GLU A 168 11.17 5.78 -16.80
CA GLU A 168 11.13 7.26 -17.00
C GLU A 168 11.87 7.63 -18.29
N ASP A 169 11.84 6.78 -19.28
CA ASP A 169 12.53 7.09 -20.56
C ASP A 169 11.63 6.73 -21.75
N PRO A 170 10.70 7.60 -22.02
CA PRO A 170 9.76 7.38 -23.15
C PRO A 170 10.48 7.58 -24.49
N ASN A 171 11.51 6.83 -24.75
CA ASN A 171 12.25 6.99 -26.03
C ASN A 171 11.91 5.84 -26.98
#